data_7AY1
#
_entry.id   7AY1
#
_cell.length_a   1.00
_cell.length_b   1.00
_cell.length_c   1.00
_cell.angle_alpha   90.00
_cell.angle_beta   90.00
_cell.angle_gamma   90.00
#
_symmetry.space_group_name_H-M   'P 1'
#
loop_
_entity.id
_entity.type
_entity.pdbx_description
1 polymer 'Fanconi anemia group I protein'
2 polymer 'Fanconi anemia group D2 protein'
3 polymer 'Ubiquitin-60S ribosomal protein L40'
4 polymer 'Ubiquitin carboxyl-terminal hydrolase 1'
5 polymer 'WD repeat-containing protein 48'
6 polymer 'DNA (61-MER)'
7 non-polymer 'ZINC ION'
#
loop_
_entity_poly.entity_id
_entity_poly.type
_entity_poly.pdbx_seq_one_letter_code
_entity_poly.pdbx_strand_id
1 'polypeptide(L)'
;MHHHHHHMDQKILSLAAEKTADKLQEFLQTLREGDLTNLLQNQAVKGKVAGALLRAIFKGSPCSEEAGTLRRRKIYTCCI
QLVESGDLQKEIASEIIGLLMLEAHHFPGPLLVELANEFISAVREGSLVNGKSLELLPIILTALATKKENLAYGKGVLSG
EECKKQLINTLCSGRWDQQYVIQLTSMFKDVPLTAEEVEFVVEKALSMFSKMNLQEIPPLVYQLLVLSSKGSRKSVLEGI
IAFFSALDKQHNEEQSGDELLDVVTVPSGELRHVEGTIILHIVFAIKLDYELGRELVKHLKVGQQGDSNNNLSPFSIALL
LSVTRIQRFQDQVLDLLKTSVVKSFKDLQLLQGSKFLQNLVPHRSYVSTMILEVVKNSVHSWDHVTQGLVELGFILMDSY
GPKKVLDGKTIETSPSLSRMPNQHACKLGANILLETFKIHEMIRQEILEQVLNRVVTRASSPISHFLDLLSNIVMYAPLV
LQSCSSKVTEAFDYLSFLPLQTVQRLLKAVQPLLKVSMSMRDCLILVLRKAMFANQLDARKSAVAGFLLLLKNFKVLGSL
SSSQCSQSLSVSQVHVDVHSHYNSVANETFCLEIMDSLRRCLSQQADVRLMLYEGFYDVLRRNSQLANSVMQTLLSQLKQ
FYEPKPDLLPPLKLEACILTQGDKISLQEPLDYLLCCIQHCLAWYKNTVIPLQQGEEEEEEEEAFYEDLDDILESITNRM
IKSELEDFELDKSADFSQSTSIGIKNNICAFLVMGVCEVLIEYNFSISSFSKNRFEDILSLFMCYKKLSDILNEKAGKAK
TKMANKTSDSLLSMKFVSSLLTALFRDSIQSHQESLSVLRSSNEFMRYAVNVALQKVQQLKETGHVSGPDGQNPEKIFQN
LCDITRVLLWRYTSIPTSVEESGKKEKGKSISLLCLEGLQKIFSAVQQFYQPKIQQFLRALDVTDKEGEEREDADVSVTQ
RTAFQIRQFQRSLLNLLSSQEEDFNSKEALLLVTVLTSLSKLLEPSSPQFVQMLSWTSKICKENSREDALFCKSLMNLLF
SLHVSYKSPVILLRDLSQDIHGHLGDIDQDVEVEKTNHFAIVNLRTAAPTVCLLVLSQAEKVLEEVDWLITKLKGQVSQE
TLSEEASSQATLPNQPVEKAIIMQLGTLLTFFHELVQTALPSGSCVDTLLKDLCKMYTTLTALVRYYLQVCQSSGGIPKN
MEKLVKLSGSHLTPLCYSFISYVQNKSKSLNYTGEKKEKPAAVATAMARVLRETKPIPNLIFAIEQYEKFLIHLSKKSKV
NLMQHMKLSTSRDFKIKGNILDMVLREDGEDENEEGTASEHGGQNKEPAKKKRKK
;
A
2 'polypeptide(L)'
;GPGSMVSKRRLSKSEDKESLTEDASKTRKQPLSKKTKKSHIANEVEENDSIFVKLLKISGIILKTGESQNQLAVDQIAFQ
KKLFQTLRRHPSYPKIIEEFVSGLESYIEDEDSFRNCLLSCERLQDEEASMGASYSKSLIKLLLGIDILQPAIIKTLFEK
LPEYFFENKNSDEINIPRLIVSQLKWLDRVVDGKDLTTKIMQLISIAPENLQHDIITSLPEILGDSQHADVGKELSDLLI
ENTSLTVPILDVLSSLRLDPNFLLKVRQLVMDKLSSIRLEDLPVIIKFILHSVTAMDTLEVISELREKLDLQHCVLPSRL
QASQVKLKSKGRASSSGNQESSGQSCIILLFDVIKSAIRYEKTISEAWIKAIENTASVSEHKVFDLVMLFIIYSTNTQTK
KYIDRVLRNKIRSGCIQEQLLQSTFSVHYLVLKDMCSSILSLAQSLLHSLDQSIISFGSLLYKYAFKFFDTYCQQEVVGA
LVTHICSGNEAEVDTALDVLLELVVLNPSAMMMNAVFVKGILDYLDNISPQQIRKLFYVLSTLAFSKQNEASSHIQDDMH
LVIRKQLSSTVFKYKLIGIIGAVTMAGIMAADRSESPSLTQERANLSDEQCTQVTSLLQLVHSCSEQSPQASALYYDEFA
NLIQHEKLDPKALEWVGHTICNDFQDAFVVDSCVVPEGDFPFPVKALYGLEEYDTQDGIAINLLPLLFSQDFAKDGGPVT
SQESGQKLVSPLCLAPYFRLLRLCVERQHNGNLEEIDGLLDCPIFLTDLEPGEKLESMSAKERSFMCSLIFLTLNWFREI
VNAFCQETSPEMKGKVLTRLKHIVELQIILEKYLAVTPDYVPPLGNFDVETLDITPHTVTAISAKIRKKGKIERKQKTDG
SKTSSSDTLSEEKNSECDPTPSHRGQLNKEFTGKEEKTSLLLHNSHAFFRELDIEVFSILHCGLVTKFILDTEMHTEATE
VVQLGPPELLFLLEDLSQKLESMLTPPIARRVPFLKNKGSRNIGFSHLQQRSAQEIVHCVFQLLTPMCNHLENIHNYFQC
LAAENHGVVDGPGVKVQEYHIMSSCYQRLLQIFHGLFAWSGFSQPENQNLLYSALHVLSSRLKQGEHSQPLEELLSQSVH
YLQNFHQSIPSFQCALYLIRLLMVILEKSTASAQNKEKIASLARQFLCRVWPSGDKEKSNISNDQLHALLCIYLEHTESI
LKAIEEIAGVGVPELINSPKDASSSTFPTLTRHTFVVFFRVMMAELEKTVKKIEPGTAADSQQIHEEKLLYWNMAVRDFS
ILINLIKVFDSHPVLHVCLKYGRLFVEAFLKQCMPLLDFSFRKHREDVLSLLETFQLDTRLLHHLCGHSKIHQDTRLTQH
VPLLKKTLELLVCRVKAMLTLNNCREAFWLGNLKNRDLQGEEIKSQNSQESTADESEDDMSSQASKSKATEDGEEDEVSA
GEKEQDSDESYDDSD
;
B
3 'polypeptide(L)' GPGSMQIFVKTLTGKTITLEVEPSDTIENVKAKIQDKEGIPPDQQRLIFAGKQLEDGRTLSDYNIQKESTLHLVLRLRGG C
4 'polypeptide(L)'
;GMPGVIPSESNGLSRGSPSKKNRLSLKFFQKKETKRALDFTDSQENEEKASEYRASEIDQVVPAAQSSPINCEKRENLLP
FVGLNNLGNTSYLNSILQVLYFCPGFKSGVKHLFNIISRKKEALKDEANQKDKGNCKEDSLASYELICSLQSLIISVEQL
QASFLLNPEKYTDELATQPRRLLNTLRELNPMYEGYLQHDAQEVLQCILGNIQETCQLLKKEEVKNVAELPTKVEEIPHP
KEEMNGINSIEMDSMRHSEDFKEKLPKGNGKRKSDTEFGNMKKKVKLSKEHQSLEENQRQTRSKRKATSDTLESPPKIIP
KYISENESPRPSQKKSRVKINWLKSATKQPSILSKFCSLGKITTNQGVKGQSKENECDPEEDLGKCESDNTTNGCGLESP
GNTVTPVNVNEVKPINKGEEQIGFELVEKLFQGQLVLRTRCLECESLTERREDFQDISVPVQEDELSKVEESSEISPEPK
TEMKTLRWAISQFASVERIVGEDKYFCENCHHYTEAERSLLFDKMPEVITIHLKCFAASGLEFDCYGGGLSKINTPLLTP
LKLSLEEWSTKPTNDSYGLFAVVMHSGITISSGHYTASVKVTDLNSLELDKGNFVVDQMCEIGKPEPLNEEEARGVVENY
NDEEVSIRVGGNTQPSKVLNKKNVEAIGLLAAQKSKADYELYNKASNPDKVASTAFAENRNSETSDTTGTHESDRNKESS
DQTGINISGFENKISYVVQSLKEYEGKWLLFDDSEVKVTEEKDFLNSLSPSTSPTSTPYLLFYKKL
;
D
5 'polypeptide(L)'
;MHHHHHHLEVLFQGPGSMAAHHRQNTAGRRKVQVSYVIRDEVEKYNRNGVNALQLDPALNRLFTAGRDSIIRIWSVNQHK
QDPYIASMEHHTDWVNDIVLCCNGKTLISASSDTTVKVWNAHKGFCMSTLRTHKDYVKALAYAKDKELVASAGLDRQIFL
WDVNTLTALTASNNTVTTSSLSGNKDSIYSLAMNQLGTIIVSGSTEKVLRVWDPRTCAKLMKLKGHTDNVKALLLNRDGT
QCLSGSSDGTIRLWSLGQQRCIATYRVHDEGVWALQVNDAFTHVYSGGRDRKIYCTDLRNPDIRVLICEEKAPVLKMELD
RSADPPPAIWVATTKSTVNKWTLKGIHNFRASGDYDNDCTNPITPLCTQPDQVIKGGASIIQCHILNDKRHILTKDTNNN
VAYWDVLKACKVEDLGKVDFEDEIKKRFKMVYVPNWFSVDLKTGMLTITLDESDCFAAWVSAKDAGFSSPDGSDPKLNLG
GLLLQALLEYWPRTHVNPMDEEENEVNHVNGEQENRVQKGNGYFQVPPHTPVIFGEAGGRTLFRLLCRDSGGETESMLLN
ETVPQWVIDITVDKNMPKFNKIPFYLQPHASSGAKTLKKDRLSASDMLQVRKVMEHVYEKIINLDNESQTTSSSNNEKPG
EQEKEEDIAVLAEEKIELLCQDQVLDPNMDLRTVKHFIWKSGGDLTLHYRQKST
;
E
6 'polydeoxyribonucleotide'
;(DN)(DN)(DN)(DN)(DN)(DN)(DN)(DN)(DN)(DN)(DN)(DN)(DN)(DN)(DN)(DN)(DN)(DN)(DN)(DN)
(DN)(DN)(DN)(DN)(DN)(DN)(DN)(DN)(DN)
;
S,T
#
# COMPACT_ATOMS: atom_id res chain seq x y z
N GLN A 178 -5.69 -37.52 -14.54
CA GLN A 178 -5.11 -36.21 -14.84
C GLN A 178 -6.18 -35.26 -15.38
N GLN A 179 -7.45 -35.67 -15.25
CA GLN A 179 -8.58 -34.88 -15.70
C GLN A 179 -9.59 -34.58 -14.60
N TYR A 180 -9.74 -35.46 -13.62
CA TYR A 180 -10.72 -35.30 -12.56
C TYR A 180 -10.11 -34.72 -11.29
N VAL A 181 -8.90 -34.17 -11.36
CA VAL A 181 -8.23 -33.64 -10.19
C VAL A 181 -8.97 -32.42 -9.63
N ILE A 182 -9.68 -31.69 -10.49
CA ILE A 182 -10.44 -30.54 -10.03
C ILE A 182 -11.56 -30.97 -9.09
N GLN A 183 -12.17 -32.12 -9.36
CA GLN A 183 -13.16 -32.67 -8.45
C GLN A 183 -12.56 -33.63 -7.43
N LEU A 184 -11.24 -33.81 -7.43
CA LEU A 184 -10.59 -34.60 -6.39
C LEU A 184 -10.58 -33.87 -5.06
N THR A 185 -10.83 -32.56 -5.06
CA THR A 185 -10.85 -31.77 -3.83
C THR A 185 -12.14 -31.94 -3.04
N SER A 186 -13.20 -32.47 -3.66
CA SER A 186 -14.46 -32.64 -2.96
C SER A 186 -14.38 -33.64 -1.81
N MET A 187 -13.37 -34.50 -1.81
CA MET A 187 -13.23 -35.51 -0.76
C MET A 187 -12.79 -34.91 0.57
N PHE A 188 -12.15 -33.74 0.55
CA PHE A 188 -11.63 -33.12 1.77
C PHE A 188 -12.48 -31.96 2.26
N LYS A 189 -13.70 -31.82 1.75
CA LYS A 189 -14.54 -30.69 2.15
C LYS A 189 -15.27 -30.94 3.46
N ASP A 190 -16.10 -32.00 3.50
CA ASP A 190 -17.00 -32.20 4.62
C ASP A 190 -16.46 -33.16 5.68
N VAL A 191 -15.89 -34.27 5.26
CA VAL A 191 -15.42 -35.28 6.23
C VAL A 191 -14.17 -34.75 6.92
N PRO A 192 -14.01 -34.96 8.23
CA PRO A 192 -12.75 -34.61 8.89
C PRO A 192 -11.62 -35.52 8.45
N LEU A 193 -10.40 -34.98 8.49
CA LEU A 193 -9.21 -35.73 8.12
C LEU A 193 -8.09 -35.42 9.11
N THR A 194 -6.98 -36.13 8.96
CA THR A 194 -5.77 -35.88 9.73
C THR A 194 -4.69 -35.34 8.81
N ALA A 195 -3.54 -34.99 9.40
CA ALA A 195 -2.51 -34.26 8.66
C ALA A 195 -1.80 -35.14 7.63
N GLU A 196 -1.67 -36.44 7.90
CA GLU A 196 -0.86 -37.30 7.04
C GLU A 196 -1.47 -37.45 5.65
N GLU A 197 -2.78 -37.73 5.58
CA GLU A 197 -3.40 -37.96 4.28
C GLU A 197 -3.52 -36.68 3.46
N VAL A 198 -3.81 -35.55 4.12
CA VAL A 198 -3.86 -34.30 3.37
C VAL A 198 -2.47 -33.89 2.92
N GLU A 199 -1.44 -34.20 3.71
CA GLU A 199 -0.07 -33.95 3.25
C GLU A 199 0.27 -34.84 2.06
N PHE A 200 -0.18 -36.09 2.06
CA PHE A 200 0.06 -36.97 0.92
C PHE A 200 -0.64 -36.47 -0.34
N VAL A 201 -1.91 -36.03 -0.21
CA VAL A 201 -2.61 -35.58 -1.40
C VAL A 201 -2.06 -34.24 -1.89
N VAL A 202 -1.59 -33.38 -0.99
CA VAL A 202 -0.98 -32.13 -1.48
C VAL A 202 0.38 -32.42 -2.09
N GLU A 203 1.10 -33.45 -1.62
CA GLU A 203 2.32 -33.87 -2.29
C GLU A 203 2.03 -34.38 -3.69
N LYS A 204 0.95 -35.15 -3.84
CA LYS A 204 0.54 -35.60 -5.17
C LYS A 204 0.18 -34.41 -6.06
N ALA A 205 -0.53 -33.42 -5.51
CA ALA A 205 -0.87 -32.23 -6.28
C ALA A 205 0.38 -31.47 -6.72
N LEU A 206 1.36 -31.35 -5.81
CA LEU A 206 2.63 -30.72 -6.16
C LEU A 206 3.34 -31.49 -7.26
N SER A 207 3.29 -32.82 -7.21
CA SER A 207 3.93 -33.63 -8.24
C SER A 207 3.22 -33.52 -9.57
N MET A 208 1.92 -33.24 -9.58
CA MET A 208 1.18 -33.14 -10.83
C MET A 208 0.94 -31.71 -11.30
N PHE A 209 1.45 -30.70 -10.58
CA PHE A 209 1.41 -29.33 -11.10
C PHE A 209 2.04 -29.25 -12.49
N SER A 210 3.18 -29.90 -12.70
CA SER A 210 3.82 -29.87 -14.00
C SER A 210 3.00 -30.63 -15.04
N LYS A 211 2.23 -31.63 -14.63
CA LYS A 211 1.55 -32.50 -15.58
C LYS A 211 0.33 -31.83 -16.19
N MET A 212 -0.51 -31.19 -15.37
CA MET A 212 -1.86 -30.84 -15.79
C MET A 212 -1.91 -29.83 -16.94
N ASN A 213 -1.56 -28.57 -16.68
CA ASN A 213 -1.53 -27.46 -17.63
C ASN A 213 -1.10 -26.22 -16.88
N LEU A 214 -0.64 -25.22 -17.63
CA LEU A 214 -0.38 -23.91 -17.03
C LEU A 214 -1.68 -23.17 -16.76
N GLN A 215 -2.60 -23.17 -17.73
CA GLN A 215 -3.77 -22.30 -17.65
C GLN A 215 -4.79 -22.78 -16.64
N GLU A 216 -4.87 -24.10 -16.41
CA GLU A 216 -5.86 -24.64 -15.50
C GLU A 216 -5.51 -24.42 -14.03
N ILE A 217 -4.32 -23.91 -13.73
CA ILE A 217 -3.87 -23.83 -12.34
C ILE A 217 -4.73 -22.91 -11.47
N PRO A 218 -5.02 -21.66 -11.86
CA PRO A 218 -5.66 -20.71 -10.90
C PRO A 218 -6.99 -21.19 -10.33
N PRO A 219 -7.88 -21.85 -11.11
CA PRO A 219 -9.08 -22.41 -10.46
C PRO A 219 -8.76 -23.49 -9.43
N LEU A 220 -7.77 -24.34 -9.72
CA LEU A 220 -7.36 -25.36 -8.77
C LEU A 220 -6.78 -24.73 -7.51
N VAL A 221 -6.01 -23.65 -7.68
CA VAL A 221 -5.47 -22.93 -6.54
C VAL A 221 -6.60 -22.34 -5.70
N TYR A 222 -7.61 -21.77 -6.36
CA TYR A 222 -8.77 -21.24 -5.65
C TYR A 222 -9.45 -22.32 -4.84
N GLN A 223 -9.66 -23.50 -5.46
CA GLN A 223 -10.35 -24.58 -4.76
C GLN A 223 -9.55 -25.09 -3.56
N LEU A 224 -8.26 -25.36 -3.77
CA LEU A 224 -7.43 -25.86 -2.67
C LEU A 224 -7.30 -24.83 -1.56
N LEU A 225 -7.20 -23.54 -1.91
CA LEU A 225 -6.98 -22.52 -0.90
C LEU A 225 -8.26 -22.19 -0.15
N VAL A 226 -9.43 -22.34 -0.77
CA VAL A 226 -10.67 -22.19 -0.01
C VAL A 226 -10.96 -23.45 0.79
N LEU A 227 -10.40 -24.60 0.40
CA LEU A 227 -10.45 -25.78 1.25
C LEU A 227 -9.52 -25.65 2.45
N SER A 228 -8.41 -24.94 2.27
CA SER A 228 -7.30 -24.95 3.22
C SER A 228 -7.60 -24.24 4.53
N SER A 229 -8.72 -23.52 4.62
CA SER A 229 -9.03 -22.77 5.83
C SER A 229 -9.21 -23.69 7.03
N LYS A 230 -9.89 -24.82 6.83
CA LYS A 230 -10.16 -25.76 7.90
C LYS A 230 -9.13 -26.87 8.02
N GLY A 231 -8.11 -26.88 7.15
CA GLY A 231 -7.14 -27.96 7.17
C GLY A 231 -5.71 -27.51 7.01
N SER A 232 -4.98 -28.16 6.10
CA SER A 232 -3.57 -27.84 5.89
C SER A 232 -3.44 -26.48 5.20
N ARG A 233 -2.61 -25.62 5.78
CA ARG A 233 -2.43 -24.27 5.26
C ARG A 233 -1.00 -23.95 4.85
N LYS A 234 0.00 -24.47 5.56
CA LYS A 234 1.39 -24.22 5.17
C LYS A 234 1.74 -24.97 3.90
N SER A 235 1.27 -26.21 3.75
CA SER A 235 1.74 -27.09 2.69
C SER A 235 1.35 -26.55 1.31
N VAL A 236 0.11 -26.10 1.15
CA VAL A 236 -0.35 -25.65 -0.17
C VAL A 236 0.38 -24.39 -0.60
N LEU A 237 0.52 -23.43 0.31
CA LEU A 237 1.23 -22.20 0.00
C LEU A 237 2.69 -22.48 -0.31
N GLU A 238 3.32 -23.34 0.48
CA GLU A 238 4.72 -23.69 0.25
C GLU A 238 4.89 -24.37 -1.11
N GLY A 239 3.98 -25.27 -1.45
CA GLY A 239 4.07 -25.94 -2.74
C GLY A 239 3.90 -24.99 -3.91
N ILE A 240 2.92 -24.09 -3.82
CA ILE A 240 2.71 -23.12 -4.90
C ILE A 240 3.94 -22.23 -5.06
N ILE A 241 4.46 -21.73 -3.95
CA ILE A 241 5.61 -20.83 -4.00
C ILE A 241 6.83 -21.53 -4.58
N ALA A 242 7.10 -22.76 -4.11
CA ALA A 242 8.26 -23.50 -4.62
C ALA A 242 8.11 -23.84 -6.08
N PHE A 243 6.92 -24.27 -6.51
CA PHE A 243 6.69 -24.60 -7.91
C PHE A 243 6.91 -23.39 -8.80
N PHE A 244 6.36 -22.24 -8.41
CA PHE A 244 6.48 -21.08 -9.30
C PHE A 244 7.87 -20.47 -9.24
N SER A 245 8.56 -20.57 -8.11
CA SER A 245 9.97 -20.16 -8.07
C SER A 245 10.81 -21.03 -9.00
N ALA A 246 10.59 -22.35 -8.96
CA ALA A 246 11.35 -23.24 -9.83
C ALA A 246 11.03 -22.97 -11.30
N LEU A 247 9.76 -22.73 -11.62
CA LEU A 247 9.39 -22.48 -13.00
C LEU A 247 9.98 -21.17 -13.50
N ASP A 248 9.94 -20.12 -12.66
CA ASP A 248 10.56 -18.85 -13.04
C ASP A 248 12.06 -19.00 -13.22
N LYS A 249 12.71 -19.76 -12.33
CA LYS A 249 14.14 -19.98 -12.44
C LYS A 249 14.48 -20.70 -13.74
N GLN A 250 13.74 -21.74 -14.07
CA GLN A 250 14.01 -22.50 -15.29
C GLN A 250 13.77 -21.65 -16.53
N HIS A 251 12.67 -20.90 -16.55
CA HIS A 251 12.37 -20.06 -17.70
C HIS A 251 13.41 -18.98 -17.88
N ASN A 252 13.86 -18.36 -16.78
CA ASN A 252 14.88 -17.33 -16.86
C ASN A 252 16.21 -17.90 -17.34
N GLU A 253 16.60 -19.07 -16.82
CA GLU A 253 17.88 -19.65 -17.21
C GLU A 253 17.89 -20.07 -18.68
N GLU A 254 16.80 -20.66 -19.17
CA GLU A 254 16.79 -21.13 -20.55
C GLU A 254 16.20 -20.12 -21.52
N GLN A 255 15.82 -18.93 -21.05
CA GLN A 255 15.34 -17.90 -21.95
C GLN A 255 16.49 -17.17 -22.64
N SER A 256 17.63 -17.05 -21.96
CA SER A 256 18.76 -16.32 -22.52
C SER A 256 19.33 -17.06 -23.72
N GLY A 257 19.63 -16.31 -24.77
CA GLY A 257 20.16 -16.90 -25.99
C GLY A 257 20.03 -15.92 -27.14
N ASP A 258 20.48 -16.39 -28.30
CA ASP A 258 20.42 -15.60 -29.52
C ASP A 258 18.97 -15.32 -29.90
N GLU A 259 18.72 -14.11 -30.38
CA GLU A 259 17.37 -13.77 -30.81
C GLU A 259 17.06 -14.45 -32.14
N LEU A 260 16.65 -15.71 -32.04
CA LEU A 260 16.43 -16.57 -33.19
C LEU A 260 15.64 -17.76 -32.67
N LEU A 261 15.49 -18.82 -33.47
CA LEU A 261 14.78 -20.01 -33.03
C LEU A 261 15.56 -20.71 -31.93
N ASP A 262 14.90 -20.90 -30.79
CA ASP A 262 15.51 -21.52 -29.63
C ASP A 262 14.45 -22.24 -28.81
N VAL A 263 14.90 -23.23 -28.03
CA VAL A 263 13.99 -23.99 -27.17
C VAL A 263 13.54 -23.11 -26.02
N VAL A 264 12.25 -23.20 -25.69
CA VAL A 264 11.69 -22.41 -24.59
C VAL A 264 10.42 -23.11 -24.12
N THR A 265 10.07 -22.91 -22.86
CA THR A 265 8.79 -23.33 -22.32
C THR A 265 7.78 -22.21 -22.56
N VAL A 266 6.66 -22.25 -21.83
CA VAL A 266 5.57 -21.27 -21.90
C VAL A 266 6.08 -19.83 -21.99
N PRO A 267 5.48 -19.00 -22.84
CA PRO A 267 6.01 -17.66 -23.06
C PRO A 267 5.73 -16.74 -21.89
N SER A 268 6.40 -15.59 -21.92
CA SER A 268 6.32 -14.62 -20.83
C SER A 268 4.90 -14.07 -20.67
N GLY A 269 4.23 -13.79 -21.80
CA GLY A 269 2.92 -13.17 -21.74
C GLY A 269 1.88 -14.01 -21.05
N GLU A 270 2.03 -15.34 -21.09
CA GLU A 270 1.13 -16.22 -20.36
C GLU A 270 1.56 -16.40 -18.92
N LEU A 271 2.87 -16.57 -18.69
CA LEU A 271 3.38 -16.85 -17.36
C LEU A 271 3.13 -15.69 -16.42
N ARG A 272 3.42 -14.46 -16.86
CA ARG A 272 3.23 -13.32 -15.99
C ARG A 272 1.76 -13.11 -15.66
N HIS A 273 0.88 -13.41 -16.62
CA HIS A 273 -0.54 -13.26 -16.38
C HIS A 273 -1.06 -14.29 -15.38
N VAL A 274 -0.64 -15.55 -15.50
CA VAL A 274 -1.12 -16.54 -14.55
C VAL A 274 -0.54 -16.26 -13.17
N GLU A 275 0.71 -15.79 -13.12
CA GLU A 275 1.29 -15.39 -11.84
C GLU A 275 0.49 -14.24 -11.21
N GLY A 276 0.09 -13.26 -12.02
CA GLY A 276 -0.70 -12.16 -11.48
C GLY A 276 -2.04 -12.61 -10.94
N THR A 277 -2.74 -13.48 -11.69
CA THR A 277 -4.03 -13.98 -11.20
C THR A 277 -3.85 -14.77 -9.91
N ILE A 278 -2.81 -15.58 -9.84
CA ILE A 278 -2.60 -16.43 -8.67
C ILE A 278 -2.21 -15.60 -7.45
N ILE A 279 -1.36 -14.59 -7.63
CA ILE A 279 -0.98 -13.75 -6.50
C ILE A 279 -2.17 -12.94 -6.01
N LEU A 280 -3.02 -12.47 -6.93
CA LEU A 280 -4.22 -11.76 -6.50
C LEU A 280 -5.16 -12.68 -5.73
N HIS A 281 -5.32 -13.92 -6.20
CA HIS A 281 -6.17 -14.87 -5.47
C HIS A 281 -5.62 -15.16 -4.09
N ILE A 282 -4.30 -15.32 -3.97
CA ILE A 282 -3.69 -15.61 -2.68
C ILE A 282 -3.86 -14.43 -1.73
N VAL A 283 -3.71 -13.20 -2.25
CA VAL A 283 -3.92 -12.01 -1.42
C VAL A 283 -5.36 -11.94 -0.93
N PHE A 284 -6.32 -12.25 -1.80
CA PHE A 284 -7.72 -12.26 -1.39
C PHE A 284 -7.96 -13.29 -0.30
N ALA A 285 -7.42 -14.50 -0.48
CA ALA A 285 -7.61 -15.55 0.51
C ALA A 285 -6.99 -15.18 1.84
N ILE A 286 -5.81 -14.56 1.82
CA ILE A 286 -5.19 -14.08 3.05
C ILE A 286 -6.06 -13.01 3.71
N LYS A 287 -6.67 -12.15 2.90
CA LYS A 287 -7.58 -11.16 3.45
C LYS A 287 -8.79 -11.79 4.10
N LEU A 288 -9.18 -12.99 3.66
CA LEU A 288 -10.30 -13.67 4.32
C LEU A 288 -9.95 -14.26 5.68
N ASP A 289 -8.69 -14.60 5.94
CA ASP A 289 -8.29 -15.06 7.27
C ASP A 289 -6.82 -14.74 7.51
N TYR A 290 -6.55 -14.00 8.59
CA TYR A 290 -5.21 -13.50 8.85
C TYR A 290 -4.23 -14.62 9.21
N GLU A 291 -4.72 -15.80 9.60
CA GLU A 291 -3.82 -16.86 10.02
C GLU A 291 -2.94 -17.33 8.87
N LEU A 292 -3.50 -17.40 7.66
CA LEU A 292 -2.71 -17.75 6.50
C LEU A 292 -1.59 -16.74 6.26
N GLY A 293 -1.90 -15.45 6.39
CA GLY A 293 -0.87 -14.43 6.22
C GLY A 293 0.21 -14.50 7.28
N ARG A 294 -0.18 -14.74 8.53
CA ARG A 294 0.80 -14.89 9.60
C ARG A 294 1.70 -16.10 9.37
N GLU A 295 1.11 -17.21 8.90
CA GLU A 295 1.90 -18.38 8.56
C GLU A 295 2.86 -18.09 7.42
N LEU A 296 2.40 -17.36 6.41
CA LEU A 296 3.28 -16.98 5.30
C LEU A 296 4.44 -16.12 5.76
N VAL A 297 4.17 -15.14 6.62
CA VAL A 297 5.21 -14.23 7.09
C VAL A 297 6.22 -14.99 7.93
N LYS A 298 5.75 -15.84 8.85
CA LYS A 298 6.67 -16.61 9.68
C LYS A 298 7.43 -17.64 8.84
N HIS A 299 6.85 -18.11 7.74
CA HIS A 299 7.53 -19.08 6.89
C HIS A 299 8.75 -18.47 6.20
N LEU A 300 8.61 -17.24 5.71
CA LEU A 300 9.69 -16.59 4.97
C LEU A 300 10.59 -15.75 5.86
N LYS A 301 10.68 -16.09 7.15
CA LYS A 301 11.55 -15.36 8.06
C LYS A 301 13.01 -15.54 7.68
N VAL A 302 13.77 -14.47 7.77
CA VAL A 302 15.19 -14.50 7.42
C VAL A 302 15.98 -15.27 8.47
N GLY A 306 21.30 -13.93 11.57
CA GLY A 306 21.08 -13.82 10.13
C GLY A 306 21.10 -15.16 9.43
N ASP A 307 20.47 -15.22 8.26
CA ASP A 307 20.41 -16.45 7.49
C ASP A 307 20.19 -16.14 6.02
N SER A 308 20.47 -17.13 5.18
CA SER A 308 20.36 -16.93 3.73
C SER A 308 18.92 -16.73 3.29
N ASN A 309 18.00 -17.52 3.84
CA ASN A 309 16.59 -17.54 3.46
C ASN A 309 16.46 -17.79 1.95
N ASN A 310 16.87 -18.99 1.56
CA ASN A 310 16.95 -19.37 0.15
C ASN A 310 15.59 -19.39 -0.54
N ASN A 311 14.49 -19.39 0.21
CA ASN A 311 13.17 -19.43 -0.40
C ASN A 311 12.79 -18.13 -1.10
N LEU A 312 13.57 -17.06 -0.94
CA LEU A 312 13.25 -15.80 -1.60
C LEU A 312 13.44 -15.94 -3.11
N SER A 313 12.50 -15.38 -3.85
CA SER A 313 12.38 -15.58 -5.29
C SER A 313 11.60 -14.40 -5.86
N PRO A 314 11.71 -14.14 -7.16
CA PRO A 314 10.87 -13.08 -7.75
C PRO A 314 9.39 -13.26 -7.49
N PHE A 315 8.89 -14.49 -7.55
CA PHE A 315 7.49 -14.73 -7.24
C PHE A 315 7.18 -14.45 -5.77
N SER A 316 8.03 -14.94 -4.86
CA SER A 316 7.78 -14.73 -3.44
C SER A 316 7.95 -13.26 -3.07
N ILE A 317 8.91 -12.57 -3.70
CA ILE A 317 9.07 -11.14 -3.46
C ILE A 317 7.83 -10.39 -3.94
N ALA A 318 7.31 -10.77 -5.11
CA ALA A 318 6.07 -10.15 -5.58
C ALA A 318 4.93 -10.41 -4.61
N LEU A 319 4.85 -11.62 -4.07
CA LEU A 319 3.82 -11.96 -3.10
C LEU A 319 3.92 -11.07 -1.87
N LEU A 320 5.10 -11.00 -1.27
CA LEU A 320 5.30 -10.16 -0.08
C LEU A 320 5.03 -8.71 -0.38
N LEU A 321 5.31 -8.26 -1.61
CA LEU A 321 5.05 -6.89 -1.99
C LEU A 321 3.57 -6.62 -2.19
N SER A 322 2.80 -7.62 -2.57
CA SER A 322 1.38 -7.43 -2.77
C SER A 322 0.56 -7.61 -1.50
N VAL A 323 1.08 -8.32 -0.50
CA VAL A 323 0.35 -8.43 0.76
C VAL A 323 0.30 -7.09 1.50
N THR A 324 1.18 -6.15 1.17
CA THR A 324 1.24 -4.86 1.86
C THR A 324 -0.04 -4.04 1.72
N ARG A 325 -0.97 -4.43 0.85
CA ARG A 325 -2.23 -3.72 0.72
C ARG A 325 -3.15 -3.93 1.92
N ILE A 326 -2.80 -4.83 2.83
CA ILE A 326 -3.55 -5.04 4.06
C ILE A 326 -2.85 -4.31 5.19
N GLN A 327 -3.63 -3.64 6.05
CA GLN A 327 -3.04 -2.85 7.12
C GLN A 327 -2.37 -3.70 8.19
N ARG A 328 -2.77 -4.97 8.33
CA ARG A 328 -2.21 -5.81 9.39
C ARG A 328 -0.76 -6.19 9.12
N PHE A 329 -0.33 -6.23 7.87
CA PHE A 329 0.92 -6.88 7.52
C PHE A 329 1.97 -5.92 6.94
N GLN A 330 1.65 -4.63 6.85
CA GLN A 330 2.49 -3.67 6.14
C GLN A 330 3.90 -3.57 6.72
N ASP A 331 4.02 -3.06 7.94
CA ASP A 331 5.33 -2.92 8.55
C ASP A 331 5.99 -4.28 8.77
N GLN A 332 5.19 -5.29 9.11
CA GLN A 332 5.71 -6.63 9.37
C GLN A 332 6.34 -7.27 8.13
N VAL A 333 5.97 -6.82 6.93
CA VAL A 333 6.62 -7.39 5.75
C VAL A 333 7.69 -6.44 5.21
N LEU A 334 7.49 -5.12 5.37
CA LEU A 334 8.51 -4.18 4.90
C LEU A 334 9.79 -4.29 5.72
N ASP A 335 9.69 -4.46 7.04
CA ASP A 335 10.92 -4.62 7.82
C ASP A 335 11.65 -5.91 7.46
N LEU A 336 10.92 -6.97 7.16
CA LEU A 336 11.55 -8.22 6.72
C LEU A 336 12.29 -8.02 5.40
N LEU A 337 11.67 -7.33 4.45
CA LEU A 337 12.33 -7.07 3.18
C LEU A 337 13.59 -6.22 3.37
N LYS A 338 13.50 -5.22 4.25
CA LYS A 338 14.63 -4.33 4.51
C LYS A 338 15.81 -5.09 5.11
N THR A 339 15.55 -5.88 6.16
CA THR A 339 16.65 -6.66 6.74
C THR A 339 17.17 -7.68 5.75
N SER A 340 16.32 -8.23 4.88
CA SER A 340 16.80 -9.19 3.90
C SER A 340 17.78 -8.56 2.92
N VAL A 341 17.44 -7.38 2.39
CA VAL A 341 18.35 -6.76 1.42
C VAL A 341 19.64 -6.31 2.12
N VAL A 342 19.55 -5.86 3.37
CA VAL A 342 20.77 -5.51 4.10
C VAL A 342 21.67 -6.73 4.30
N LYS A 343 21.08 -7.87 4.67
CA LYS A 343 21.87 -9.09 4.82
C LYS A 343 22.51 -9.50 3.50
N SER A 344 21.78 -9.34 2.39
CA SER A 344 22.35 -9.71 1.09
C SER A 344 23.54 -8.83 0.72
N PHE A 345 23.42 -7.53 0.95
CA PHE A 345 24.55 -6.66 0.62
C PHE A 345 25.72 -6.89 1.55
N LYS A 346 25.45 -7.22 2.82
CA LYS A 346 26.53 -7.60 3.72
C LYS A 346 27.23 -8.87 3.24
N ASP A 347 26.46 -9.84 2.75
CA ASP A 347 27.04 -11.05 2.20
C ASP A 347 27.93 -10.75 1.00
N LEU A 348 27.46 -9.88 0.11
CA LEU A 348 28.29 -9.51 -1.05
C LEU A 348 29.58 -8.82 -0.62
N GLN A 349 29.49 -7.89 0.32
CA GLN A 349 30.67 -7.16 0.75
C GLN A 349 31.65 -8.06 1.49
N LEU A 350 31.15 -9.08 2.19
CA LEU A 350 32.04 -10.04 2.83
C LEU A 350 32.67 -10.98 1.82
N LEU A 351 31.89 -11.42 0.83
CA LEU A 351 32.38 -12.41 -0.12
C LEU A 351 33.40 -11.82 -1.08
N GLN A 352 33.22 -10.56 -1.49
CA GLN A 352 34.19 -9.93 -2.37
C GLN A 352 35.50 -9.62 -1.67
N GLY A 353 35.50 -9.62 -0.34
CA GLY A 353 36.66 -9.22 0.43
C GLY A 353 37.69 -10.28 0.71
N SER A 354 37.49 -11.52 0.23
CA SER A 354 38.46 -12.57 0.50
C SER A 354 38.54 -13.49 -0.70
N LYS A 355 39.60 -14.28 -0.75
CA LYS A 355 39.79 -15.28 -1.79
C LYS A 355 39.33 -16.66 -1.36
N PHE A 356 39.71 -17.08 -0.15
CA PHE A 356 39.37 -18.42 0.35
C PHE A 356 37.86 -18.65 0.34
N LEU A 357 37.11 -17.73 0.94
CA LEU A 357 35.66 -17.85 0.95
C LEU A 357 35.10 -17.73 -0.45
N GLN A 358 35.68 -16.86 -1.27
CA GLN A 358 35.32 -16.80 -2.68
C GLN A 358 35.74 -18.06 -3.43
N ASN A 359 36.79 -18.73 -2.97
CA ASN A 359 37.22 -19.96 -3.63
C ASN A 359 36.29 -21.12 -3.33
N LEU A 360 35.68 -21.15 -2.15
CA LEU A 360 34.91 -22.34 -1.78
C LEU A 360 33.52 -22.37 -2.38
N VAL A 361 32.79 -21.25 -2.40
CA VAL A 361 31.36 -21.30 -2.67
C VAL A 361 31.04 -20.82 -4.08
N PRO A 362 29.95 -21.30 -4.67
CA PRO A 362 29.44 -20.71 -5.92
C PRO A 362 28.42 -19.63 -5.64
N HIS A 363 28.42 -18.61 -6.49
CA HIS A 363 27.60 -17.43 -6.25
C HIS A 363 26.12 -17.74 -6.43
N ARG A 364 25.30 -17.11 -5.59
CA ARG A 364 23.85 -17.19 -5.68
C ARG A 364 23.30 -15.81 -6.03
N SER A 365 22.14 -15.80 -6.68
CA SER A 365 21.51 -14.54 -7.09
C SER A 365 21.13 -13.71 -5.87
N TYR A 366 21.87 -12.64 -5.62
CA TYR A 366 21.63 -11.80 -4.46
C TYR A 366 20.39 -10.95 -4.68
N VAL A 367 19.67 -10.68 -3.58
CA VAL A 367 18.29 -10.23 -3.66
C VAL A 367 18.17 -8.82 -4.26
N SER A 368 19.28 -8.12 -4.44
CA SER A 368 19.22 -6.82 -5.10
C SER A 368 18.75 -6.95 -6.54
N THR A 369 19.39 -7.82 -7.31
CA THR A 369 18.96 -8.07 -8.68
C THR A 369 17.60 -8.74 -8.74
N MET A 370 17.21 -9.44 -7.67
CA MET A 370 15.89 -10.06 -7.64
C MET A 370 14.79 -9.01 -7.69
N ILE A 371 14.85 -8.01 -6.81
CA ILE A 371 13.85 -6.95 -6.82
C ILE A 371 14.01 -6.06 -8.06
N LEU A 372 15.26 -5.81 -8.46
CA LEU A 372 15.51 -5.00 -9.65
C LEU A 372 14.99 -5.68 -10.91
N GLU A 373 14.82 -7.00 -10.89
CA GLU A 373 14.18 -7.72 -11.98
C GLU A 373 12.67 -7.77 -11.81
N VAL A 374 12.18 -7.83 -10.56
CA VAL A 374 10.74 -7.82 -10.33
C VAL A 374 10.12 -6.53 -10.83
N VAL A 375 10.79 -5.39 -10.58
CA VAL A 375 10.24 -4.11 -11.02
C VAL A 375 10.16 -4.05 -12.55
N LYS A 376 11.18 -4.55 -13.24
CA LYS A 376 11.13 -4.61 -14.70
C LYS A 376 10.03 -5.55 -15.17
N ASN A 377 9.90 -6.71 -14.52
CA ASN A 377 8.89 -7.68 -14.91
C ASN A 377 7.48 -7.19 -14.64
N SER A 378 7.32 -6.23 -13.75
CA SER A 378 5.99 -5.69 -13.42
C SER A 378 5.35 -4.90 -14.56
N VAL A 379 5.94 -4.86 -15.75
CA VAL A 379 5.34 -4.11 -16.85
C VAL A 379 4.06 -4.81 -17.34
N HIS A 380 3.96 -6.12 -17.12
CA HIS A 380 2.90 -6.92 -17.74
C HIS A 380 1.55 -6.71 -17.05
N SER A 381 1.12 -5.46 -17.05
CA SER A 381 -0.29 -5.08 -16.83
C SER A 381 -0.84 -5.55 -15.49
N TRP A 382 0.00 -5.57 -14.45
CA TRP A 382 -0.51 -5.69 -13.10
C TRP A 382 0.10 -4.59 -12.25
N ASP A 383 -0.76 -3.90 -11.50
CA ASP A 383 -0.37 -2.70 -10.76
C ASP A 383 -0.53 -2.88 -9.25
N HIS A 384 -0.97 -4.04 -8.79
CA HIS A 384 -1.18 -4.22 -7.36
C HIS A 384 0.12 -4.38 -6.57
N VAL A 385 1.29 -4.16 -7.16
CA VAL A 385 2.55 -4.19 -6.42
C VAL A 385 3.26 -2.84 -6.41
N THR A 386 2.77 -1.87 -7.19
CA THR A 386 3.47 -0.59 -7.31
C THR A 386 3.51 0.16 -5.99
N GLN A 387 2.40 0.15 -5.24
CA GLN A 387 2.38 0.88 -3.97
C GLN A 387 3.35 0.29 -2.98
N GLY A 388 3.37 -1.04 -2.86
CA GLY A 388 4.36 -1.68 -2.01
C GLY A 388 5.78 -1.39 -2.46
N LEU A 389 6.00 -1.35 -3.78
CA LEU A 389 7.34 -1.10 -4.29
C LEU A 389 7.81 0.30 -3.97
N VAL A 390 6.97 1.31 -4.17
CA VAL A 390 7.39 2.68 -3.88
C VAL A 390 7.56 2.88 -2.38
N GLU A 391 6.69 2.27 -1.58
CA GLU A 391 6.83 2.38 -0.13
C GLU A 391 8.12 1.75 0.35
N LEU A 392 8.47 0.58 -0.22
CA LEU A 392 9.74 -0.05 0.11
C LEU A 392 10.91 0.82 -0.30
N GLY A 393 10.84 1.43 -1.49
CA GLY A 393 11.92 2.28 -1.93
C GLY A 393 12.14 3.46 -0.99
N PHE A 394 11.06 4.10 -0.57
CA PHE A 394 11.20 5.25 0.31
C PHE A 394 11.67 4.85 1.71
N ILE A 395 11.16 3.74 2.25
CA ILE A 395 11.62 3.27 3.56
C ILE A 395 13.09 2.94 3.51
N LEU A 396 13.50 2.21 2.47
CA LEU A 396 14.87 1.74 2.36
C LEU A 396 15.83 2.90 2.10
N MET A 397 15.35 3.96 1.43
CA MET A 397 16.18 5.14 1.27
C MET A 397 16.32 5.93 2.55
N ASP A 398 15.21 6.12 3.28
CA ASP A 398 15.25 6.93 4.49
C ASP A 398 16.08 6.27 5.58
N SER A 399 15.95 4.95 5.75
CA SER A 399 16.58 4.29 6.88
C SER A 399 18.10 4.19 6.73
N TYR A 400 18.64 4.30 5.52
CA TYR A 400 20.07 4.13 5.30
C TYR A 400 20.64 5.27 4.47
N GLY A 401 20.19 6.49 4.72
CA GLY A 401 20.75 7.65 4.08
C GLY A 401 22.07 8.03 4.73
N PRO A 402 22.91 8.76 3.99
CA PRO A 402 24.17 9.23 4.58
C PRO A 402 23.94 10.32 5.60
N LYS A 403 24.12 10.00 6.88
CA LYS A 403 23.87 10.91 7.99
C LYS A 403 25.15 11.57 8.48
N LYS A 404 26.10 11.84 7.58
CA LYS A 404 27.37 12.42 7.98
C LYS A 404 27.23 13.85 8.49
N VAL A 405 26.13 14.54 8.13
CA VAL A 405 25.79 15.93 8.47
C VAL A 405 27.00 16.86 8.53
N SER A 416 33.26 2.42 9.17
CA SER A 416 33.45 2.68 7.75
C SER A 416 33.06 1.46 6.92
N LEU A 417 33.08 0.29 7.54
CA LEU A 417 32.73 -0.93 6.83
C LEU A 417 31.23 -1.02 6.59
N SER A 418 30.42 -0.63 7.58
CA SER A 418 28.97 -0.70 7.43
C SER A 418 28.42 0.39 6.51
N ARG A 419 29.24 1.36 6.11
CA ARG A 419 28.77 2.38 5.18
C ARG A 419 28.51 1.79 3.80
N MET A 420 29.33 0.83 3.37
CA MET A 420 29.18 0.27 2.03
C MET A 420 27.83 -0.42 1.82
N PRO A 421 27.34 -1.29 2.71
CA PRO A 421 25.93 -1.70 2.57
C PRO A 421 24.96 -0.54 2.70
N ASN A 422 25.26 0.42 3.57
CA ASN A 422 24.39 1.58 3.75
C ASN A 422 24.40 2.54 2.57
N GLN A 423 25.37 2.41 1.67
CA GLN A 423 25.38 3.19 0.44
C GLN A 423 24.80 2.41 -0.74
N HIS A 424 25.11 1.11 -0.82
CA HIS A 424 24.51 0.28 -1.86
C HIS A 424 23.01 0.17 -1.69
N ALA A 425 22.52 0.17 -0.43
CA ALA A 425 21.08 0.15 -0.20
C ALA A 425 20.42 1.40 -0.75
N CYS A 426 21.01 2.57 -0.49
CA CYS A 426 20.45 3.82 -1.01
C CYS A 426 20.48 3.84 -2.54
N LYS A 427 21.57 3.34 -3.13
CA LYS A 427 21.64 3.27 -4.59
C LYS A 427 20.54 2.36 -5.14
N LEU A 428 20.30 1.22 -4.48
CA LEU A 428 19.22 0.33 -4.90
C LEU A 428 17.86 1.02 -4.79
N GLY A 429 17.65 1.76 -3.71
CA GLY A 429 16.38 2.46 -3.55
C GLY A 429 16.14 3.47 -4.65
N ALA A 430 17.19 4.24 -5.00
CA ALA A 430 17.06 5.21 -6.08
C ALA A 430 16.78 4.51 -7.41
N ASN A 431 17.47 3.39 -7.66
CA ASN A 431 17.24 2.64 -8.89
C ASN A 431 15.80 2.13 -8.95
N ILE A 432 15.29 1.61 -7.84
CA ILE A 432 13.93 1.08 -7.82
C ILE A 432 12.92 2.18 -8.08
N LEU A 433 13.08 3.32 -7.40
CA LEU A 433 12.11 4.41 -7.56
C LEU A 433 12.12 4.94 -8.99
N LEU A 434 13.30 5.18 -9.55
CA LEU A 434 13.38 5.66 -10.92
C LEU A 434 12.82 4.63 -11.89
N GLU A 435 12.98 3.35 -11.59
CA GLU A 435 12.48 2.32 -12.49
C GLU A 435 10.95 2.26 -12.48
N THR A 436 10.33 2.37 -11.30
CA THR A 436 8.87 2.38 -11.27
C THR A 436 8.29 3.69 -11.78
N PHE A 437 9.08 4.76 -11.83
CA PHE A 437 8.56 6.01 -12.38
C PHE A 437 8.17 5.87 -13.85
N LYS A 438 9.02 5.24 -14.65
CA LYS A 438 8.79 5.22 -16.09
C LYS A 438 7.71 4.22 -16.51
N ILE A 439 7.69 3.04 -15.89
CA ILE A 439 6.87 1.95 -16.42
C ILE A 439 5.39 2.20 -16.15
N HIS A 440 5.05 2.53 -14.91
CA HIS A 440 3.65 2.63 -14.51
C HIS A 440 3.22 4.09 -14.41
N GLU A 441 2.03 4.38 -14.92
CA GLU A 441 1.57 5.75 -15.10
C GLU A 441 0.78 6.27 -13.90
N MET A 442 -0.09 5.44 -13.32
CA MET A 442 -0.98 5.90 -12.26
C MET A 442 -0.23 6.34 -11.01
N ILE A 443 0.99 5.84 -10.81
CA ILE A 443 1.72 6.10 -9.57
C ILE A 443 2.71 7.26 -9.69
N ARG A 444 3.05 7.68 -10.91
CA ARG A 444 4.11 8.68 -11.10
C ARG A 444 3.72 10.06 -10.59
N GLN A 445 2.46 10.30 -10.29
CA GLN A 445 2.07 11.59 -9.74
C GLN A 445 2.46 11.71 -8.27
N GLU A 446 2.51 10.60 -7.54
CA GLU A 446 2.77 10.65 -6.11
C GLU A 446 4.25 10.51 -5.78
N ILE A 447 5.02 9.84 -6.62
CA ILE A 447 6.45 9.66 -6.36
C ILE A 447 7.16 11.01 -6.33
N LEU A 448 6.91 11.82 -7.36
CA LEU A 448 7.53 13.14 -7.42
C LEU A 448 7.03 14.03 -6.30
N GLU A 449 5.76 13.90 -5.93
CA GLU A 449 5.23 14.68 -4.82
C GLU A 449 5.94 14.34 -3.53
N GLN A 450 6.17 13.05 -3.28
CA GLN A 450 6.86 12.66 -2.05
C GLN A 450 8.31 13.13 -2.07
N VAL A 451 9.00 12.99 -3.20
CA VAL A 451 10.39 13.41 -3.28
C VAL A 451 10.52 14.91 -3.05
N LEU A 452 9.65 15.70 -3.69
CA LEU A 452 9.66 17.15 -3.47
C LEU A 452 9.35 17.48 -2.02
N ASN A 453 8.25 16.94 -1.50
CA ASN A 453 7.84 17.21 -0.12
C ASN A 453 8.92 16.82 0.88
N ARG A 454 9.78 15.89 0.51
CA ARG A 454 10.86 15.47 1.39
C ARG A 454 12.15 16.27 1.17
N VAL A 455 12.27 16.96 0.03
CA VAL A 455 13.54 17.64 -0.27
C VAL A 455 13.47 19.15 -0.02
N VAL A 456 12.28 19.74 -0.06
CA VAL A 456 12.16 21.19 0.11
C VAL A 456 11.88 21.45 1.59
N THR A 457 12.95 21.61 2.36
CA THR A 457 12.85 21.78 3.80
C THR A 457 13.87 22.83 4.26
N ARG A 458 13.65 23.33 5.48
CA ARG A 458 14.62 24.19 6.14
C ARG A 458 15.43 23.45 7.19
N ALA A 459 15.29 22.12 7.26
CA ALA A 459 15.90 21.35 8.33
C ALA A 459 17.41 21.20 8.16
N SER A 460 17.93 21.41 6.95
CA SER A 460 19.35 21.29 6.63
C SER A 460 19.90 19.88 6.86
N SER A 461 19.02 18.88 6.87
CA SER A 461 19.47 17.50 6.90
C SER A 461 20.11 17.13 5.57
N PRO A 462 21.06 16.20 5.56
CA PRO A 462 21.69 15.79 4.29
C PRO A 462 20.68 15.17 3.34
N ILE A 463 20.54 15.78 2.17
CA ILE A 463 19.51 15.42 1.20
C ILE A 463 20.14 15.20 -0.17
N SER A 464 21.39 14.75 -0.21
CA SER A 464 22.09 14.59 -1.48
C SER A 464 21.44 13.51 -2.34
N HIS A 465 21.06 12.38 -1.73
CA HIS A 465 20.53 11.27 -2.51
C HIS A 465 19.14 11.60 -3.07
N PHE A 466 18.29 12.27 -2.29
CA PHE A 466 16.99 12.68 -2.80
C PHE A 466 17.15 13.66 -3.95
N LEU A 467 18.11 14.58 -3.83
CA LEU A 467 18.37 15.53 -4.90
C LEU A 467 18.83 14.83 -6.16
N ASP A 468 19.72 13.85 -6.02
CA ASP A 468 20.16 13.07 -7.17
C ASP A 468 19.00 12.33 -7.83
N LEU A 469 18.13 11.73 -7.01
CA LEU A 469 16.97 11.03 -7.57
C LEU A 469 16.05 12.00 -8.30
N LEU A 470 15.84 13.18 -7.74
CA LEU A 470 14.96 14.15 -8.39
C LEU A 470 15.54 14.59 -9.72
N SER A 471 16.86 14.83 -9.75
CA SER A 471 17.51 15.20 -11.01
C SER A 471 17.41 14.08 -12.03
N ASN A 472 17.53 12.83 -11.58
CA ASN A 472 17.43 11.70 -12.49
C ASN A 472 16.02 11.56 -13.06
N ILE A 473 15.00 11.74 -12.24
CA ILE A 473 13.63 11.53 -12.72
C ILE A 473 13.02 12.75 -13.38
N VAL A 474 13.68 13.91 -13.36
CA VAL A 474 13.26 15.01 -14.21
C VAL A 474 14.06 15.06 -15.52
N MET A 475 14.87 14.03 -15.78
CA MET A 475 15.48 13.93 -17.10
C MET A 475 14.43 13.74 -18.17
N TYR A 476 13.42 12.92 -17.90
CA TYR A 476 12.28 12.72 -18.80
C TYR A 476 11.29 13.85 -18.54
N ALA A 477 11.64 15.03 -19.04
CA ALA A 477 10.83 16.23 -18.80
C ALA A 477 9.39 16.13 -19.30
N PRO A 478 9.10 15.70 -20.55
CA PRO A 478 7.69 15.67 -20.96
C PRO A 478 6.84 14.70 -20.15
N LEU A 479 7.45 13.62 -19.66
CA LEU A 479 6.70 12.63 -18.88
C LEU A 479 6.16 13.25 -17.60
N VAL A 480 6.96 14.11 -16.96
CA VAL A 480 6.50 14.84 -15.78
C VAL A 480 5.39 15.80 -16.16
N LEU A 481 5.54 16.51 -17.29
CA LEU A 481 4.57 17.51 -17.69
C LEU A 481 3.22 16.90 -18.02
N GLN A 482 3.19 15.68 -18.54
CA GLN A 482 1.91 15.02 -18.82
C GLN A 482 1.13 14.78 -17.53
N SER A 483 1.78 14.18 -16.52
CA SER A 483 1.05 13.70 -15.36
C SER A 483 0.97 14.75 -14.25
N CYS A 484 2.11 15.15 -13.70
CA CYS A 484 2.14 16.01 -12.52
C CYS A 484 2.94 17.27 -12.83
N SER A 485 2.27 18.28 -13.38
CA SER A 485 2.88 19.58 -13.65
C SER A 485 2.44 20.61 -12.62
N SER A 486 1.81 20.18 -11.54
CA SER A 486 1.32 21.09 -10.50
C SER A 486 2.23 21.13 -9.28
N LYS A 487 2.77 19.98 -8.87
CA LYS A 487 3.59 19.93 -7.66
C LYS A 487 4.85 20.79 -7.81
N VAL A 488 5.43 20.79 -9.00
CA VAL A 488 6.58 21.64 -9.27
C VAL A 488 6.19 23.12 -9.14
N THR A 489 4.97 23.47 -9.52
CA THR A 489 4.54 24.86 -9.45
C THR A 489 4.49 25.37 -8.01
N GLU A 490 3.80 24.65 -7.12
CA GLU A 490 3.77 25.11 -5.73
C GLU A 490 5.09 24.85 -5.01
N ALA A 491 5.94 23.97 -5.53
CA ALA A 491 7.32 23.96 -5.04
C ALA A 491 8.02 25.26 -5.39
N PHE A 492 7.77 25.78 -6.60
CA PHE A 492 8.35 27.06 -7.00
C PHE A 492 7.79 28.21 -6.15
N ASP A 493 6.50 28.17 -5.83
CA ASP A 493 5.90 29.23 -5.04
C ASP A 493 6.46 29.30 -3.63
N TYR A 494 7.00 28.20 -3.11
CA TYR A 494 7.60 28.18 -1.78
C TYR A 494 9.09 28.49 -1.81
N LEU A 495 9.65 28.73 -2.99
CA LEU A 495 11.11 28.88 -3.13
C LEU A 495 11.65 30.14 -2.48
N SER A 496 10.79 31.09 -2.13
CA SER A 496 11.27 32.33 -1.54
C SER A 496 11.70 32.16 -0.10
N PHE A 497 11.16 31.17 0.60
CA PHE A 497 11.32 31.09 2.05
C PHE A 497 12.59 30.36 2.45
N LEU A 498 13.07 29.42 1.65
CA LEU A 498 14.18 28.56 2.05
C LEU A 498 15.50 29.33 2.09
N PRO A 499 16.49 28.84 2.87
CA PRO A 499 17.80 29.49 2.88
C PRO A 499 18.58 29.33 1.58
N LEU A 500 19.77 29.91 1.54
CA LEU A 500 20.48 30.11 0.28
C LEU A 500 21.00 28.82 -0.31
N GLN A 501 21.53 27.92 0.51
CA GLN A 501 22.15 26.70 -0.02
C GLN A 501 21.12 25.81 -0.70
N THR A 502 20.00 25.56 -0.03
CA THR A 502 19.06 24.58 -0.52
C THR A 502 18.34 25.06 -1.79
N VAL A 503 18.07 26.35 -1.92
CA VAL A 503 17.44 26.84 -3.14
C VAL A 503 18.40 26.71 -4.32
N GLN A 504 19.67 27.02 -4.12
CA GLN A 504 20.65 26.89 -5.19
C GLN A 504 20.79 25.45 -5.63
N ARG A 505 20.91 24.52 -4.66
CA ARG A 505 21.05 23.12 -5.00
C ARG A 505 19.78 22.58 -5.67
N LEU A 506 18.61 22.96 -5.18
CA LEU A 506 17.36 22.47 -5.76
C LEU A 506 17.19 22.97 -7.19
N LEU A 507 17.46 24.25 -7.42
CA LEU A 507 17.32 24.80 -8.76
C LEU A 507 18.33 24.18 -9.73
N LYS A 508 19.56 23.95 -9.27
CA LYS A 508 20.54 23.29 -10.11
C LYS A 508 20.10 21.87 -10.45
N ALA A 509 19.50 21.17 -9.48
CA ALA A 509 19.03 19.81 -9.74
C ALA A 509 17.86 19.80 -10.72
N VAL A 510 16.96 20.77 -10.62
CA VAL A 510 15.74 20.75 -11.42
C VAL A 510 15.93 21.42 -12.79
N GLN A 511 17.06 22.08 -13.03
CA GLN A 511 17.26 22.77 -14.31
C GLN A 511 17.21 21.92 -15.59
N PRO A 512 17.44 20.59 -15.58
CA PRO A 512 17.17 19.85 -16.83
C PRO A 512 15.74 19.94 -17.31
N LEU A 513 14.77 19.95 -16.41
CA LEU A 513 13.39 20.19 -16.83
C LEU A 513 13.20 21.62 -17.31
N LEU A 514 13.94 22.57 -16.73
CA LEU A 514 13.87 23.95 -17.19
C LEU A 514 14.40 24.11 -18.60
N LYS A 515 15.38 23.28 -18.99
CA LYS A 515 16.00 23.44 -20.30
C LYS A 515 15.01 23.20 -21.43
N VAL A 516 14.18 22.17 -21.30
CA VAL A 516 13.21 21.81 -22.33
C VAL A 516 11.81 21.97 -21.74
N SER A 517 11.29 23.20 -21.83
CA SER A 517 9.95 23.61 -21.44
C SER A 517 9.81 25.07 -21.77
N MET A 518 8.58 25.54 -21.78
CA MET A 518 8.35 26.97 -21.92
C MET A 518 7.43 27.52 -20.84
N SER A 519 6.40 26.78 -20.43
CA SER A 519 5.52 27.25 -19.38
C SER A 519 6.25 27.31 -18.04
N MET A 520 7.11 26.32 -17.77
CA MET A 520 7.80 26.27 -16.48
C MET A 520 8.74 27.45 -16.30
N ARG A 521 9.47 27.81 -17.35
CA ARG A 521 10.42 28.93 -17.24
C ARG A 521 9.70 30.24 -16.96
N ASP A 522 8.54 30.45 -17.59
CA ASP A 522 7.80 31.69 -17.34
C ASP A 522 7.23 31.70 -15.93
N CYS A 523 6.79 30.55 -15.42
CA CYS A 523 6.31 30.49 -14.05
C CYS A 523 7.42 30.81 -13.06
N LEU A 524 8.61 30.25 -13.29
CA LEU A 524 9.75 30.57 -12.42
C LEU A 524 10.14 32.04 -12.53
N ILE A 525 10.10 32.59 -13.74
CA ILE A 525 10.42 34.00 -13.93
C ILE A 525 9.45 34.87 -13.16
N LEU A 526 8.15 34.55 -13.22
CA LEU A 526 7.16 35.33 -12.49
C LEU A 526 7.38 35.22 -10.98
N VAL A 527 7.68 34.02 -10.49
CA VAL A 527 7.89 33.83 -9.06
C VAL A 527 9.10 34.63 -8.59
N LEU A 528 10.20 34.56 -9.34
CA LEU A 528 11.41 35.30 -8.97
C LEU A 528 11.18 36.80 -9.04
N ARG A 529 10.43 37.26 -10.05
CA ARG A 529 10.15 38.69 -10.17
C ARG A 529 9.32 39.19 -9.00
N LYS A 530 8.34 38.40 -8.58
CA LYS A 530 7.57 38.79 -7.39
C LYS A 530 8.44 38.76 -6.14
N ALA A 531 9.36 37.79 -6.06
CA ALA A 531 10.23 37.69 -4.89
C ALA A 531 11.20 38.85 -4.80
N MET A 532 11.65 39.38 -5.94
CA MET A 532 12.55 40.54 -5.91
C MET A 532 11.87 41.76 -5.31
N PHE A 533 10.63 42.03 -5.71
CA PHE A 533 9.95 43.23 -5.25
C PHE A 533 9.40 43.10 -3.83
N ALA A 534 9.38 41.89 -3.27
CA ALA A 534 8.94 41.71 -1.90
C ALA A 534 9.94 42.35 -0.95
N ASN A 535 9.43 43.18 -0.04
CA ASN A 535 10.32 43.92 0.85
C ASN A 535 10.98 43.04 1.90
N GLN A 536 10.50 41.82 2.09
CA GLN A 536 11.14 40.91 3.03
C GLN A 536 12.56 40.58 2.57
N LEU A 537 13.54 40.82 3.44
CA LEU A 537 14.90 40.49 3.10
C LEU A 537 15.11 38.98 3.17
N ASP A 538 16.25 38.54 2.63
CA ASP A 538 16.65 37.14 2.42
C ASP A 538 15.81 36.51 1.30
N ALA A 539 14.79 37.22 0.83
CA ALA A 539 14.10 36.81 -0.38
C ALA A 539 14.86 37.24 -1.61
N ARG A 540 15.42 38.45 -1.60
CA ARG A 540 16.29 38.88 -2.69
C ARG A 540 17.56 38.04 -2.74
N LYS A 541 18.03 37.60 -1.57
CA LYS A 541 19.21 36.73 -1.47
C LYS A 541 19.01 35.43 -2.23
N SER A 542 17.77 34.97 -2.37
CA SER A 542 17.46 33.81 -3.18
C SER A 542 16.99 34.16 -4.58
N ALA A 543 16.41 35.34 -4.77
CA ALA A 543 15.98 35.75 -6.09
C ALA A 543 17.16 35.93 -7.03
N VAL A 544 18.23 36.57 -6.56
CA VAL A 544 19.40 36.71 -7.42
C VAL A 544 20.05 35.35 -7.67
N ALA A 545 20.04 34.46 -6.67
CA ALA A 545 20.61 33.14 -6.88
C ALA A 545 19.83 32.35 -7.90
N GLY A 546 18.51 32.53 -7.94
CA GLY A 546 17.73 31.96 -9.02
C GLY A 546 18.02 32.58 -10.37
N PHE A 547 18.17 33.90 -10.41
CA PHE A 547 18.34 34.58 -11.70
C PHE A 547 19.66 34.25 -12.35
N LEU A 548 20.73 34.11 -11.56
CA LEU A 548 22.02 33.75 -12.16
C LEU A 548 21.96 32.39 -12.84
N LEU A 549 21.37 31.40 -12.19
CA LEU A 549 21.23 30.09 -12.84
C LEU A 549 20.33 30.19 -14.05
N LEU A 550 19.22 30.91 -13.93
CA LEU A 550 18.27 31.01 -15.03
C LEU A 550 18.87 31.71 -16.23
N LEU A 551 19.87 32.57 -16.02
CA LEU A 551 20.39 33.39 -17.10
C LEU A 551 21.70 32.86 -17.66
N LYS A 552 22.51 32.16 -16.87
CA LYS A 552 23.80 31.71 -17.37
C LYS A 552 23.72 30.39 -18.13
N ASN A 553 22.54 29.80 -18.26
CA ASN A 553 22.39 28.56 -18.99
C ASN A 553 21.49 28.64 -20.21
N PHE A 554 20.64 29.65 -20.33
CA PHE A 554 19.67 29.73 -21.40
C PHE A 554 19.92 30.99 -22.23
N LYS A 555 20.08 30.80 -23.53
CA LYS A 555 20.33 31.95 -24.41
C LYS A 555 19.06 32.78 -24.59
N VAL A 556 17.92 32.13 -24.79
CA VAL A 556 16.64 32.80 -24.95
C VAL A 556 15.67 32.26 -23.91
N LEU A 557 15.07 33.16 -23.14
CA LEU A 557 14.12 32.80 -22.10
C LEU A 557 12.94 33.76 -22.13
N GLY A 558 11.89 33.41 -21.39
CA GLY A 558 10.66 34.17 -21.41
C GLY A 558 9.71 33.68 -22.49
N SER A 559 8.49 34.20 -22.43
CA SER A 559 7.44 33.78 -23.35
C SER A 559 7.72 34.34 -24.75
N LEU A 560 6.88 33.94 -25.70
CA LEU A 560 7.03 34.34 -27.09
C LEU A 560 6.67 35.81 -27.28
N LEU A 569 -5.25 35.91 -12.06
CA LEU A 569 -6.15 36.29 -13.16
C LEU A 569 -7.60 36.03 -12.78
N SER A 570 -8.49 36.89 -13.26
CA SER A 570 -9.90 36.80 -12.90
C SER A 570 -10.55 35.57 -13.53
N VAL A 571 -11.70 35.19 -12.97
CA VAL A 571 -12.43 34.04 -13.49
C VAL A 571 -12.99 34.36 -14.88
N SER A 572 -13.47 35.58 -15.08
CA SER A 572 -14.08 36.02 -16.34
C SER A 572 -13.08 36.15 -17.48
N GLN A 573 -11.81 35.80 -17.33
CA GLN A 573 -10.82 35.94 -18.39
C GLN A 573 -10.25 34.58 -18.76
N VAL A 574 -9.98 34.38 -20.04
CA VAL A 574 -9.42 33.13 -20.55
C VAL A 574 -8.19 33.48 -21.40
N HIS A 575 -7.09 32.78 -21.15
CA HIS A 575 -5.91 32.91 -21.99
C HIS A 575 -6.18 32.34 -23.37
N VAL A 576 -5.66 33.02 -24.39
CA VAL A 576 -5.75 32.55 -25.77
C VAL A 576 -4.36 32.50 -26.36
N ASP A 577 -4.21 31.75 -27.45
CA ASP A 577 -2.94 31.61 -28.12
C ASP A 577 -2.83 32.68 -29.19
N VAL A 578 -1.73 33.42 -29.18
CA VAL A 578 -1.41 34.39 -30.23
C VAL A 578 -0.21 33.86 -30.98
N HIS A 579 -0.30 33.85 -32.30
CA HIS A 579 0.65 33.13 -33.16
C HIS A 579 1.75 34.04 -33.68
N SER A 580 2.20 34.99 -32.87
CA SER A 580 3.30 35.86 -33.25
C SER A 580 4.62 35.11 -33.06
N HIS A 581 5.39 34.99 -34.13
CA HIS A 581 6.74 34.48 -34.03
C HIS A 581 7.59 35.43 -33.21
N TYR A 582 8.55 34.87 -32.48
CA TYR A 582 9.24 35.63 -31.44
C TYR A 582 10.11 36.73 -32.04
N ASN A 583 10.17 37.86 -31.35
CA ASN A 583 10.97 39.00 -31.77
C ASN A 583 12.28 38.99 -31.00
N SER A 584 13.39 38.85 -31.72
CA SER A 584 14.69 38.70 -31.08
C SER A 584 15.08 39.96 -30.30
N VAL A 585 14.78 41.14 -30.85
CA VAL A 585 15.12 42.38 -30.16
C VAL A 585 14.33 42.52 -28.88
N ALA A 586 13.07 42.07 -28.88
CA ALA A 586 12.28 42.11 -27.65
C ALA A 586 12.89 41.21 -26.58
N ASN A 587 13.36 40.04 -26.96
CA ASN A 587 13.99 39.13 -26.00
C ASN A 587 15.31 39.71 -25.49
N GLU A 588 16.07 40.36 -26.38
CA GLU A 588 17.31 40.99 -25.94
C GLU A 588 17.04 42.13 -24.96
N THR A 589 15.98 42.91 -25.20
CA THR A 589 15.61 43.95 -24.25
C THR A 589 15.12 43.35 -22.93
N PHE A 590 14.44 42.20 -23.00
CA PHE A 590 14.04 41.49 -21.79
C PHE A 590 15.26 41.09 -20.97
N CYS A 591 16.26 40.51 -21.62
CA CYS A 591 17.49 40.13 -20.94
C CYS A 591 18.20 41.36 -20.37
N LEU A 592 18.25 42.44 -21.15
CA LEU A 592 18.95 43.64 -20.68
C LEU A 592 18.27 44.23 -19.45
N GLU A 593 16.93 44.20 -19.41
CA GLU A 593 16.23 44.69 -18.22
C GLU A 593 16.44 43.77 -17.03
N ILE A 594 16.37 42.46 -17.24
CA ILE A 594 16.54 41.53 -16.14
C ILE A 594 17.97 41.56 -15.61
N MET A 595 18.93 42.04 -16.41
CA MET A 595 20.28 42.22 -15.92
C MET A 595 20.47 43.59 -15.28
N ASP A 596 19.75 44.61 -15.75
CA ASP A 596 19.79 45.91 -15.10
C ASP A 596 19.26 45.84 -13.68
N SER A 597 18.26 44.98 -13.46
CA SER A 597 17.78 44.74 -12.09
C SER A 597 18.91 44.26 -11.20
N LEU A 598 19.71 43.31 -11.68
CA LEU A 598 20.87 42.86 -10.92
C LEU A 598 21.91 43.96 -10.76
N ARG A 599 22.05 44.83 -11.77
CA ARG A 599 23.00 45.94 -11.64
C ARG A 599 22.64 46.83 -10.47
N ARG A 600 21.36 47.14 -10.31
CA ARG A 600 20.98 47.95 -9.16
C ARG A 600 20.74 47.10 -7.91
N CYS A 601 20.89 45.79 -8.00
CA CYS A 601 20.90 44.95 -6.81
C CYS A 601 22.24 44.99 -6.07
N LEU A 602 23.22 45.71 -6.59
CA LEU A 602 24.55 45.83 -5.98
C LEU A 602 24.63 46.97 -4.98
N SER A 603 23.70 46.96 -4.02
CA SER A 603 23.80 47.80 -2.83
C SER A 603 23.30 47.02 -1.62
N GLN A 604 23.68 45.76 -1.54
CA GLN A 604 23.17 44.85 -0.53
C GLN A 604 24.32 44.33 0.32
N GLN A 605 24.01 43.34 1.17
CA GLN A 605 25.00 42.72 2.04
C GLN A 605 26.03 41.95 1.21
N ALA A 606 27.08 41.50 1.89
CA ALA A 606 28.25 40.96 1.20
C ALA A 606 27.98 39.64 0.49
N ASP A 607 26.97 38.88 0.90
CA ASP A 607 26.75 37.58 0.28
C ASP A 607 26.15 37.71 -1.12
N VAL A 608 25.21 38.63 -1.30
CA VAL A 608 24.65 38.87 -2.62
C VAL A 608 25.74 39.37 -3.57
N ARG A 609 26.59 40.28 -3.10
CA ARG A 609 27.73 40.73 -3.89
C ARG A 609 28.65 39.58 -4.23
N LEU A 610 28.87 38.67 -3.28
CA LEU A 610 29.70 37.49 -3.52
C LEU A 610 29.16 36.64 -4.67
N MET A 611 27.89 36.24 -4.57
CA MET A 611 27.37 35.33 -5.59
C MET A 611 27.19 36.03 -6.92
N LEU A 612 26.96 37.35 -6.92
CA LEU A 612 26.87 38.08 -8.17
C LEU A 612 28.23 38.15 -8.86
N TYR A 613 29.27 38.48 -8.10
CA TYR A 613 30.62 38.50 -8.64
C TYR A 613 31.04 37.14 -9.15
N GLU A 614 30.59 36.07 -8.49
CA GLU A 614 30.94 34.74 -8.93
C GLU A 614 30.16 34.29 -10.16
N GLY A 615 28.93 34.78 -10.35
CA GLY A 615 28.14 34.33 -11.48
C GLY A 615 28.30 35.14 -12.75
N PHE A 616 28.80 36.38 -12.64
CA PHE A 616 28.90 37.23 -13.82
C PHE A 616 29.85 36.67 -14.87
N TYR A 617 30.88 35.92 -14.46
CA TYR A 617 31.79 35.37 -15.47
C TYR A 617 31.07 34.37 -16.37
N ASP A 618 30.29 33.46 -15.77
CA ASP A 618 29.55 32.51 -16.59
C ASP A 618 28.43 33.20 -17.38
N VAL A 619 27.82 34.23 -16.81
CA VAL A 619 26.81 34.99 -17.55
C VAL A 619 27.42 35.60 -18.81
N LEU A 620 28.61 36.20 -18.67
CA LEU A 620 29.29 36.74 -19.84
C LEU A 620 29.66 35.63 -20.83
N ARG A 621 30.08 34.48 -20.32
CA ARG A 621 30.57 33.42 -21.20
C ARG A 621 29.45 32.81 -22.03
N ARG A 622 28.29 32.59 -21.43
CA ARG A 622 27.27 31.79 -22.10
C ARG A 622 26.27 32.62 -22.91
N ASN A 623 26.17 33.92 -22.64
CA ASN A 623 25.26 34.80 -23.37
C ASN A 623 26.09 35.98 -23.88
N SER A 624 26.63 35.83 -25.09
CA SER A 624 27.61 36.79 -25.61
C SER A 624 27.01 38.15 -25.90
N GLN A 625 25.69 38.26 -26.02
CA GLN A 625 25.08 39.53 -26.39
C GLN A 625 25.22 40.56 -25.28
N LEU A 626 25.18 40.12 -24.02
CA LEU A 626 25.26 41.01 -22.86
C LEU A 626 26.68 41.44 -22.54
N ALA A 627 27.62 41.27 -23.47
CA ALA A 627 29.03 41.54 -23.18
C ALA A 627 29.27 43.01 -22.88
N ASN A 628 28.63 43.90 -23.62
CA ASN A 628 28.96 45.33 -23.52
C ASN A 628 28.18 46.04 -22.43
N SER A 629 27.43 45.32 -21.60
CA SER A 629 26.74 45.91 -20.46
C SER A 629 27.22 45.39 -19.12
N VAL A 630 27.59 44.11 -19.05
CA VAL A 630 28.17 43.58 -17.81
C VAL A 630 29.44 44.33 -17.45
N MET A 631 30.29 44.56 -18.44
CA MET A 631 31.53 45.27 -18.16
C MET A 631 31.30 46.73 -17.80
N GLN A 632 30.26 47.38 -18.36
CA GLN A 632 29.89 48.71 -17.92
C GLN A 632 29.25 48.73 -16.54
N THR A 633 28.81 47.57 -16.04
CA THR A 633 28.47 47.46 -14.63
C THR A 633 29.72 47.36 -13.75
N LEU A 634 30.60 46.41 -14.08
CA LEU A 634 31.78 46.16 -13.24
C LEU A 634 32.70 47.37 -13.19
N LEU A 635 33.03 47.93 -14.36
CA LEU A 635 33.95 49.06 -14.39
C LEU A 635 33.37 50.27 -13.69
N SER A 636 32.06 50.46 -13.77
CA SER A 636 31.43 51.58 -13.08
C SER A 636 31.26 51.33 -11.60
N GLN A 637 31.35 50.08 -11.15
CA GLN A 637 31.34 49.83 -9.70
C GLN A 637 32.73 49.94 -9.10
N LEU A 638 33.75 49.46 -9.81
CA LEU A 638 35.11 49.41 -9.26
C LEU A 638 35.63 50.82 -8.96
N LYS A 639 35.24 51.81 -9.76
CA LYS A 639 35.80 53.15 -9.62
C LYS A 639 35.34 53.85 -8.36
N GLN A 640 34.44 53.24 -7.59
CA GLN A 640 34.12 53.76 -6.26
C GLN A 640 35.28 53.60 -5.27
N PHE A 641 36.22 52.70 -5.55
CA PHE A 641 37.34 52.44 -4.65
C PHE A 641 38.68 52.80 -5.26
N TYR A 642 38.97 52.32 -6.46
CA TYR A 642 40.22 52.67 -7.12
C TYR A 642 40.31 54.17 -7.32
N GLU A 643 41.44 54.74 -6.95
CA GLU A 643 41.56 56.19 -6.86
C GLU A 643 42.57 56.69 -7.89
N PRO A 644 42.13 57.14 -9.06
CA PRO A 644 43.07 57.49 -10.13
C PRO A 644 43.64 58.88 -9.99
N LYS A 645 44.97 58.93 -9.90
CA LYS A 645 45.73 60.17 -9.82
C LYS A 645 47.14 59.86 -10.32
N PRO A 646 47.98 60.88 -10.50
CA PRO A 646 49.40 60.59 -10.74
C PRO A 646 50.03 59.73 -9.66
N ASP A 647 49.95 60.14 -8.40
CA ASP A 647 50.58 59.38 -7.32
C ASP A 647 49.83 59.64 -6.03
N LEU A 648 49.12 58.62 -5.54
CA LEU A 648 48.62 58.56 -4.17
C LEU A 648 48.86 57.13 -3.71
N LEU A 649 49.85 56.95 -2.84
CA LEU A 649 50.54 55.66 -2.70
C LEU A 649 49.66 54.45 -2.39
N PRO A 650 48.63 54.51 -1.53
CA PRO A 650 47.70 53.38 -1.44
C PRO A 650 46.62 53.46 -2.51
N PRO A 651 46.87 52.90 -3.69
CA PRO A 651 45.98 53.20 -4.83
C PRO A 651 44.57 52.69 -4.67
N LEU A 652 44.37 51.56 -4.01
CA LEU A 652 43.04 51.11 -3.63
C LEU A 652 42.66 51.71 -2.28
N LYS A 653 41.42 52.16 -2.16
CA LYS A 653 40.96 52.72 -0.90
C LYS A 653 40.82 51.59 0.12
N LEU A 654 41.49 51.75 1.26
CA LEU A 654 41.52 50.68 2.25
C LEU A 654 40.17 50.53 2.95
N GLU A 655 39.57 51.64 3.38
CA GLU A 655 38.43 51.60 4.30
C GLU A 655 37.08 51.76 3.61
N ALA A 656 37.06 52.07 2.31
CA ALA A 656 35.80 52.37 1.65
C ALA A 656 34.88 51.15 1.55
N CYS A 657 35.39 49.95 1.78
CA CYS A 657 34.58 48.74 1.70
C CYS A 657 34.22 48.18 3.06
N ILE A 658 34.43 48.93 4.13
CA ILE A 658 34.12 48.47 5.48
C ILE A 658 32.98 49.32 6.03
N LEU A 659 32.20 48.73 6.94
CA LEU A 659 31.05 49.39 7.53
C LEU A 659 31.14 49.37 9.04
N THR A 660 30.65 50.43 9.67
CA THR A 660 30.65 50.57 11.13
C THR A 660 29.23 50.97 11.57
N GLN A 661 28.43 49.98 11.94
CA GLN A 661 27.11 50.22 12.53
C GLN A 661 26.94 49.32 13.74
N GLY A 662 26.48 49.90 14.85
CA GLY A 662 26.23 49.14 16.06
C GLY A 662 27.45 48.50 16.68
N ASP A 663 28.65 48.91 16.27
CA ASP A 663 29.91 48.32 16.70
C ASP A 663 29.90 46.80 16.48
N LYS A 664 29.37 46.38 15.34
CA LYS A 664 29.48 45.01 14.85
C LYS A 664 30.07 45.11 13.46
N ILE A 665 31.39 45.16 13.38
CA ILE A 665 32.07 45.49 12.14
C ILE A 665 32.08 44.28 11.21
N SER A 666 31.60 44.47 9.99
CA SER A 666 31.67 43.47 8.95
C SER A 666 31.97 44.15 7.63
N LEU A 667 32.45 43.38 6.66
CA LEU A 667 32.76 43.92 5.36
C LEU A 667 31.55 43.79 4.44
N GLN A 668 31.40 44.76 3.54
CA GLN A 668 30.31 44.76 2.58
C GLN A 668 30.77 44.47 1.17
N GLU A 669 31.87 45.06 0.72
CA GLU A 669 32.35 44.89 -0.64
C GLU A 669 33.57 43.99 -0.66
N PRO A 670 33.46 42.74 -1.08
CA PRO A 670 34.65 41.89 -1.21
C PRO A 670 35.47 42.29 -2.41
N LEU A 671 36.34 43.30 -2.22
CA LEU A 671 37.06 43.91 -3.33
C LEU A 671 37.92 42.89 -4.09
N ASP A 672 38.46 41.91 -3.39
CA ASP A 672 39.28 40.89 -4.06
C ASP A 672 38.45 40.11 -5.08
N TYR A 673 37.25 39.69 -4.69
CA TYR A 673 36.39 38.94 -5.62
C TYR A 673 35.98 39.79 -6.81
N LEU A 674 35.68 41.07 -6.57
CA LEU A 674 35.36 41.98 -7.67
C LEU A 674 36.51 42.08 -8.65
N LEU A 675 37.73 42.26 -8.15
CA LEU A 675 38.85 42.44 -9.05
C LEU A 675 39.16 41.14 -9.79
N CYS A 676 38.98 40.00 -9.13
CA CYS A 676 39.14 38.72 -9.80
C CYS A 676 38.13 38.55 -10.93
N CYS A 677 36.88 38.91 -10.67
CA CYS A 677 35.85 38.77 -11.70
C CYS A 677 36.13 39.66 -12.89
N ILE A 678 36.54 40.91 -12.66
CA ILE A 678 36.83 41.75 -13.82
C ILE A 678 38.08 41.26 -14.53
N GLN A 679 39.01 40.65 -13.80
CA GLN A 679 40.19 40.09 -14.44
C GLN A 679 39.82 38.98 -15.41
N HIS A 680 39.00 38.04 -14.96
CA HIS A 680 38.62 36.94 -15.85
C HIS A 680 37.75 37.44 -17.00
N CYS A 681 36.87 38.41 -16.74
CA CYS A 681 36.05 38.95 -17.81
C CYS A 681 36.90 39.64 -18.87
N LEU A 682 37.89 40.43 -18.46
CA LEU A 682 38.76 41.07 -19.43
C LEU A 682 39.61 40.05 -20.17
N ALA A 683 40.05 39.00 -19.48
CA ALA A 683 40.84 37.97 -20.16
C ALA A 683 40.01 37.30 -21.25
N TRP A 684 38.77 36.96 -20.94
CA TRP A 684 37.92 36.32 -21.95
C TRP A 684 37.57 37.29 -23.07
N TYR A 685 37.40 38.57 -22.75
CA TYR A 685 37.09 39.55 -23.78
C TYR A 685 38.26 39.74 -24.74
N LYS A 686 39.46 39.94 -24.19
CA LYS A 686 40.61 40.27 -25.04
C LYS A 686 41.12 39.05 -25.78
N ASN A 687 41.17 37.89 -25.13
CA ASN A 687 41.85 36.75 -25.73
C ASN A 687 41.03 36.11 -26.84
N THR A 688 39.72 36.00 -26.67
CA THR A 688 38.92 35.12 -27.51
C THR A 688 37.92 35.87 -28.39
N VAL A 689 37.04 36.67 -27.81
CA VAL A 689 35.83 37.11 -28.50
C VAL A 689 36.00 38.48 -29.16
N ILE A 690 37.23 38.94 -29.34
CA ILE A 690 37.45 40.14 -30.16
C ILE A 690 37.06 39.91 -31.61
N PRO A 691 37.49 38.82 -32.30
CA PRO A 691 36.93 38.69 -33.65
C PRO A 691 35.61 37.94 -33.68
N ALA A 704 36.63 51.87 -26.50
CA ALA A 704 37.96 51.73 -25.93
C ALA A 704 37.89 51.52 -24.43
N PHE A 705 36.73 51.06 -23.95
CA PHE A 705 36.58 50.77 -22.53
C PHE A 705 37.46 49.59 -22.11
N TYR A 706 37.56 48.56 -22.96
CA TYR A 706 38.45 47.46 -22.63
C TYR A 706 39.90 47.82 -22.86
N GLU A 707 40.17 48.97 -23.49
CA GLU A 707 41.52 49.51 -23.54
C GLU A 707 41.82 50.35 -22.30
N ASP A 708 40.81 51.00 -21.73
CA ASP A 708 41.02 51.77 -20.50
C ASP A 708 41.10 50.87 -19.27
N LEU A 709 40.36 49.76 -19.26
CA LEU A 709 40.27 48.95 -18.05
C LEU A 709 41.61 48.29 -17.72
N ASP A 710 42.31 47.78 -18.74
CA ASP A 710 43.59 47.17 -18.47
C ASP A 710 44.63 48.21 -18.06
N ASP A 711 44.50 49.44 -18.54
CA ASP A 711 45.38 50.51 -18.08
C ASP A 711 45.10 50.81 -16.61
N ILE A 712 43.82 50.77 -16.21
CA ILE A 712 43.49 50.93 -14.80
C ILE A 712 44.13 49.81 -13.98
N LEU A 713 44.05 48.58 -14.47
CA LEU A 713 44.68 47.46 -13.75
C LEU A 713 46.18 47.64 -13.62
N GLU A 714 46.83 48.07 -14.70
CA GLU A 714 48.26 48.33 -14.68
C GLU A 714 48.63 49.44 -13.72
N SER A 715 47.82 50.49 -13.62
CA SER A 715 48.09 51.53 -12.64
C SER A 715 47.71 51.11 -11.23
N ILE A 716 46.99 50.01 -11.07
CA ILE A 716 46.86 49.41 -9.74
C ILE A 716 48.13 48.65 -9.38
N THR A 717 48.66 47.85 -10.30
CA THR A 717 49.88 47.08 -10.00
C THR A 717 51.05 48.00 -9.71
N ASN A 718 51.30 48.96 -10.59
CA ASN A 718 52.52 49.74 -10.52
C ASN A 718 52.54 50.69 -9.34
N ARG A 719 51.41 50.89 -8.66
CA ARG A 719 51.38 51.65 -7.41
C ARG A 719 50.98 50.80 -6.21
N MET A 720 50.73 49.51 -6.41
CA MET A 720 50.60 48.61 -5.28
C MET A 720 51.91 47.93 -4.92
N ILE A 721 52.77 47.64 -5.90
CA ILE A 721 54.08 47.10 -5.54
C ILE A 721 54.96 48.17 -4.90
N LYS A 722 54.62 49.44 -5.08
CA LYS A 722 55.39 50.54 -4.50
C LYS A 722 54.80 51.00 -3.17
N SER A 723 53.71 50.38 -2.72
CA SER A 723 53.18 50.67 -1.40
C SER A 723 54.21 50.34 -0.32
N GLU A 724 54.40 51.28 0.60
CA GLU A 724 55.29 51.06 1.72
C GLU A 724 54.71 50.06 2.73
N LEU A 725 53.42 49.75 2.61
CA LEU A 725 52.59 48.96 3.53
C LEU A 725 52.37 49.71 4.83
N GLU A 726 53.01 50.86 5.03
CA GLU A 726 52.61 51.83 6.03
C GLU A 726 51.59 52.81 5.49
N ASP A 727 51.46 52.92 4.17
CA ASP A 727 50.40 53.73 3.57
C ASP A 727 49.08 53.00 3.54
N PHE A 728 49.06 51.72 3.92
CA PHE A 728 47.84 51.05 4.33
C PHE A 728 47.66 51.13 5.83
N GLU A 729 48.59 51.77 6.54
CA GLU A 729 48.61 51.91 7.99
C GLU A 729 48.63 50.56 8.70
N LEU A 730 49.13 49.54 8.03
CA LEU A 730 49.30 48.20 8.60
C LEU A 730 50.78 47.80 8.66
N ASP A 731 51.67 48.80 8.77
CA ASP A 731 53.11 48.59 8.71
C ASP A 731 53.58 47.60 9.77
N LYS A 732 53.46 47.99 11.03
CA LYS A 732 53.80 47.11 12.13
C LYS A 732 52.55 46.38 12.62
N SER A 733 52.76 45.41 13.50
CA SER A 733 51.67 44.62 14.05
C SER A 733 50.91 45.50 15.04
N ALA A 734 50.07 46.37 14.49
CA ALA A 734 49.42 47.41 15.27
C ALA A 734 48.48 46.85 16.33
N ASP A 735 47.36 46.27 15.91
CA ASP A 735 46.47 45.61 16.85
C ASP A 735 46.23 44.15 16.49
N PHE A 736 45.68 43.87 15.32
CA PHE A 736 45.48 42.54 14.75
C PHE A 736 44.74 41.58 15.69
N SER A 737 44.07 42.09 16.73
CA SER A 737 43.41 41.22 17.68
C SER A 737 42.12 40.65 17.11
N GLN A 738 41.62 39.61 17.75
CA GLN A 738 40.39 38.95 17.34
C GLN A 738 39.22 39.25 18.26
N SER A 739 39.37 40.18 19.18
CA SER A 739 38.32 40.47 20.15
C SER A 739 37.94 41.94 20.21
N THR A 740 38.90 42.85 20.06
CA THR A 740 38.64 44.27 20.26
C THR A 740 37.87 44.85 19.06
N SER A 741 37.69 46.17 19.09
CA SER A 741 36.93 46.82 18.03
C SER A 741 37.79 47.03 16.79
N ILE A 742 38.90 47.77 16.93
CA ILE A 742 39.75 48.04 15.79
C ILE A 742 40.43 46.77 15.32
N GLY A 743 40.60 45.78 16.21
CA GLY A 743 41.36 44.60 15.85
C GLY A 743 40.71 43.77 14.77
N ILE A 744 39.41 43.51 14.90
CA ILE A 744 38.73 42.66 13.93
C ILE A 744 38.67 43.35 12.57
N LYS A 745 38.42 44.66 12.55
CA LYS A 745 38.42 45.40 11.30
C LYS A 745 39.80 45.39 10.67
N ASN A 746 40.84 45.53 11.48
CA ASN A 746 42.20 45.55 10.93
C ASN A 746 42.59 44.17 10.42
N ASN A 747 42.01 43.11 11.00
CA ASN A 747 42.24 41.77 10.48
C ASN A 747 41.53 41.59 9.14
N ILE A 748 40.27 42.01 9.05
CA ILE A 748 39.51 41.86 7.81
C ILE A 748 40.13 42.70 6.69
N CYS A 749 40.68 43.86 7.03
CA CYS A 749 41.32 44.73 6.05
C CYS A 749 42.73 44.25 5.68
N ALA A 750 43.05 43.00 5.96
CA ALA A 750 44.26 42.36 5.45
C ALA A 750 43.96 41.27 4.44
N PHE A 751 42.88 40.52 4.62
CA PHE A 751 42.51 39.51 3.62
C PHE A 751 42.15 40.16 2.29
N LEU A 752 41.64 41.39 2.30
CA LEU A 752 41.33 42.06 1.05
C LEU A 752 42.60 42.32 0.24
N VAL A 753 43.64 42.89 0.87
CA VAL A 753 44.88 43.10 0.15
C VAL A 753 45.60 41.80 -0.17
N MET A 754 45.38 40.76 0.64
CA MET A 754 45.94 39.44 0.34
C MET A 754 45.35 38.88 -0.96
N GLY A 755 44.02 38.88 -1.06
CA GLY A 755 43.39 38.41 -2.27
C GLY A 755 43.68 39.30 -3.48
N VAL A 756 43.80 40.61 -3.26
CA VAL A 756 44.17 41.50 -4.35
C VAL A 756 45.56 41.18 -4.87
N CYS A 757 46.49 40.90 -3.96
CA CYS A 757 47.84 40.52 -4.38
C CYS A 757 47.83 39.21 -5.17
N GLU A 758 47.04 38.22 -4.72
CA GLU A 758 46.96 36.95 -5.45
C GLU A 758 46.42 37.15 -6.86
N VAL A 759 45.30 37.87 -6.97
CA VAL A 759 44.67 38.06 -8.28
C VAL A 759 45.58 38.89 -9.18
N LEU A 760 46.29 39.85 -8.60
CA LEU A 760 47.17 40.69 -9.40
C LEU A 760 48.37 39.90 -9.90
N ILE A 761 48.86 38.95 -9.10
CA ILE A 761 49.86 37.99 -9.58
C ILE A 761 49.32 37.24 -10.80
N GLU A 762 48.09 36.74 -10.68
CA GLU A 762 47.51 35.96 -11.77
C GLU A 762 47.39 36.78 -13.05
N TYR A 763 47.00 38.05 -12.93
CA TYR A 763 46.87 38.87 -14.12
C TYR A 763 48.23 39.24 -14.70
N ASN A 764 49.15 39.64 -13.84
CA ASN A 764 50.44 40.12 -14.31
C ASN A 764 51.29 39.00 -14.88
N PHE A 765 50.94 37.74 -14.65
CA PHE A 765 51.54 36.67 -15.44
C PHE A 765 51.18 36.80 -16.92
N SER A 766 49.92 37.10 -17.22
CA SER A 766 49.40 36.99 -18.57
C SER A 766 49.20 38.33 -19.28
N ILE A 767 49.54 39.45 -18.63
CA ILE A 767 49.45 40.73 -19.33
C ILE A 767 50.38 40.75 -20.54
N SER A 768 51.60 40.28 -20.37
CA SER A 768 52.54 40.06 -21.46
C SER A 768 52.97 38.60 -21.45
N SER A 769 53.43 38.12 -22.60
CA SER A 769 53.78 36.71 -22.74
C SER A 769 54.91 36.33 -21.79
N PHE A 770 56.11 36.86 -22.03
CA PHE A 770 57.28 36.49 -21.23
C PHE A 770 58.31 37.61 -21.32
N SER A 771 58.47 38.35 -20.23
CA SER A 771 59.50 39.36 -20.14
C SER A 771 59.91 39.50 -18.67
N LYS A 772 61.12 39.99 -18.45
CA LYS A 772 61.63 40.04 -17.09
C LYS A 772 61.00 41.13 -16.26
N ASN A 773 60.46 42.19 -16.87
CA ASN A 773 59.91 43.30 -16.10
C ASN A 773 58.66 42.88 -15.35
N ARG A 774 57.73 42.21 -16.04
CA ARG A 774 56.55 41.68 -15.37
C ARG A 774 56.94 40.68 -14.29
N PHE A 775 58.07 40.00 -14.46
CA PHE A 775 58.46 39.01 -13.46
C PHE A 775 59.09 39.64 -12.24
N GLU A 776 59.85 40.72 -12.41
CA GLU A 776 60.25 41.52 -11.24
C GLU A 776 59.01 42.01 -10.50
N ASP A 777 58.01 42.47 -11.27
CA ASP A 777 56.77 42.96 -10.67
C ASP A 777 56.09 41.87 -9.84
N ILE A 778 55.88 40.69 -10.43
CA ILE A 778 55.13 39.65 -9.76
C ILE A 778 55.91 39.10 -8.57
N LEU A 779 57.23 39.02 -8.68
CA LEU A 779 58.02 38.51 -7.56
C LEU A 779 58.02 39.50 -6.39
N SER A 780 58.17 40.79 -6.67
CA SER A 780 58.13 41.78 -5.60
C SER A 780 56.75 41.82 -4.96
N LEU A 781 55.70 41.67 -5.77
CA LEU A 781 54.35 41.67 -5.21
C LEU A 781 54.10 40.43 -4.37
N PHE A 782 54.67 39.29 -4.76
CA PHE A 782 54.58 38.12 -3.89
C PHE A 782 55.36 38.33 -2.60
N MET A 783 56.47 39.07 -2.65
CA MET A 783 57.18 39.39 -1.42
C MET A 783 56.30 40.22 -0.48
N CYS A 784 55.60 41.21 -1.04
CA CYS A 784 54.67 41.99 -0.24
C CYS A 784 53.47 41.17 0.22
N TYR A 785 53.12 40.09 -0.47
CA TYR A 785 52.11 39.17 0.05
C TYR A 785 52.67 38.37 1.22
N LYS A 786 53.89 37.85 1.07
CA LYS A 786 54.43 36.89 2.02
C LYS A 786 54.77 37.55 3.34
N LYS A 787 55.23 38.80 3.29
CA LYS A 787 55.48 39.54 4.52
C LYS A 787 54.20 39.67 5.35
N LEU A 788 53.10 40.02 4.68
CA LEU A 788 51.82 40.13 5.36
C LEU A 788 51.35 38.79 5.89
N SER A 789 51.53 37.72 5.10
CA SER A 789 51.08 36.41 5.55
C SER A 789 51.89 35.95 6.76
N ASP A 790 53.19 36.24 6.79
CA ASP A 790 54.00 35.92 7.94
C ASP A 790 53.55 36.70 9.17
N ILE A 791 53.27 38.00 9.01
CA ILE A 791 52.83 38.80 10.15
C ILE A 791 51.51 38.27 10.69
N LEU A 792 50.57 37.98 9.80
CA LEU A 792 49.22 37.60 10.25
C LEU A 792 49.17 36.17 10.76
N ASN A 793 50.02 35.28 10.26
CA ASN A 793 49.88 33.86 10.59
C ASN A 793 50.34 33.57 12.01
N GLU A 794 51.46 34.15 12.43
CA GLU A 794 52.05 33.78 13.71
C GLU A 794 51.23 34.29 14.90
N LYS A 795 50.54 35.42 14.73
CA LYS A 795 49.85 36.05 15.86
C LYS A 795 48.70 35.19 16.36
N ALA A 796 47.82 34.76 15.46
CA ALA A 796 46.68 33.94 15.86
C ALA A 796 47.10 32.51 16.16
N THR A 807 43.65 29.09 7.24
CA THR A 807 43.00 30.37 6.99
C THR A 807 42.04 30.28 5.82
N SER A 808 42.01 31.31 4.98
CA SER A 808 41.15 31.34 3.83
C SER A 808 41.77 30.58 2.66
N ASP A 809 40.95 30.35 1.63
CA ASP A 809 41.43 29.71 0.42
C ASP A 809 42.13 30.72 -0.49
N SER A 810 42.77 30.21 -1.53
CA SER A 810 43.48 31.07 -2.47
C SER A 810 42.57 31.45 -3.63
N LEU A 811 43.01 32.45 -4.38
CA LEU A 811 42.21 33.01 -5.46
C LEU A 811 42.75 32.67 -6.85
N LEU A 812 43.84 31.94 -6.93
CA LEU A 812 44.39 31.55 -8.22
C LEU A 812 43.43 30.57 -8.90
N SER A 813 43.13 30.82 -10.16
CA SER A 813 42.27 29.92 -10.92
C SER A 813 43.00 28.59 -11.17
N MET A 814 42.22 27.53 -11.27
CA MET A 814 42.77 26.18 -11.35
C MET A 814 43.65 26.02 -12.59
N LYS A 815 43.15 26.48 -13.75
CA LYS A 815 43.93 26.39 -14.98
C LYS A 815 45.20 27.22 -14.87
N PHE A 816 45.14 28.35 -14.18
CA PHE A 816 46.35 29.13 -13.97
C PHE A 816 47.34 28.41 -13.06
N VAL A 817 46.85 27.66 -12.07
CA VAL A 817 47.75 26.90 -11.21
C VAL A 817 48.49 25.85 -12.03
N SER A 818 47.76 25.15 -12.89
CA SER A 818 48.41 24.16 -13.76
C SER A 818 49.39 24.83 -14.71
N SER A 819 49.00 25.95 -15.31
CA SER A 819 49.87 26.62 -16.26
C SER A 819 51.03 27.35 -15.59
N LEU A 820 51.00 27.48 -14.27
CA LEU A 820 52.17 27.97 -13.57
C LEU A 820 53.12 26.84 -13.24
N LEU A 821 52.59 25.73 -12.73
CA LEU A 821 53.44 24.60 -12.37
C LEU A 821 54.14 24.03 -13.61
N THR A 822 53.38 23.78 -14.68
CA THR A 822 53.96 23.20 -15.89
C THR A 822 55.01 24.14 -16.49
N ALA A 823 54.72 25.43 -16.54
CA ALA A 823 55.67 26.38 -17.09
C ALA A 823 56.84 26.65 -16.17
N LEU A 824 56.76 26.27 -14.90
CA LEU A 824 57.83 26.55 -13.97
C LEU A 824 58.80 25.39 -13.82
N PHE A 825 58.30 24.16 -13.73
CA PHE A 825 59.19 23.00 -13.59
C PHE A 825 59.61 22.42 -14.94
N ARG A 826 58.64 22.01 -15.75
CA ARG A 826 58.93 21.12 -16.88
C ARG A 826 59.59 21.85 -18.05
N ASP A 827 58.93 22.88 -18.57
CA ASP A 827 59.35 23.48 -19.84
C ASP A 827 60.73 24.14 -19.73
N SER A 828 61.53 23.97 -20.78
CA SER A 828 62.91 24.43 -20.79
C SER A 828 63.27 25.06 -22.12
N ILE A 829 62.41 25.91 -22.65
CA ILE A 829 62.71 26.66 -23.87
C ILE A 829 63.63 27.82 -23.51
N GLN A 830 64.67 28.02 -24.33
CA GLN A 830 65.76 28.93 -23.98
C GLN A 830 65.34 30.40 -24.00
N SER A 831 64.28 30.76 -24.73
CA SER A 831 63.86 32.15 -24.76
C SER A 831 63.32 32.61 -23.40
N HIS A 832 62.58 31.72 -22.73
CA HIS A 832 61.99 32.07 -21.44
C HIS A 832 63.02 32.16 -20.33
N GLN A 833 64.17 31.49 -20.48
CA GLN A 833 65.02 31.17 -19.34
C GLN A 833 65.54 32.41 -18.64
N GLU A 834 65.86 33.46 -19.41
CA GLU A 834 66.39 34.68 -18.80
C GLU A 834 65.42 35.29 -17.80
N SER A 835 64.16 35.43 -18.22
CA SER A 835 63.15 35.98 -17.32
C SER A 835 62.78 35.00 -16.22
N LEU A 836 62.56 33.73 -16.58
CA LEU A 836 62.08 32.74 -15.63
C LEU A 836 63.13 32.34 -14.61
N SER A 837 64.40 32.69 -14.82
CA SER A 837 65.40 32.45 -13.79
C SER A 837 65.14 33.30 -12.55
N VAL A 838 64.56 34.49 -12.74
CA VAL A 838 64.22 35.34 -11.59
C VAL A 838 63.16 34.68 -10.74
N LEU A 839 62.09 34.20 -11.37
CA LEU A 839 61.02 33.56 -10.61
C LEU A 839 61.43 32.19 -10.08
N ARG A 840 62.39 31.52 -10.72
CA ARG A 840 62.82 30.23 -10.24
C ARG A 840 63.73 30.32 -9.03
N SER A 841 64.42 31.44 -8.84
CA SER A 841 65.38 31.55 -7.75
C SER A 841 64.71 31.81 -6.40
N SER A 842 63.42 32.15 -6.38
CA SER A 842 62.70 32.36 -5.13
C SER A 842 62.24 31.01 -4.62
N ASN A 843 62.92 30.49 -3.60
CA ASN A 843 62.58 29.17 -3.07
C ASN A 843 61.19 29.16 -2.44
N GLU A 844 60.82 30.24 -1.76
CA GLU A 844 59.52 30.32 -1.12
C GLU A 844 58.39 30.29 -2.13
N PHE A 845 58.64 30.81 -3.33
CA PHE A 845 57.60 30.83 -4.36
C PHE A 845 57.23 29.42 -4.79
N MET A 846 58.22 28.52 -4.86
CA MET A 846 57.96 27.13 -5.19
C MET A 846 57.00 26.52 -4.19
N ARG A 847 57.28 26.71 -2.91
CA ARG A 847 56.44 26.15 -1.85
C ARG A 847 55.05 26.74 -1.91
N TYR A 848 54.95 28.04 -2.20
CA TYR A 848 53.64 28.67 -2.32
C TYR A 848 52.83 28.06 -3.45
N ALA A 849 53.46 27.86 -4.62
CA ALA A 849 52.74 27.33 -5.77
C ALA A 849 52.26 25.91 -5.50
N VAL A 850 53.15 25.05 -4.99
CA VAL A 850 52.74 23.68 -4.75
C VAL A 850 51.70 23.62 -3.63
N ASN A 851 51.78 24.53 -2.66
CA ASN A 851 50.77 24.57 -1.61
C ASN A 851 49.41 24.96 -2.18
N VAL A 852 49.38 25.88 -3.13
CA VAL A 852 48.10 26.25 -3.73
C VAL A 852 47.53 25.10 -4.53
N ALA A 853 48.38 24.39 -5.27
CA ALA A 853 47.90 23.22 -6.01
C ALA A 853 47.37 22.15 -5.07
N LEU A 854 48.06 21.94 -3.95
CA LEU A 854 47.61 20.98 -2.95
C LEU A 854 46.29 21.41 -2.33
N GLN A 855 46.12 22.71 -2.11
CA GLN A 855 44.85 23.22 -1.59
C GLN A 855 43.71 22.94 -2.55
N LYS A 856 43.93 23.15 -3.84
CA LYS A 856 42.91 22.85 -4.83
C LYS A 856 42.56 21.37 -4.83
N VAL A 857 43.57 20.51 -4.74
CA VAL A 857 43.33 19.07 -4.69
C VAL A 857 42.53 18.71 -3.46
N GLN A 858 42.85 19.33 -2.32
CA GLN A 858 42.12 19.06 -1.08
C GLN A 858 40.66 19.49 -1.20
N GLN A 859 40.41 20.66 -1.79
CA GLN A 859 39.04 21.11 -1.99
C GLN A 859 38.27 20.16 -2.89
N LEU A 860 38.93 19.63 -3.91
CA LEU A 860 38.27 18.62 -4.74
C LEU A 860 37.99 17.35 -3.94
N LYS A 861 38.89 16.98 -3.04
CA LYS A 861 38.70 15.77 -2.26
C LYS A 861 37.49 15.89 -1.33
N GLU A 862 37.33 17.04 -0.69
CA GLU A 862 36.19 17.21 0.22
C GLU A 862 34.88 17.23 -0.55
N THR A 863 34.77 18.06 -1.59
CA THR A 863 33.56 18.19 -2.37
C THR A 863 33.93 18.27 -3.85
N GLY A 864 32.98 17.88 -4.70
CA GLY A 864 33.26 17.73 -6.12
C GLY A 864 33.41 19.00 -6.92
N HIS A 865 33.65 20.13 -6.27
CA HIS A 865 33.82 21.40 -6.96
C HIS A 865 35.04 22.12 -6.42
N VAL A 866 35.89 22.62 -7.32
CA VAL A 866 36.99 23.49 -6.93
C VAL A 866 36.44 24.91 -6.81
N SER A 867 37.25 25.81 -6.26
CA SER A 867 36.77 27.14 -5.91
C SER A 867 36.49 27.99 -7.15
N GLY A 868 37.50 28.19 -7.99
CA GLY A 868 37.43 29.16 -9.06
C GLY A 868 36.54 28.79 -10.21
N PRO A 869 36.76 29.43 -11.36
CA PRO A 869 35.93 29.15 -12.54
C PRO A 869 36.12 27.72 -13.04
N ASP A 870 35.10 27.25 -13.78
CA ASP A 870 34.94 25.86 -14.17
C ASP A 870 34.88 24.93 -12.98
N GLY A 871 34.45 25.45 -11.83
CA GLY A 871 34.40 24.64 -10.62
C GLY A 871 33.38 23.54 -10.70
N GLN A 872 32.24 23.81 -11.34
CA GLN A 872 31.18 22.83 -11.43
C GLN A 872 31.26 21.97 -12.68
N ASN A 873 32.20 22.25 -13.58
CA ASN A 873 32.36 21.44 -14.79
C ASN A 873 33.38 20.35 -14.51
N PRO A 874 32.98 19.07 -14.47
CA PRO A 874 33.92 18.04 -14.01
C PRO A 874 35.03 17.75 -15.00
N GLU A 875 34.74 17.78 -16.31
CA GLU A 875 35.73 17.41 -17.30
C GLU A 875 36.92 18.36 -17.30
N LYS A 876 36.68 19.66 -17.10
CA LYS A 876 37.78 20.60 -17.05
C LYS A 876 38.68 20.34 -15.85
N ILE A 877 38.09 20.04 -14.70
CA ILE A 877 38.88 19.69 -13.51
C ILE A 877 39.70 18.44 -13.77
N PHE A 878 39.10 17.43 -14.41
CA PHE A 878 39.84 16.20 -14.69
C PHE A 878 41.00 16.46 -15.64
N GLN A 879 40.77 17.26 -16.68
CA GLN A 879 41.83 17.54 -17.64
C GLN A 879 42.95 18.31 -16.98
N ASN A 880 42.63 19.24 -16.08
CA ASN A 880 43.66 20.01 -15.41
C ASN A 880 44.43 19.16 -14.40
N LEU A 881 43.71 18.30 -13.67
CA LEU A 881 44.33 17.42 -12.71
C LEU A 881 45.28 16.44 -13.37
N CYS A 882 44.98 16.01 -14.59
CA CYS A 882 45.89 15.16 -15.33
C CYS A 882 47.25 15.83 -15.51
N ASP A 883 47.26 17.09 -15.91
CA ASP A 883 48.51 17.81 -16.11
C ASP A 883 49.23 18.07 -14.79
N ILE A 884 48.46 18.33 -13.72
CA ILE A 884 49.08 18.53 -12.42
C ILE A 884 49.79 17.25 -11.97
N THR A 885 49.15 16.09 -12.14
CA THR A 885 49.81 14.83 -11.83
C THR A 885 51.03 14.62 -12.70
N ARG A 886 50.91 14.91 -13.99
CA ARG A 886 52.00 14.66 -14.93
C ARG A 886 53.22 15.51 -14.61
N VAL A 887 53.04 16.70 -14.05
CA VAL A 887 54.20 17.52 -13.70
C VAL A 887 54.72 17.24 -12.30
N LEU A 888 53.85 16.93 -11.34
CA LEU A 888 54.33 16.60 -10.00
C LEU A 888 55.09 15.29 -9.99
N LEU A 889 54.64 14.30 -10.77
CA LEU A 889 55.36 13.04 -10.90
C LEU A 889 56.76 13.27 -11.42
N TRP A 890 56.90 14.12 -12.45
CA TRP A 890 58.23 14.43 -12.96
C TRP A 890 59.08 15.11 -11.91
N ARG A 891 58.51 16.07 -11.17
CA ARG A 891 59.31 16.79 -10.19
C ARG A 891 59.85 15.84 -9.13
N TYR A 892 59.01 14.94 -8.61
CA TYR A 892 59.50 14.02 -7.60
C TYR A 892 60.50 13.02 -8.17
N THR A 893 60.17 12.41 -9.31
CA THR A 893 60.95 11.27 -9.80
C THR A 893 62.28 11.71 -10.38
N SER A 894 62.31 12.83 -11.10
CA SER A 894 63.50 13.19 -11.85
C SER A 894 64.64 13.63 -10.93
N ILE A 895 64.32 14.32 -9.83
CA ILE A 895 65.38 14.94 -9.04
C ILE A 895 65.24 14.62 -7.54
N PRO A 896 65.49 13.37 -7.11
CA PRO A 896 65.71 13.12 -5.66
C PRO A 896 67.19 13.17 -5.30
N THR A 897 67.77 14.37 -5.32
CA THR A 897 69.22 14.49 -5.11
C THR A 897 69.61 14.18 -3.68
N SER A 898 69.12 14.97 -2.72
CA SER A 898 69.51 14.86 -1.32
C SER A 898 68.28 14.73 -0.44
N VAL A 899 67.34 13.88 -0.86
CA VAL A 899 66.10 13.70 -0.12
C VAL A 899 65.77 12.22 0.01
N GLY A 908 61.40 24.64 6.57
CA GLY A 908 60.38 23.64 6.79
C GLY A 908 60.57 22.39 5.97
N LYS A 909 59.47 21.76 5.57
CA LYS A 909 59.53 20.56 4.76
C LYS A 909 60.11 20.88 3.38
N SER A 910 60.82 19.91 2.81
CA SER A 910 61.36 20.07 1.47
C SER A 910 60.25 20.01 0.44
N ILE A 911 60.57 20.50 -0.77
CA ILE A 911 59.59 20.54 -1.84
C ILE A 911 59.16 19.14 -2.24
N SER A 912 60.12 18.19 -2.24
CA SER A 912 59.83 16.83 -2.71
C SER A 912 58.77 16.16 -1.85
N LEU A 913 58.82 16.36 -0.54
CA LEU A 913 57.81 15.78 0.33
C LEU A 913 56.44 16.37 0.04
N LEU A 914 56.37 17.68 -0.23
CA LEU A 914 55.10 18.30 -0.59
C LEU A 914 54.56 17.72 -1.89
N CYS A 915 55.44 17.50 -2.87
CA CYS A 915 55.01 16.88 -4.12
C CYS A 915 54.47 15.48 -3.87
N LEU A 916 55.16 14.70 -3.03
CA LEU A 916 54.71 13.34 -2.78
C LEU A 916 53.39 13.32 -2.04
N GLU A 917 53.19 14.27 -1.13
CA GLU A 917 51.90 14.39 -0.45
C GLU A 917 50.80 14.76 -1.43
N GLY A 918 51.11 15.62 -2.40
CA GLY A 918 50.15 15.93 -3.45
C GLY A 918 49.76 14.70 -4.24
N LEU A 919 50.74 13.86 -4.58
CA LEU A 919 50.44 12.60 -5.27
C LEU A 919 49.53 11.73 -4.42
N GLN A 920 49.84 11.65 -3.12
CA GLN A 920 49.04 10.83 -2.21
C GLN A 920 47.59 11.27 -2.17
N LYS A 921 47.37 12.58 -2.11
CA LYS A 921 46.00 13.08 -2.12
C LYS A 921 45.33 12.82 -3.47
N ILE A 922 46.07 13.02 -4.56
CA ILE A 922 45.43 13.11 -5.86
C ILE A 922 45.09 11.73 -6.41
N PHE A 923 45.86 10.69 -6.07
CA PHE A 923 45.48 9.34 -6.49
C PHE A 923 44.19 8.91 -5.82
N SER A 924 44.04 9.20 -4.52
CA SER A 924 42.81 8.88 -3.82
C SER A 924 41.64 9.67 -4.39
N ALA A 925 41.87 10.94 -4.75
CA ALA A 925 40.82 11.72 -5.36
C ALA A 925 40.37 11.12 -6.69
N VAL A 926 41.33 10.67 -7.50
CA VAL A 926 41.00 10.05 -8.79
C VAL A 926 40.18 8.79 -8.58
N GLN A 927 40.62 7.94 -7.66
CA GLN A 927 39.89 6.69 -7.43
C GLN A 927 38.50 6.95 -6.85
N GLN A 928 38.34 7.99 -6.04
CA GLN A 928 37.05 8.23 -5.41
C GLN A 928 36.05 8.84 -6.39
N PHE A 929 36.47 9.81 -7.19
CA PHE A 929 35.51 10.57 -8.00
C PHE A 929 35.53 10.17 -9.47
N TYR A 930 36.68 10.25 -10.14
CA TYR A 930 36.74 9.96 -11.57
C TYR A 930 36.99 8.47 -11.79
N GLN A 931 35.96 7.69 -11.46
CA GLN A 931 36.04 6.24 -11.51
C GLN A 931 36.08 5.67 -12.93
N PRO A 932 35.18 6.07 -13.85
CA PRO A 932 35.25 5.48 -15.21
C PRO A 932 36.42 5.96 -16.04
N LYS A 933 37.14 7.00 -15.60
CA LYS A 933 38.20 7.59 -16.40
C LYS A 933 39.59 7.21 -15.93
N ILE A 934 39.71 6.13 -15.17
CA ILE A 934 41.03 5.69 -14.70
C ILE A 934 41.90 5.27 -15.87
N GLN A 935 41.31 4.57 -16.85
CA GLN A 935 42.06 4.19 -18.04
C GLN A 935 42.57 5.40 -18.80
N GLN A 936 41.72 6.42 -18.95
CA GLN A 936 42.14 7.63 -19.64
C GLN A 936 43.22 8.36 -18.86
N PHE A 937 43.10 8.38 -17.53
CA PHE A 937 44.12 8.98 -16.68
C PHE A 937 45.46 8.30 -16.86
N LEU A 938 45.46 6.96 -16.87
CA LEU A 938 46.72 6.24 -17.04
C LEU A 938 47.23 6.34 -18.47
N ARG A 939 46.35 6.59 -19.43
CA ARG A 939 46.78 6.85 -20.79
C ARG A 939 47.42 8.23 -20.91
N ALA A 940 47.02 9.16 -20.05
CA ALA A 940 47.49 10.54 -20.13
C ALA A 940 48.82 10.77 -19.43
N LEU A 941 49.41 9.76 -18.81
CA LEU A 941 50.70 9.94 -18.15
C LEU A 941 51.85 9.61 -19.08
N ASP A 942 52.98 10.28 -18.84
CA ASP A 942 54.18 10.11 -19.66
C ASP A 942 55.41 10.53 -18.86
N VAL A 956 48.50 -0.47 -24.35
CA VAL A 956 48.46 -1.53 -23.36
C VAL A 956 47.43 -1.20 -22.28
N SER A 957 47.04 -2.23 -21.52
CA SER A 957 45.95 -2.10 -20.57
C SER A 957 46.40 -1.33 -19.32
N VAL A 958 45.46 -1.16 -18.39
CA VAL A 958 45.72 -0.35 -17.20
C VAL A 958 46.75 -1.01 -16.29
N THR A 959 46.74 -2.35 -16.22
CA THR A 959 47.54 -3.05 -15.23
C THR A 959 49.04 -2.89 -15.46
N GLN A 960 49.51 -2.90 -16.70
CA GLN A 960 50.92 -2.66 -16.97
C GLN A 960 51.35 -1.25 -16.60
N ARG A 961 50.52 -0.26 -16.91
CA ARG A 961 50.81 1.12 -16.51
C ARG A 961 50.91 1.23 -15.00
N THR A 962 49.95 0.64 -14.29
CA THR A 962 49.95 0.71 -12.84
C THR A 962 51.16 0.00 -12.25
N ALA A 963 51.56 -1.13 -12.86
CA ALA A 963 52.77 -1.82 -12.44
C ALA A 963 54.00 -0.94 -12.63
N PHE A 964 54.04 -0.18 -13.73
CA PHE A 964 55.17 0.73 -13.94
C PHE A 964 55.22 1.80 -12.87
N GLN A 965 54.07 2.39 -12.53
CA GLN A 965 54.06 3.42 -11.49
C GLN A 965 54.47 2.85 -10.14
N ILE A 966 53.98 1.66 -9.80
CA ILE A 966 54.35 1.05 -8.54
C ILE A 966 55.83 0.71 -8.50
N ARG A 967 56.41 0.32 -9.63
CA ARG A 967 57.86 0.13 -9.68
C ARG A 967 58.60 1.43 -9.44
N GLN A 968 58.09 2.52 -10.02
CA GLN A 968 58.73 3.83 -9.85
C GLN A 968 58.79 4.24 -8.39
N PHE A 969 57.66 4.12 -7.68
CA PHE A 969 57.69 4.45 -6.25
C PHE A 969 58.48 3.40 -5.47
N GLN A 970 58.48 2.15 -5.95
CA GLN A 970 59.09 1.03 -5.26
C GLN A 970 60.58 1.22 -5.12
N ARG A 971 61.22 1.64 -6.21
CA ARG A 971 62.67 1.81 -6.20
C ARG A 971 63.09 2.92 -5.24
N SER A 972 62.32 4.01 -5.20
CA SER A 972 62.63 5.09 -4.27
C SER A 972 62.44 4.66 -2.83
N LEU A 973 61.38 3.89 -2.55
CA LEU A 973 61.19 3.38 -1.19
C LEU A 973 62.37 2.52 -0.76
N LEU A 974 62.82 1.62 -1.65
CA LEU A 974 64.00 0.82 -1.34
C LEU A 974 65.22 1.69 -1.11
N ASN A 975 65.39 2.72 -1.94
CA ASN A 975 66.57 3.57 -1.84
C ASN A 975 66.63 4.30 -0.51
N LEU A 976 65.50 4.84 -0.04
CA LEU A 976 65.53 5.56 1.21
C LEU A 976 65.38 4.66 2.43
N LEU A 977 65.00 3.38 2.24
CA LEU A 977 65.01 2.44 3.34
C LEU A 977 66.37 1.81 3.55
N SER A 978 67.19 1.73 2.49
CA SER A 978 68.49 1.07 2.60
C SER A 978 69.46 1.81 3.53
N SER A 979 69.20 3.07 3.84
CA SER A 979 70.09 3.83 4.70
C SER A 979 69.97 3.38 6.15
N GLN A 980 71.10 3.37 6.85
CA GLN A 980 71.09 3.12 8.28
C GLN A 980 70.33 4.23 8.98
N GLU A 981 69.75 3.88 10.15
CA GLU A 981 68.61 4.62 10.70
C GLU A 981 68.88 6.10 10.90
N GLU A 982 69.74 6.43 11.88
CA GLU A 982 70.26 7.78 12.13
C GLU A 982 69.26 8.90 11.84
N ASP A 983 68.04 8.75 12.35
CA ASP A 983 66.90 9.60 11.99
C ASP A 983 66.67 9.60 10.47
N PHE A 984 66.30 8.44 9.96
CA PHE A 984 65.83 8.35 8.58
C PHE A 984 64.45 9.00 8.50
N ASN A 985 64.18 9.65 7.37
CA ASN A 985 62.93 10.39 7.22
C ASN A 985 61.73 9.45 7.07
N SER A 986 61.10 9.13 8.20
CA SER A 986 60.03 8.14 8.20
C SER A 986 58.73 8.67 7.61
N LYS A 987 58.56 9.99 7.54
CA LYS A 987 57.33 10.54 6.98
C LYS A 987 57.17 10.17 5.51
N GLU A 988 58.25 10.31 4.74
CA GLU A 988 58.20 9.98 3.33
C GLU A 988 57.95 8.51 3.11
N ALA A 989 58.60 7.64 3.89
CA ALA A 989 58.35 6.21 3.76
C ALA A 989 56.93 5.85 4.13
N LEU A 990 56.39 6.47 5.18
CA LEU A 990 55.03 6.17 5.62
C LEU A 990 54.02 6.55 4.54
N LEU A 991 54.14 7.76 4.02
CA LEU A 991 53.17 8.15 3.01
C LEU A 991 53.44 7.49 1.66
N LEU A 992 54.67 7.05 1.40
CA LEU A 992 54.92 6.20 0.24
C LEU A 992 54.20 4.87 0.36
N VAL A 993 54.19 4.29 1.57
CA VAL A 993 53.43 3.08 1.81
C VAL A 993 51.95 3.34 1.59
N THR A 994 51.47 4.52 2.00
CA THR A 994 50.07 4.87 1.75
C THR A 994 49.79 4.95 0.24
N VAL A 995 50.69 5.56 -0.52
CA VAL A 995 50.51 5.65 -1.96
C VAL A 995 50.53 4.26 -2.60
N LEU A 996 51.41 3.39 -2.12
CA LEU A 996 51.46 2.03 -2.65
C LEU A 996 50.17 1.28 -2.38
N THR A 997 49.58 1.47 -1.21
CA THR A 997 48.28 0.85 -0.94
C THR A 997 47.21 1.39 -1.90
N SER A 998 47.12 2.71 -2.00
CA SER A 998 46.10 3.33 -2.84
C SER A 998 46.29 3.02 -4.32
N LEU A 999 47.50 2.66 -4.73
CA LEU A 999 47.75 2.30 -6.12
C LEU A 999 47.58 0.80 -6.37
N SER A 1000 47.99 -0.04 -5.42
CA SER A 1000 47.78 -1.47 -5.52
C SER A 1000 46.33 -1.87 -5.39
N LYS A 1001 45.47 -0.95 -4.95
CA LYS A 1001 44.03 -1.20 -5.11
C LYS A 1001 43.63 -1.39 -6.57
N LEU A 1002 44.43 -0.88 -7.52
CA LEU A 1002 44.06 -0.93 -8.93
C LEU A 1002 44.28 -2.31 -9.55
N LEU A 1003 45.36 -2.99 -9.17
CA LEU A 1003 45.77 -4.22 -9.85
C LEU A 1003 44.71 -5.32 -9.74
N GLU A 1004 44.44 -5.97 -10.86
CA GLU A 1004 43.57 -7.14 -10.85
C GLU A 1004 44.26 -8.29 -10.13
N PRO A 1005 43.59 -8.97 -9.21
CA PRO A 1005 44.29 -9.98 -8.40
C PRO A 1005 44.53 -11.30 -9.12
N SER A 1006 44.97 -11.23 -10.37
CA SER A 1006 45.45 -12.41 -11.08
C SER A 1006 46.36 -11.90 -12.20
N SER A 1007 47.66 -11.89 -11.97
CA SER A 1007 48.64 -11.35 -12.90
C SER A 1007 50.03 -11.65 -12.35
N PRO A 1008 51.05 -11.68 -13.22
CA PRO A 1008 52.42 -11.73 -12.69
C PRO A 1008 52.80 -10.48 -11.92
N GLN A 1009 52.22 -9.32 -12.26
CA GLN A 1009 52.55 -8.08 -11.57
C GLN A 1009 52.06 -8.11 -10.12
N PHE A 1010 50.85 -8.62 -9.89
CA PHE A 1010 50.33 -8.74 -8.54
C PHE A 1010 51.20 -9.66 -7.70
N VAL A 1011 51.61 -10.79 -8.28
CA VAL A 1011 52.44 -11.75 -7.56
C VAL A 1011 53.80 -11.15 -7.24
N GLN A 1012 54.39 -10.43 -8.21
CA GLN A 1012 55.71 -9.83 -7.94
C GLN A 1012 55.63 -8.71 -6.92
N MET A 1013 54.53 -7.95 -6.90
CA MET A 1013 54.36 -6.90 -5.90
C MET A 1013 54.26 -7.52 -4.51
N LEU A 1014 53.43 -8.57 -4.37
CA LEU A 1014 53.31 -9.23 -3.08
C LEU A 1014 54.63 -9.84 -2.65
N SER A 1015 55.38 -10.39 -3.61
CA SER A 1015 56.70 -10.94 -3.30
C SER A 1015 57.64 -9.87 -2.82
N TRP A 1016 57.57 -8.67 -3.42
CA TRP A 1016 58.47 -7.60 -3.00
C TRP A 1016 58.17 -7.13 -1.60
N THR A 1017 56.88 -6.95 -1.27
CA THR A 1017 56.53 -6.55 0.09
C THR A 1017 56.94 -7.61 1.11
N SER A 1018 56.72 -8.88 0.78
CA SER A 1018 57.17 -9.95 1.67
C SER A 1018 58.69 -9.94 1.81
N LYS A 1019 59.40 -9.62 0.72
CA LYS A 1019 60.85 -9.62 0.78
C LYS A 1019 61.36 -8.52 1.70
N ILE A 1020 60.73 -7.34 1.67
CA ILE A 1020 61.11 -6.33 2.65
C ILE A 1020 60.78 -6.78 4.07
N CYS A 1021 59.58 -7.32 4.27
CA CYS A 1021 59.19 -7.73 5.62
C CYS A 1021 60.07 -8.85 6.18
N LYS A 1022 60.76 -9.59 5.32
CA LYS A 1022 61.69 -10.61 5.78
C LYS A 1022 63.13 -10.13 5.89
N GLU A 1023 63.42 -8.85 5.62
CA GLU A 1023 64.81 -8.43 5.49
C GLU A 1023 65.27 -7.44 6.55
N ASN A 1024 64.62 -6.29 6.68
CA ASN A 1024 65.20 -5.16 7.38
C ASN A 1024 64.66 -5.06 8.81
N SER A 1025 65.17 -4.05 9.54
CA SER A 1025 64.76 -3.75 10.90
C SER A 1025 64.61 -2.25 11.04
N ARG A 1026 63.44 -1.81 11.53
CA ARG A 1026 63.19 -0.39 11.69
C ARG A 1026 62.53 -0.11 13.03
N GLU A 1027 62.98 0.96 13.67
CA GLU A 1027 62.56 1.28 15.04
C GLU A 1027 61.13 1.80 15.11
N ASP A 1028 60.64 2.46 14.06
CA ASP A 1028 59.35 3.13 14.12
C ASP A 1028 58.20 2.13 14.18
N ALA A 1029 57.23 2.40 15.04
CA ALA A 1029 56.05 1.54 15.14
C ALA A 1029 55.01 1.85 14.08
N LEU A 1030 54.95 3.09 13.60
CA LEU A 1030 53.92 3.44 12.62
C LEU A 1030 54.26 2.87 11.25
N PHE A 1031 55.53 2.92 10.86
CA PHE A 1031 55.95 2.42 9.56
C PHE A 1031 55.68 0.92 9.44
N CYS A 1032 56.05 0.16 10.47
CA CYS A 1032 55.85 -1.28 10.44
C CYS A 1032 54.37 -1.63 10.44
N LYS A 1033 53.56 -0.90 11.20
CA LYS A 1033 52.13 -1.17 11.22
C LYS A 1033 51.50 -0.90 9.86
N SER A 1034 51.87 0.21 9.21
CA SER A 1034 51.37 0.48 7.87
C SER A 1034 51.82 -0.60 6.88
N LEU A 1035 53.07 -1.04 6.99
CA LEU A 1035 53.58 -2.07 6.09
C LEU A 1035 52.84 -3.39 6.28
N MET A 1036 52.57 -3.75 7.54
CA MET A 1036 51.83 -4.97 7.82
C MET A 1036 50.40 -4.89 7.29
N ASN A 1037 49.76 -3.73 7.43
CA ASN A 1037 48.43 -3.56 6.86
C ASN A 1037 48.47 -3.72 5.34
N LEU A 1038 49.50 -3.18 4.70
CA LEU A 1038 49.65 -3.33 3.25
C LEU A 1038 49.81 -4.81 2.89
N LEU A 1039 50.65 -5.52 3.63
CA LEU A 1039 50.91 -6.92 3.32
C LEU A 1039 49.64 -7.76 3.49
N PHE A 1040 48.89 -7.51 4.56
CA PHE A 1040 47.67 -8.28 4.76
C PHE A 1040 46.61 -7.92 3.74
N SER A 1041 46.55 -6.66 3.30
CA SER A 1041 45.60 -6.28 2.27
C SER A 1041 45.91 -6.97 0.95
N LEU A 1042 47.19 -7.11 0.61
CA LEU A 1042 47.55 -7.85 -0.61
C LEU A 1042 47.30 -9.35 -0.44
N HIS A 1043 47.73 -9.92 0.68
CA HIS A 1043 47.74 -11.37 0.83
C HIS A 1043 46.36 -11.93 1.18
N VAL A 1044 45.42 -11.10 1.61
CA VAL A 1044 44.12 -11.62 2.00
C VAL A 1044 43.27 -11.95 0.78
N SER A 1045 43.65 -11.48 -0.40
CA SER A 1045 42.90 -11.73 -1.63
C SER A 1045 43.66 -12.61 -2.60
N TYR A 1046 44.59 -13.42 -2.11
CA TYR A 1046 45.34 -14.33 -2.97
C TYR A 1046 45.33 -15.72 -2.36
N LYS A 1047 45.20 -15.80 -1.04
CA LYS A 1047 44.87 -17.01 -0.30
C LYS A 1047 44.57 -16.60 1.13
N SER A 1048 44.25 -17.58 1.97
CA SER A 1048 44.05 -17.29 3.38
C SER A 1048 45.40 -16.99 4.03
N PRO A 1049 45.47 -15.98 4.90
CA PRO A 1049 46.74 -15.64 5.55
C PRO A 1049 47.08 -16.49 6.77
N VAL A 1050 46.36 -17.59 6.98
CA VAL A 1050 46.42 -18.30 8.25
C VAL A 1050 47.79 -18.94 8.50
N ILE A 1051 48.61 -19.12 7.47
CA ILE A 1051 49.97 -19.59 7.70
C ILE A 1051 50.85 -18.43 8.13
N LEU A 1052 50.62 -17.26 7.55
CA LEU A 1052 51.42 -16.09 7.89
C LEU A 1052 51.24 -15.70 9.35
N LEU A 1053 50.01 -15.78 9.86
CA LEU A 1053 49.77 -15.47 11.25
C LEU A 1053 50.54 -16.41 12.16
N ARG A 1054 50.54 -17.70 11.83
CA ARG A 1054 51.27 -18.68 12.63
C ARG A 1054 52.76 -18.39 12.63
N ASP A 1055 53.37 -18.24 11.45
CA ASP A 1055 54.81 -18.09 11.42
C ASP A 1055 55.27 -16.66 11.72
N LEU A 1056 54.33 -15.74 11.96
CA LEU A 1056 54.66 -14.43 12.49
C LEU A 1056 54.56 -14.39 14.02
N SER A 1057 53.49 -14.98 14.57
CA SER A 1057 53.36 -15.01 16.01
C SER A 1057 54.35 -15.97 16.65
N GLN A 1058 54.79 -16.99 15.93
CA GLN A 1058 55.86 -17.82 16.44
C GLN A 1058 57.14 -17.02 16.64
N ASP A 1059 57.37 -16.01 15.79
CA ASP A 1059 58.52 -15.13 15.97
C ASP A 1059 58.26 -14.11 17.08
N ILE A 1060 57.02 -13.64 17.19
CA ILE A 1060 56.66 -12.74 18.30
C ILE A 1060 56.94 -13.41 19.64
N HIS A 1061 56.56 -14.69 19.77
CA HIS A 1061 56.73 -15.45 21.00
C HIS A 1061 58.19 -15.48 21.44
N GLY A 1062 59.13 -15.42 20.50
CA GLY A 1062 60.54 -15.46 20.87
C GLY A 1062 60.98 -14.24 21.65
N HIS A 1063 60.60 -13.05 21.17
CA HIS A 1063 61.22 -11.82 21.66
C HIS A 1063 60.74 -11.47 23.07
N LEU A 1064 59.44 -11.62 23.34
CA LEU A 1064 58.92 -11.25 24.64
C LEU A 1064 59.35 -12.27 25.70
N GLY A 1065 58.93 -13.52 25.52
CA GLY A 1065 59.30 -14.58 26.45
C GLY A 1065 58.12 -15.36 26.97
N ASP A 1066 58.38 -16.55 27.50
CA ASP A 1066 57.32 -17.36 28.06
C ASP A 1066 56.92 -16.84 29.45
N ILE A 1067 55.78 -17.35 29.94
CA ILE A 1067 55.33 -16.99 31.28
C ILE A 1067 55.90 -17.92 32.34
N ASP A 1068 56.41 -19.09 31.97
CA ASP A 1068 56.91 -20.05 32.94
C ASP A 1068 58.23 -19.61 33.57
N GLN A 1069 58.87 -18.56 33.05
CA GLN A 1069 60.11 -17.95 33.54
C GLN A 1069 61.32 -18.87 33.40
N ASP A 1070 61.16 -20.09 32.91
CA ASP A 1070 62.26 -21.04 32.82
C ASP A 1070 62.20 -21.83 31.52
N VAL A 1071 61.94 -21.16 30.40
CA VAL A 1071 61.85 -21.81 29.09
C VAL A 1071 62.82 -21.12 28.15
N GLU A 1072 63.59 -21.91 27.41
CA GLU A 1072 64.59 -21.41 26.47
C GLU A 1072 64.02 -21.44 25.07
N VAL A 1073 63.40 -20.34 24.67
CA VAL A 1073 62.83 -20.19 23.32
C VAL A 1073 63.96 -20.04 22.31
N GLU A 1074 63.63 -20.12 21.01
CA GLU A 1074 64.62 -20.08 19.94
C GLU A 1074 64.49 -18.88 19.00
N LYS A 1075 63.35 -18.19 19.01
CA LYS A 1075 63.00 -16.95 18.31
C LYS A 1075 62.86 -17.11 16.80
N THR A 1076 63.51 -18.14 16.22
CA THR A 1076 63.35 -18.60 14.84
C THR A 1076 63.58 -17.54 13.75
N ASN A 1077 63.84 -16.28 14.14
CA ASN A 1077 64.15 -15.14 13.27
C ASN A 1077 63.38 -15.10 11.95
N HIS A 1078 62.07 -15.40 11.98
CA HIS A 1078 61.30 -15.43 10.73
C HIS A 1078 61.21 -14.05 10.09
N PHE A 1079 60.77 -13.05 10.85
CA PHE A 1079 60.64 -11.69 10.35
C PHE A 1079 61.59 -10.79 11.12
N ALA A 1080 62.43 -10.07 10.39
CA ALA A 1080 63.37 -9.16 11.04
C ALA A 1080 62.73 -7.85 11.44
N ILE A 1081 61.58 -7.50 10.86
CA ILE A 1081 60.96 -6.21 11.20
C ILE A 1081 60.17 -6.27 12.51
N VAL A 1082 59.95 -7.45 13.06
CA VAL A 1082 59.26 -7.59 14.35
C VAL A 1082 60.36 -7.57 15.40
N ASN A 1083 60.75 -6.35 15.78
CA ASN A 1083 61.86 -6.16 16.70
C ASN A 1083 61.38 -6.24 18.15
N LEU A 1084 62.28 -5.94 19.09
CA LEU A 1084 61.92 -5.98 20.51
C LEU A 1084 60.96 -4.85 20.85
N ARG A 1085 61.27 -3.64 20.41
CA ARG A 1085 60.39 -2.50 20.65
C ARG A 1085 59.21 -2.46 19.68
N THR A 1086 59.21 -3.34 18.68
CA THR A 1086 58.14 -3.35 17.70
C THR A 1086 57.02 -4.32 18.08
N ALA A 1087 57.36 -5.43 18.74
CA ALA A 1087 56.43 -6.53 18.91
C ALA A 1087 55.39 -6.27 19.99
N ALA A 1088 55.71 -5.48 21.01
CA ALA A 1088 54.87 -5.47 22.21
C ALA A 1088 53.54 -4.75 22.00
N PRO A 1089 53.49 -3.45 21.67
CA PRO A 1089 52.18 -2.78 21.66
C PRO A 1089 51.51 -2.72 20.30
N THR A 1090 52.21 -3.07 19.22
CA THR A 1090 51.71 -2.79 17.87
C THR A 1090 51.38 -4.05 17.09
N VAL A 1091 52.33 -4.96 16.93
CA VAL A 1091 52.14 -6.09 16.01
C VAL A 1091 51.11 -7.07 16.55
N CYS A 1092 51.15 -7.33 17.87
CA CYS A 1092 50.26 -8.33 18.45
C CYS A 1092 48.79 -7.89 18.32
N LEU A 1093 48.51 -6.61 18.56
CA LEU A 1093 47.14 -6.14 18.43
C LEU A 1093 46.64 -6.29 17.00
N LEU A 1094 47.49 -5.98 16.03
CA LEU A 1094 47.09 -6.08 14.63
C LEU A 1094 46.86 -7.53 14.21
N VAL A 1095 47.75 -8.44 14.61
CA VAL A 1095 47.57 -9.83 14.22
C VAL A 1095 46.34 -10.41 14.92
N LEU A 1096 46.03 -9.95 16.14
CA LEU A 1096 44.79 -10.37 16.78
C LEU A 1096 43.56 -9.89 15.99
N SER A 1097 43.59 -8.65 15.51
CA SER A 1097 42.47 -8.16 14.70
C SER A 1097 42.32 -8.98 13.42
N GLN A 1098 43.44 -9.33 12.79
CA GLN A 1098 43.37 -10.12 11.57
C GLN A 1098 42.82 -11.52 11.84
N ALA A 1099 43.21 -12.13 12.96
CA ALA A 1099 42.67 -13.42 13.34
C ALA A 1099 41.17 -13.33 13.60
N GLU A 1100 40.73 -12.22 14.22
CA GLU A 1100 39.30 -12.03 14.41
C GLU A 1100 38.56 -11.94 13.07
N LYS A 1101 39.16 -11.30 12.07
CA LYS A 1101 38.56 -11.27 10.75
C LYS A 1101 38.45 -12.67 10.15
N VAL A 1102 39.49 -13.49 10.31
CA VAL A 1102 39.46 -14.86 9.79
C VAL A 1102 38.36 -15.67 10.48
N LEU A 1103 38.23 -15.51 11.79
CA LEU A 1103 37.16 -16.19 12.51
C LEU A 1103 35.78 -15.72 12.06
N GLU A 1104 35.65 -14.44 11.72
CA GLU A 1104 34.38 -13.96 11.17
C GLU A 1104 34.05 -14.66 9.87
N GLU A 1105 35.04 -14.80 8.98
CA GLU A 1105 34.79 -15.50 7.72
C GLU A 1105 34.38 -16.96 7.96
N VAL A 1106 35.09 -17.63 8.87
CA VAL A 1106 34.79 -19.05 9.13
C VAL A 1106 33.39 -19.20 9.72
N ASP A 1107 33.01 -18.31 10.63
CA ASP A 1107 31.69 -18.42 11.24
C ASP A 1107 30.59 -18.13 10.23
N TRP A 1108 30.82 -17.19 9.31
CA TRP A 1108 29.84 -16.96 8.25
C TRP A 1108 29.69 -18.22 7.40
N LEU A 1109 30.81 -18.87 7.08
CA LEU A 1109 30.75 -20.11 6.32
C LEU A 1109 29.94 -21.17 7.06
N ILE A 1110 30.17 -21.30 8.37
CA ILE A 1110 29.48 -22.32 9.15
C ILE A 1110 27.99 -22.06 9.21
N THR A 1111 27.58 -20.81 9.44
CA THR A 1111 26.15 -20.54 9.55
C THR A 1111 25.46 -20.68 8.19
N LYS A 1112 26.15 -20.30 7.11
CA LYS A 1112 25.59 -20.53 5.77
C LYS A 1112 25.41 -22.01 5.50
N LEU A 1113 26.42 -22.81 5.80
CA LEU A 1113 26.36 -24.23 5.49
C LEU A 1113 25.40 -24.97 6.42
N LYS A 1114 25.17 -24.46 7.63
CA LYS A 1114 24.16 -25.05 8.49
C LYS A 1114 22.76 -24.70 8.02
N GLY A 1115 22.57 -23.46 7.56
CA GLY A 1115 21.29 -23.10 6.95
C GLY A 1115 21.05 -23.78 5.62
N GLN A 1116 22.10 -24.32 5.00
CA GLN A 1116 21.95 -25.05 3.75
C GLN A 1116 21.07 -26.28 3.92
N VAL A 1117 21.26 -27.02 5.02
CA VAL A 1117 20.42 -28.18 5.29
C VAL A 1117 19.17 -27.75 6.04
N PRO A 1133 27.15 -29.20 -1.16
CA PRO A 1133 28.46 -29.86 -1.23
C PRO A 1133 29.20 -29.77 0.09
N ASN A 1134 28.74 -30.52 1.09
CA ASN A 1134 29.26 -30.39 2.43
C ASN A 1134 30.43 -31.34 2.71
N GLN A 1135 30.97 -31.97 1.68
CA GLN A 1135 32.15 -32.80 1.89
C GLN A 1135 33.47 -32.02 1.89
N PRO A 1136 33.77 -31.12 0.91
CA PRO A 1136 35.08 -30.45 0.94
C PRO A 1136 35.13 -29.22 1.82
N VAL A 1137 33.98 -28.56 2.02
CA VAL A 1137 33.95 -27.35 2.80
C VAL A 1137 34.27 -27.66 4.26
N GLU A 1138 33.80 -28.80 4.75
CA GLU A 1138 34.14 -29.23 6.10
C GLU A 1138 35.64 -29.43 6.24
N LYS A 1139 36.27 -30.03 5.22
CA LYS A 1139 37.71 -30.23 5.27
C LYS A 1139 38.46 -28.90 5.29
N ALA A 1140 38.00 -27.93 4.48
CA ALA A 1140 38.66 -26.63 4.44
C ALA A 1140 38.53 -25.90 5.78
N ILE A 1141 37.34 -25.92 6.37
CA ILE A 1141 37.15 -25.26 7.66
C ILE A 1141 37.98 -25.94 8.74
N ILE A 1142 38.05 -27.27 8.72
CA ILE A 1142 38.86 -27.99 9.69
C ILE A 1142 40.34 -27.65 9.52
N MET A 1143 40.79 -27.51 8.27
CA MET A 1143 42.18 -27.13 8.03
C MET A 1143 42.50 -25.77 8.61
N GLN A 1144 41.62 -24.79 8.37
CA GLN A 1144 41.89 -23.45 8.87
C GLN A 1144 41.86 -23.40 10.39
N LEU A 1145 40.90 -24.09 11.02
CA LEU A 1145 40.87 -24.13 12.47
C LEU A 1145 42.11 -24.80 13.03
N GLY A 1146 42.53 -25.92 12.44
CA GLY A 1146 43.70 -26.60 12.93
C GLY A 1146 44.98 -25.81 12.72
N THR A 1147 45.00 -24.93 11.73
CA THR A 1147 46.18 -24.09 11.54
C THR A 1147 46.22 -22.96 12.56
N LEU A 1148 45.13 -22.19 12.68
CA LEU A 1148 45.18 -21.04 13.58
C LEU A 1148 45.11 -21.43 15.05
N LEU A 1149 44.73 -22.67 15.36
CA LEU A 1149 44.83 -23.10 16.75
C LEU A 1149 46.30 -23.20 17.17
N THR A 1150 47.20 -23.50 16.23
CA THR A 1150 48.63 -23.42 16.54
C THR A 1150 49.06 -21.99 16.80
N PHE A 1151 48.48 -21.03 16.07
CA PHE A 1151 48.71 -19.61 16.35
C PHE A 1151 48.33 -19.27 17.79
N PHE A 1152 47.11 -19.63 18.19
CA PHE A 1152 46.66 -19.30 19.54
C PHE A 1152 47.50 -20.00 20.60
N HIS A 1153 47.79 -21.29 20.40
CA HIS A 1153 48.67 -22.00 21.32
C HIS A 1153 50.05 -21.37 21.37
N GLU A 1154 50.49 -20.77 20.28
CA GLU A 1154 51.83 -20.19 20.26
C GLU A 1154 51.89 -18.90 21.06
N LEU A 1155 50.87 -18.05 20.97
CA LEU A 1155 51.01 -16.78 21.67
C LEU A 1155 50.29 -16.74 23.01
N VAL A 1156 49.68 -17.84 23.48
CA VAL A 1156 49.14 -17.84 24.83
C VAL A 1156 50.24 -17.61 25.87
N GLN A 1157 51.36 -18.32 25.75
CA GLN A 1157 52.33 -18.27 26.84
C GLN A 1157 53.21 -17.04 26.82
N THR A 1158 53.02 -16.11 25.88
CA THR A 1158 53.85 -14.92 25.84
C THR A 1158 53.58 -14.03 27.04
N ALA A 1159 54.63 -13.37 27.51
CA ALA A 1159 54.51 -12.42 28.62
C ALA A 1159 54.13 -11.04 28.07
N LEU A 1160 52.90 -10.95 27.59
CA LEU A 1160 52.44 -9.72 26.96
C LEU A 1160 52.36 -8.60 27.99
N PRO A 1161 52.46 -7.35 27.55
CA PRO A 1161 52.25 -6.23 28.48
C PRO A 1161 50.82 -6.23 29.00
N SER A 1162 50.65 -5.72 30.22
CA SER A 1162 49.38 -5.80 30.91
C SER A 1162 48.38 -4.74 30.47
N GLY A 1163 48.60 -4.10 29.33
CA GLY A 1163 47.69 -3.06 28.86
C GLY A 1163 46.45 -3.61 28.19
N SER A 1164 46.10 -3.06 27.03
CA SER A 1164 44.91 -3.49 26.32
C SER A 1164 45.14 -4.74 25.47
N CYS A 1165 46.39 -5.11 25.21
CA CYS A 1165 46.67 -6.23 24.32
C CYS A 1165 46.19 -7.55 24.91
N VAL A 1166 46.40 -7.75 26.21
CA VAL A 1166 45.96 -8.99 26.85
C VAL A 1166 44.44 -9.06 26.88
N ASP A 1167 43.78 -7.93 27.07
CA ASP A 1167 42.32 -7.91 27.02
C ASP A 1167 41.81 -8.24 25.63
N THR A 1168 42.47 -7.70 24.60
CA THR A 1168 42.09 -8.03 23.23
C THR A 1168 42.30 -9.53 22.96
N LEU A 1169 43.40 -10.08 23.46
CA LEU A 1169 43.66 -11.50 23.30
C LEU A 1169 42.57 -12.35 23.94
N LEU A 1170 42.16 -11.98 25.15
CA LEU A 1170 41.09 -12.75 25.81
C LEU A 1170 39.78 -12.65 25.04
N LYS A 1171 39.45 -11.47 24.53
CA LYS A 1171 38.22 -11.32 23.74
C LYS A 1171 38.26 -12.19 22.49
N ASP A 1172 39.39 -12.17 21.78
CA ASP A 1172 39.48 -12.95 20.56
C ASP A 1172 39.49 -14.45 20.84
N LEU A 1173 40.07 -14.87 21.96
CA LEU A 1173 40.06 -16.29 22.31
C LEU A 1173 38.64 -16.75 22.64
N CYS A 1174 37.87 -15.90 23.31
CA CYS A 1174 36.47 -16.22 23.54
C CYS A 1174 35.72 -16.33 22.22
N LYS A 1175 36.02 -15.44 21.27
CA LYS A 1175 35.40 -15.54 19.95
C LYS A 1175 35.74 -16.85 19.26
N MET A 1176 37.01 -17.26 19.36
CA MET A 1176 37.45 -18.54 18.79
C MET A 1176 36.66 -19.70 19.36
N TYR A 1177 36.52 -19.74 20.69
CA TYR A 1177 35.77 -20.83 21.30
C TYR A 1177 34.31 -20.81 20.87
N THR A 1178 33.69 -19.63 20.78
CA THR A 1178 32.29 -19.59 20.36
C THR A 1178 32.12 -20.12 18.95
N THR A 1179 33.05 -19.76 18.05
CA THR A 1179 33.00 -20.30 16.70
C THR A 1179 33.14 -21.82 16.70
N LEU A 1180 34.03 -22.34 17.53
CA LEU A 1180 34.26 -23.78 17.50
C LEU A 1180 33.06 -24.53 18.07
N THR A 1181 32.38 -23.97 19.09
CA THR A 1181 31.13 -24.60 19.54
C THR A 1181 30.04 -24.51 18.48
N ALA A 1182 30.03 -23.45 17.68
CA ALA A 1182 29.08 -23.41 16.57
C ALA A 1182 29.34 -24.57 15.61
N LEU A 1183 30.61 -24.86 15.35
CA LEU A 1183 30.94 -26.00 14.51
C LEU A 1183 30.49 -27.33 15.15
N VAL A 1184 30.70 -27.46 16.46
CA VAL A 1184 30.29 -28.69 17.14
C VAL A 1184 28.76 -28.83 17.14
N ARG A 1185 28.04 -27.72 17.27
CA ARG A 1185 26.59 -27.75 17.15
C ARG A 1185 26.16 -28.19 15.77
N TYR A 1186 26.85 -27.72 14.74
CA TYR A 1186 26.51 -28.18 13.39
C TYR A 1186 26.74 -29.67 13.25
N TYR A 1187 27.83 -30.19 13.81
CA TYR A 1187 28.04 -31.64 13.76
C TYR A 1187 27.00 -32.40 14.57
N LEU A 1188 26.48 -31.82 15.65
CA LEU A 1188 25.32 -32.40 16.32
C LEU A 1188 24.12 -32.46 15.39
N GLN A 1189 23.89 -31.38 14.63
CA GLN A 1189 22.77 -31.37 13.71
C GLN A 1189 22.97 -32.33 12.54
N VAL A 1190 24.21 -32.72 12.26
CA VAL A 1190 24.49 -33.59 11.11
C VAL A 1190 24.55 -35.06 11.49
N CYS A 1191 25.12 -35.37 12.64
CA CYS A 1191 25.44 -36.74 12.99
C CYS A 1191 24.22 -37.56 13.39
N GLN A 1192 23.02 -37.08 13.06
CA GLN A 1192 21.81 -37.88 13.18
C GLN A 1192 21.85 -39.10 12.26
N SER A 1193 22.74 -39.12 11.28
CA SER A 1193 23.03 -40.33 10.50
C SER A 1193 24.01 -41.25 11.22
N SER A 1194 24.47 -40.88 12.41
CA SER A 1194 25.25 -41.70 13.35
C SER A 1194 26.65 -42.02 12.86
N GLY A 1195 27.10 -41.43 11.76
CA GLY A 1195 28.44 -41.71 11.26
C GLY A 1195 29.18 -40.51 10.71
N GLY A 1196 28.90 -39.32 11.25
CA GLY A 1196 29.49 -38.11 10.71
C GLY A 1196 30.61 -37.52 11.55
N ILE A 1197 31.47 -38.37 12.11
CA ILE A 1197 32.61 -37.91 12.89
C ILE A 1197 33.87 -38.52 12.31
N PRO A 1198 34.44 -37.96 11.25
CA PRO A 1198 35.63 -38.54 10.63
C PRO A 1198 36.88 -38.17 11.42
N LYS A 1199 38.04 -38.57 10.88
CA LYS A 1199 39.31 -38.38 11.58
C LYS A 1199 39.71 -36.91 11.64
N ASN A 1200 39.36 -36.13 10.62
CA ASN A 1200 39.77 -34.74 10.59
C ASN A 1200 39.14 -33.94 11.73
N MET A 1201 37.95 -34.35 12.19
CA MET A 1201 37.42 -33.76 13.41
C MET A 1201 38.12 -34.29 14.65
N GLU A 1202 38.49 -35.57 14.62
CA GLU A 1202 39.07 -36.19 15.82
C GLU A 1202 40.42 -35.56 16.15
N LYS A 1203 41.26 -35.34 15.14
CA LYS A 1203 42.54 -34.68 15.38
C LYS A 1203 42.32 -33.26 15.90
N LEU A 1204 41.36 -32.54 15.34
CA LEU A 1204 41.09 -31.18 15.80
C LEU A 1204 40.66 -31.16 17.26
N VAL A 1205 39.76 -32.08 17.63
CA VAL A 1205 39.26 -32.07 19.01
C VAL A 1205 40.34 -32.50 19.98
N LYS A 1206 41.10 -33.55 19.64
CA LYS A 1206 42.16 -34.01 20.54
C LYS A 1206 43.26 -32.96 20.69
N LEU A 1207 43.64 -32.31 19.59
CA LEU A 1207 44.65 -31.26 19.63
C LEU A 1207 44.16 -30.05 20.40
N SER A 1208 42.89 -29.67 20.23
CA SER A 1208 42.33 -28.60 21.04
C SER A 1208 42.31 -28.97 22.51
N GLY A 1209 42.15 -30.25 22.82
CA GLY A 1209 42.21 -30.67 24.20
C GLY A 1209 43.61 -30.58 24.78
N SER A 1210 44.61 -30.98 24.00
CA SER A 1210 45.97 -31.12 24.54
C SER A 1210 46.87 -29.94 24.25
N HIS A 1211 46.40 -28.91 23.55
CA HIS A 1211 47.23 -27.75 23.29
C HIS A 1211 46.65 -26.46 23.87
N LEU A 1212 45.39 -26.16 23.60
CA LEU A 1212 44.91 -24.81 23.88
C LEU A 1212 44.25 -24.69 25.25
N THR A 1213 43.37 -25.64 25.58
CA THR A 1213 42.50 -25.48 26.77
C THR A 1213 43.27 -25.42 28.09
N PRO A 1214 44.18 -26.34 28.43
CA PRO A 1214 44.93 -26.17 29.69
C PRO A 1214 45.80 -24.93 29.72
N LEU A 1215 46.35 -24.55 28.57
CA LEU A 1215 47.17 -23.35 28.55
C LEU A 1215 46.36 -22.09 28.76
N CYS A 1216 45.07 -22.11 28.44
CA CYS A 1216 44.22 -20.97 28.80
C CYS A 1216 44.20 -20.76 30.31
N TYR A 1217 44.01 -21.83 31.08
CA TYR A 1217 44.00 -21.70 32.53
C TYR A 1217 45.37 -21.28 33.06
N SER A 1218 46.44 -21.87 32.50
CA SER A 1218 47.78 -21.48 32.95
C SER A 1218 48.06 -20.02 32.65
N PHE A 1219 47.48 -19.48 31.58
CA PHE A 1219 47.63 -18.06 31.28
C PHE A 1219 46.81 -17.20 32.22
N ILE A 1220 45.58 -17.64 32.53
CA ILE A 1220 44.71 -16.88 33.40
C ILE A 1220 45.33 -16.73 34.78
N SER A 1221 46.03 -17.77 35.24
CA SER A 1221 46.74 -17.67 36.51
C SER A 1221 47.73 -16.53 36.50
N TYR A 1222 48.51 -16.40 35.42
CA TYR A 1222 49.51 -15.33 35.35
C TYR A 1222 48.84 -13.97 35.18
N VAL A 1223 47.74 -13.90 34.44
CA VAL A 1223 47.05 -12.63 34.23
C VAL A 1223 46.53 -12.10 35.55
N GLN A 1224 45.86 -12.95 36.32
CA GLN A 1224 45.31 -12.51 37.60
C GLN A 1224 46.40 -12.25 38.63
N ASN A 1225 47.43 -13.08 38.65
CA ASN A 1225 48.37 -13.05 39.77
C ASN A 1225 49.23 -11.80 39.74
N LYS A 1226 49.78 -11.46 38.58
CA LYS A 1226 50.81 -10.42 38.49
C LYS A 1226 50.20 -9.13 37.98
N SER A 1227 50.35 -8.07 38.77
CA SER A 1227 49.83 -6.74 38.44
C SER A 1227 50.95 -5.77 38.12
N VAL A 1243 37.21 8.32 42.38
CA VAL A 1243 35.86 8.79 42.15
C VAL A 1243 35.02 7.70 41.48
N ALA A 1244 33.87 8.10 40.92
CA ALA A 1244 32.97 7.13 40.31
C ALA A 1244 33.55 6.53 39.04
N THR A 1245 34.32 7.32 38.27
CA THR A 1245 34.93 6.79 37.07
C THR A 1245 35.96 5.72 37.40
N ALA A 1246 36.61 5.81 38.56
CA ALA A 1246 37.50 4.74 39.00
C ALA A 1246 36.73 3.45 39.22
N MET A 1247 35.53 3.55 39.84
CA MET A 1247 34.71 2.36 40.04
C MET A 1247 34.22 1.79 38.72
N ALA A 1248 33.85 2.64 37.77
CA ALA A 1248 33.43 2.17 36.46
C ALA A 1248 34.57 1.46 35.74
N ARG A 1249 35.79 2.02 35.83
CA ARG A 1249 36.95 1.36 35.24
C ARG A 1249 37.23 0.03 35.91
N VAL A 1250 37.09 -0.03 37.23
CA VAL A 1250 37.34 -1.28 37.95
C VAL A 1250 36.35 -2.35 37.53
N LEU A 1251 35.06 -2.00 37.46
CA LEU A 1251 34.07 -2.96 36.99
C LEU A 1251 34.22 -3.28 35.50
N ARG A 1252 34.89 -2.41 34.74
CA ARG A 1252 35.15 -2.72 33.34
C ARG A 1252 36.16 -3.85 33.19
N GLU A 1253 37.00 -4.06 34.20
CA GLU A 1253 38.06 -5.06 34.12
C GLU A 1253 37.53 -6.48 34.30
N THR A 1254 36.42 -6.65 35.02
CA THR A 1254 36.04 -7.97 35.52
C THR A 1254 35.32 -8.84 34.50
N LYS A 1255 35.10 -8.36 33.28
CA LYS A 1255 34.29 -9.13 32.33
C LYS A 1255 35.04 -10.23 31.59
N PRO A 1256 36.23 -10.01 31.00
CA PRO A 1256 36.72 -10.97 29.98
C PRO A 1256 37.03 -12.36 30.50
N ILE A 1257 37.64 -12.49 31.69
CA ILE A 1257 37.96 -13.82 32.20
C ILE A 1257 36.71 -14.63 32.50
N PRO A 1258 35.67 -14.11 33.18
CA PRO A 1258 34.42 -14.88 33.26
C PRO A 1258 33.79 -15.16 31.91
N ASN A 1259 33.87 -14.25 30.95
CA ASN A 1259 33.31 -14.55 29.63
C ASN A 1259 34.03 -15.73 28.99
N LEU A 1260 35.35 -15.76 29.09
CA LEU A 1260 36.13 -16.87 28.55
C LEU A 1260 35.80 -18.18 29.24
N ILE A 1261 35.66 -18.14 30.57
CA ILE A 1261 35.35 -19.37 31.31
C ILE A 1261 33.97 -19.89 30.91
N PHE A 1262 33.01 -18.99 30.74
CA PHE A 1262 31.68 -19.41 30.31
C PHE A 1262 31.73 -20.03 28.92
N ALA A 1263 32.50 -19.43 28.01
CA ALA A 1263 32.61 -19.99 26.67
C ALA A 1263 33.23 -21.38 26.70
N ILE A 1264 34.28 -21.56 27.49
CA ILE A 1264 34.94 -22.87 27.58
C ILE A 1264 33.98 -23.92 28.13
N GLU A 1265 33.27 -23.58 29.20
CA GLU A 1265 32.37 -24.56 29.82
C GLU A 1265 31.21 -24.89 28.89
N GLN A 1266 30.72 -23.89 28.13
CA GLN A 1266 29.70 -24.16 27.13
C GLN A 1266 30.23 -25.10 26.05
N TYR A 1267 31.49 -24.93 25.67
CA TYR A 1267 32.11 -25.81 24.70
C TYR A 1267 32.16 -27.25 25.21
N GLU A 1268 32.60 -27.43 26.46
CA GLU A 1268 32.68 -28.78 27.01
C GLU A 1268 31.29 -29.40 27.15
N LYS A 1269 30.28 -28.59 27.50
CA LYS A 1269 28.93 -29.11 27.63
C LYS A 1269 28.39 -29.59 26.28
N PHE A 1270 28.59 -28.81 25.22
CA PHE A 1270 28.09 -29.26 23.92
C PHE A 1270 28.90 -30.43 23.38
N LEU A 1271 30.18 -30.52 23.76
CA LEU A 1271 30.96 -31.70 23.42
C LEU A 1271 30.41 -32.94 24.11
N ILE A 1272 29.98 -32.80 25.36
CA ILE A 1272 29.33 -33.91 26.07
C ILE A 1272 28.05 -34.31 25.36
N HIS A 1273 27.27 -33.32 24.90
CA HIS A 1273 26.07 -33.62 24.13
C HIS A 1273 26.38 -34.44 22.89
N LEU A 1274 27.40 -34.02 22.13
CA LEU A 1274 27.76 -34.76 20.92
C LEU A 1274 28.23 -36.16 21.23
N SER A 1275 29.01 -36.32 22.31
CA SER A 1275 29.44 -37.66 22.71
C SER A 1275 28.24 -38.54 23.08
N LYS A 1276 27.24 -37.95 23.73
CA LYS A 1276 26.06 -38.73 24.07
C LYS A 1276 25.21 -39.08 22.86
N LYS A 1277 25.30 -38.29 21.78
CA LYS A 1277 24.44 -38.55 20.62
C LYS A 1277 24.90 -39.79 19.85
N SER A 1278 26.12 -39.77 19.32
CA SER A 1278 26.56 -40.76 18.35
C SER A 1278 27.43 -41.86 18.95
N LYS A 1279 27.32 -42.08 20.27
CA LYS A 1279 27.89 -43.21 20.99
C LYS A 1279 29.42 -43.22 21.06
N VAL A 1280 30.07 -42.27 20.41
CA VAL A 1280 31.50 -42.10 20.61
C VAL A 1280 31.71 -41.22 21.83
N ASN A 1281 32.95 -41.16 22.31
CA ASN A 1281 33.32 -40.28 23.41
C ASN A 1281 34.48 -39.41 22.97
N LEU A 1282 34.47 -38.16 23.40
CA LEU A 1282 35.52 -37.22 23.07
C LEU A 1282 36.25 -36.65 24.28
N MET A 1283 35.65 -36.72 25.47
CA MET A 1283 36.29 -36.20 26.68
C MET A 1283 37.45 -37.05 27.16
N GLN A 1284 37.81 -38.12 26.44
CA GLN A 1284 39.00 -38.87 26.80
C GLN A 1284 40.24 -38.03 26.60
N HIS A 1285 40.30 -37.26 25.51
CA HIS A 1285 41.54 -36.59 25.12
C HIS A 1285 41.86 -35.41 26.03
N MET A 1286 40.87 -34.61 26.40
CA MET A 1286 41.09 -33.43 27.21
C MET A 1286 40.84 -33.75 28.68
N LYS A 1287 41.71 -33.21 29.54
CA LYS A 1287 41.74 -33.56 30.95
C LYS A 1287 40.59 -32.87 31.69
N LEU A 1288 40.60 -32.99 33.01
CA LEU A 1288 39.59 -32.35 33.84
C LEU A 1288 39.91 -30.87 34.04
N SER A 1289 38.87 -30.05 34.03
CA SER A 1289 39.05 -28.61 34.11
C SER A 1289 39.48 -28.21 35.50
N THR A 1290 40.63 -27.53 35.59
CA THR A 1290 41.09 -27.03 36.88
C THR A 1290 40.23 -25.85 37.31
N SER A 1291 40.28 -25.56 38.60
CA SER A 1291 39.38 -24.58 39.19
C SER A 1291 40.16 -23.69 40.15
N ARG A 1292 39.64 -22.48 40.35
CA ARG A 1292 40.39 -21.41 40.97
C ARG A 1292 39.67 -20.93 42.23
N ASP A 1293 40.45 -20.63 43.26
CA ASP A 1293 39.91 -20.06 44.50
C ASP A 1293 40.88 -19.00 45.01
N PHE A 1294 40.39 -17.78 45.17
CA PHE A 1294 41.24 -16.70 45.64
C PHE A 1294 41.69 -16.95 47.07
N LYS A 1295 42.90 -16.50 47.37
CA LYS A 1295 43.41 -16.49 48.73
C LYS A 1295 43.66 -15.05 49.15
N ILE A 1296 44.24 -14.87 50.32
CA ILE A 1296 44.50 -13.55 50.88
C ILE A 1296 45.72 -13.67 51.79
N LYS A 1297 46.26 -12.51 52.18
CA LYS A 1297 47.40 -12.47 53.08
C LYS A 1297 47.13 -11.45 54.19
N GLY A 1298 48.00 -11.49 55.20
CA GLY A 1298 47.94 -10.52 56.28
C GLY A 1298 48.86 -9.35 56.03
N ASN A 1299 49.09 -9.04 54.76
CA ASN A 1299 49.97 -7.94 54.37
C ASN A 1299 49.24 -6.62 54.19
N ILE A 1300 47.91 -6.59 54.40
CA ILE A 1300 47.21 -5.31 54.45
C ILE A 1300 47.54 -4.52 55.70
N LEU A 1301 48.12 -5.16 56.71
CA LEU A 1301 48.58 -4.45 57.89
C LEU A 1301 49.73 -3.51 57.56
N ASP A 1302 50.46 -3.76 56.48
CA ASP A 1302 51.48 -2.83 56.03
C ASP A 1302 50.87 -1.52 55.54
N MET A 1303 49.64 -1.58 55.02
CA MET A 1303 48.98 -0.38 54.53
C MET A 1303 48.65 0.58 55.67
N VAL A 1304 48.36 0.05 56.85
CA VAL A 1304 48.21 0.88 58.05
C VAL A 1304 49.06 0.30 59.18
N GLY B 193 16.63 60.37 9.06
CA GLY B 193 17.27 60.65 10.33
C GLY B 193 16.54 60.02 11.51
N LYS B 194 17.31 59.65 12.53
CA LYS B 194 16.70 59.07 13.73
C LYS B 194 15.84 60.08 14.47
N ASP B 195 16.19 61.37 14.39
CA ASP B 195 15.36 62.40 15.01
C ASP B 195 13.98 62.44 14.35
N LEU B 196 13.94 62.47 13.02
CA LEU B 196 12.67 62.41 12.31
C LEU B 196 11.99 61.07 12.53
N THR B 197 12.78 60.00 12.68
CA THR B 197 12.22 58.67 12.91
C THR B 197 11.43 58.62 14.21
N THR B 198 11.99 59.17 15.29
CA THR B 198 11.23 59.20 16.53
C THR B 198 10.16 60.29 16.52
N LYS B 199 10.36 61.36 15.75
CA LYS B 199 9.35 62.42 15.67
C LYS B 199 8.07 61.92 15.03
N ILE B 200 8.17 61.15 13.94
CA ILE B 200 6.98 60.66 13.27
C ILE B 200 6.25 59.64 14.15
N MET B 201 6.99 58.81 14.89
CA MET B 201 6.35 57.86 15.78
C MET B 201 5.66 58.57 16.95
N GLN B 202 6.28 59.63 17.47
CA GLN B 202 5.64 60.42 18.52
C GLN B 202 4.39 61.10 17.99
N LEU B 203 4.44 61.59 16.74
CA LEU B 203 3.27 62.22 16.14
C LEU B 203 2.13 61.23 15.97
N ILE B 204 2.44 60.00 15.53
CA ILE B 204 1.41 58.97 15.35
C ILE B 204 1.07 58.23 16.62
N SER B 205 1.72 58.54 17.75
CA SER B 205 1.37 57.92 19.01
C SER B 205 -0.04 58.29 19.47
N ILE B 206 -0.59 59.40 18.98
CA ILE B 206 -1.95 59.79 19.29
C ILE B 206 -2.82 59.93 18.04
N ALA B 207 -2.24 59.82 16.85
CA ALA B 207 -2.99 59.93 15.62
C ALA B 207 -3.99 58.78 15.48
N PRO B 208 -5.07 58.98 14.71
CA PRO B 208 -6.07 57.93 14.56
C PRO B 208 -5.50 56.70 13.87
N GLU B 209 -6.19 55.57 14.11
CA GLU B 209 -5.67 54.26 13.71
C GLU B 209 -5.55 54.14 12.19
N ASN B 210 -6.52 54.70 11.45
CA ASN B 210 -6.56 54.52 10.01
C ASN B 210 -5.36 55.16 9.32
N LEU B 211 -5.03 56.40 9.71
CA LEU B 211 -3.88 57.07 9.10
C LEU B 211 -2.57 56.48 9.59
N GLN B 212 -2.47 56.20 10.90
CA GLN B 212 -1.25 55.62 11.44
C GLN B 212 -1.05 54.18 10.96
N HIS B 213 -2.11 53.51 10.50
CA HIS B 213 -1.94 52.26 9.77
C HIS B 213 -1.13 52.48 8.50
N ASP B 214 -1.46 53.53 7.74
CA ASP B 214 -0.72 53.85 6.52
C ASP B 214 0.69 54.33 6.85
N ILE B 215 0.89 54.95 8.01
CA ILE B 215 2.22 55.39 8.40
C ILE B 215 3.14 54.19 8.63
N ILE B 216 2.67 53.20 9.39
CA ILE B 216 3.54 52.09 9.76
C ILE B 216 3.69 51.06 8.66
N THR B 217 2.77 51.00 7.70
CA THR B 217 2.93 50.12 6.56
C THR B 217 3.85 50.69 5.50
N SER B 218 4.18 51.98 5.60
CA SER B 218 5.07 52.65 4.66
C SER B 218 6.48 52.82 5.21
N LEU B 219 6.79 52.19 6.35
CA LEU B 219 8.13 52.30 6.93
C LEU B 219 9.25 51.80 6.01
N PRO B 220 9.11 50.71 5.24
CA PRO B 220 10.19 50.36 4.31
C PRO B 220 10.54 51.45 3.30
N GLU B 221 9.56 52.24 2.85
CA GLU B 221 9.91 53.40 2.04
C GLU B 221 10.66 54.44 2.86
N ILE B 222 10.26 54.63 4.11
CA ILE B 222 10.78 55.70 4.95
C ILE B 222 11.87 55.18 5.89
N LEU B 223 12.45 54.01 5.59
CA LEU B 223 13.47 53.45 6.48
C LEU B 223 14.76 54.24 6.37
N GLY B 224 15.49 54.30 7.48
CA GLY B 224 16.84 54.85 7.51
C GLY B 224 17.81 53.81 8.04
N ASP B 225 18.75 53.37 7.20
CA ASP B 225 19.59 52.23 7.53
C ASP B 225 20.50 52.52 8.72
N SER B 226 20.98 53.77 8.84
CA SER B 226 21.85 54.12 9.97
C SER B 226 21.10 54.00 11.29
N GLN B 227 19.80 54.30 11.30
CA GLN B 227 18.96 54.18 12.48
C GLN B 227 17.98 53.02 12.38
N HIS B 228 18.28 52.02 11.54
CA HIS B 228 17.33 50.95 11.27
C HIS B 228 17.10 50.08 12.50
N ALA B 229 18.14 49.87 13.30
CA ALA B 229 17.96 49.12 14.54
C ALA B 229 17.21 49.94 15.59
N ASP B 230 17.36 51.26 15.56
CA ASP B 230 16.75 52.10 16.58
C ASP B 230 15.22 52.07 16.51
N VAL B 231 14.67 52.15 15.29
CA VAL B 231 13.22 52.22 15.14
C VAL B 231 12.56 50.90 15.56
N GLY B 232 13.27 49.77 15.40
CA GLY B 232 12.69 48.48 15.75
C GLY B 232 12.36 48.36 17.23
N LYS B 233 13.28 48.78 18.10
CA LYS B 233 13.00 48.70 19.52
C LYS B 233 11.96 49.73 19.96
N GLU B 234 11.88 50.86 19.24
CA GLU B 234 10.78 51.80 19.47
C GLU B 234 9.44 51.14 19.17
N LEU B 235 9.36 50.42 18.06
CA LEU B 235 8.13 49.69 17.73
C LEU B 235 7.86 48.57 18.72
N SER B 236 8.92 47.93 19.24
CA SER B 236 8.73 46.91 20.28
C SER B 236 8.12 47.51 21.54
N ASP B 237 8.62 48.66 21.97
CA ASP B 237 8.05 49.34 23.12
C ASP B 237 6.61 49.77 22.85
N LEU B 238 6.34 50.22 21.62
CA LEU B 238 4.98 50.59 21.23
C LEU B 238 4.05 49.39 21.31
N LEU B 239 4.53 48.22 20.86
CA LEU B 239 3.75 46.99 20.99
C LEU B 239 3.49 46.64 22.45
N ILE B 240 4.51 46.79 23.29
CA ILE B 240 4.36 46.51 24.71
C ILE B 240 3.34 47.47 25.34
N GLU B 241 3.24 48.69 24.80
CA GLU B 241 2.42 49.72 25.41
C GLU B 241 0.93 49.38 25.35
N ASN B 242 0.38 49.24 24.15
CA ASN B 242 -1.06 49.25 23.96
C ASN B 242 -1.63 47.96 23.38
N THR B 243 -1.00 47.42 22.33
CA THR B 243 -1.52 46.33 21.50
C THR B 243 -2.86 46.68 20.84
N SER B 244 -3.21 47.97 20.79
CA SER B 244 -4.35 48.39 19.98
C SER B 244 -3.99 48.40 18.50
N LEU B 245 -2.70 48.41 18.19
CA LEU B 245 -2.17 48.35 16.84
C LEU B 245 -1.37 47.07 16.64
N THR B 246 -1.85 45.97 17.22
CA THR B 246 -1.01 44.79 17.42
C THR B 246 -0.78 43.98 16.15
N VAL B 247 -1.71 44.00 15.19
CA VAL B 247 -1.54 43.14 14.02
C VAL B 247 -0.59 43.72 12.96
N PRO B 248 -0.55 45.06 12.65
CA PRO B 248 0.34 45.48 11.56
C PRO B 248 1.81 45.37 11.90
N ILE B 249 2.13 45.63 13.17
CA ILE B 249 3.51 45.83 13.58
C ILE B 249 4.31 44.54 13.50
N LEU B 250 3.72 43.43 13.94
CA LEU B 250 4.43 42.15 13.85
C LEU B 250 4.60 41.72 12.39
N ASP B 251 3.69 42.15 11.51
CA ASP B 251 3.85 41.86 10.09
C ASP B 251 4.99 42.66 9.50
N VAL B 252 5.04 43.97 9.80
CA VAL B 252 6.03 44.83 9.15
C VAL B 252 7.40 44.71 9.77
N LEU B 253 7.51 44.19 10.99
CA LEU B 253 8.83 44.06 11.62
C LEU B 253 9.71 43.06 10.88
N SER B 254 9.12 41.96 10.42
CA SER B 254 9.90 40.93 9.73
C SER B 254 10.47 41.43 8.41
N SER B 255 9.76 42.34 7.74
CA SER B 255 10.24 42.87 6.47
C SER B 255 11.52 43.68 6.66
N LEU B 256 11.60 44.45 7.74
CA LEU B 256 12.78 45.25 8.01
C LEU B 256 13.96 44.38 8.41
N ARG B 257 15.15 44.94 8.34
CA ARG B 257 16.37 44.26 8.76
C ARG B 257 16.74 44.69 10.16
N LEU B 258 17.08 43.71 10.99
CA LEU B 258 17.36 43.93 12.41
C LEU B 258 18.42 42.94 12.85
N ASP B 259 18.56 42.76 14.17
CA ASP B 259 19.39 41.76 14.80
C ASP B 259 18.53 40.60 15.27
N PRO B 260 18.89 39.36 14.92
CA PRO B 260 18.07 38.21 15.37
C PRO B 260 17.94 38.08 16.88
N ASN B 261 18.93 38.56 17.64
CA ASN B 261 18.80 38.56 19.10
C ASN B 261 17.65 39.46 19.53
N PHE B 262 17.52 40.62 18.89
CA PHE B 262 16.40 41.50 19.18
C PHE B 262 15.07 40.87 18.78
N LEU B 263 15.08 40.08 17.70
CA LEU B 263 13.89 39.32 17.33
C LEU B 263 13.54 38.30 18.42
N LEU B 264 14.55 37.64 18.99
CA LEU B 264 14.30 36.73 20.10
C LEU B 264 13.70 37.46 21.29
N LYS B 265 14.22 38.65 21.58
CA LYS B 265 13.66 39.45 22.68
C LYS B 265 12.20 39.82 22.43
N VAL B 266 11.88 40.24 21.20
CA VAL B 266 10.49 40.63 20.95
C VAL B 266 9.57 39.41 20.94
N ARG B 267 10.08 38.23 20.54
CA ARG B 267 9.29 37.01 20.69
C ARG B 267 8.99 36.74 22.16
N GLN B 268 10.00 36.87 23.02
CA GLN B 268 9.79 36.62 24.43
C GLN B 268 8.85 37.65 25.06
N LEU B 269 8.85 38.88 24.54
CA LEU B 269 7.89 39.87 25.02
C LEU B 269 6.47 39.54 24.54
N VAL B 270 6.34 39.07 23.30
CA VAL B 270 5.02 38.76 22.75
C VAL B 270 4.41 37.55 23.47
N MET B 271 5.25 36.58 23.85
CA MET B 271 4.74 35.34 24.41
C MET B 271 3.98 35.55 25.73
N ASP B 272 4.27 36.65 26.44
CA ASP B 272 3.49 36.97 27.63
C ASP B 272 2.04 37.28 27.28
N LYS B 273 1.82 38.01 26.20
CA LYS B 273 0.52 38.54 25.84
C LYS B 273 -0.29 37.60 24.94
N LEU B 274 0.08 36.31 24.89
CA LEU B 274 -0.55 35.40 23.93
C LEU B 274 -2.04 35.23 24.20
N SER B 275 -2.43 35.10 25.47
CA SER B 275 -3.83 34.91 25.80
C SER B 275 -4.66 36.17 25.54
N SER B 276 -4.07 37.34 25.74
CA SER B 276 -4.80 38.60 25.70
C SER B 276 -5.20 39.02 24.28
N ILE B 277 -4.68 38.38 23.25
CA ILE B 277 -5.00 38.77 21.88
C ILE B 277 -6.41 38.32 21.53
N ARG B 278 -6.95 38.86 20.43
CA ARG B 278 -8.31 38.59 20.01
C ARG B 278 -8.29 37.39 19.06
N LEU B 279 -9.40 37.18 18.34
CA LEU B 279 -9.49 36.02 17.45
C LEU B 279 -8.83 36.27 16.10
N GLU B 280 -9.02 37.47 15.53
CA GLU B 280 -8.56 37.74 14.16
C GLU B 280 -7.03 37.75 14.09
N ASP B 281 -6.37 38.25 15.13
CA ASP B 281 -4.91 38.33 15.12
C ASP B 281 -4.24 37.02 15.52
N LEU B 282 -5.01 35.98 15.84
CA LEU B 282 -4.40 34.68 16.12
C LEU B 282 -3.60 34.10 14.95
N PRO B 283 -4.14 34.03 13.71
CA PRO B 283 -3.33 33.44 12.63
C PRO B 283 -2.05 34.19 12.33
N VAL B 284 -2.06 35.53 12.37
CA VAL B 284 -0.86 36.27 12.00
C VAL B 284 0.23 36.11 13.06
N ILE B 285 -0.16 36.16 14.34
CA ILE B 285 0.82 35.97 15.41
C ILE B 285 1.37 34.55 15.39
N ILE B 286 0.50 33.56 15.15
CA ILE B 286 0.97 32.17 15.08
C ILE B 286 1.91 31.99 13.90
N LYS B 287 1.59 32.59 12.76
CA LYS B 287 2.47 32.52 11.60
C LYS B 287 3.80 33.21 11.87
N PHE B 288 3.76 34.31 12.62
CA PHE B 288 5.00 35.02 12.95
C PHE B 288 5.89 34.18 13.85
N ILE B 289 5.34 33.63 14.93
CA ILE B 289 6.17 32.84 15.85
C ILE B 289 6.67 31.57 15.17
N LEU B 290 5.81 30.90 14.40
CA LEU B 290 6.19 29.61 13.85
C LEU B 290 7.18 29.78 12.71
N HIS B 291 7.14 30.91 12.01
CA HIS B 291 8.11 31.17 10.95
C HIS B 291 9.53 31.27 11.50
N SER B 292 9.72 32.11 12.53
CA SER B 292 11.03 32.35 13.09
C SER B 292 11.38 31.24 14.08
N VAL B 293 11.70 30.07 13.52
CA VAL B 293 12.11 28.90 14.30
C VAL B 293 13.44 28.43 13.75
N THR B 294 14.48 28.45 14.58
CA THR B 294 15.81 28.07 14.16
C THR B 294 16.03 26.58 14.45
N ALA B 295 17.26 26.11 14.24
CA ALA B 295 17.55 24.68 14.43
C ALA B 295 17.49 24.28 15.90
N MET B 296 18.14 25.05 16.77
CA MET B 296 18.23 24.72 18.18
C MET B 296 17.14 25.37 19.02
N ASP B 297 16.21 26.08 18.39
CA ASP B 297 15.14 26.76 19.11
C ASP B 297 13.86 25.96 19.20
N THR B 298 13.75 24.86 18.44
CA THR B 298 12.46 24.25 18.11
C THR B 298 11.66 23.86 19.35
N LEU B 299 12.24 23.04 20.21
CA LEU B 299 11.47 22.41 21.28
C LEU B 299 10.92 23.44 22.25
N GLU B 300 11.73 24.44 22.62
CA GLU B 300 11.29 25.41 23.62
C GLU B 300 10.16 26.28 23.09
N VAL B 301 10.33 26.82 21.88
CA VAL B 301 9.28 27.69 21.35
C VAL B 301 8.00 26.91 21.12
N ILE B 302 8.11 25.67 20.60
CA ILE B 302 6.88 24.92 20.33
C ILE B 302 6.21 24.48 21.63
N SER B 303 6.99 24.16 22.68
CA SER B 303 6.40 23.73 23.93
C SER B 303 5.67 24.87 24.62
N GLU B 304 6.31 26.04 24.71
CA GLU B 304 5.62 27.19 25.30
C GLU B 304 4.44 27.65 24.46
N LEU B 305 4.54 27.55 23.13
CA LEU B 305 3.41 27.91 22.28
C LEU B 305 2.24 26.97 22.52
N ARG B 306 2.51 25.66 22.58
CA ARG B 306 1.43 24.70 22.79
C ARG B 306 0.81 24.83 24.16
N GLU B 307 1.63 25.05 25.20
CA GLU B 307 1.07 25.15 26.54
C GLU B 307 0.36 26.48 26.75
N LYS B 308 0.68 27.50 25.96
CA LYS B 308 0.04 28.80 26.11
C LYS B 308 -1.06 29.05 25.09
N LEU B 309 -1.35 28.09 24.22
CA LEU B 309 -2.42 28.21 23.24
C LEU B 309 -3.64 27.48 23.77
N ASP B 310 -4.76 28.18 23.87
CA ASP B 310 -5.98 27.58 24.40
C ASP B 310 -7.12 27.54 23.40
N LEU B 311 -7.46 28.67 22.79
CA LEU B 311 -8.56 28.82 21.83
C LEU B 311 -9.92 28.45 22.43
N GLN B 312 -10.01 28.32 23.76
CA GLN B 312 -11.26 27.98 24.40
C GLN B 312 -12.31 29.07 24.21
N HIS B 313 -11.87 30.32 24.01
CA HIS B 313 -12.81 31.42 23.81
C HIS B 313 -13.65 31.22 22.55
N CYS B 314 -13.00 30.78 21.46
CA CYS B 314 -13.60 30.55 20.14
C CYS B 314 -14.68 31.54 19.73
N SER B 341 -20.85 33.38 14.01
CA SER B 341 -20.11 34.63 13.87
C SER B 341 -18.78 34.39 13.15
N SER B 342 -17.79 35.22 13.47
CA SER B 342 -16.46 35.10 12.90
C SER B 342 -15.60 34.06 13.61
N GLY B 343 -16.11 33.45 14.68
CA GLY B 343 -15.30 32.50 15.43
C GLY B 343 -14.95 31.26 14.62
N GLN B 344 -15.94 30.67 13.95
CA GLN B 344 -15.66 29.49 13.15
C GLN B 344 -14.78 29.82 11.95
N SER B 345 -14.98 31.00 11.35
CA SER B 345 -14.14 31.41 10.23
C SER B 345 -12.69 31.59 10.66
N CYS B 346 -12.47 32.24 11.80
CA CYS B 346 -11.10 32.44 12.27
C CYS B 346 -10.48 31.12 12.73
N ILE B 347 -11.28 30.20 13.27
CA ILE B 347 -10.77 28.88 13.62
C ILE B 347 -10.30 28.14 12.38
N ILE B 348 -11.09 28.18 11.31
CA ILE B 348 -10.71 27.52 10.07
C ILE B 348 -9.47 28.19 9.46
N LEU B 349 -9.40 29.52 9.54
CA LEU B 349 -8.22 30.21 9.03
C LEU B 349 -6.96 29.84 9.82
N LEU B 350 -7.08 29.78 11.14
CA LEU B 350 -5.95 29.40 11.98
C LEU B 350 -5.51 27.98 11.68
N PHE B 351 -6.46 27.08 11.48
CA PHE B 351 -6.12 25.70 11.17
C PHE B 351 -5.48 25.59 9.79
N ASP B 352 -5.92 26.43 8.84
CA ASP B 352 -5.27 26.48 7.54
C ASP B 352 -3.83 26.96 7.67
N VAL B 353 -3.59 27.95 8.53
CA VAL B 353 -2.23 28.43 8.77
C VAL B 353 -1.38 27.32 9.37
N ILE B 354 -1.93 26.58 10.33
CA ILE B 354 -1.20 25.47 10.95
C ILE B 354 -0.89 24.39 9.92
N LYS B 355 -1.86 24.07 9.06
CA LYS B 355 -1.64 23.03 8.06
C LYS B 355 -0.61 23.46 7.02
N SER B 356 -0.61 24.76 6.67
CA SER B 356 0.38 25.24 5.71
C SER B 356 1.78 25.28 6.31
N ALA B 357 1.89 25.68 7.58
CA ALA B 357 3.20 25.74 8.22
C ALA B 357 3.75 24.35 8.49
N ILE B 358 2.90 23.42 8.93
CA ILE B 358 3.32 22.06 9.22
C ILE B 358 3.58 21.25 7.95
N ARG B 359 3.25 21.80 6.78
CA ARG B 359 3.24 21.03 5.55
C ARG B 359 4.64 20.53 5.18
N TYR B 360 5.64 21.40 5.30
CA TYR B 360 6.97 21.06 4.78
C TYR B 360 8.00 20.73 5.84
N GLU B 361 7.82 21.17 7.09
CA GLU B 361 8.86 21.07 8.10
C GLU B 361 8.60 19.87 9.00
N LYS B 362 9.56 18.94 9.02
CA LYS B 362 9.47 17.79 9.91
C LYS B 362 9.75 18.16 11.35
N THR B 363 10.70 19.08 11.56
CA THR B 363 11.23 19.33 12.90
C THR B 363 10.16 19.88 13.84
N ILE B 364 9.32 20.78 13.34
CA ILE B 364 8.29 21.35 14.21
C ILE B 364 7.28 20.29 14.63
N SER B 365 6.90 19.40 13.71
CA SER B 365 5.97 18.33 14.05
C SER B 365 6.60 17.36 15.05
N GLU B 366 7.87 17.01 14.85
CA GLU B 366 8.52 16.09 15.77
C GLU B 366 8.66 16.71 17.16
N ALA B 367 9.02 17.99 17.23
CA ALA B 367 9.12 18.65 18.52
C ALA B 367 7.76 18.76 19.19
N TRP B 368 6.70 19.00 18.42
CA TRP B 368 5.37 19.02 18.99
C TRP B 368 4.99 17.65 19.54
N ILE B 369 5.33 16.58 18.82
CA ILE B 369 5.08 15.24 19.31
C ILE B 369 5.83 14.98 20.61
N LYS B 370 7.06 15.51 20.72
CA LYS B 370 7.80 15.40 21.98
C LYS B 370 7.07 16.13 23.10
N ALA B 371 6.51 17.31 22.80
CA ALA B 371 5.75 18.05 23.80
C ALA B 371 4.54 17.26 24.28
N ILE B 372 3.80 16.65 23.34
CA ILE B 372 2.63 15.86 23.72
C ILE B 372 3.04 14.62 24.49
N GLU B 373 4.15 14.01 24.11
CA GLU B 373 4.61 12.81 24.80
C GLU B 373 5.03 13.12 26.23
N ASN B 374 5.59 14.30 26.47
CA ASN B 374 5.98 14.64 27.85
C ASN B 374 4.77 15.14 28.64
N THR B 375 4.27 16.34 28.30
CA THR B 375 3.05 16.93 28.86
C THR B 375 3.05 16.91 30.41
N ALA B 376 4.21 16.72 31.04
CA ALA B 376 4.38 16.57 32.48
C ALA B 376 3.55 15.44 33.10
N SER B 377 2.99 14.55 32.27
CA SER B 377 2.24 13.36 32.67
C SER B 377 0.99 13.67 33.50
N VAL B 378 0.61 14.93 33.64
CA VAL B 378 -0.57 15.32 34.41
C VAL B 378 -1.77 15.29 33.47
N SER B 379 -2.97 15.37 34.01
CA SER B 379 -4.22 15.31 33.24
C SER B 379 -4.43 16.52 32.33
N GLU B 380 -3.50 17.47 32.28
CA GLU B 380 -3.64 18.65 31.42
C GLU B 380 -3.36 18.24 29.98
N HIS B 381 -4.39 17.71 29.33
CA HIS B 381 -4.36 17.35 27.91
C HIS B 381 -5.53 18.06 27.26
N LYS B 382 -5.29 19.27 26.77
CA LYS B 382 -6.38 20.06 26.21
C LYS B 382 -6.82 19.48 24.87
N VAL B 383 -8.03 19.89 24.44
CA VAL B 383 -8.63 19.38 23.22
C VAL B 383 -7.79 19.72 22.00
N PHE B 384 -7.23 20.93 21.97
CA PHE B 384 -6.43 21.35 20.83
C PHE B 384 -5.19 20.48 20.67
N ASP B 385 -4.67 19.94 21.77
CA ASP B 385 -3.52 19.06 21.69
C ASP B 385 -3.84 17.82 20.87
N LEU B 386 -4.99 17.19 21.15
CA LEU B 386 -5.35 15.97 20.44
C LEU B 386 -5.82 16.27 19.02
N VAL B 387 -6.41 17.45 18.77
CA VAL B 387 -6.74 17.81 17.39
C VAL B 387 -5.46 18.02 16.58
N MET B 388 -4.44 18.63 17.21
CA MET B 388 -3.12 18.74 16.59
C MET B 388 -2.56 17.36 16.28
N LEU B 389 -2.70 16.43 17.22
CA LEU B 389 -2.30 15.04 17.00
C LEU B 389 -2.95 14.48 15.74
N PHE B 390 -4.27 14.66 15.60
CA PHE B 390 -4.96 14.14 14.43
C PHE B 390 -4.46 14.77 13.13
N ILE B 391 -4.33 16.10 13.08
CA ILE B 391 -4.01 16.72 11.79
C ILE B 391 -2.58 16.40 11.38
N ILE B 392 -1.64 16.41 12.34
CA ILE B 392 -0.28 16.02 11.97
C ILE B 392 -0.12 14.53 11.82
N TYR B 393 -1.12 13.73 12.21
CA TYR B 393 -1.19 12.36 11.74
C TYR B 393 -1.63 12.30 10.29
N SER B 394 -2.54 13.17 9.90
CA SER B 394 -3.13 13.12 8.57
C SER B 394 -2.34 13.87 7.51
N THR B 395 -1.29 14.62 7.89
CA THR B 395 -0.55 15.40 6.91
C THR B 395 0.85 14.84 6.64
N ASN B 396 1.69 14.69 7.66
CA ASN B 396 3.07 14.25 7.46
C ASN B 396 3.15 12.74 7.60
N THR B 397 3.17 12.04 6.47
CA THR B 397 3.13 10.58 6.48
C THR B 397 4.42 9.94 6.97
N GLN B 398 5.49 10.70 7.11
CA GLN B 398 6.74 10.15 7.61
C GLN B 398 6.76 9.96 9.13
N THR B 399 5.76 10.47 9.83
CA THR B 399 5.72 10.43 11.28
C THR B 399 4.74 9.40 11.84
N LYS B 400 4.16 8.57 10.97
CA LYS B 400 2.96 7.80 11.34
C LYS B 400 3.24 6.82 12.48
N LYS B 401 4.35 6.08 12.40
CA LYS B 401 4.64 5.08 13.42
C LYS B 401 4.90 5.71 14.78
N TYR B 402 5.60 6.84 14.81
CA TYR B 402 5.97 7.46 16.08
C TYR B 402 4.75 7.98 16.81
N ILE B 403 3.88 8.69 16.09
CA ILE B 403 2.65 9.21 16.71
C ILE B 403 1.72 8.06 17.07
N ASP B 404 1.71 6.98 16.27
CA ASP B 404 0.90 5.82 16.62
C ASP B 404 1.35 5.21 17.95
N ARG B 405 2.67 5.05 18.13
CA ARG B 405 3.17 4.50 19.39
C ARG B 405 2.91 5.46 20.55
N VAL B 406 2.99 6.77 20.30
CA VAL B 406 2.68 7.74 21.35
C VAL B 406 1.23 7.60 21.80
N LEU B 407 0.31 7.49 20.84
CA LEU B 407 -1.10 7.30 21.18
C LEU B 407 -1.33 6.01 21.93
N ARG B 408 -0.68 4.92 21.50
CA ARG B 408 -0.86 3.64 22.18
C ARG B 408 -0.38 3.73 23.64
N ASN B 409 0.80 4.31 23.85
CA ASN B 409 1.33 4.42 25.20
C ASN B 409 0.47 5.33 26.06
N LYS B 410 -0.02 6.44 25.50
CA LYS B 410 -0.81 7.37 26.29
C LYS B 410 -2.18 6.81 26.63
N ILE B 411 -2.77 6.00 25.74
CA ILE B 411 -4.04 5.36 26.07
C ILE B 411 -3.82 4.29 27.13
N ARG B 412 -2.75 3.50 27.00
CA ARG B 412 -2.46 2.50 28.02
C ARG B 412 -2.08 3.12 29.36
N SER B 413 -1.46 4.31 29.33
CA SER B 413 -1.12 4.99 30.58
C SER B 413 -2.36 5.46 31.32
N GLY B 414 -3.43 5.78 30.59
CA GLY B 414 -4.64 6.29 31.19
C GLY B 414 -4.75 7.79 31.24
N CYS B 415 -3.89 8.52 30.54
CA CYS B 415 -3.95 9.98 30.57
C CYS B 415 -5.15 10.50 29.80
N ILE B 416 -5.44 9.92 28.64
CA ILE B 416 -6.52 10.40 27.79
C ILE B 416 -7.81 9.66 28.16
N GLN B 417 -8.76 10.40 28.73
CA GLN B 417 -10.06 9.87 29.08
C GLN B 417 -11.00 10.02 27.89
N GLU B 418 -12.30 9.81 28.12
CA GLU B 418 -13.25 9.78 27.02
C GLU B 418 -14.10 11.03 26.90
N GLN B 419 -14.33 11.76 27.98
CA GLN B 419 -14.97 13.06 27.85
C GLN B 419 -14.10 14.06 27.10
N LEU B 420 -12.77 13.85 27.12
CA LEU B 420 -11.88 14.65 26.30
C LEU B 420 -12.23 14.48 24.82
N LEU B 421 -12.32 13.23 24.36
CA LEU B 421 -12.69 12.97 22.98
C LEU B 421 -14.13 13.39 22.71
N GLN B 422 -15.00 13.33 23.72
CA GLN B 422 -16.36 13.81 23.56
C GLN B 422 -16.37 15.30 23.23
N SER B 423 -15.61 16.09 23.99
CA SER B 423 -15.49 17.51 23.68
C SER B 423 -14.85 17.74 22.33
N THR B 424 -13.85 16.91 22.00
CA THR B 424 -13.16 17.02 20.71
C THR B 424 -14.14 16.88 19.55
N PHE B 425 -14.95 15.83 19.58
CA PHE B 425 -15.90 15.59 18.52
C PHE B 425 -17.14 16.48 18.62
N SER B 426 -17.35 17.13 19.77
CA SER B 426 -18.50 18.01 19.90
C SER B 426 -18.22 19.41 19.37
N VAL B 427 -17.04 19.95 19.64
CA VAL B 427 -16.78 21.36 19.33
C VAL B 427 -16.16 21.52 17.94
N HIS B 428 -15.12 20.75 17.63
CA HIS B 428 -14.37 20.92 16.39
C HIS B 428 -14.69 19.86 15.35
N TYR B 429 -15.96 19.45 15.23
CA TYR B 429 -16.29 18.43 14.25
C TYR B 429 -16.21 18.95 12.84
N LEU B 430 -16.49 20.24 12.63
CA LEU B 430 -16.52 20.79 11.28
C LEU B 430 -15.13 20.81 10.65
N VAL B 431 -14.09 21.06 11.45
CA VAL B 431 -12.74 21.07 10.91
C VAL B 431 -12.18 19.65 10.85
N LEU B 432 -12.52 18.81 11.82
CA LEU B 432 -11.98 17.46 11.87
C LEU B 432 -12.58 16.54 10.82
N LYS B 433 -13.72 16.91 10.24
CA LYS B 433 -14.37 16.06 9.25
C LYS B 433 -13.65 16.05 7.91
N ASP B 434 -12.67 16.92 7.71
CA ASP B 434 -11.96 16.97 6.43
C ASP B 434 -11.14 15.71 6.21
N MET B 435 -10.48 15.21 7.26
CA MET B 435 -9.57 14.08 7.15
C MET B 435 -10.12 12.83 7.82
N CYS B 436 -11.43 12.60 7.70
CA CYS B 436 -12.06 11.50 8.42
C CYS B 436 -11.59 10.14 7.93
N SER B 437 -11.13 10.05 6.69
CA SER B 437 -10.56 8.80 6.20
C SER B 437 -9.30 8.43 6.97
N SER B 438 -8.45 9.43 7.25
CA SER B 438 -7.26 9.18 8.06
C SER B 438 -7.64 8.79 9.48
N ILE B 439 -8.70 9.40 10.01
CA ILE B 439 -9.19 9.03 11.35
C ILE B 439 -9.62 7.58 11.39
N LEU B 440 -10.37 7.16 10.37
CA LEU B 440 -10.83 5.77 10.31
C LEU B 440 -9.66 4.82 10.13
N SER B 441 -8.66 5.22 9.33
CA SER B 441 -7.47 4.38 9.18
C SER B 441 -6.74 4.23 10.50
N LEU B 442 -6.60 5.32 11.27
CA LEU B 442 -5.94 5.23 12.56
C LEU B 442 -6.72 4.34 13.52
N ALA B 443 -8.05 4.46 13.53
CA ALA B 443 -8.86 3.62 14.39
C ALA B 443 -8.73 2.15 14.00
N GLN B 444 -8.73 1.87 12.69
CA GLN B 444 -8.56 0.50 12.21
C GLN B 444 -7.20 -0.05 12.63
N SER B 445 -6.16 0.78 12.54
CA SER B 445 -4.83 0.33 12.92
C SER B 445 -4.76 0.03 14.41
N LEU B 446 -5.32 0.90 15.25
CA LEU B 446 -5.17 0.69 16.68
C LEU B 446 -6.19 -0.27 17.26
N LEU B 447 -7.21 -0.67 16.49
CA LEU B 447 -8.14 -1.68 16.99
C LEU B 447 -7.49 -3.05 17.06
N HIS B 448 -6.35 -3.25 16.41
CA HIS B 448 -5.71 -4.54 16.31
C HIS B 448 -4.81 -4.87 17.49
N SER B 449 -5.02 -4.20 18.63
CA SER B 449 -4.20 -4.44 19.81
C SER B 449 -4.70 -5.68 20.55
N LEU B 450 -4.21 -5.89 21.77
CA LEU B 450 -4.56 -7.06 22.58
C LEU B 450 -5.32 -6.70 23.84
N ASP B 451 -5.07 -5.54 24.43
CA ASP B 451 -5.75 -5.15 25.66
C ASP B 451 -7.19 -4.75 25.37
N GLN B 452 -7.88 -4.30 26.41
CA GLN B 452 -9.27 -3.88 26.28
C GLN B 452 -9.45 -2.38 26.26
N SER B 453 -8.53 -1.62 26.87
CA SER B 453 -8.68 -0.18 26.92
C SER B 453 -8.46 0.44 25.55
N ILE B 454 -7.41 0.03 24.85
CA ILE B 454 -7.14 0.54 23.51
C ILE B 454 -8.28 0.16 22.56
N ILE B 455 -8.76 -1.07 22.67
CA ILE B 455 -9.84 -1.54 21.80
C ILE B 455 -11.11 -0.76 22.06
N SER B 456 -11.44 -0.52 23.33
CA SER B 456 -12.61 0.28 23.65
C SER B 456 -12.47 1.72 23.15
N PHE B 457 -11.25 2.27 23.25
CA PHE B 457 -11.01 3.63 22.75
C PHE B 457 -11.24 3.70 21.25
N GLY B 458 -10.71 2.74 20.50
CA GLY B 458 -10.94 2.72 19.06
C GLY B 458 -12.39 2.49 18.71
N SER B 459 -13.08 1.67 19.50
CA SER B 459 -14.51 1.45 19.30
C SER B 459 -15.29 2.74 19.43
N LEU B 460 -15.06 3.47 20.53
CA LEU B 460 -15.77 4.73 20.71
C LEU B 460 -15.31 5.79 19.71
N LEU B 461 -14.08 5.67 19.21
CA LEU B 461 -13.64 6.54 18.12
C LEU B 461 -14.48 6.32 16.87
N TYR B 462 -14.69 5.06 16.50
CA TYR B 462 -15.60 4.74 15.39
C TYR B 462 -16.99 5.29 15.66
N LYS B 463 -17.50 5.09 16.86
CA LYS B 463 -18.86 5.50 17.20
C LYS B 463 -19.03 7.02 17.06
N TYR B 464 -18.12 7.77 17.67
CA TYR B 464 -18.22 9.23 17.59
C TYR B 464 -17.97 9.74 16.17
N ALA B 465 -17.08 9.08 15.41
CA ALA B 465 -16.86 9.50 14.04
C ALA B 465 -18.12 9.30 13.20
N PHE B 466 -18.84 8.21 13.43
CA PHE B 466 -20.11 8.03 12.74
C PHE B 466 -21.16 9.02 13.23
N LYS B 467 -21.06 9.46 14.48
CA LYS B 467 -22.13 10.26 15.06
C LYS B 467 -22.22 11.65 14.44
N PHE B 468 -21.09 12.28 14.11
CA PHE B 468 -21.07 13.68 13.75
C PHE B 468 -20.79 13.96 12.27
N PHE B 469 -20.16 13.04 11.56
CA PHE B 469 -19.59 13.37 10.26
C PHE B 469 -20.63 13.24 9.14
N ASP B 470 -20.16 13.34 7.90
CA ASP B 470 -21.00 13.34 6.72
C ASP B 470 -21.41 11.92 6.36
N THR B 471 -22.44 11.81 5.51
CA THR B 471 -23.02 10.52 5.17
C THR B 471 -22.01 9.62 4.45
N TYR B 472 -21.16 10.21 3.60
CA TYR B 472 -20.13 9.42 2.93
C TYR B 472 -19.17 8.81 3.95
N CYS B 473 -18.79 9.58 4.96
CA CYS B 473 -17.94 9.01 5.99
C CYS B 473 -18.69 7.98 6.81
N GLN B 474 -20.01 8.10 6.94
CA GLN B 474 -20.80 7.05 7.59
C GLN B 474 -20.75 5.74 6.79
N GLN B 475 -20.85 5.84 5.47
CA GLN B 475 -20.71 4.66 4.63
C GLN B 475 -19.32 4.06 4.80
N GLU B 476 -18.29 4.91 4.87
CA GLU B 476 -16.94 4.41 5.10
C GLU B 476 -16.83 3.71 6.45
N VAL B 477 -17.49 4.25 7.48
CA VAL B 477 -17.48 3.64 8.81
C VAL B 477 -18.10 2.25 8.77
N VAL B 478 -19.28 2.13 8.14
CA VAL B 478 -19.93 0.83 8.15
C VAL B 478 -19.18 -0.16 7.27
N GLY B 479 -18.52 0.31 6.21
CA GLY B 479 -17.67 -0.57 5.43
C GLY B 479 -16.48 -1.08 6.22
N ALA B 480 -15.84 -0.20 6.98
CA ALA B 480 -14.71 -0.62 7.82
C ALA B 480 -15.16 -1.60 8.88
N LEU B 481 -16.33 -1.38 9.46
CA LEU B 481 -16.83 -2.32 10.47
C LEU B 481 -17.18 -3.67 9.85
N VAL B 482 -17.72 -3.66 8.62
CA VAL B 482 -18.04 -4.92 7.94
C VAL B 482 -16.77 -5.71 7.65
N THR B 483 -15.72 -5.04 7.13
CA THR B 483 -14.50 -5.78 6.85
C THR B 483 -13.79 -6.20 8.14
N HIS B 484 -13.97 -5.44 9.23
CA HIS B 484 -13.51 -5.90 10.54
C HIS B 484 -14.21 -7.20 10.94
N ILE B 485 -15.53 -7.24 10.77
CA ILE B 485 -16.29 -8.42 11.16
C ILE B 485 -15.87 -9.63 10.33
N CYS B 486 -15.69 -9.42 9.03
CA CYS B 486 -15.32 -10.53 8.15
C CYS B 486 -13.82 -10.81 8.16
N SER B 487 -13.03 -10.06 8.93
CA SER B 487 -11.60 -10.33 9.00
C SER B 487 -11.32 -11.71 9.58
N GLY B 488 -11.89 -12.03 10.73
CA GLY B 488 -11.77 -13.37 11.26
C GLY B 488 -11.31 -13.50 12.70
N ASN B 489 -10.46 -12.58 13.16
CA ASN B 489 -9.95 -12.67 14.52
C ASN B 489 -11.07 -12.40 15.52
N GLU B 490 -11.09 -13.19 16.60
CA GLU B 490 -12.27 -13.25 17.46
C GLU B 490 -12.52 -11.93 18.19
N ALA B 491 -11.46 -11.34 18.75
CA ALA B 491 -11.62 -10.10 19.50
C ALA B 491 -12.12 -8.97 18.59
N GLU B 492 -11.57 -8.90 17.38
CA GLU B 492 -12.04 -7.91 16.40
C GLU B 492 -13.51 -8.14 16.06
N VAL B 493 -13.90 -9.40 15.87
CA VAL B 493 -15.28 -9.71 15.52
C VAL B 493 -16.23 -9.26 16.62
N ASP B 494 -15.92 -9.64 17.87
CA ASP B 494 -16.81 -9.27 18.98
C ASP B 494 -16.86 -7.76 19.16
N THR B 495 -15.71 -7.08 19.08
CA THR B 495 -15.69 -5.64 19.26
C THR B 495 -16.48 -4.93 18.17
N ALA B 496 -16.25 -5.31 16.91
CA ALA B 496 -16.95 -4.66 15.81
C ALA B 496 -18.45 -4.93 15.87
N LEU B 497 -18.84 -6.15 16.25
CA LEU B 497 -20.26 -6.47 16.34
C LEU B 497 -20.93 -5.67 17.46
N ASP B 498 -20.26 -5.53 18.60
CA ASP B 498 -20.82 -4.71 19.68
C ASP B 498 -20.91 -3.25 19.26
N VAL B 499 -19.92 -2.77 18.50
CA VAL B 499 -19.95 -1.40 17.99
C VAL B 499 -21.15 -1.20 17.09
N LEU B 500 -21.39 -2.17 16.19
CA LEU B 500 -22.53 -2.08 15.30
C LEU B 500 -23.84 -2.08 16.07
N LEU B 501 -23.93 -2.91 17.12
CA LEU B 501 -25.15 -2.97 17.91
C LEU B 501 -25.44 -1.63 18.58
N GLU B 502 -24.42 -1.06 19.25
CA GLU B 502 -24.67 0.20 19.92
C GLU B 502 -24.88 1.34 18.92
N LEU B 503 -24.28 1.22 17.73
CA LEU B 503 -24.45 2.25 16.71
C LEU B 503 -25.86 2.23 16.14
N VAL B 504 -26.42 1.04 15.94
CA VAL B 504 -27.76 0.98 15.39
C VAL B 504 -28.79 1.30 16.46
N VAL B 505 -28.51 1.02 17.73
CA VAL B 505 -29.47 1.44 18.74
C VAL B 505 -29.34 2.94 19.02
N LEU B 506 -28.21 3.56 18.64
CA LEU B 506 -28.05 4.99 18.88
C LEU B 506 -28.77 5.82 17.81
N ASN B 507 -28.47 5.58 16.53
CA ASN B 507 -29.03 6.35 15.42
C ASN B 507 -29.61 5.37 14.40
N PRO B 508 -30.81 4.83 14.65
CA PRO B 508 -31.38 3.83 13.73
C PRO B 508 -31.65 4.36 12.34
N SER B 509 -32.05 5.63 12.21
CA SER B 509 -32.47 6.15 10.91
C SER B 509 -31.30 6.29 9.95
N ALA B 510 -30.16 6.78 10.43
CA ALA B 510 -29.00 6.92 9.57
C ALA B 510 -28.45 5.56 9.15
N MET B 511 -28.46 4.60 10.07
CA MET B 511 -27.99 3.25 9.76
C MET B 511 -28.97 2.50 8.86
N MET B 512 -30.24 2.92 8.84
CA MET B 512 -31.28 2.20 8.12
C MET B 512 -30.97 2.09 6.63
N MET B 513 -30.52 3.18 6.02
CA MET B 513 -30.29 3.18 4.58
C MET B 513 -29.05 2.39 4.19
N ASN B 514 -28.18 2.06 5.14
CA ASN B 514 -26.96 1.31 4.87
C ASN B 514 -27.11 -0.17 5.21
N ALA B 515 -28.33 -0.70 5.14
CA ALA B 515 -28.55 -2.10 5.49
C ALA B 515 -27.96 -3.06 4.48
N VAL B 516 -27.67 -2.60 3.26
CA VAL B 516 -27.12 -3.48 2.24
C VAL B 516 -25.75 -4.00 2.66
N PHE B 517 -24.90 -3.11 3.18
CA PHE B 517 -23.55 -3.51 3.56
C PHE B 517 -23.57 -4.52 4.71
N VAL B 518 -24.42 -4.30 5.71
CA VAL B 518 -24.44 -5.23 6.84
C VAL B 518 -25.09 -6.55 6.44
N LYS B 519 -26.09 -6.52 5.56
CA LYS B 519 -26.66 -7.78 5.07
C LYS B 519 -25.64 -8.56 4.25
N GLY B 520 -24.76 -7.86 3.52
CA GLY B 520 -23.76 -8.53 2.72
C GLY B 520 -22.79 -9.40 3.50
N ILE B 521 -22.76 -9.26 4.83
CA ILE B 521 -21.94 -10.15 5.65
C ILE B 521 -22.45 -11.58 5.56
N LEU B 522 -23.77 -11.75 5.40
CA LEU B 522 -24.40 -13.05 5.45
C LEU B 522 -23.91 -14.02 4.38
N ASP B 523 -23.18 -13.54 3.38
CA ASP B 523 -22.59 -14.45 2.40
C ASP B 523 -21.39 -15.20 2.95
N TYR B 524 -20.77 -14.68 4.02
CA TYR B 524 -19.57 -15.27 4.60
C TYR B 524 -19.93 -15.80 5.99
N LEU B 525 -20.41 -17.03 6.05
CA LEU B 525 -20.80 -17.67 7.31
C LEU B 525 -19.96 -18.90 7.61
N ASP B 526 -18.70 -18.91 7.16
CA ASP B 526 -17.74 -19.92 7.57
C ASP B 526 -16.58 -19.33 8.35
N ASN B 527 -16.43 -18.01 8.35
CA ASN B 527 -15.37 -17.33 9.08
C ASN B 527 -15.83 -16.85 10.46
N ILE B 528 -17.07 -17.18 10.85
CA ILE B 528 -17.68 -16.68 12.08
C ILE B 528 -18.04 -17.86 12.96
N SER B 529 -17.67 -17.78 14.23
CA SER B 529 -17.99 -18.84 15.18
C SER B 529 -19.50 -18.88 15.42
N PRO B 530 -20.03 -20.05 15.82
CA PRO B 530 -21.49 -20.19 15.99
C PRO B 530 -22.11 -19.21 16.96
N GLN B 531 -21.41 -18.84 18.04
CA GLN B 531 -22.01 -17.96 19.04
C GLN B 531 -22.21 -16.56 18.48
N GLN B 532 -21.26 -16.07 17.69
CA GLN B 532 -21.36 -14.71 17.16
C GLN B 532 -22.45 -14.58 16.09
N ILE B 533 -22.87 -15.71 15.50
CA ILE B 533 -23.95 -15.67 14.53
C ILE B 533 -25.24 -15.18 15.19
N ARG B 534 -25.49 -15.61 16.42
CA ARG B 534 -26.67 -15.15 17.13
C ARG B 534 -26.63 -13.65 17.36
N LYS B 535 -25.45 -13.12 17.73
CA LYS B 535 -25.33 -11.67 17.91
C LYS B 535 -25.53 -10.93 16.61
N LEU B 536 -25.01 -11.47 15.50
CA LEU B 536 -25.19 -10.83 14.19
C LEU B 536 -26.66 -10.79 13.82
N PHE B 537 -27.37 -11.90 14.01
CA PHE B 537 -28.79 -11.92 13.72
C PHE B 537 -29.54 -10.97 14.64
N TYR B 538 -29.10 -10.85 15.89
CA TYR B 538 -29.72 -9.92 16.83
C TYR B 538 -29.59 -8.48 16.37
N VAL B 539 -28.38 -8.07 16.00
CA VAL B 539 -28.18 -6.67 15.60
C VAL B 539 -28.90 -6.38 14.29
N LEU B 540 -28.88 -7.33 13.34
CA LEU B 540 -29.60 -7.12 12.10
C LEU B 540 -31.10 -7.02 12.35
N SER B 541 -31.64 -7.88 13.23
CA SER B 541 -33.06 -7.85 13.52
C SER B 541 -33.47 -6.54 14.19
N THR B 542 -32.70 -6.08 15.18
CA THR B 542 -33.08 -4.84 15.83
C THR B 542 -32.86 -3.63 14.93
N LEU B 543 -32.00 -3.76 13.91
CA LEU B 543 -31.97 -2.75 12.86
C LEU B 543 -33.26 -2.75 12.06
N ALA B 544 -33.73 -3.94 11.65
CA ALA B 544 -34.83 -4.05 10.73
C ALA B 544 -36.20 -4.07 11.41
N PHE B 545 -36.30 -3.58 12.65
CA PHE B 545 -37.58 -3.61 13.35
C PHE B 545 -37.80 -2.34 14.15
N SER B 546 -37.26 -1.23 13.67
CA SER B 546 -37.57 0.09 14.23
C SER B 546 -38.76 0.65 13.47
N LYS B 547 -39.65 1.35 14.19
CA LYS B 547 -40.89 1.81 13.58
C LYS B 547 -40.67 2.93 12.56
N GLN B 548 -39.46 3.49 12.48
CA GLN B 548 -39.14 4.41 11.39
C GLN B 548 -39.11 3.69 10.04
N ASN B 549 -38.96 2.37 10.03
CA ASN B 549 -38.91 1.58 8.82
C ASN B 549 -40.29 1.24 8.27
N GLU B 550 -41.36 1.42 9.06
CA GLU B 550 -42.69 1.00 8.65
C GLU B 550 -43.20 1.75 7.42
N ALA B 551 -42.58 2.87 7.06
CA ALA B 551 -42.93 3.54 5.82
C ALA B 551 -42.65 2.66 4.62
N SER B 552 -41.45 2.06 4.56
CA SER B 552 -41.11 1.08 3.54
C SER B 552 -40.32 -0.03 4.23
N SER B 553 -41.04 -1.05 4.72
CA SER B 553 -40.43 -2.14 5.46
C SER B 553 -40.00 -3.22 4.48
N HIS B 554 -38.79 -3.04 3.93
CA HIS B 554 -38.26 -3.99 2.97
C HIS B 554 -37.27 -4.97 3.57
N ILE B 555 -36.46 -4.54 4.54
CA ILE B 555 -35.47 -5.42 5.13
C ILE B 555 -36.14 -6.57 5.87
N GLN B 556 -37.26 -6.28 6.54
CA GLN B 556 -37.97 -7.30 7.29
C GLN B 556 -38.52 -8.39 6.36
N ASP B 557 -39.19 -7.99 5.29
CA ASP B 557 -39.76 -8.97 4.37
C ASP B 557 -38.72 -9.59 3.46
N ASP B 558 -37.52 -9.02 3.38
CA ASP B 558 -36.41 -9.70 2.74
C ASP B 558 -35.83 -10.76 3.65
N MET B 559 -35.72 -10.46 4.94
CA MET B 559 -35.12 -11.41 5.87
C MET B 559 -36.05 -12.59 6.13
N HIS B 560 -37.37 -12.37 6.09
CA HIS B 560 -38.28 -13.51 6.17
C HIS B 560 -38.13 -14.46 5.00
N LEU B 561 -37.54 -14.02 3.89
CA LEU B 561 -37.27 -14.92 2.78
C LEU B 561 -35.87 -15.52 2.87
N VAL B 562 -34.92 -14.74 3.39
CA VAL B 562 -33.56 -15.25 3.60
C VAL B 562 -33.58 -16.41 4.58
N ILE B 563 -34.33 -16.27 5.67
CA ILE B 563 -34.44 -17.35 6.65
C ILE B 563 -35.10 -18.57 6.03
N ARG B 564 -36.13 -18.37 5.21
CA ARG B 564 -36.81 -19.49 4.57
C ARG B 564 -35.88 -20.25 3.65
N LYS B 565 -35.15 -19.52 2.80
CA LYS B 565 -34.22 -20.20 1.89
C LYS B 565 -33.03 -20.80 2.62
N GLN B 566 -32.72 -20.33 3.83
CA GLN B 566 -31.71 -20.99 4.63
C GLN B 566 -32.24 -22.29 5.23
N LEU B 567 -33.49 -22.29 5.68
CA LEU B 567 -34.04 -23.48 6.33
C LEU B 567 -34.36 -24.57 5.33
N SER B 568 -34.82 -24.21 4.13
CA SER B 568 -35.14 -25.21 3.12
C SER B 568 -33.91 -25.79 2.45
N SER B 569 -32.71 -25.47 2.92
CA SER B 569 -31.50 -26.01 2.34
C SER B 569 -31.30 -27.46 2.78
N THR B 570 -30.33 -28.12 2.14
CA THR B 570 -30.01 -29.51 2.43
C THR B 570 -28.72 -29.68 3.24
N VAL B 571 -27.81 -28.72 3.19
CA VAL B 571 -26.62 -28.78 4.02
C VAL B 571 -27.03 -28.58 5.47
N PHE B 572 -26.51 -29.45 6.35
CA PHE B 572 -26.92 -29.43 7.75
C PHE B 572 -26.52 -28.13 8.44
N LYS B 573 -25.32 -27.62 8.13
CA LYS B 573 -24.81 -26.44 8.82
C LYS B 573 -25.70 -25.23 8.54
N TYR B 574 -26.14 -25.05 7.30
CA TYR B 574 -27.04 -23.94 7.02
C TYR B 574 -28.40 -24.14 7.65
N LYS B 575 -28.84 -25.38 7.84
CA LYS B 575 -30.10 -25.62 8.54
C LYS B 575 -29.99 -25.20 10.01
N LEU B 576 -28.85 -25.48 10.64
CA LEU B 576 -28.63 -25.04 12.02
C LEU B 576 -28.57 -23.51 12.09
N ILE B 577 -27.90 -22.88 11.14
CA ILE B 577 -27.86 -21.43 11.11
C ILE B 577 -29.27 -20.87 10.94
N GLY B 578 -30.07 -21.53 10.11
CA GLY B 578 -31.44 -21.08 9.90
C GLY B 578 -32.29 -21.15 11.15
N ILE B 579 -32.20 -22.26 11.89
CA ILE B 579 -33.00 -22.36 13.12
C ILE B 579 -32.56 -21.33 14.15
N ILE B 580 -31.23 -21.11 14.28
CA ILE B 580 -30.75 -20.09 15.21
C ILE B 580 -31.32 -18.72 14.84
N GLY B 581 -31.22 -18.36 13.56
CA GLY B 581 -31.68 -17.06 13.11
C GLY B 581 -33.18 -16.88 13.25
N ALA B 582 -33.95 -17.93 12.93
CA ALA B 582 -35.39 -17.85 13.02
C ALA B 582 -35.84 -17.63 14.45
N VAL B 583 -35.26 -18.36 15.40
CA VAL B 583 -35.64 -18.18 16.80
C VAL B 583 -35.28 -16.78 17.27
N THR B 584 -34.04 -16.34 17.00
CA THR B 584 -33.64 -15.04 17.54
C THR B 584 -34.30 -13.87 16.84
N MET B 585 -34.88 -14.08 15.65
CA MET B 585 -35.65 -13.02 15.03
C MET B 585 -37.08 -13.00 15.54
N ALA B 586 -37.68 -14.18 15.72
CA ALA B 586 -39.03 -14.23 16.29
C ALA B 586 -39.06 -13.63 17.68
N GLY B 587 -37.96 -13.76 18.43
CA GLY B 587 -37.92 -13.15 19.75
C GLY B 587 -38.07 -11.63 19.72
N ILE B 588 -37.36 -10.98 18.80
CA ILE B 588 -37.49 -9.53 18.66
C ILE B 588 -38.85 -9.17 18.06
N MET B 589 -39.33 -9.97 17.11
CA MET B 589 -40.61 -9.67 16.47
C MET B 589 -41.76 -9.70 17.47
N ALA B 590 -41.72 -10.61 18.44
CA ALA B 590 -42.75 -10.69 19.46
C ALA B 590 -42.30 -10.07 20.78
N ALA B 591 -41.46 -9.04 20.73
CA ALA B 591 -40.89 -8.48 21.95
C ALA B 591 -41.96 -7.77 22.79
N ASP B 592 -41.88 -7.96 24.09
CA ASP B 592 -42.78 -7.30 25.02
C ASP B 592 -42.33 -5.86 25.22
N ARG B 593 -43.22 -4.91 24.97
CA ARG B 593 -42.92 -3.49 25.11
C ARG B 593 -43.86 -2.89 26.16
N SER B 594 -43.81 -1.56 26.27
CA SER B 594 -44.65 -0.84 27.21
C SER B 594 -46.13 -0.92 26.81
N LEU B 606 -48.74 -4.97 22.22
CA LEU B 606 -49.05 -5.17 20.81
C LEU B 606 -50.34 -5.96 20.63
N SER B 607 -50.21 -7.29 20.64
CA SER B 607 -51.32 -8.21 20.42
C SER B 607 -52.04 -7.92 19.11
N ASP B 608 -51.26 -7.84 18.03
CA ASP B 608 -51.76 -7.48 16.72
C ASP B 608 -51.40 -8.54 15.70
N GLU B 609 -51.55 -8.23 14.41
CA GLU B 609 -51.26 -9.20 13.36
C GLU B 609 -49.79 -9.59 13.31
N GLN B 610 -48.90 -8.80 13.92
CA GLN B 610 -47.50 -9.20 14.02
C GLN B 610 -47.35 -10.47 14.86
N CYS B 611 -48.18 -10.63 15.89
CA CYS B 611 -48.16 -11.84 16.68
C CYS B 611 -48.56 -13.05 15.85
N THR B 612 -49.54 -12.88 14.96
CA THR B 612 -49.92 -13.97 14.06
C THR B 612 -48.77 -14.34 13.14
N GLN B 613 -48.04 -13.34 12.64
CA GLN B 613 -46.86 -13.62 11.83
C GLN B 613 -45.80 -14.36 12.63
N VAL B 614 -45.62 -13.98 13.90
CA VAL B 614 -44.67 -14.68 14.76
C VAL B 614 -45.07 -16.14 14.91
N THR B 615 -46.36 -16.39 15.13
CA THR B 615 -46.86 -17.74 15.25
C THR B 615 -46.63 -18.53 13.97
N SER B 616 -46.89 -17.91 12.81
CA SER B 616 -46.70 -18.58 11.54
C SER B 616 -45.23 -18.92 11.32
N LEU B 617 -44.33 -18.00 11.65
CA LEU B 617 -42.90 -18.27 11.52
C LEU B 617 -42.49 -19.43 12.41
N LEU B 618 -43.01 -19.47 13.64
CA LEU B 618 -42.64 -20.55 14.55
C LEU B 618 -43.15 -21.90 14.06
N GLN B 619 -44.39 -21.97 13.57
CA GLN B 619 -44.86 -23.28 13.11
C GLN B 619 -44.15 -23.70 11.82
N LEU B 620 -43.79 -22.73 10.97
CA LEU B 620 -43.00 -23.05 9.79
C LEU B 620 -41.64 -23.65 10.18
N VAL B 621 -40.94 -22.99 11.10
CA VAL B 621 -39.62 -23.47 11.47
C VAL B 621 -39.69 -24.74 12.30
N HIS B 622 -40.84 -25.00 12.93
CA HIS B 622 -41.03 -26.28 13.61
C HIS B 622 -41.26 -27.39 12.60
N SER B 623 -42.03 -27.13 11.55
CA SER B 623 -42.27 -28.15 10.54
C SER B 623 -41.02 -28.44 9.73
N CYS B 624 -40.18 -27.44 9.50
CA CYS B 624 -38.98 -27.65 8.70
C CYS B 624 -37.97 -28.53 9.42
N SER B 625 -37.72 -28.25 10.70
CA SER B 625 -36.69 -28.94 11.48
C SER B 625 -37.25 -30.02 12.39
N GLU B 626 -38.38 -30.62 12.02
CA GLU B 626 -38.96 -31.65 12.86
C GLU B 626 -38.28 -33.00 12.64
N GLN B 627 -37.65 -33.21 11.49
CA GLN B 627 -37.18 -34.53 11.13
C GLN B 627 -35.89 -34.91 11.85
N SER B 628 -34.82 -34.16 11.61
CA SER B 628 -33.53 -34.48 12.21
C SER B 628 -33.54 -34.21 13.70
N PRO B 629 -33.25 -35.20 14.55
CA PRO B 629 -33.29 -34.95 15.99
C PRO B 629 -32.16 -34.07 16.48
N GLN B 630 -30.96 -34.23 15.91
CA GLN B 630 -29.85 -33.35 16.27
C GLN B 630 -30.15 -31.91 15.89
N ALA B 631 -30.90 -31.71 14.81
CA ALA B 631 -31.39 -30.39 14.43
C ALA B 631 -32.71 -30.04 15.11
N SER B 632 -33.31 -30.98 15.84
CA SER B 632 -34.55 -30.68 16.54
C SER B 632 -34.27 -30.18 17.95
N ALA B 633 -33.23 -30.72 18.59
CA ALA B 633 -32.93 -30.30 19.96
C ALA B 633 -32.48 -28.85 20.03
N LEU B 634 -31.80 -28.36 18.98
CA LEU B 634 -31.35 -26.97 18.98
C LEU B 634 -32.51 -25.99 19.00
N TYR B 635 -33.62 -26.34 18.35
CA TYR B 635 -34.77 -25.45 18.30
C TYR B 635 -35.31 -25.22 19.71
N TYR B 636 -35.51 -26.30 20.48
CA TYR B 636 -35.97 -26.13 21.85
C TYR B 636 -34.93 -25.46 22.72
N ASP B 637 -33.65 -25.81 22.54
CA ASP B 637 -32.62 -25.23 23.39
C ASP B 637 -32.34 -23.77 23.07
N GLU B 638 -32.85 -23.25 21.96
CA GLU B 638 -32.81 -21.81 21.72
C GLU B 638 -34.10 -21.13 22.15
N PHE B 639 -35.24 -21.76 21.86
CA PHE B 639 -36.52 -21.15 22.18
C PHE B 639 -36.70 -21.03 23.68
N ALA B 640 -36.26 -22.03 24.44
CA ALA B 640 -36.41 -22.00 25.89
C ALA B 640 -35.40 -21.11 26.57
N ASN B 641 -34.36 -20.65 25.87
CA ASN B 641 -33.51 -19.60 26.40
C ASN B 641 -34.07 -18.22 26.09
N LEU B 642 -34.58 -18.06 24.86
CA LEU B 642 -35.16 -16.77 24.48
C LEU B 642 -36.40 -16.46 25.29
N ILE B 643 -37.24 -17.46 25.56
CA ILE B 643 -38.46 -17.23 26.33
C ILE B 643 -38.19 -16.99 27.81
N GLN B 644 -36.94 -17.12 28.23
CA GLN B 644 -36.58 -16.94 29.63
C GLN B 644 -35.79 -15.66 29.87
N HIS B 645 -34.66 -15.48 29.18
CA HIS B 645 -33.82 -14.32 29.47
C HIS B 645 -34.46 -13.03 29.02
N GLU B 646 -35.09 -13.03 27.84
CA GLU B 646 -35.93 -11.92 27.42
C GLU B 646 -37.35 -12.21 27.88
N LYS B 647 -38.31 -11.44 27.37
CA LYS B 647 -39.72 -11.71 27.60
C LYS B 647 -40.46 -11.49 26.30
N LEU B 648 -41.77 -11.72 26.32
CA LEU B 648 -42.56 -11.55 25.11
C LEU B 648 -44.02 -11.35 25.48
N ASP B 649 -44.79 -10.88 24.51
CA ASP B 649 -46.15 -10.42 24.76
C ASP B 649 -47.08 -11.58 25.09
N PRO B 650 -48.13 -11.32 25.88
CA PRO B 650 -48.99 -12.43 26.35
C PRO B 650 -49.73 -13.19 25.26
N LYS B 651 -49.95 -12.60 24.09
CA LYS B 651 -50.76 -13.28 23.08
C LYS B 651 -50.00 -14.45 22.44
N ALA B 652 -48.82 -14.18 21.90
CA ALA B 652 -47.98 -15.25 21.37
C ALA B 652 -47.62 -16.23 22.47
N LEU B 653 -47.40 -15.72 23.68
CA LEU B 653 -47.13 -16.60 24.82
C LEU B 653 -48.28 -17.58 25.05
N GLU B 654 -49.51 -17.07 25.01
CA GLU B 654 -50.68 -17.92 25.21
C GLU B 654 -50.78 -18.97 24.11
N TRP B 655 -50.59 -18.57 22.85
CA TRP B 655 -50.74 -19.54 21.77
C TRP B 655 -49.66 -20.62 21.84
N VAL B 656 -48.41 -20.21 22.03
CA VAL B 656 -47.33 -21.20 22.08
C VAL B 656 -47.48 -22.09 23.30
N GLY B 657 -47.98 -21.55 24.42
CA GLY B 657 -48.20 -22.39 25.59
C GLY B 657 -49.27 -23.44 25.34
N HIS B 658 -50.38 -23.03 24.72
CA HIS B 658 -51.44 -23.99 24.42
C HIS B 658 -50.94 -25.08 23.50
N THR B 659 -50.26 -24.71 22.42
CA THR B 659 -49.84 -25.73 21.47
C THR B 659 -48.74 -26.62 22.03
N ILE B 660 -47.84 -26.07 22.86
CA ILE B 660 -46.75 -26.89 23.38
C ILE B 660 -47.27 -27.85 24.45
N CYS B 661 -48.23 -27.40 25.27
CA CYS B 661 -48.82 -28.30 26.26
C CYS B 661 -49.59 -29.41 25.57
N ASN B 662 -50.37 -29.07 24.55
CA ASN B 662 -51.11 -30.10 23.81
C ASN B 662 -50.15 -31.09 23.16
N ASP B 663 -49.07 -30.60 22.56
CA ASP B 663 -48.16 -31.48 21.84
C ASP B 663 -47.41 -32.40 22.79
N PHE B 664 -46.93 -31.89 23.93
CA PHE B 664 -46.22 -32.76 24.85
C PHE B 664 -47.18 -33.74 25.52
N GLN B 665 -48.43 -33.33 25.79
CA GLN B 665 -49.38 -34.28 26.34
C GLN B 665 -49.70 -35.38 25.36
N ASP B 666 -49.76 -35.07 24.06
CA ASP B 666 -50.08 -36.08 23.07
C ASP B 666 -48.90 -37.00 22.76
N ALA B 667 -47.68 -36.46 22.77
CA ALA B 667 -46.55 -37.20 22.21
C ALA B 667 -46.02 -38.27 23.15
N PHE B 668 -45.48 -37.86 24.30
CA PHE B 668 -44.73 -38.78 25.16
C PHE B 668 -45.56 -39.41 26.27
N VAL B 669 -46.71 -38.85 26.61
CA VAL B 669 -47.46 -39.32 27.76
C VAL B 669 -48.25 -40.57 27.37
N VAL B 670 -47.99 -41.67 28.07
CA VAL B 670 -48.71 -42.93 27.90
C VAL B 670 -49.41 -43.23 29.21
N ASP B 671 -50.68 -43.64 29.12
CA ASP B 671 -51.47 -43.90 30.32
C ASP B 671 -50.89 -45.07 31.12
N SER B 672 -50.92 -44.92 32.44
CA SER B 672 -50.24 -45.88 33.31
C SER B 672 -50.96 -47.21 33.40
N CYS B 673 -52.30 -47.22 33.31
CA CYS B 673 -53.07 -48.44 33.49
C CYS B 673 -52.89 -49.42 32.33
N VAL B 674 -52.24 -49.01 31.25
CA VAL B 674 -52.03 -49.87 30.09
C VAL B 674 -50.52 -50.11 29.99
N VAL B 675 -49.87 -50.18 31.16
CA VAL B 675 -48.41 -50.35 31.19
C VAL B 675 -47.89 -51.58 30.44
N PRO B 676 -48.51 -52.76 30.46
CA PRO B 676 -47.89 -53.89 29.75
C PRO B 676 -47.93 -53.71 28.24
N GLU B 677 -46.85 -54.14 27.59
CA GLU B 677 -46.77 -54.24 26.15
C GLU B 677 -45.56 -55.09 25.81
N GLY B 678 -45.68 -55.91 24.76
CA GLY B 678 -44.71 -56.96 24.48
C GLY B 678 -43.67 -56.59 23.45
N ASP B 679 -43.13 -57.61 22.80
CA ASP B 679 -42.18 -57.58 21.68
C ASP B 679 -40.78 -57.12 22.07
N PHE B 680 -40.47 -56.99 23.37
CA PHE B 680 -39.09 -56.63 23.65
C PHE B 680 -38.34 -57.79 24.30
N PRO B 681 -37.04 -57.91 24.03
CA PRO B 681 -36.26 -58.97 24.70
C PRO B 681 -36.15 -58.77 26.20
N PHE B 682 -36.29 -57.55 26.69
CA PHE B 682 -36.22 -57.25 28.12
C PHE B 682 -37.62 -57.13 28.70
N PRO B 683 -37.82 -57.63 29.92
CA PRO B 683 -39.14 -57.51 30.57
C PRO B 683 -39.43 -56.05 30.91
N VAL B 684 -40.47 -55.51 30.29
CA VAL B 684 -40.82 -54.11 30.49
C VAL B 684 -41.44 -53.93 31.87
N LYS B 685 -40.96 -52.93 32.61
CA LYS B 685 -41.47 -52.63 33.94
C LYS B 685 -41.50 -51.12 34.13
N ALA B 686 -42.13 -50.68 35.22
CA ALA B 686 -42.17 -49.28 35.61
C ALA B 686 -41.41 -49.12 36.92
N LEU B 687 -40.44 -48.20 36.94
CA LEU B 687 -39.55 -48.05 38.07
C LEU B 687 -39.47 -46.59 38.50
N TYR B 688 -38.96 -46.40 39.72
CA TYR B 688 -38.61 -45.09 40.27
C TYR B 688 -39.82 -44.18 40.35
N GLY B 689 -40.96 -44.74 40.71
CA GLY B 689 -42.12 -43.94 41.00
C GLY B 689 -42.07 -43.36 42.41
N LEU B 690 -43.06 -42.52 42.71
CA LEU B 690 -43.22 -41.94 44.03
C LEU B 690 -44.53 -42.44 44.64
N GLU B 691 -44.48 -42.78 45.93
CA GLU B 691 -45.58 -43.20 46.81
C GLU B 691 -46.26 -44.49 46.34
N GLU B 692 -45.81 -45.05 45.22
CA GLU B 692 -46.25 -46.35 44.70
C GLU B 692 -47.77 -46.43 44.60
N TYR B 693 -48.34 -45.56 43.76
CA TYR B 693 -49.78 -45.56 43.54
C TYR B 693 -50.23 -46.66 42.59
N ASP B 694 -49.31 -47.22 41.80
CA ASP B 694 -49.56 -48.37 40.92
C ASP B 694 -50.69 -48.10 39.93
N THR B 695 -50.43 -47.12 39.05
CA THR B 695 -51.24 -46.86 37.85
C THR B 695 -52.70 -46.59 38.19
N GLN B 696 -52.93 -45.69 39.15
CA GLN B 696 -54.28 -45.26 39.43
C GLN B 696 -54.85 -44.43 38.28
N ASP B 697 -54.01 -43.58 37.68
CA ASP B 697 -54.41 -42.75 36.56
C ASP B 697 -53.25 -42.63 35.58
N GLY B 698 -53.56 -42.13 34.39
CA GLY B 698 -52.67 -42.23 33.24
C GLY B 698 -51.56 -41.21 33.10
N ILE B 699 -50.49 -41.33 33.88
CA ILE B 699 -49.28 -40.54 33.68
C ILE B 699 -48.09 -41.49 33.75
N ALA B 700 -47.28 -41.50 32.70
CA ALA B 700 -46.11 -42.37 32.61
C ALA B 700 -45.26 -41.95 31.41
N ILE B 701 -43.96 -42.23 31.50
CA ILE B 701 -43.02 -41.92 30.43
C ILE B 701 -42.70 -43.22 29.68
N ASN B 702 -42.93 -43.22 28.37
CA ASN B 702 -42.73 -44.40 27.53
C ASN B 702 -41.36 -44.30 26.87
N LEU B 703 -40.32 -44.56 27.65
CA LEU B 703 -38.96 -44.37 27.17
C LEU B 703 -38.40 -45.60 26.46
N LEU B 704 -38.71 -46.79 26.95
CA LEU B 704 -38.13 -48.01 26.38
C LEU B 704 -38.55 -48.28 24.93
N PRO B 705 -39.83 -48.22 24.55
CA PRO B 705 -40.17 -48.52 23.15
C PRO B 705 -39.56 -47.56 22.15
N LEU B 706 -39.42 -46.27 22.49
CA LEU B 706 -38.83 -45.32 21.56
C LEU B 706 -37.37 -45.64 21.31
N LEU B 707 -36.61 -45.93 22.36
CA LEU B 707 -35.21 -46.32 22.18
C LEU B 707 -35.09 -47.64 21.43
N PHE B 708 -35.98 -48.59 21.73
CA PHE B 708 -35.94 -49.87 21.01
C PHE B 708 -36.22 -49.68 19.53
N SER B 709 -37.17 -48.81 19.19
CA SER B 709 -37.42 -48.51 17.78
C SER B 709 -36.25 -47.76 17.16
N GLN B 710 -35.50 -47.00 17.96
CA GLN B 710 -34.32 -46.31 17.47
C GLN B 710 -33.04 -47.13 17.65
N ASP B 711 -33.15 -48.46 17.63
CA ASP B 711 -31.99 -49.35 17.74
C ASP B 711 -31.03 -49.15 16.58
N SER B 730 -36.62 -39.09 18.09
CA SER B 730 -37.68 -38.51 18.92
C SER B 730 -37.42 -38.59 20.44
N PRO B 731 -37.03 -39.75 21.01
CA PRO B 731 -36.73 -39.77 22.44
C PRO B 731 -35.48 -39.00 22.81
N LEU B 732 -34.58 -38.75 21.84
CA LEU B 732 -33.37 -38.01 22.13
C LEU B 732 -33.65 -36.56 22.50
N CYS B 733 -34.82 -36.03 22.12
CA CYS B 733 -35.20 -34.66 22.42
C CYS B 733 -36.22 -34.58 23.54
N LEU B 734 -36.27 -35.59 24.42
CA LEU B 734 -37.17 -35.53 25.57
C LEU B 734 -36.63 -34.58 26.64
N ALA B 735 -35.32 -34.49 26.78
CA ALA B 735 -34.73 -33.64 27.82
C ALA B 735 -35.05 -32.16 27.65
N PRO B 736 -34.85 -31.51 26.48
CA PRO B 736 -35.14 -30.07 26.43
C PRO B 736 -36.59 -29.73 26.16
N TYR B 737 -37.36 -30.66 25.60
CA TYR B 737 -38.77 -30.39 25.35
C TYR B 737 -39.51 -30.15 26.65
N PHE B 738 -39.20 -30.94 27.68
CA PHE B 738 -39.82 -30.72 28.99
C PHE B 738 -39.42 -29.37 29.57
N ARG B 739 -38.16 -28.97 29.39
CA ARG B 739 -37.73 -27.68 29.91
C ARG B 739 -38.50 -26.55 29.24
N LEU B 740 -38.68 -26.65 27.92
CA LEU B 740 -39.45 -25.63 27.21
C LEU B 740 -40.90 -25.63 27.69
N LEU B 741 -41.49 -26.80 27.88
CA LEU B 741 -42.87 -26.89 28.35
C LEU B 741 -43.01 -26.24 29.72
N ARG B 742 -42.11 -26.59 30.64
CA ARG B 742 -42.19 -26.06 32.00
C ARG B 742 -42.04 -24.55 32.01
N LEU B 743 -41.04 -24.03 31.30
CA LEU B 743 -40.77 -22.61 31.37
C LEU B 743 -41.89 -21.83 30.70
N CYS B 744 -42.43 -22.36 29.60
CA CYS B 744 -43.56 -21.70 28.95
C CYS B 744 -44.79 -21.67 29.84
N VAL B 745 -45.10 -22.80 30.50
CA VAL B 745 -46.31 -22.80 31.33
C VAL B 745 -46.13 -21.93 32.57
N GLU B 746 -44.91 -21.86 33.12
CA GLU B 746 -44.72 -20.99 34.28
C GLU B 746 -44.78 -19.53 33.88
N ARG B 747 -44.36 -19.18 32.67
CA ARG B 747 -44.48 -17.80 32.25
C ARG B 747 -45.91 -17.45 31.88
N GLN B 748 -46.68 -18.43 31.39
CA GLN B 748 -48.06 -18.17 31.03
C GLN B 748 -48.96 -18.05 32.27
N HIS B 749 -48.73 -18.88 33.29
CA HIS B 749 -49.55 -18.87 34.50
C HIS B 749 -48.93 -18.08 35.64
N ASN B 750 -47.85 -17.33 35.37
CA ASN B 750 -47.19 -16.48 36.36
C ASN B 750 -46.69 -17.29 37.56
N GLY B 751 -45.75 -18.19 37.28
CA GLY B 751 -45.09 -18.93 38.33
C GLY B 751 -45.94 -19.95 39.03
N ASN B 752 -47.02 -20.40 38.41
CA ASN B 752 -47.95 -21.36 39.01
C ASN B 752 -47.83 -22.68 38.27
N LEU B 753 -47.28 -23.69 38.95
CA LEU B 753 -47.03 -25.00 38.35
C LEU B 753 -48.06 -26.04 38.76
N GLU B 754 -49.29 -25.64 39.04
CA GLU B 754 -50.28 -26.61 39.50
C GLU B 754 -50.80 -27.46 38.36
N GLU B 755 -50.57 -27.06 37.10
CA GLU B 755 -51.02 -27.88 35.98
C GLU B 755 -50.12 -29.10 35.80
N ILE B 756 -48.81 -28.88 35.70
CA ILE B 756 -47.86 -30.00 35.63
C ILE B 756 -47.49 -30.33 37.07
N ASP B 757 -48.36 -31.10 37.70
CA ASP B 757 -48.14 -31.59 39.06
C ASP B 757 -47.98 -33.09 39.12
N GLY B 758 -48.70 -33.83 38.30
CA GLY B 758 -48.51 -35.27 38.23
C GLY B 758 -47.28 -35.70 37.49
N LEU B 759 -46.49 -34.74 37.01
CA LEU B 759 -45.24 -35.02 36.32
C LEU B 759 -44.03 -34.86 37.25
N LEU B 760 -44.19 -35.21 38.52
CA LEU B 760 -43.10 -35.42 39.45
C LEU B 760 -43.11 -36.80 40.09
N ASP B 761 -44.29 -37.38 40.30
CA ASP B 761 -44.44 -38.74 40.79
C ASP B 761 -44.65 -39.74 39.66
N CYS B 762 -44.53 -39.31 38.41
CA CYS B 762 -44.69 -40.22 37.29
C CYS B 762 -43.55 -41.23 37.26
N PRO B 763 -43.82 -42.48 36.93
CA PRO B 763 -42.74 -43.46 36.81
C PRO B 763 -42.16 -43.47 35.41
N ILE B 764 -41.18 -44.34 35.16
CA ILE B 764 -40.54 -44.45 33.87
C ILE B 764 -40.55 -45.91 33.45
N PHE B 765 -40.99 -46.18 32.22
CA PHE B 765 -40.87 -47.52 31.67
C PHE B 765 -39.41 -47.89 31.53
N LEU B 766 -39.03 -49.02 32.11
CA LEU B 766 -37.64 -49.43 32.13
C LEU B 766 -37.56 -50.94 32.26
N THR B 767 -36.41 -51.48 31.86
CA THR B 767 -36.11 -52.88 32.11
C THR B 767 -35.52 -53.04 33.49
N ASP B 768 -35.07 -54.25 33.80
CA ASP B 768 -34.37 -54.47 35.06
C ASP B 768 -32.96 -53.91 34.94
N LEU B 769 -32.81 -52.61 35.26
CA LEU B 769 -31.52 -51.94 35.08
C LEU B 769 -30.46 -52.47 36.03
N GLU B 770 -30.86 -53.06 37.15
CA GLU B 770 -29.90 -53.60 38.10
C GLU B 770 -29.15 -54.75 37.44
N PRO B 771 -27.83 -54.84 37.58
CA PRO B 771 -27.10 -55.94 36.93
C PRO B 771 -27.48 -57.31 37.48
N GLY B 772 -28.13 -58.12 36.65
CA GLY B 772 -28.50 -59.46 37.01
C GLY B 772 -27.54 -60.48 36.45
N GLU B 773 -26.24 -60.17 36.53
CA GLU B 773 -25.14 -60.97 36.01
C GLU B 773 -25.18 -61.12 34.50
N LYS B 774 -25.98 -60.31 33.81
CA LYS B 774 -25.95 -60.21 32.35
C LYS B 774 -24.95 -59.17 31.87
N LEU B 775 -23.97 -58.83 32.70
CA LEU B 775 -22.92 -57.88 32.33
C LEU B 775 -21.66 -58.59 31.84
N GLU B 776 -21.17 -59.56 32.62
CA GLU B 776 -20.00 -60.33 32.19
C GLU B 776 -20.30 -61.13 30.93
N SER B 777 -21.48 -61.74 30.87
CA SER B 777 -21.96 -62.42 29.68
C SER B 777 -22.92 -61.50 28.93
N MET B 778 -23.19 -61.87 27.67
CA MET B 778 -24.10 -61.13 26.78
C MET B 778 -23.67 -59.68 26.60
N SER B 779 -22.36 -59.43 26.63
CA SER B 779 -21.82 -58.07 26.49
C SER B 779 -21.81 -57.65 25.03
N ALA B 780 -23.00 -57.63 24.45
CA ALA B 780 -23.20 -57.35 23.04
C ALA B 780 -23.45 -55.86 22.83
N LYS B 781 -23.91 -55.49 21.64
CA LYS B 781 -24.24 -54.11 21.34
C LYS B 781 -25.37 -53.58 22.23
N GLU B 782 -26.26 -54.47 22.68
CA GLU B 782 -27.36 -54.07 23.55
C GLU B 782 -26.89 -53.53 24.90
N ARG B 783 -25.68 -53.88 25.33
CA ARG B 783 -25.11 -53.31 26.55
C ARG B 783 -24.91 -51.80 26.39
N SER B 784 -24.40 -51.38 25.23
CA SER B 784 -24.25 -49.95 24.96
C SER B 784 -25.61 -49.26 24.90
N PHE B 785 -26.62 -49.96 24.37
CA PHE B 785 -27.98 -49.45 24.39
C PHE B 785 -28.47 -49.25 25.83
N MET B 786 -28.17 -50.20 26.71
CA MET B 786 -28.53 -50.05 28.12
C MET B 786 -27.81 -48.87 28.75
N CYS B 787 -26.54 -48.68 28.40
CA CYS B 787 -25.79 -47.53 28.90
C CYS B 787 -26.43 -46.22 28.46
N SER B 788 -26.81 -46.13 27.19
CA SER B 788 -27.47 -44.91 26.71
C SER B 788 -28.81 -44.71 27.37
N LEU B 789 -29.55 -45.79 27.64
CA LEU B 789 -30.84 -45.67 28.30
C LEU B 789 -30.68 -45.12 29.71
N ILE B 790 -29.71 -45.65 30.46
CA ILE B 790 -29.45 -45.15 31.81
C ILE B 790 -29.01 -43.70 31.76
N PHE B 791 -28.15 -43.36 30.79
CA PHE B 791 -27.72 -41.98 30.60
C PHE B 791 -28.91 -41.06 30.38
N LEU B 792 -29.84 -41.45 29.52
CA LEU B 792 -30.94 -40.56 29.17
C LEU B 792 -31.94 -40.43 30.30
N THR B 793 -32.23 -41.52 31.03
CA THR B 793 -33.14 -41.38 32.16
C THR B 793 -32.49 -40.59 33.29
N LEU B 794 -31.17 -40.69 33.47
CA LEU B 794 -30.50 -39.86 34.46
C LEU B 794 -30.57 -38.40 34.05
N ASN B 795 -30.41 -38.11 32.76
CA ASN B 795 -30.54 -36.73 32.30
C ASN B 795 -31.96 -36.20 32.51
N TRP B 796 -32.97 -37.03 32.26
CA TRP B 796 -34.34 -36.62 32.53
C TRP B 796 -34.55 -36.32 34.00
N PHE B 797 -33.99 -37.14 34.89
CA PHE B 797 -34.13 -36.85 36.31
C PHE B 797 -33.37 -35.58 36.69
N ARG B 798 -32.23 -35.36 36.07
CA ARG B 798 -31.43 -34.17 36.36
C ARG B 798 -32.13 -32.90 35.89
N GLU B 799 -33.01 -33.02 34.89
CA GLU B 799 -33.80 -31.87 34.48
C GLU B 799 -35.04 -31.70 35.36
N ILE B 800 -35.69 -32.81 35.70
CA ILE B 800 -36.91 -32.72 36.50
C ILE B 800 -36.62 -32.24 37.91
N VAL B 801 -35.42 -32.48 38.43
CA VAL B 801 -35.08 -31.89 39.72
C VAL B 801 -34.85 -30.39 39.58
N ASN B 802 -34.37 -29.94 38.43
CA ASN B 802 -34.24 -28.51 38.16
C ASN B 802 -35.60 -27.85 38.04
N ALA B 803 -36.61 -28.61 37.60
CA ALA B 803 -37.89 -27.99 37.27
C ALA B 803 -38.64 -27.50 38.50
N PHE B 804 -38.75 -28.33 39.53
CA PHE B 804 -39.57 -28.01 40.70
C PHE B 804 -38.65 -27.89 41.91
N CYS B 805 -38.08 -26.70 42.10
CA CYS B 805 -37.26 -26.43 43.26
C CYS B 805 -37.70 -25.12 43.92
N GLN B 806 -38.22 -24.19 43.12
CA GLN B 806 -38.60 -22.89 43.64
C GLN B 806 -39.82 -22.98 44.54
N GLU B 807 -40.71 -23.93 44.29
CA GLU B 807 -41.91 -24.06 45.10
C GLU B 807 -41.54 -24.41 46.54
N THR B 808 -42.39 -23.98 47.48
CA THR B 808 -42.08 -24.05 48.90
C THR B 808 -43.05 -24.93 49.68
N SER B 809 -43.81 -25.78 49.00
CA SER B 809 -44.64 -26.75 49.69
C SER B 809 -43.74 -27.81 50.34
N PRO B 810 -43.95 -28.13 51.63
CA PRO B 810 -43.00 -29.01 52.33
C PRO B 810 -42.93 -30.42 51.78
N GLU B 811 -44.09 -31.06 51.62
CA GLU B 811 -44.11 -32.41 51.06
C GLU B 811 -43.64 -32.44 49.61
N MET B 812 -43.89 -31.37 48.86
CA MET B 812 -43.37 -31.29 47.50
C MET B 812 -41.84 -31.17 47.51
N LYS B 813 -41.30 -30.44 48.49
CA LYS B 813 -39.86 -30.41 48.69
C LYS B 813 -39.34 -31.79 49.03
N GLY B 814 -40.11 -32.56 49.80
CA GLY B 814 -39.75 -33.94 50.04
C GLY B 814 -39.74 -34.78 48.77
N LYS B 815 -40.71 -34.53 47.88
CA LYS B 815 -40.74 -35.22 46.59
C LYS B 815 -39.48 -34.94 45.79
N VAL B 816 -39.07 -33.67 45.72
CA VAL B 816 -37.88 -33.35 44.94
C VAL B 816 -36.61 -33.89 45.61
N LEU B 817 -36.61 -33.99 46.94
CA LEU B 817 -35.45 -34.59 47.61
C LEU B 817 -35.36 -36.09 47.34
N THR B 818 -36.52 -36.77 47.30
CA THR B 818 -36.53 -38.17 46.91
C THR B 818 -36.05 -38.34 45.47
N ARG B 819 -36.43 -37.41 44.59
CA ARG B 819 -35.92 -37.45 43.22
C ARG B 819 -34.41 -37.30 43.21
N LEU B 820 -33.87 -36.46 44.09
CA LEU B 820 -32.42 -36.33 44.21
C LEU B 820 -31.77 -37.64 44.65
N LYS B 821 -32.40 -38.35 45.59
CA LYS B 821 -31.83 -39.63 46.00
C LYS B 821 -31.88 -40.64 44.85
N HIS B 822 -32.94 -40.61 44.05
CA HIS B 822 -33.02 -41.49 42.89
C HIS B 822 -31.93 -41.18 41.87
N ILE B 823 -31.67 -39.90 41.62
CA ILE B 823 -30.64 -39.59 40.63
C ILE B 823 -29.26 -39.97 41.17
N VAL B 824 -29.02 -39.82 42.48
CA VAL B 824 -27.69 -40.19 42.97
C VAL B 824 -27.49 -41.70 42.92
N GLU B 825 -28.54 -42.50 43.18
CA GLU B 825 -28.34 -43.94 43.07
C GLU B 825 -28.19 -44.38 41.62
N LEU B 826 -28.88 -43.72 40.68
CA LEU B 826 -28.64 -44.01 39.27
C LEU B 826 -27.22 -43.64 38.86
N GLN B 827 -26.71 -42.51 39.35
CA GLN B 827 -25.35 -42.13 39.00
C GLN B 827 -24.34 -43.07 39.62
N ILE B 828 -24.66 -43.67 40.76
CA ILE B 828 -23.81 -44.74 41.30
C ILE B 828 -23.85 -45.96 40.38
N ILE B 829 -25.05 -46.35 39.93
CA ILE B 829 -25.20 -47.58 39.17
C ILE B 829 -24.51 -47.48 37.80
N LEU B 830 -24.54 -46.29 37.20
CA LEU B 830 -24.12 -46.14 35.80
C LEU B 830 -22.69 -46.61 35.56
N GLU B 831 -21.80 -46.48 36.54
CA GLU B 831 -20.41 -46.87 36.34
C GLU B 831 -20.25 -48.36 36.07
N LYS B 832 -21.20 -49.18 36.51
CA LYS B 832 -21.09 -50.63 36.29
C LYS B 832 -21.12 -50.95 34.81
N TYR B 833 -22.07 -50.39 34.07
CA TYR B 833 -22.08 -50.54 32.62
C TYR B 833 -21.11 -49.61 31.92
N LEU B 834 -20.62 -48.58 32.61
CA LEU B 834 -19.60 -47.72 32.00
C LEU B 834 -18.26 -48.43 31.91
N ALA B 835 -17.91 -49.23 32.93
CA ALA B 835 -16.56 -49.77 33.04
C ALA B 835 -16.23 -50.74 31.92
N VAL B 836 -17.18 -51.58 31.52
CA VAL B 836 -16.90 -52.61 30.52
C VAL B 836 -16.67 -51.99 29.16
N THR B 837 -17.42 -50.95 28.81
CA THR B 837 -17.24 -50.30 27.51
C THR B 837 -15.95 -49.49 27.51
N PRO B 838 -15.11 -49.62 26.49
CA PRO B 838 -13.90 -48.77 26.42
C PRO B 838 -14.23 -47.30 26.27
N ASP B 839 -15.07 -46.95 25.30
CA ASP B 839 -15.50 -45.56 25.11
C ASP B 839 -16.88 -45.55 24.46
N TYR B 840 -17.65 -44.52 24.80
CA TYR B 840 -19.02 -44.41 24.31
C TYR B 840 -19.47 -42.97 24.43
N VAL B 841 -19.99 -42.42 23.34
CA VAL B 841 -20.31 -40.99 23.28
C VAL B 841 -21.75 -40.76 22.78
N PRO B 842 -22.77 -41.05 23.57
CA PRO B 842 -24.14 -40.75 23.15
C PRO B 842 -24.54 -39.35 23.54
N PRO B 843 -25.31 -38.65 22.70
CA PRO B 843 -25.80 -37.31 23.04
C PRO B 843 -27.05 -37.38 23.92
N LEU B 922 -14.66 -39.13 33.89
CA LEU B 922 -14.98 -37.93 34.65
C LEU B 922 -14.69 -36.68 33.83
N HIS B 923 -14.04 -36.87 32.67
CA HIS B 923 -13.81 -35.77 31.75
C HIS B 923 -15.07 -35.33 31.04
N ASN B 924 -16.00 -36.27 30.81
CA ASN B 924 -17.27 -36.00 30.13
C ASN B 924 -18.42 -35.79 31.11
N SER B 925 -18.12 -35.62 32.40
CA SER B 925 -19.16 -35.55 33.41
C SER B 925 -20.06 -34.34 33.22
N HIS B 926 -19.48 -33.19 32.87
CA HIS B 926 -20.29 -31.98 32.73
C HIS B 926 -20.67 -31.70 31.29
N ALA B 927 -19.89 -32.16 30.31
CA ALA B 927 -20.22 -31.91 28.92
C ALA B 927 -21.41 -32.75 28.49
N PHE B 928 -21.43 -34.02 28.87
CA PHE B 928 -22.50 -34.92 28.43
C PHE B 928 -23.80 -34.69 29.18
N PHE B 929 -23.74 -34.25 30.43
CA PHE B 929 -24.93 -34.12 31.25
C PHE B 929 -25.59 -32.77 30.99
N ARG B 930 -26.89 -32.70 31.29
CA ARG B 930 -27.63 -31.46 31.13
C ARG B 930 -27.30 -30.51 32.27
N GLU B 931 -27.27 -29.21 31.94
CA GLU B 931 -26.90 -28.20 32.91
C GLU B 931 -27.93 -28.08 34.02
N LEU B 932 -27.48 -27.61 35.17
CA LEU B 932 -28.32 -27.38 36.34
C LEU B 932 -28.32 -25.88 36.64
N ASP B 933 -29.50 -25.34 36.92
CA ASP B 933 -29.57 -23.91 37.18
C ASP B 933 -29.23 -23.61 38.63
N ILE B 934 -29.07 -22.32 38.91
CA ILE B 934 -28.71 -21.87 40.26
C ILE B 934 -29.83 -22.16 41.24
N GLU B 935 -31.08 -22.18 40.77
CA GLU B 935 -32.24 -22.28 41.65
C GLU B 935 -32.30 -23.59 42.42
N VAL B 936 -31.63 -24.64 41.93
CA VAL B 936 -31.74 -25.96 42.55
C VAL B 936 -31.16 -25.96 43.97
N PHE B 937 -30.11 -25.19 44.20
CA PHE B 937 -29.42 -25.22 45.49
C PHE B 937 -30.27 -24.73 46.65
N SER B 938 -31.50 -24.28 46.41
CA SER B 938 -32.36 -23.84 47.50
C SER B 938 -32.76 -24.98 48.42
N ILE B 939 -32.61 -26.23 47.97
CA ILE B 939 -32.98 -27.39 48.77
C ILE B 939 -31.97 -27.63 49.88
N LEU B 940 -30.89 -26.86 49.91
CA LEU B 940 -29.87 -27.01 50.93
C LEU B 940 -30.34 -26.61 52.32
N HIS B 941 -31.51 -25.96 52.44
CA HIS B 941 -31.98 -25.51 53.73
C HIS B 941 -32.27 -26.65 54.69
N CYS B 942 -32.49 -27.86 54.19
CA CYS B 942 -32.74 -29.00 55.07
C CYS B 942 -31.42 -29.54 55.61
N GLY B 943 -31.34 -29.64 56.94
CA GLY B 943 -30.11 -30.11 57.55
C GLY B 943 -29.86 -31.57 57.28
N LEU B 944 -28.58 -31.95 57.32
CA LEU B 944 -28.19 -33.30 56.99
C LEU B 944 -28.39 -34.24 58.18
N VAL B 945 -28.67 -35.50 57.87
CA VAL B 945 -28.85 -36.54 58.88
C VAL B 945 -27.91 -37.68 58.53
N THR B 946 -26.98 -37.98 59.44
CA THR B 946 -25.99 -39.04 59.24
C THR B 946 -26.56 -40.36 59.72
N LYS B 947 -26.08 -41.45 59.13
CA LYS B 947 -26.65 -42.78 59.35
C LYS B 947 -26.11 -43.45 60.60
N PHE B 948 -24.78 -43.57 60.72
CA PHE B 948 -24.21 -44.42 61.76
C PHE B 948 -24.32 -43.79 63.14
N ILE B 949 -24.06 -42.49 63.24
CA ILE B 949 -24.08 -41.84 64.55
C ILE B 949 -25.51 -41.80 65.11
N LEU B 950 -26.49 -41.50 64.25
CA LEU B 950 -27.91 -41.44 64.62
C LEU B 950 -28.15 -40.46 65.77
N VAL B 961 -38.01 -34.97 58.64
CA VAL B 961 -38.45 -34.91 57.25
C VAL B 961 -37.74 -35.99 56.42
N VAL B 962 -37.44 -35.66 55.17
CA VAL B 962 -36.84 -36.63 54.26
C VAL B 962 -35.35 -36.82 54.56
N GLN B 963 -34.72 -35.86 55.26
CA GLN B 963 -33.36 -36.00 55.78
C GLN B 963 -32.35 -36.20 54.65
N LEU B 964 -32.12 -35.10 53.93
CA LEU B 964 -31.01 -34.99 52.98
C LEU B 964 -29.74 -35.64 53.50
N GLY B 965 -29.24 -36.62 52.74
CA GLY B 965 -28.15 -37.44 53.20
C GLY B 965 -26.79 -36.91 52.83
N PRO B 966 -25.74 -37.63 53.23
CA PRO B 966 -24.37 -37.22 52.89
C PRO B 966 -24.09 -37.24 51.39
N PRO B 967 -24.31 -38.37 50.67
CA PRO B 967 -23.79 -38.42 49.29
C PRO B 967 -24.46 -37.44 48.33
N GLU B 968 -25.78 -37.25 48.44
CA GLU B 968 -26.41 -36.26 47.59
C GLU B 968 -25.95 -34.85 47.93
N LEU B 969 -25.67 -34.58 49.20
CA LEU B 969 -25.12 -33.28 49.57
C LEU B 969 -23.74 -33.08 48.98
N LEU B 970 -22.94 -34.15 48.95
CA LEU B 970 -21.65 -34.10 48.26
C LEU B 970 -21.83 -33.80 46.78
N PHE B 971 -22.84 -34.41 46.16
CA PHE B 971 -23.12 -34.15 44.75
C PHE B 971 -23.47 -32.68 44.51
N LEU B 972 -24.34 -32.12 45.35
CA LEU B 972 -24.71 -30.70 45.24
C LEU B 972 -23.50 -29.80 45.40
N LEU B 973 -22.68 -30.07 46.42
CA LEU B 973 -21.50 -29.24 46.63
C LEU B 973 -20.51 -29.38 45.49
N GLU B 974 -20.41 -30.58 44.90
CA GLU B 974 -19.54 -30.78 43.76
C GLU B 974 -19.97 -29.93 42.57
N ASP B 975 -21.27 -29.94 42.27
CA ASP B 975 -21.75 -29.16 41.14
C ASP B 975 -21.61 -27.66 41.41
N LEU B 976 -21.90 -27.23 42.64
CA LEU B 976 -21.76 -25.81 42.96
C LEU B 976 -20.31 -25.35 42.87
N SER B 977 -19.37 -26.20 43.33
CA SER B 977 -17.95 -25.87 43.22
C SER B 977 -17.52 -25.78 41.78
N GLN B 978 -17.98 -26.72 40.94
CA GLN B 978 -17.63 -26.65 39.52
C GLN B 978 -18.27 -25.45 38.84
N LYS B 979 -19.37 -24.93 39.38
CA LYS B 979 -19.92 -23.67 38.88
C LYS B 979 -19.03 -22.50 39.27
N LEU B 980 -18.63 -22.45 40.54
CA LEU B 980 -17.90 -21.30 41.06
C LEU B 980 -16.51 -21.18 40.43
N GLU B 981 -15.78 -22.30 40.34
CA GLU B 981 -14.43 -22.22 39.78
C GLU B 981 -14.44 -21.84 38.30
N SER B 982 -15.56 -22.03 37.62
CA SER B 982 -15.66 -21.56 36.24
C SER B 982 -16.08 -20.10 36.19
N MET B 983 -16.99 -19.68 37.07
CA MET B 983 -17.50 -18.31 36.99
C MET B 983 -16.52 -17.30 37.55
N LEU B 984 -16.15 -17.45 38.82
CA LEU B 984 -15.43 -16.37 39.51
C LEU B 984 -13.96 -16.32 39.09
N THR B 985 -13.23 -17.40 39.33
CA THR B 985 -11.80 -17.43 39.00
C THR B 985 -11.55 -17.35 37.50
N GLY B 1004 -17.91 -24.38 27.55
CA GLY B 1004 -18.52 -25.46 28.32
C GLY B 1004 -19.90 -25.11 28.86
N PHE B 1005 -19.92 -24.41 30.00
CA PHE B 1005 -21.17 -23.98 30.58
C PHE B 1005 -21.82 -22.89 29.73
N SER B 1006 -23.14 -22.97 29.59
CA SER B 1006 -23.87 -22.01 28.77
C SER B 1006 -24.86 -21.18 29.56
N HIS B 1007 -25.77 -21.82 30.30
CA HIS B 1007 -26.78 -21.08 31.05
C HIS B 1007 -26.16 -20.28 32.19
N LEU B 1008 -25.10 -20.81 32.80
CA LEU B 1008 -24.48 -20.12 33.92
C LEU B 1008 -23.78 -18.84 33.46
N GLN B 1009 -23.17 -18.85 32.28
CA GLN B 1009 -22.37 -17.72 31.83
C GLN B 1009 -23.18 -16.57 31.27
N GLN B 1010 -24.47 -16.75 31.00
CA GLN B 1010 -25.33 -15.67 30.57
C GLN B 1010 -26.11 -15.06 31.74
N ARG B 1011 -25.48 -15.03 32.91
CA ARG B 1011 -26.00 -14.37 34.10
C ARG B 1011 -24.94 -13.42 34.64
N SER B 1012 -25.38 -12.40 35.36
CA SER B 1012 -24.45 -11.41 35.88
C SER B 1012 -23.55 -12.01 36.96
N ALA B 1013 -22.27 -11.62 36.92
CA ALA B 1013 -21.34 -12.07 37.95
C ALA B 1013 -21.73 -11.53 39.32
N GLN B 1014 -22.17 -10.27 39.38
CA GLN B 1014 -22.67 -9.71 40.63
C GLN B 1014 -23.90 -10.47 41.11
N GLU B 1015 -24.78 -10.84 40.19
CA GLU B 1015 -25.94 -11.64 40.54
C GLU B 1015 -25.53 -13.00 41.11
N ILE B 1016 -24.54 -13.64 40.49
CA ILE B 1016 -24.08 -14.95 40.96
C ILE B 1016 -23.49 -14.84 42.36
N VAL B 1017 -22.66 -13.82 42.58
CA VAL B 1017 -22.06 -13.61 43.90
C VAL B 1017 -23.13 -13.36 44.95
N HIS B 1018 -24.13 -12.52 44.62
CA HIS B 1018 -25.20 -12.23 45.56
C HIS B 1018 -26.01 -13.48 45.88
N CYS B 1019 -26.32 -14.28 44.86
CA CYS B 1019 -27.14 -15.46 45.10
C CYS B 1019 -26.37 -16.54 45.84
N VAL B 1020 -25.05 -16.59 45.66
CA VAL B 1020 -24.24 -17.51 46.45
C VAL B 1020 -24.18 -17.05 47.91
N PHE B 1021 -24.03 -15.75 48.12
CA PHE B 1021 -24.10 -15.20 49.48
C PHE B 1021 -25.44 -15.53 50.13
N GLN B 1022 -26.52 -15.48 49.37
CA GLN B 1022 -27.85 -15.77 49.90
C GLN B 1022 -27.91 -17.14 50.55
N LEU B 1023 -27.11 -18.08 50.07
CA LEU B 1023 -27.10 -19.44 50.58
C LEU B 1023 -26.02 -19.68 51.62
N LEU B 1024 -25.46 -18.62 52.20
CA LEU B 1024 -24.36 -18.82 53.15
C LEU B 1024 -24.86 -19.40 54.45
N THR B 1025 -25.96 -18.88 54.99
CA THR B 1025 -26.41 -19.28 56.31
C THR B 1025 -26.93 -20.71 56.47
N PRO B 1026 -27.49 -21.40 55.46
CA PRO B 1026 -27.76 -22.83 55.64
C PRO B 1026 -26.56 -23.70 55.33
N MET B 1027 -25.47 -23.12 54.87
CA MET B 1027 -24.25 -23.85 54.53
C MET B 1027 -23.30 -23.95 55.71
N CYS B 1028 -23.16 -22.86 56.47
CA CYS B 1028 -22.34 -22.89 57.67
C CYS B 1028 -22.88 -23.85 58.72
N ASN B 1029 -24.20 -24.04 58.76
CA ASN B 1029 -24.78 -25.04 59.66
C ASN B 1029 -24.38 -26.46 59.26
N HIS B 1030 -24.36 -26.74 57.96
CA HIS B 1030 -23.85 -28.03 57.50
C HIS B 1030 -22.38 -28.20 57.86
N LEU B 1031 -21.58 -27.14 57.68
CA LEU B 1031 -20.16 -27.22 58.00
C LEU B 1031 -19.96 -27.52 59.49
N GLU B 1032 -20.71 -26.81 60.34
CA GLU B 1032 -20.63 -27.04 61.78
C GLU B 1032 -21.07 -28.45 62.14
N ASN B 1033 -22.10 -28.97 61.46
CA ASN B 1033 -22.58 -30.31 61.78
C ASN B 1033 -21.58 -31.39 61.38
N ILE B 1034 -20.94 -31.25 60.21
CA ILE B 1034 -19.93 -32.23 59.84
C ILE B 1034 -18.69 -32.10 60.72
N HIS B 1035 -18.38 -30.87 61.16
CA HIS B 1035 -17.31 -30.68 62.13
C HIS B 1035 -17.57 -31.48 63.40
N ASN B 1036 -18.80 -31.39 63.92
CA ASN B 1036 -19.16 -32.20 65.08
C ASN B 1036 -19.18 -33.70 64.77
N TYR B 1037 -19.59 -34.10 63.57
CA TYR B 1037 -19.47 -35.49 63.17
C TYR B 1037 -18.04 -35.98 63.32
N PHE B 1038 -17.08 -35.24 62.76
CA PHE B 1038 -15.71 -35.72 62.77
C PHE B 1038 -15.11 -35.66 64.18
N GLN B 1039 -15.39 -34.60 64.94
CA GLN B 1039 -14.89 -34.57 66.30
C GLN B 1039 -15.56 -35.61 67.19
N CYS B 1040 -16.70 -36.14 66.78
CA CYS B 1040 -17.34 -37.23 67.51
C CYS B 1040 -16.64 -38.56 67.29
N LEU B 1041 -15.71 -38.64 66.34
CA LEU B 1041 -15.00 -39.88 66.04
C LEU B 1041 -13.61 -39.89 66.67
N ALA B 1042 -13.48 -39.26 67.84
CA ALA B 1042 -12.22 -39.33 68.58
C ALA B 1042 -11.95 -40.73 69.10
N ALA B 1043 -12.98 -41.40 69.61
CA ALA B 1043 -12.82 -42.75 70.13
C ALA B 1043 -13.70 -43.73 69.36
N LYS B 1055 -18.11 -49.56 56.05
CA LYS B 1055 -18.26 -48.51 57.05
C LYS B 1055 -17.45 -47.28 56.66
N VAL B 1056 -16.32 -47.51 55.98
CA VAL B 1056 -15.45 -46.41 55.57
C VAL B 1056 -16.00 -45.61 54.41
N GLN B 1057 -17.10 -46.07 53.80
CA GLN B 1057 -17.69 -45.34 52.67
C GLN B 1057 -18.17 -43.96 53.10
N GLU B 1058 -18.91 -43.89 54.21
CA GLU B 1058 -19.39 -42.60 54.68
C GLU B 1058 -18.25 -41.69 55.10
N TYR B 1059 -17.21 -42.24 55.72
CA TYR B 1059 -16.07 -41.42 56.10
C TYR B 1059 -15.38 -40.83 54.88
N HIS B 1060 -15.15 -41.66 53.85
CA HIS B 1060 -14.52 -41.17 52.64
C HIS B 1060 -15.42 -40.22 51.85
N ILE B 1061 -16.73 -40.27 52.07
CA ILE B 1061 -17.61 -39.31 51.41
C ILE B 1061 -17.60 -37.98 52.15
N MET B 1062 -17.74 -38.02 53.48
CA MET B 1062 -17.80 -36.79 54.26
C MET B 1062 -16.47 -36.05 54.26
N SER B 1063 -15.35 -36.78 54.11
CA SER B 1063 -14.07 -36.10 53.96
C SER B 1063 -14.05 -35.24 52.70
N SER B 1064 -14.51 -35.80 51.59
CA SER B 1064 -14.56 -35.04 50.34
C SER B 1064 -15.55 -33.89 50.44
N CYS B 1065 -16.67 -34.10 51.14
CA CYS B 1065 -17.62 -33.02 51.35
C CYS B 1065 -16.99 -31.88 52.15
N TYR B 1066 -16.23 -32.22 53.20
CA TYR B 1066 -15.58 -31.23 54.03
C TYR B 1066 -14.56 -30.43 53.21
N GLN B 1067 -13.80 -31.10 52.36
CA GLN B 1067 -12.89 -30.39 51.47
C GLN B 1067 -13.63 -29.47 50.50
N ARG B 1068 -14.71 -29.98 49.90
CA ARG B 1068 -15.44 -29.19 48.91
C ARG B 1068 -16.08 -27.96 49.53
N LEU B 1069 -16.53 -28.06 50.78
CA LEU B 1069 -17.20 -26.94 51.42
C LEU B 1069 -16.26 -25.75 51.60
N LEU B 1070 -15.06 -26.01 52.13
CA LEU B 1070 -14.09 -24.93 52.28
C LEU B 1070 -13.58 -24.47 50.94
N GLN B 1071 -13.58 -25.35 49.92
CA GLN B 1071 -13.27 -24.87 48.57
C GLN B 1071 -14.31 -23.86 48.10
N ILE B 1072 -15.58 -24.12 48.36
CA ILE B 1072 -16.64 -23.18 47.99
C ILE B 1072 -16.47 -21.85 48.73
N PHE B 1073 -16.17 -21.93 50.03
CA PHE B 1073 -15.95 -20.72 50.82
C PHE B 1073 -14.79 -19.90 50.25
N HIS B 1074 -13.67 -20.56 49.95
CA HIS B 1074 -12.51 -19.85 49.43
C HIS B 1074 -12.81 -19.23 48.06
N GLY B 1075 -13.54 -19.96 47.21
CA GLY B 1075 -13.91 -19.40 45.93
C GLY B 1075 -14.82 -18.19 46.06
N LEU B 1076 -15.73 -18.23 47.04
CA LEU B 1076 -16.65 -17.11 47.21
C LEU B 1076 -15.96 -15.89 47.78
N PHE B 1077 -15.03 -16.09 48.70
CA PHE B 1077 -14.44 -14.97 49.43
C PHE B 1077 -13.23 -14.35 48.72
N ALA B 1078 -12.91 -14.78 47.51
CA ALA B 1078 -11.67 -14.35 46.87
C ALA B 1078 -11.90 -13.98 45.40
N TRP B 1079 -12.91 -13.15 45.14
CA TRP B 1079 -13.13 -12.68 43.78
C TRP B 1079 -12.88 -11.18 43.71
N SER B 1080 -12.53 -10.72 42.51
CA SER B 1080 -12.03 -9.36 42.30
C SER B 1080 -13.08 -8.29 42.52
N GLY B 1081 -14.36 -8.66 42.65
CA GLY B 1081 -15.39 -7.66 42.86
C GLY B 1081 -15.24 -6.89 44.17
N PHE B 1082 -14.70 -7.54 45.20
CA PHE B 1082 -14.51 -6.91 46.49
C PHE B 1082 -13.45 -5.81 46.48
N SER B 1083 -12.64 -5.73 45.42
CA SER B 1083 -11.72 -4.62 45.29
C SER B 1083 -12.46 -3.31 45.09
N GLN B 1084 -13.48 -3.31 44.24
CA GLN B 1084 -14.32 -2.13 44.06
C GLN B 1084 -15.17 -1.91 45.31
N PRO B 1085 -15.46 -0.65 45.65
CA PRO B 1085 -16.22 -0.36 46.88
C PRO B 1085 -17.73 -0.48 46.72
N GLU B 1086 -18.22 -0.88 45.55
CA GLU B 1086 -19.66 -0.97 45.35
C GLU B 1086 -20.28 -2.05 46.21
N ASN B 1087 -19.63 -3.21 46.32
CA ASN B 1087 -20.15 -4.35 47.06
C ASN B 1087 -19.49 -4.50 48.43
N GLN B 1088 -18.91 -3.42 48.96
CA GLN B 1088 -18.37 -3.46 50.31
C GLN B 1088 -19.47 -3.71 51.34
N ASN B 1089 -20.67 -3.21 51.09
CA ASN B 1089 -21.80 -3.50 51.96
C ASN B 1089 -22.15 -4.98 51.93
N LEU B 1090 -22.12 -5.59 50.75
CA LEU B 1090 -22.34 -7.03 50.65
C LEU B 1090 -21.27 -7.81 51.41
N LEU B 1091 -20.01 -7.38 51.28
CA LEU B 1091 -18.93 -8.01 52.04
C LEU B 1091 -19.15 -7.89 53.54
N TYR B 1092 -19.57 -6.71 54.00
CA TYR B 1092 -19.85 -6.52 55.41
C TYR B 1092 -20.99 -7.42 55.87
N SER B 1093 -22.04 -7.53 55.06
CA SER B 1093 -23.17 -8.39 55.43
C SER B 1093 -22.74 -9.85 55.52
N ALA B 1094 -21.91 -10.30 54.58
CA ALA B 1094 -21.43 -11.68 54.63
C ALA B 1094 -20.56 -11.91 55.86
N LEU B 1095 -19.68 -10.96 56.17
CA LEU B 1095 -18.83 -11.10 57.36
C LEU B 1095 -19.68 -11.10 58.62
N HIS B 1096 -20.77 -10.32 58.63
CA HIS B 1096 -21.69 -10.33 59.76
C HIS B 1096 -22.37 -11.68 59.90
N VAL B 1097 -22.77 -12.28 58.77
CA VAL B 1097 -23.38 -13.61 58.80
C VAL B 1097 -22.40 -14.63 59.37
N LEU B 1098 -21.13 -14.54 58.95
CA LEU B 1098 -20.11 -15.43 59.54
C LEU B 1098 -19.98 -15.21 61.04
N SER B 1099 -19.79 -13.96 61.45
CA SER B 1099 -19.42 -13.69 62.84
C SER B 1099 -20.59 -13.83 63.81
N SER B 1100 -21.83 -13.87 63.29
CA SER B 1100 -22.98 -13.96 64.19
C SER B 1100 -22.96 -15.23 65.03
N ARG B 1101 -22.44 -16.33 64.49
CA ARG B 1101 -22.58 -17.61 65.16
C ARG B 1101 -21.68 -17.75 66.38
N LEU B 1102 -20.75 -16.81 66.60
CA LEU B 1102 -20.00 -16.81 67.84
C LEU B 1102 -20.84 -16.25 68.99
N LYS B 1103 -21.20 -14.97 68.90
CA LYS B 1103 -22.08 -14.33 69.87
C LYS B 1103 -22.76 -13.16 69.15
N GLN B 1104 -24.04 -13.31 68.83
CA GLN B 1104 -24.76 -12.24 68.15
C GLN B 1104 -25.25 -11.22 69.17
N GLY B 1105 -25.90 -10.17 68.67
CA GLY B 1105 -26.48 -9.17 69.56
C GLY B 1105 -26.15 -7.75 69.16
N GLU B 1106 -25.18 -7.58 68.25
CA GLU B 1106 -24.73 -6.27 67.81
C GLU B 1106 -24.55 -6.31 66.30
N HIS B 1107 -25.62 -5.93 65.58
CA HIS B 1107 -25.52 -5.83 64.13
C HIS B 1107 -24.54 -4.73 63.70
N SER B 1108 -24.61 -3.58 64.37
CA SER B 1108 -23.68 -2.50 64.10
C SER B 1108 -22.39 -2.74 64.90
N GLN B 1109 -21.26 -2.79 64.19
CA GLN B 1109 -19.97 -3.09 64.81
C GLN B 1109 -18.88 -2.49 63.94
N PRO B 1110 -17.71 -2.22 64.51
CA PRO B 1110 -16.55 -1.87 63.68
C PRO B 1110 -16.10 -3.08 62.87
N LEU B 1111 -15.51 -2.78 61.71
CA LEU B 1111 -15.14 -3.85 60.77
C LEU B 1111 -14.07 -4.77 61.38
N GLU B 1112 -13.12 -4.19 62.10
CA GLU B 1112 -12.03 -4.98 62.69
C GLU B 1112 -12.56 -6.01 63.67
N GLU B 1113 -13.53 -5.63 64.49
CA GLU B 1113 -13.99 -6.50 65.56
C GLU B 1113 -14.66 -7.76 65.03
N LEU B 1114 -15.65 -7.60 64.13
CA LEU B 1114 -16.31 -8.79 63.65
C LEU B 1114 -15.45 -9.54 62.64
N LEU B 1115 -14.55 -8.85 61.95
CA LEU B 1115 -13.58 -9.55 61.11
C LEU B 1115 -12.74 -10.52 61.94
N SER B 1116 -12.17 -10.03 63.04
CA SER B 1116 -11.36 -10.88 63.90
C SER B 1116 -12.21 -11.95 64.59
N GLN B 1117 -13.46 -11.63 64.93
CA GLN B 1117 -14.31 -12.64 65.55
C GLN B 1117 -14.62 -13.77 64.58
N SER B 1118 -14.89 -13.43 63.32
CA SER B 1118 -15.11 -14.46 62.30
C SER B 1118 -13.84 -15.29 62.08
N VAL B 1119 -12.69 -14.63 62.12
CA VAL B 1119 -11.43 -15.36 61.97
C VAL B 1119 -11.23 -16.35 63.11
N HIS B 1120 -11.52 -15.91 64.33
CA HIS B 1120 -11.43 -16.81 65.49
C HIS B 1120 -12.46 -17.93 65.40
N TYR B 1121 -13.61 -17.67 64.78
CA TYR B 1121 -14.58 -18.74 64.56
C TYR B 1121 -14.03 -19.78 63.59
N LEU B 1122 -13.51 -19.34 62.45
CA LEU B 1122 -12.99 -20.27 61.45
C LEU B 1122 -11.77 -21.03 61.95
N GLN B 1123 -10.96 -20.41 62.81
CA GLN B 1123 -9.77 -21.08 63.32
C GLN B 1123 -10.13 -22.29 64.18
N ASN B 1124 -11.33 -22.30 64.76
CA ASN B 1124 -11.75 -23.40 65.62
C ASN B 1124 -11.83 -24.74 64.89
N PHE B 1125 -11.92 -24.73 63.56
CA PHE B 1125 -12.03 -25.98 62.81
C PHE B 1125 -10.71 -26.73 62.71
N HIS B 1126 -9.61 -26.16 63.18
CA HIS B 1126 -8.35 -26.88 63.21
C HIS B 1126 -8.32 -27.97 64.27
N GLN B 1127 -9.36 -28.06 65.10
CA GLN B 1127 -9.44 -29.11 66.11
C GLN B 1127 -9.44 -30.49 65.47
N SER B 1128 -10.21 -30.67 64.41
CA SER B 1128 -10.30 -31.97 63.75
C SER B 1128 -10.68 -31.76 62.29
N ILE B 1129 -9.73 -32.02 61.40
CA ILE B 1129 -10.02 -32.12 59.97
C ILE B 1129 -9.39 -33.42 59.49
N PRO B 1130 -9.97 -34.10 58.49
CA PRO B 1130 -9.55 -35.47 58.20
C PRO B 1130 -8.48 -35.63 57.14
N SER B 1131 -8.15 -34.61 56.37
CA SER B 1131 -7.28 -34.79 55.21
C SER B 1131 -6.19 -33.72 55.24
N PHE B 1132 -5.45 -33.62 54.14
CA PHE B 1132 -4.42 -32.61 53.94
C PHE B 1132 -4.87 -31.51 53.01
N GLN B 1133 -5.61 -31.86 51.96
CA GLN B 1133 -6.21 -30.87 51.08
C GLN B 1133 -7.13 -29.93 51.85
N CYS B 1134 -7.87 -30.47 52.81
CA CYS B 1134 -8.74 -29.64 53.65
C CYS B 1134 -7.93 -28.64 54.45
N ALA B 1135 -6.80 -29.08 55.01
CA ALA B 1135 -5.96 -28.18 55.78
C ALA B 1135 -5.40 -27.06 54.91
N LEU B 1136 -4.95 -27.41 53.69
CA LEU B 1136 -4.44 -26.37 52.81
C LEU B 1136 -5.53 -25.39 52.42
N TYR B 1137 -6.74 -25.88 52.16
CA TYR B 1137 -7.83 -24.99 51.80
C TYR B 1137 -8.21 -24.08 52.96
N LEU B 1138 -8.22 -24.61 54.18
CA LEU B 1138 -8.52 -23.78 55.35
C LEU B 1138 -7.47 -22.69 55.50
N ILE B 1139 -6.20 -23.04 55.31
CA ILE B 1139 -5.14 -22.04 55.40
C ILE B 1139 -5.32 -20.97 54.31
N ARG B 1140 -5.69 -21.39 53.10
CA ARG B 1140 -5.89 -20.43 52.03
C ARG B 1140 -7.06 -19.49 52.32
N LEU B 1141 -8.15 -20.03 52.86
CA LEU B 1141 -9.29 -19.20 53.20
C LEU B 1141 -8.96 -18.22 54.31
N LEU B 1142 -8.21 -18.67 55.32
CA LEU B 1142 -7.75 -17.76 56.36
C LEU B 1142 -6.84 -16.69 55.76
N MET B 1143 -6.00 -17.08 54.80
CA MET B 1143 -5.09 -16.14 54.15
C MET B 1143 -5.85 -15.03 53.44
N VAL B 1144 -6.88 -15.40 52.67
CA VAL B 1144 -7.60 -14.37 51.93
C VAL B 1144 -8.46 -13.53 52.88
N ILE B 1145 -8.94 -14.10 53.98
CA ILE B 1145 -9.74 -13.29 54.90
C ILE B 1145 -8.87 -12.28 55.64
N LEU B 1146 -7.71 -12.71 56.15
CA LEU B 1146 -6.90 -11.83 57.01
C LEU B 1146 -6.34 -10.61 56.29
N GLU B 1147 -6.17 -10.66 54.97
CA GLU B 1147 -5.59 -9.52 54.28
C GLU B 1147 -6.55 -8.32 54.22
N LYS B 1148 -7.81 -8.51 54.61
CA LYS B 1148 -8.73 -7.37 54.70
C LYS B 1148 -8.27 -6.38 55.75
N SER B 1149 -7.79 -6.87 56.89
CA SER B 1149 -7.28 -5.98 57.93
C SER B 1149 -5.99 -5.30 57.48
N THR B 1150 -5.88 -4.01 57.77
CA THR B 1150 -4.72 -3.24 57.31
C THR B 1150 -3.45 -3.66 58.07
N ALA B 1151 -3.52 -3.73 59.39
CA ALA B 1151 -2.37 -4.12 60.19
C ALA B 1151 -2.20 -5.64 60.16
N SER B 1152 -0.94 -6.08 60.08
CA SER B 1152 -0.61 -7.49 60.02
C SER B 1152 0.55 -7.81 60.95
N ALA B 1153 0.52 -7.27 62.17
CA ALA B 1153 1.59 -7.53 63.12
C ALA B 1153 1.47 -8.93 63.70
N GLN B 1154 0.26 -9.35 64.06
CA GLN B 1154 0.03 -10.63 64.74
C GLN B 1154 -0.53 -11.69 63.80
N ASN B 1155 -1.23 -11.27 62.75
CA ASN B 1155 -1.86 -12.21 61.82
C ASN B 1155 -0.82 -13.06 61.10
N LYS B 1156 0.26 -12.43 60.65
CA LYS B 1156 1.32 -13.15 59.95
C LYS B 1156 2.04 -14.14 60.86
N GLU B 1157 1.87 -14.01 62.17
CA GLU B 1157 2.44 -14.99 63.09
C GLU B 1157 1.45 -16.08 63.43
N LYS B 1158 0.17 -15.74 63.62
CA LYS B 1158 -0.82 -16.77 63.94
C LYS B 1158 -1.02 -17.71 62.76
N ILE B 1159 -0.99 -17.18 61.54
CA ILE B 1159 -1.12 -18.03 60.35
C ILE B 1159 0.04 -19.02 60.29
N ALA B 1160 1.26 -18.54 60.51
CA ALA B 1160 2.43 -19.40 60.46
C ALA B 1160 2.40 -20.45 61.57
N SER B 1161 1.98 -20.07 62.77
CA SER B 1161 1.87 -21.04 63.86
C SER B 1161 0.84 -22.11 63.54
N LEU B 1162 -0.30 -21.73 62.99
CA LEU B 1162 -1.30 -22.73 62.63
C LEU B 1162 -0.80 -23.62 61.49
N ALA B 1163 -0.04 -23.05 60.55
CA ALA B 1163 0.51 -23.85 59.47
C ALA B 1163 1.51 -24.88 59.99
N ARG B 1164 2.34 -24.49 60.95
CA ARG B 1164 3.25 -25.46 61.56
C ARG B 1164 2.47 -26.50 62.34
N GLN B 1165 1.37 -26.11 62.97
CA GLN B 1165 0.56 -27.07 63.69
C GLN B 1165 -0.06 -28.10 62.75
N PHE B 1166 -0.44 -27.67 61.54
CA PHE B 1166 -0.94 -28.62 60.55
C PHE B 1166 0.17 -29.51 60.02
N LEU B 1167 1.32 -28.92 59.70
CA LEU B 1167 2.42 -29.65 59.09
C LEU B 1167 3.01 -30.69 60.05
N CYS B 1168 3.06 -30.35 61.34
CA CYS B 1168 3.57 -31.28 62.34
C CYS B 1168 2.57 -32.40 62.63
N ARG B 1169 1.29 -32.19 62.35
CA ARG B 1169 0.31 -33.25 62.50
C ARG B 1169 0.62 -34.41 61.56
N VAL B 1170 0.39 -35.62 62.05
CA VAL B 1170 0.89 -36.82 61.37
C VAL B 1170 0.21 -37.00 60.02
N TRP B 1171 -1.07 -36.65 59.92
CA TRP B 1171 -1.90 -36.81 58.73
C TRP B 1171 -1.88 -38.26 58.24
N PRO B 1172 -2.52 -39.19 58.96
CA PRO B 1172 -2.42 -40.60 58.61
C PRO B 1172 -3.07 -40.91 57.26
N SER B 1173 -2.56 -41.95 56.61
CA SER B 1173 -3.08 -42.40 55.32
C SER B 1173 -3.02 -43.91 55.23
N ILE B 1181 -1.61 -36.87 50.75
CA ILE B 1181 -0.35 -36.18 50.69
C ILE B 1181 0.28 -36.34 49.31
N SER B 1182 0.50 -35.22 48.62
CA SER B 1182 1.14 -35.21 47.33
C SER B 1182 2.09 -34.02 47.25
N ASN B 1183 3.14 -34.17 46.43
CA ASN B 1183 4.20 -33.18 46.35
C ASN B 1183 3.74 -31.84 45.81
N ASP B 1184 2.64 -31.80 45.05
CA ASP B 1184 2.20 -30.54 44.47
C ASP B 1184 1.55 -29.62 45.50
N GLN B 1185 1.05 -30.18 46.60
CA GLN B 1185 0.38 -29.39 47.63
C GLN B 1185 1.27 -29.09 48.82
N LEU B 1186 2.15 -30.02 49.19
CA LEU B 1186 3.08 -29.78 50.28
C LEU B 1186 4.03 -28.65 49.95
N HIS B 1187 4.36 -28.48 48.66
CA HIS B 1187 5.17 -27.34 48.25
C HIS B 1187 4.47 -26.04 48.60
N ALA B 1188 3.19 -25.92 48.25
CA ALA B 1188 2.46 -24.69 48.55
C ALA B 1188 2.31 -24.47 50.04
N LEU B 1189 2.01 -25.52 50.80
CA LEU B 1189 1.83 -25.36 52.24
C LEU B 1189 3.13 -24.94 52.90
N LEU B 1190 4.25 -25.55 52.52
CA LEU B 1190 5.52 -25.19 53.13
C LEU B 1190 6.00 -23.83 52.66
N CYS B 1191 5.60 -23.41 51.45
CA CYS B 1191 5.89 -22.04 51.02
C CYS B 1191 5.11 -21.04 51.86
N ILE B 1192 3.86 -21.37 52.19
CA ILE B 1192 3.05 -20.50 53.06
C ILE B 1192 3.68 -20.42 54.44
N TYR B 1193 4.05 -21.57 55.01
CA TYR B 1193 4.65 -21.59 56.34
C TYR B 1193 5.96 -20.84 56.38
N LEU B 1194 6.80 -21.02 55.36
CA LEU B 1194 8.17 -20.55 55.44
C LEU B 1194 8.27 -19.04 55.30
N GLU B 1195 7.39 -18.43 54.51
CA GLU B 1195 7.44 -16.98 54.32
C GLU B 1195 6.86 -16.24 55.53
N HIS B 1196 5.80 -16.78 56.13
CA HIS B 1196 5.06 -16.03 57.14
C HIS B 1196 5.77 -15.96 58.48
N THR B 1197 6.67 -16.88 58.79
CA THR B 1197 7.42 -16.75 60.03
C THR B 1197 8.40 -15.60 59.94
N GLU B 1198 8.55 -14.86 61.04
CA GLU B 1198 9.65 -13.93 61.14
C GLU B 1198 10.93 -14.70 61.44
N SER B 1199 12.07 -14.08 61.10
CA SER B 1199 13.39 -14.71 61.21
C SER B 1199 13.42 -16.01 60.40
N ILE B 1200 13.33 -15.82 59.07
CA ILE B 1200 13.26 -16.93 58.13
C ILE B 1200 14.47 -17.85 58.29
N LEU B 1201 15.65 -17.27 58.48
CA LEU B 1201 16.88 -18.06 58.60
C LEU B 1201 16.82 -18.97 59.81
N LYS B 1202 16.20 -18.50 60.90
CA LYS B 1202 16.04 -19.35 62.08
C LYS B 1202 15.20 -20.58 61.76
N ALA B 1203 14.08 -20.39 61.05
CA ALA B 1203 13.23 -21.52 60.69
C ALA B 1203 13.95 -22.48 59.75
N ILE B 1204 14.69 -21.94 58.78
CA ILE B 1204 15.41 -22.78 57.83
C ILE B 1204 16.45 -23.61 58.56
N GLU B 1205 17.23 -22.97 59.45
CA GLU B 1205 18.25 -23.68 60.20
C GLU B 1205 17.63 -24.70 61.15
N GLU B 1206 16.45 -24.39 61.70
CA GLU B 1206 15.79 -25.34 62.57
C GLU B 1206 15.33 -26.57 61.80
N ILE B 1207 14.78 -26.37 60.59
CA ILE B 1207 14.37 -27.50 59.78
C ILE B 1207 15.58 -28.33 59.36
N ALA B 1208 16.70 -27.66 59.06
CA ALA B 1208 17.92 -28.39 58.72
C ALA B 1208 18.46 -29.17 59.91
N GLY B 1209 18.35 -28.63 61.12
CA GLY B 1209 18.81 -29.31 62.31
C GLY B 1209 17.86 -30.37 62.85
N VAL B 1210 16.61 -30.37 62.41
CA VAL B 1210 15.70 -31.48 62.71
C VAL B 1210 15.57 -32.46 61.55
N GLY B 1211 16.17 -32.16 60.39
CA GLY B 1211 16.23 -33.16 59.34
C GLY B 1211 17.23 -34.26 59.61
N VAL B 1212 18.26 -33.98 60.40
CA VAL B 1212 19.27 -34.99 60.71
C VAL B 1212 18.78 -36.10 61.65
N PRO B 1213 17.81 -35.90 62.56
CA PRO B 1213 17.24 -37.08 63.24
C PRO B 1213 16.62 -38.10 62.31
N GLU B 1214 16.26 -37.71 61.08
CA GLU B 1214 15.85 -38.70 60.10
C GLU B 1214 17.03 -39.56 59.67
N LEU B 1215 18.04 -38.94 59.07
CA LEU B 1215 19.12 -39.70 58.45
C LEU B 1215 20.05 -40.36 59.45
N ILE B 1216 20.18 -39.82 60.67
CA ILE B 1216 21.06 -40.44 61.65
C ILE B 1216 20.53 -41.79 62.09
N ASN B 1217 19.22 -41.87 62.37
CA ASN B 1217 18.63 -43.11 62.85
C ASN B 1217 17.23 -43.24 62.25
N SER B 1218 17.11 -44.05 61.21
CA SER B 1218 15.81 -44.36 60.61
C SER B 1218 15.81 -45.81 60.14
N PRO B 1219 14.90 -46.64 60.64
CA PRO B 1219 14.58 -47.88 59.93
C PRO B 1219 14.06 -47.54 58.54
N LYS B 1220 14.33 -48.44 57.60
CA LYS B 1220 14.09 -48.17 56.18
C LYS B 1220 12.65 -47.78 55.93
N ASP B 1221 12.45 -46.56 55.42
CA ASP B 1221 11.18 -45.90 55.11
C ASP B 1221 10.38 -45.52 56.36
N ALA B 1222 10.84 -45.88 57.56
CA ALA B 1222 10.23 -45.41 58.80
C ALA B 1222 10.85 -44.04 59.12
N SER B 1223 10.32 -43.02 58.44
CA SER B 1223 10.91 -41.69 58.46
C SER B 1223 10.31 -40.79 59.52
N SER B 1224 9.89 -41.35 60.64
CA SER B 1224 9.24 -40.57 61.69
C SER B 1224 10.28 -39.71 62.40
N SER B 1225 10.48 -38.49 61.89
CA SER B 1225 11.31 -37.51 62.55
C SER B 1225 10.46 -36.75 63.56
N THR B 1226 10.97 -35.64 64.09
CA THR B 1226 10.12 -34.74 64.85
C THR B 1226 9.29 -33.85 63.94
N PHE B 1227 9.55 -33.87 62.64
CA PHE B 1227 8.61 -33.42 61.62
C PHE B 1227 8.09 -34.67 60.94
N PRO B 1228 6.87 -35.13 61.25
CA PRO B 1228 6.43 -36.46 60.79
C PRO B 1228 6.03 -36.53 59.33
N THR B 1229 6.34 -35.53 58.52
CA THR B 1229 6.11 -35.59 57.08
C THR B 1229 7.40 -35.31 56.32
N LEU B 1230 8.51 -35.83 56.84
CA LEU B 1230 9.82 -35.73 56.21
C LEU B 1230 10.30 -37.15 55.88
N THR B 1231 10.20 -37.53 54.62
CA THR B 1231 10.54 -38.88 54.17
C THR B 1231 11.70 -38.83 53.19
N ARG B 1232 12.06 -40.01 52.68
CA ARG B 1232 13.04 -40.09 51.59
C ARG B 1232 12.41 -39.87 50.23
N HIS B 1233 11.07 -39.82 50.15
CA HIS B 1233 10.38 -39.57 48.90
C HIS B 1233 9.93 -38.12 48.76
N THR B 1234 9.84 -37.38 49.85
CA THR B 1234 9.38 -35.99 49.82
C THR B 1234 10.43 -35.01 50.32
N PHE B 1235 11.68 -35.45 50.50
CA PHE B 1235 12.73 -34.57 50.97
C PHE B 1235 13.06 -33.49 49.94
N VAL B 1236 12.96 -33.83 48.65
CA VAL B 1236 13.34 -32.89 47.61
C VAL B 1236 12.42 -31.67 47.59
N VAL B 1237 11.14 -31.83 47.94
CA VAL B 1237 10.25 -30.68 48.01
C VAL B 1237 10.68 -29.74 49.11
N PHE B 1238 11.03 -30.28 50.28
CA PHE B 1238 11.57 -29.47 51.37
C PHE B 1238 12.81 -28.73 50.92
N PHE B 1239 13.73 -29.44 50.26
CA PHE B 1239 14.98 -28.81 49.81
C PHE B 1239 14.70 -27.67 48.85
N ARG B 1240 13.80 -27.90 47.87
CA ARG B 1240 13.51 -26.88 46.87
C ARG B 1240 12.90 -25.65 47.50
N VAL B 1241 11.87 -25.82 48.34
CA VAL B 1241 11.23 -24.64 48.90
C VAL B 1241 12.16 -23.94 49.89
N MET B 1242 12.99 -24.69 50.61
CA MET B 1242 13.91 -24.09 51.56
C MET B 1242 14.92 -23.20 50.84
N MET B 1243 15.54 -23.73 49.79
CA MET B 1243 16.54 -22.95 49.07
C MET B 1243 15.90 -21.77 48.33
N ALA B 1244 14.70 -21.97 47.77
CA ALA B 1244 14.04 -20.88 47.08
C ALA B 1244 13.68 -19.76 48.03
N GLU B 1245 13.18 -20.09 49.22
CA GLU B 1245 12.84 -19.05 50.18
C GLU B 1245 14.08 -18.34 50.69
N LEU B 1246 15.19 -19.09 50.87
CA LEU B 1246 16.44 -18.45 51.26
C LEU B 1246 16.89 -17.45 50.20
N GLU B 1247 16.83 -17.83 48.93
CA GLU B 1247 17.19 -16.90 47.87
C GLU B 1247 16.29 -15.67 47.88
N LYS B 1248 14.98 -15.89 48.04
CA LYS B 1248 14.05 -14.77 47.99
C LYS B 1248 14.27 -13.79 49.15
N THR B 1249 14.51 -14.31 50.35
CA THR B 1249 14.73 -13.40 51.48
C THR B 1249 16.10 -12.75 51.44
N VAL B 1250 17.08 -13.39 50.81
CA VAL B 1250 18.38 -12.74 50.63
C VAL B 1250 18.28 -11.60 49.61
N LYS B 1251 17.50 -11.80 48.56
CA LYS B 1251 17.50 -10.87 47.43
C LYS B 1251 17.04 -9.47 47.82
N LYS B 1252 16.11 -9.37 48.77
CA LYS B 1252 15.46 -8.10 49.07
C LYS B 1252 16.26 -7.20 50.01
N ILE B 1253 17.40 -7.65 50.52
CA ILE B 1253 18.24 -6.77 51.33
C ILE B 1253 18.92 -5.74 50.43
N GLU B 1254 19.13 -4.54 50.96
CA GLU B 1254 19.81 -3.49 50.21
C GLU B 1254 20.70 -2.67 51.13
N PRO B 1255 21.97 -2.48 50.79
CA PRO B 1255 22.81 -1.51 51.48
C PRO B 1255 22.86 -0.17 50.76
N GLY B 1256 23.16 0.88 51.53
CA GLY B 1256 23.28 2.18 50.91
C GLY B 1256 24.20 3.19 51.58
N THR B 1257 25.16 3.70 50.80
CA THR B 1257 25.93 4.92 51.06
C THR B 1257 26.75 4.92 52.35
N ALA B 1258 26.69 3.85 53.14
CA ALA B 1258 27.36 3.72 54.43
C ALA B 1258 27.01 4.84 55.40
N ALA B 1259 25.95 5.60 55.14
CA ALA B 1259 25.66 6.77 55.95
C ALA B 1259 25.11 6.42 57.33
N ASP B 1260 24.64 5.19 57.51
CA ASP B 1260 24.06 4.80 58.79
C ASP B 1260 25.15 4.63 59.84
N SER B 1261 24.71 4.42 61.08
CA SER B 1261 25.65 4.25 62.17
C SER B 1261 26.31 2.88 62.12
N GLN B 1262 27.29 2.68 63.02
CA GLN B 1262 28.00 1.41 63.07
C GLN B 1262 27.08 0.26 63.45
N GLN B 1263 26.02 0.55 64.21
CA GLN B 1263 25.08 -0.50 64.62
C GLN B 1263 24.38 -1.11 63.42
N ILE B 1264 23.97 -0.28 62.45
CA ILE B 1264 23.29 -0.78 61.26
C ILE B 1264 24.23 -1.68 60.46
N HIS B 1265 25.48 -1.24 60.27
CA HIS B 1265 26.44 -2.04 59.52
C HIS B 1265 26.75 -3.36 60.20
N GLU B 1266 26.95 -3.32 61.52
CA GLU B 1266 27.23 -4.56 62.25
C GLU B 1266 26.02 -5.49 62.22
N GLU B 1267 24.80 -4.93 62.26
CA GLU B 1267 23.61 -5.75 62.15
C GLU B 1267 23.53 -6.41 60.78
N LYS B 1268 23.84 -5.68 59.72
CA LYS B 1268 23.79 -6.25 58.38
C LYS B 1268 24.86 -7.32 58.20
N LEU B 1269 26.07 -7.08 58.73
CA LEU B 1269 27.11 -8.10 58.68
C LEU B 1269 26.73 -9.34 59.47
N LEU B 1270 26.10 -9.17 60.64
CA LEU B 1270 25.65 -10.31 61.42
C LEU B 1270 24.57 -11.08 60.67
N TYR B 1271 23.65 -10.38 60.03
CA TYR B 1271 22.60 -11.04 59.27
C TYR B 1271 23.19 -11.83 58.12
N TRP B 1272 24.18 -11.26 57.43
CA TRP B 1272 24.83 -11.97 56.34
C TRP B 1272 25.64 -13.16 56.83
N ASN B 1273 26.28 -13.02 57.99
CA ASN B 1273 27.02 -14.13 58.57
C ASN B 1273 26.08 -15.30 58.87
N MET B 1274 24.92 -15.01 59.45
CA MET B 1274 23.92 -16.04 59.69
C MET B 1274 23.45 -16.67 58.38
N ALA B 1275 23.22 -15.82 57.36
CA ALA B 1275 22.74 -16.32 56.08
C ALA B 1275 23.72 -17.27 55.44
N VAL B 1276 25.00 -16.91 55.42
CA VAL B 1276 25.99 -17.77 54.77
C VAL B 1276 26.27 -19.02 55.60
N ARG B 1277 26.20 -18.92 56.93
CA ARG B 1277 26.35 -20.12 57.75
C ARG B 1277 25.23 -21.11 57.47
N ASP B 1278 24.00 -20.61 57.39
CA ASP B 1278 22.87 -21.48 57.09
C ASP B 1278 22.95 -22.03 55.67
N PHE B 1279 23.43 -21.23 54.72
CA PHE B 1279 23.59 -21.69 53.36
C PHE B 1279 24.60 -22.82 53.28
N SER B 1280 25.71 -22.70 54.02
CA SER B 1280 26.69 -23.76 54.06
C SER B 1280 26.10 -25.02 54.68
N ILE B 1281 25.34 -24.88 55.76
CA ILE B 1281 24.77 -26.07 56.39
C ILE B 1281 23.64 -26.66 55.55
N LEU B 1282 23.11 -25.89 54.61
CA LEU B 1282 22.05 -26.41 53.74
C LEU B 1282 22.63 -27.09 52.50
N ILE B 1283 23.79 -26.66 52.02
CA ILE B 1283 24.40 -27.42 50.93
C ILE B 1283 25.17 -28.63 51.45
N ASN B 1284 25.75 -28.54 52.65
CA ASN B 1284 26.68 -29.57 53.11
C ASN B 1284 26.03 -30.94 53.22
N LEU B 1285 24.71 -31.00 53.41
CA LEU B 1285 24.04 -32.28 53.56
C LEU B 1285 23.48 -32.82 52.24
N ILE B 1286 23.97 -32.33 51.10
CA ILE B 1286 23.73 -33.06 49.85
C ILE B 1286 24.74 -34.17 49.66
N LYS B 1287 25.74 -34.27 50.55
CA LYS B 1287 26.69 -35.38 50.48
C LYS B 1287 26.00 -36.71 50.69
N VAL B 1288 25.06 -36.78 51.64
CA VAL B 1288 24.37 -38.03 51.94
C VAL B 1288 23.14 -38.24 51.06
N PHE B 1289 22.66 -37.20 50.40
CA PHE B 1289 21.47 -37.29 49.54
C PHE B 1289 21.91 -36.92 48.12
N ASP B 1290 22.39 -37.90 47.38
CA ASP B 1290 22.90 -37.69 46.04
C ASP B 1290 21.99 -38.43 45.05
N SER B 1291 20.92 -37.77 44.65
CA SER B 1291 20.03 -38.25 43.60
C SER B 1291 19.87 -37.13 42.59
N HIS B 1292 19.26 -37.46 41.46
CA HIS B 1292 19.18 -36.50 40.35
C HIS B 1292 18.42 -35.22 40.69
N PRO B 1293 17.20 -35.25 41.24
CA PRO B 1293 16.46 -33.98 41.40
C PRO B 1293 17.01 -33.08 42.49
N VAL B 1294 17.41 -33.64 43.63
CA VAL B 1294 17.97 -32.81 44.70
C VAL B 1294 19.29 -32.18 44.26
N LEU B 1295 20.11 -32.94 43.53
CA LEU B 1295 21.37 -32.41 43.04
C LEU B 1295 21.11 -31.30 42.03
N HIS B 1296 20.13 -31.50 41.15
CA HIS B 1296 19.78 -30.48 40.18
C HIS B 1296 19.31 -29.19 40.86
N VAL B 1297 18.42 -29.32 41.85
CA VAL B 1297 17.84 -28.12 42.45
C VAL B 1297 18.89 -27.37 43.26
N CYS B 1298 19.79 -28.09 43.95
CA CYS B 1298 20.85 -27.41 44.66
C CYS B 1298 21.81 -26.73 43.69
N LEU B 1299 22.15 -27.41 42.59
CA LEU B 1299 23.06 -26.83 41.62
C LEU B 1299 22.46 -25.64 40.87
N LYS B 1300 21.13 -25.51 40.86
CA LYS B 1300 20.53 -24.32 40.26
C LYS B 1300 20.43 -23.18 41.28
N TYR B 1301 19.81 -23.43 42.41
CA TYR B 1301 19.59 -22.33 43.34
C TYR B 1301 20.84 -21.92 44.09
N GLY B 1302 21.90 -22.75 44.09
CA GLY B 1302 23.18 -22.26 44.58
C GLY B 1302 23.76 -21.19 43.68
N ARG B 1303 23.67 -21.38 42.37
CA ARG B 1303 24.03 -20.32 41.44
C ARG B 1303 23.18 -19.09 41.69
N LEU B 1304 21.89 -19.29 41.91
CA LEU B 1304 21.02 -18.13 42.14
C LEU B 1304 21.43 -17.36 43.40
N PHE B 1305 21.75 -18.08 44.48
CA PHE B 1305 22.16 -17.41 45.70
C PHE B 1305 23.51 -16.71 45.55
N VAL B 1306 24.45 -17.33 44.83
CA VAL B 1306 25.74 -16.70 44.63
C VAL B 1306 25.60 -15.42 43.81
N GLU B 1307 24.73 -15.45 42.80
CA GLU B 1307 24.45 -14.24 42.04
C GLU B 1307 23.85 -13.16 42.93
N ALA B 1308 22.91 -13.54 43.81
CA ALA B 1308 22.32 -12.56 44.72
C ALA B 1308 23.37 -11.97 45.66
N PHE B 1309 24.25 -12.82 46.20
CA PHE B 1309 25.27 -12.36 47.13
C PHE B 1309 26.26 -11.43 46.45
N LEU B 1310 26.60 -11.71 45.19
CA LEU B 1310 27.50 -10.82 44.47
C LEU B 1310 26.82 -9.50 44.14
N LYS B 1311 25.56 -9.55 43.69
CA LYS B 1311 24.90 -8.35 43.20
C LYS B 1311 24.53 -7.41 44.33
N GLN B 1312 23.93 -7.94 45.41
CA GLN B 1312 23.33 -7.09 46.42
C GLN B 1312 24.27 -6.69 47.53
N CYS B 1313 25.22 -7.53 47.92
CA CYS B 1313 25.99 -7.24 49.13
C CYS B 1313 27.48 -7.39 48.89
N MET B 1314 27.93 -7.07 47.69
CA MET B 1314 29.32 -6.73 47.48
C MET B 1314 29.59 -5.26 47.84
N PRO B 1315 28.71 -4.29 47.49
CA PRO B 1315 28.96 -2.93 47.99
C PRO B 1315 28.99 -2.80 49.50
N LEU B 1316 28.14 -3.54 50.22
CA LEU B 1316 28.22 -3.52 51.67
C LEU B 1316 29.53 -4.10 52.17
N LEU B 1317 30.11 -5.03 51.40
CA LEU B 1317 31.44 -5.50 51.70
C LEU B 1317 32.49 -4.44 51.38
N ASP B 1318 32.21 -3.60 50.38
CA ASP B 1318 33.15 -2.55 50.00
C ASP B 1318 33.23 -1.47 51.08
N PHE B 1319 32.08 -1.06 51.61
CA PHE B 1319 32.02 0.13 52.46
C PHE B 1319 32.79 -0.06 53.76
N SER B 1320 32.52 -1.15 54.47
CA SER B 1320 32.99 -1.31 55.84
C SER B 1320 34.27 -2.15 55.94
N PHE B 1321 35.15 -2.06 54.95
CA PHE B 1321 36.41 -2.78 55.06
C PHE B 1321 37.32 -2.10 56.08
N ARG B 1322 37.25 -0.77 56.17
CA ARG B 1322 38.05 -0.04 57.15
C ARG B 1322 37.67 -0.43 58.57
N LYS B 1323 36.43 -0.16 58.95
CA LYS B 1323 36.01 -0.28 60.35
C LYS B 1323 35.96 -1.73 60.80
N HIS B 1324 35.56 -2.65 59.92
CA HIS B 1324 35.44 -4.07 60.26
C HIS B 1324 36.17 -4.87 59.18
N ARG B 1325 37.46 -5.11 59.37
CA ARG B 1325 38.19 -5.95 58.43
C ARG B 1325 38.31 -7.38 58.90
N GLU B 1326 38.23 -7.62 60.22
CA GLU B 1326 38.36 -8.97 60.72
C GLU B 1326 37.12 -9.82 60.47
N ASP B 1327 35.94 -9.19 60.46
CA ASP B 1327 34.72 -9.94 60.22
C ASP B 1327 34.58 -10.32 58.75
N VAL B 1328 34.88 -9.39 57.84
CA VAL B 1328 34.62 -9.62 56.43
C VAL B 1328 35.54 -10.71 55.88
N LEU B 1329 36.80 -10.73 56.32
CA LEU B 1329 37.73 -11.75 55.84
C LEU B 1329 37.26 -13.14 56.24
N SER B 1330 36.80 -13.30 57.48
CA SER B 1330 36.27 -14.57 57.93
C SER B 1330 34.99 -14.93 57.19
N LEU B 1331 34.16 -13.93 56.87
CA LEU B 1331 32.99 -14.17 56.05
C LEU B 1331 33.37 -14.72 54.68
N LEU B 1332 34.39 -14.14 54.05
CA LEU B 1332 34.84 -14.64 52.76
C LEU B 1332 35.42 -16.04 52.84
N GLU B 1333 36.17 -16.36 53.90
CA GLU B 1333 36.67 -17.74 54.03
C GLU B 1333 35.52 -18.73 54.21
N THR B 1334 34.53 -18.35 55.03
CA THR B 1334 33.39 -19.23 55.23
C THR B 1334 32.63 -19.45 53.92
N PHE B 1335 32.50 -18.41 53.11
CA PHE B 1335 31.86 -18.59 51.81
C PHE B 1335 32.76 -19.34 50.84
N GLN B 1336 34.08 -19.23 51.02
CA GLN B 1336 35.02 -19.92 50.16
C GLN B 1336 34.92 -21.43 50.32
N LEU B 1337 34.70 -21.89 51.56
CA LEU B 1337 34.51 -23.33 51.76
C LEU B 1337 33.30 -23.85 50.99
N ASP B 1338 32.18 -23.13 51.06
CA ASP B 1338 30.98 -23.54 50.36
C ASP B 1338 31.16 -23.50 48.84
N THR B 1339 31.83 -22.45 48.33
CA THR B 1339 32.08 -22.40 46.89
C THR B 1339 33.04 -23.50 46.46
N ARG B 1340 33.97 -23.90 47.32
CA ARG B 1340 34.83 -25.04 47.01
C ARG B 1340 34.00 -26.31 46.85
N LEU B 1341 33.06 -26.53 47.75
CA LEU B 1341 32.22 -27.72 47.61
C LEU B 1341 31.33 -27.62 46.37
N LEU B 1342 30.88 -26.41 46.03
CA LEU B 1342 30.09 -26.25 44.82
C LEU B 1342 30.90 -26.54 43.57
N HIS B 1343 32.19 -26.18 43.57
CA HIS B 1343 33.08 -26.58 42.48
C HIS B 1343 33.21 -28.09 42.40
N HIS B 1344 33.34 -28.75 43.55
CA HIS B 1344 33.40 -30.20 43.55
C HIS B 1344 32.15 -30.80 42.92
N LEU B 1345 30.99 -30.23 43.24
CA LEU B 1345 29.75 -30.65 42.60
C LEU B 1345 29.77 -30.41 41.10
N CYS B 1346 30.29 -29.26 40.67
CA CYS B 1346 30.32 -28.94 39.24
C CYS B 1346 31.18 -29.94 38.48
N GLY B 1347 32.32 -30.32 39.07
CA GLY B 1347 33.16 -31.33 38.44
C GLY B 1347 32.51 -32.71 38.43
N HIS B 1348 31.86 -33.08 39.54
CA HIS B 1348 31.20 -34.38 39.59
C HIS B 1348 30.06 -34.46 38.60
N SER B 1349 29.45 -33.33 38.27
CA SER B 1349 28.37 -33.34 37.30
C SER B 1349 28.84 -33.76 35.92
N LYS B 1350 30.07 -33.41 35.55
CA LYS B 1350 30.59 -33.76 34.24
C LYS B 1350 31.44 -35.03 34.25
N ILE B 1351 31.84 -35.51 35.43
CA ILE B 1351 32.55 -36.80 35.47
C ILE B 1351 31.62 -37.91 34.97
N HIS B 1352 30.40 -37.97 35.51
CA HIS B 1352 29.36 -38.85 34.99
C HIS B 1352 28.53 -38.06 33.99
N GLN B 1353 28.60 -38.42 32.73
CA GLN B 1353 27.88 -37.69 31.70
C GLN B 1353 26.37 -37.77 31.93
N ASP B 1354 25.74 -36.61 32.06
CA ASP B 1354 24.30 -36.54 32.26
C ASP B 1354 23.85 -35.17 31.79
N THR B 1355 23.14 -35.12 30.67
CA THR B 1355 22.85 -33.84 30.03
C THR B 1355 21.95 -32.95 30.89
N ARG B 1356 20.96 -33.55 31.55
CA ARG B 1356 19.96 -32.77 32.28
C ARG B 1356 20.56 -32.07 33.48
N LEU B 1357 21.60 -32.65 34.08
CA LEU B 1357 22.28 -32.00 35.19
C LEU B 1357 23.41 -31.09 34.74
N THR B 1358 24.10 -31.44 33.64
CA THR B 1358 25.18 -30.61 33.13
C THR B 1358 24.67 -29.37 32.40
N GLN B 1359 23.37 -29.27 32.14
CA GLN B 1359 22.85 -28.13 31.40
C GLN B 1359 23.11 -26.79 32.09
N HIS B 1360 23.28 -26.78 33.41
CA HIS B 1360 23.40 -25.51 34.13
C HIS B 1360 24.82 -25.11 34.49
N VAL B 1361 25.80 -25.99 34.32
CA VAL B 1361 27.16 -25.70 34.81
C VAL B 1361 27.91 -24.57 34.10
N PRO B 1362 27.66 -24.21 32.83
CA PRO B 1362 28.42 -23.05 32.28
C PRO B 1362 28.11 -21.75 33.01
N LEU B 1363 26.83 -21.44 33.21
CA LEU B 1363 26.46 -20.21 33.89
C LEU B 1363 26.93 -20.23 35.34
N LEU B 1364 26.89 -21.40 35.97
CA LEU B 1364 27.40 -21.52 37.34
C LEU B 1364 28.89 -21.21 37.40
N LYS B 1365 29.66 -21.73 36.45
CA LYS B 1365 31.10 -21.47 36.46
C LYS B 1365 31.37 -20.00 36.18
N LYS B 1366 30.59 -19.38 35.30
CA LYS B 1366 30.77 -17.96 35.03
C LYS B 1366 30.50 -17.12 36.27
N THR B 1367 29.34 -17.30 36.89
CA THR B 1367 29.02 -16.50 38.06
C THR B 1367 29.69 -17.00 39.32
N LEU B 1368 30.55 -18.01 39.23
CA LEU B 1368 31.40 -18.36 40.35
C LEU B 1368 32.86 -17.97 40.16
N GLU B 1369 33.28 -17.67 38.93
CA GLU B 1369 34.55 -16.99 38.74
C GLU B 1369 34.37 -15.46 38.85
N LEU B 1370 33.16 -14.99 38.55
CA LEU B 1370 32.81 -13.59 38.74
C LEU B 1370 33.05 -13.16 40.18
N LEU B 1371 32.76 -14.06 41.14
CA LEU B 1371 32.95 -13.70 42.53
C LEU B 1371 34.42 -13.52 42.88
N VAL B 1372 35.29 -14.38 42.36
CA VAL B 1372 36.72 -14.26 42.64
C VAL B 1372 37.26 -12.97 42.05
N CYS B 1373 36.88 -12.67 40.79
CA CYS B 1373 37.38 -11.45 40.19
C CYS B 1373 36.80 -10.21 40.86
N ARG B 1374 35.57 -10.29 41.34
CA ARG B 1374 34.98 -9.15 42.04
C ARG B 1374 35.59 -8.97 43.43
N VAL B 1375 36.02 -10.07 44.06
CA VAL B 1375 36.79 -9.94 45.30
C VAL B 1375 38.10 -9.22 45.03
N LYS B 1376 38.77 -9.55 43.93
CA LYS B 1376 39.97 -8.80 43.55
C LYS B 1376 39.64 -7.33 43.32
N ALA B 1377 38.51 -7.04 42.66
CA ALA B 1377 38.11 -5.67 42.42
C ALA B 1377 37.86 -4.92 43.73
N MET B 1378 37.20 -5.57 44.68
CA MET B 1378 36.98 -4.99 46.00
C MET B 1378 38.30 -4.68 46.69
N LEU B 1379 39.25 -5.59 46.59
CA LEU B 1379 40.55 -5.36 47.21
C LEU B 1379 41.27 -4.18 46.57
N THR B 1380 41.14 -4.03 45.25
CA THR B 1380 41.78 -2.90 44.58
C THR B 1380 41.06 -1.57 44.83
N LEU B 1381 39.78 -1.61 45.20
CA LEU B 1381 39.05 -0.36 45.39
C LEU B 1381 39.57 0.43 46.58
N ASN B 1382 39.97 -0.26 47.66
CA ASN B 1382 40.51 0.41 48.84
C ASN B 1382 42.03 0.53 48.81
N ASN B 1383 42.62 0.59 47.62
CA ASN B 1383 44.05 0.85 47.44
C ASN B 1383 44.92 -0.19 48.14
N CYS B 1384 44.63 -1.46 47.86
CA CYS B 1384 45.38 -2.57 48.45
C CYS B 1384 45.61 -3.65 47.40
N ARG B 1385 46.09 -3.25 46.22
CA ARG B 1385 46.28 -4.19 45.12
C ARG B 1385 47.24 -5.32 45.46
N GLU B 1386 48.31 -5.03 46.20
CA GLU B 1386 49.37 -6.00 46.42
C GLU B 1386 48.95 -7.16 47.31
N ALA B 1387 47.80 -7.09 47.97
CA ALA B 1387 47.40 -8.09 48.94
C ALA B 1387 46.75 -9.31 48.32
N PHE B 1388 46.55 -9.34 47.01
CA PHE B 1388 45.84 -10.42 46.37
C PHE B 1388 46.80 -11.53 45.96
N TRP B 1389 46.39 -12.77 46.17
CA TRP B 1389 47.22 -13.92 45.81
C TRP B 1389 46.31 -15.08 45.45
N LEU B 1390 46.50 -15.62 44.25
CA LEU B 1390 45.67 -16.72 43.77
C LEU B 1390 46.37 -18.06 43.98
N GLY B 1391 45.79 -19.09 43.38
CA GLY B 1391 46.29 -20.45 43.46
C GLY B 1391 45.20 -21.43 43.06
N ASN B 1392 45.57 -22.54 42.44
CA ASN B 1392 44.58 -23.53 42.06
C ASN B 1392 44.13 -24.32 43.29
N LEU B 1393 43.25 -25.29 43.07
CA LEU B 1393 42.76 -26.13 44.15
C LEU B 1393 42.73 -27.58 43.68
N LYS B 1394 42.90 -28.50 44.62
CA LYS B 1394 42.83 -29.92 44.29
C LYS B 1394 41.38 -30.34 44.13
N ASN B 1395 41.06 -30.92 42.99
CA ASN B 1395 39.69 -31.34 42.72
C ASN B 1395 39.34 -32.56 43.56
N ARG B 1396 38.15 -32.52 44.17
CA ARG B 1396 37.70 -33.60 45.03
C ARG B 1396 36.34 -34.10 44.53
N ASP B 1397 35.99 -35.30 44.98
CA ASP B 1397 34.67 -35.85 44.75
C ASP B 1397 33.67 -35.21 45.71
N LEU B 1398 32.41 -35.64 45.61
CA LEU B 1398 31.40 -35.16 46.55
C LEU B 1398 31.75 -35.59 47.97
N GLN B 1399 32.08 -36.87 48.16
CA GLN B 1399 32.49 -37.33 49.47
C GLN B 1399 33.86 -36.78 49.85
N GLY B 1400 34.69 -36.45 48.87
CA GLY B 1400 35.99 -35.87 49.15
C GLY B 1400 37.15 -36.82 48.96
N GLU B 1401 37.83 -36.72 47.83
CA GLU B 1401 38.98 -37.57 47.52
C GLU B 1401 39.93 -36.76 46.65
N GLU B 1402 40.86 -37.43 45.99
CA GLU B 1402 41.82 -36.79 45.09
C GLU B 1402 41.79 -37.57 43.78
N ILE B 1403 40.90 -37.15 42.87
CA ILE B 1403 40.79 -37.84 41.58
C ILE B 1403 42.00 -37.51 40.71
N LYS B 1404 42.36 -38.47 39.87
CA LYS B 1404 43.50 -38.31 38.95
C LYS B 1404 43.14 -38.80 37.55
N SER C 4 -12.68 -1.71 -40.05
CA SER C 4 -13.30 -1.14 -38.86
C SER C 4 -14.77 -0.81 -39.08
N MET C 5 -15.54 -0.83 -38.01
CA MET C 5 -16.96 -0.54 -38.07
C MET C 5 -17.41 -0.04 -36.70
N GLN C 6 -18.58 0.59 -36.66
CA GLN C 6 -19.03 1.30 -35.48
C GLN C 6 -20.48 0.92 -35.20
N ILE C 7 -20.73 0.34 -34.02
CA ILE C 7 -22.03 -0.20 -33.66
C ILE C 7 -22.59 0.55 -32.46
N PHE C 8 -23.90 0.43 -32.27
CA PHE C 8 -24.63 1.04 -31.18
C PHE C 8 -24.81 0.04 -30.04
N VAL C 9 -24.88 0.56 -28.82
CA VAL C 9 -25.20 -0.24 -27.64
C VAL C 9 -26.20 0.57 -26.83
N LYS C 10 -27.46 0.14 -26.84
CA LYS C 10 -28.46 0.78 -26.01
C LYS C 10 -28.16 0.47 -24.55
N THR C 11 -27.86 1.51 -23.76
CA THR C 11 -27.31 1.31 -22.43
C THR C 11 -28.40 0.89 -21.46
N LEU C 12 -28.05 0.85 -20.18
CA LEU C 12 -28.93 0.29 -19.15
C LEU C 12 -30.15 1.17 -18.90
N THR C 13 -30.01 2.48 -19.01
CA THR C 13 -31.06 3.41 -18.62
C THR C 13 -31.83 3.99 -19.79
N GLY C 14 -31.52 3.57 -21.02
CA GLY C 14 -32.24 4.03 -22.19
C GLY C 14 -31.44 4.89 -23.14
N LYS C 15 -30.31 5.45 -22.70
CA LYS C 15 -29.46 6.20 -23.59
C LYS C 15 -28.80 5.28 -24.61
N THR C 16 -28.15 5.88 -25.60
CA THR C 16 -27.47 5.14 -26.64
C THR C 16 -26.01 5.53 -26.65
N ILE C 17 -25.12 4.53 -26.60
CA ILE C 17 -23.69 4.76 -26.73
C ILE C 17 -23.18 4.03 -27.96
N THR C 18 -22.15 4.58 -28.58
CA THR C 18 -21.54 4.00 -29.77
C THR C 18 -20.08 3.67 -29.49
N LEU C 19 -19.65 2.51 -29.96
CA LEU C 19 -18.29 2.05 -29.79
C LEU C 19 -17.79 1.43 -31.08
N GLU C 20 -16.52 1.66 -31.38
CA GLU C 20 -15.92 1.25 -32.66
C GLU C 20 -15.10 -0.01 -32.45
N VAL C 21 -15.59 -1.13 -32.99
CA VAL C 21 -14.86 -2.39 -32.97
C VAL C 21 -14.90 -3.04 -34.34
N GLU C 22 -13.89 -3.85 -34.61
CA GLU C 22 -13.67 -4.56 -35.85
C GLU C 22 -14.14 -6.00 -35.74
N PRO C 23 -14.53 -6.63 -36.87
CA PRO C 23 -15.11 -7.98 -36.81
C PRO C 23 -14.16 -9.07 -36.34
N SER C 24 -12.92 -8.71 -36.00
CA SER C 24 -11.96 -9.65 -35.46
C SER C 24 -11.81 -9.54 -33.95
N ASP C 25 -12.71 -8.83 -33.29
CA ASP C 25 -12.61 -8.58 -31.86
C ASP C 25 -13.40 -9.63 -31.07
N THR C 26 -12.81 -10.11 -30.00
CA THR C 26 -13.49 -11.03 -29.10
C THR C 26 -14.60 -10.30 -28.34
N ILE C 27 -15.56 -11.08 -27.84
CA ILE C 27 -16.67 -10.50 -27.10
C ILE C 27 -16.18 -9.87 -25.80
N GLU C 28 -15.19 -10.52 -25.16
CA GLU C 28 -14.62 -9.96 -23.94
C GLU C 28 -13.95 -8.61 -24.19
N ASN C 29 -13.38 -8.41 -25.37
CA ASN C 29 -12.85 -7.11 -25.72
C ASN C 29 -13.95 -6.06 -25.80
N VAL C 30 -15.10 -6.43 -26.35
CA VAL C 30 -16.24 -5.52 -26.42
C VAL C 30 -16.73 -5.18 -25.02
N LYS C 31 -16.78 -6.17 -24.13
CA LYS C 31 -17.17 -5.89 -22.75
C LYS C 31 -16.15 -4.99 -22.06
N ALA C 32 -14.88 -5.13 -22.39
CA ALA C 32 -13.88 -4.21 -21.86
C ALA C 32 -14.11 -2.79 -22.38
N LYS C 33 -14.50 -2.67 -23.65
CA LYS C 33 -14.84 -1.36 -24.20
C LYS C 33 -16.02 -0.75 -23.45
N ILE C 34 -17.03 -1.57 -23.15
CA ILE C 34 -18.19 -1.10 -22.38
C ILE C 34 -17.74 -0.66 -20.99
N GLN C 35 -16.86 -1.44 -20.36
CA GLN C 35 -16.29 -1.06 -19.07
C GLN C 35 -15.62 0.30 -19.13
N ASP C 36 -14.85 0.55 -20.19
CA ASP C 36 -14.19 1.84 -20.33
C ASP C 36 -15.21 2.96 -20.52
N LYS C 37 -16.23 2.73 -21.33
CA LYS C 37 -17.16 3.80 -21.68
C LYS C 37 -18.11 4.14 -20.54
N GLU C 38 -18.52 3.16 -19.74
CA GLU C 38 -19.55 3.40 -18.74
C GLU C 38 -19.17 3.01 -17.31
N GLY C 39 -18.30 2.04 -17.11
CA GLY C 39 -17.90 1.67 -15.76
C GLY C 39 -18.78 0.60 -15.13
N ILE C 40 -18.88 -0.55 -15.78
CA ILE C 40 -19.56 -1.71 -15.23
C ILE C 40 -18.60 -2.89 -15.39
N PRO C 41 -18.28 -3.61 -14.31
CA PRO C 41 -17.23 -4.64 -14.39
C PRO C 41 -17.66 -5.79 -15.29
N PRO C 42 -16.79 -6.22 -16.21
CA PRO C 42 -17.22 -7.17 -17.25
C PRO C 42 -17.48 -8.58 -16.73
N ASP C 43 -18.33 -8.68 -15.71
CA ASP C 43 -18.83 -9.94 -15.22
C ASP C 43 -20.35 -9.85 -15.08
N GLN C 44 -20.85 -8.63 -14.90
CA GLN C 44 -22.27 -8.38 -14.78
C GLN C 44 -22.92 -8.02 -16.10
N GLN C 45 -22.16 -7.94 -17.19
CA GLN C 45 -22.74 -7.63 -18.48
C GLN C 45 -23.33 -8.89 -19.11
N ARG C 46 -24.33 -8.68 -19.96
CA ARG C 46 -24.78 -9.71 -20.91
C ARG C 46 -25.41 -8.98 -22.09
N LEU C 47 -24.66 -8.88 -23.17
CA LEU C 47 -25.08 -8.11 -24.33
C LEU C 47 -26.04 -8.94 -25.17
N ILE C 48 -27.34 -8.64 -25.07
CA ILE C 48 -28.35 -9.33 -25.84
C ILE C 48 -28.45 -8.67 -27.21
N PHE C 49 -28.34 -9.46 -28.26
CA PHE C 49 -28.43 -8.96 -29.63
C PHE C 49 -29.41 -9.84 -30.39
N ALA C 50 -30.49 -9.23 -30.87
CA ALA C 50 -31.48 -9.89 -31.73
C ALA C 50 -32.04 -11.17 -31.09
N GLY C 51 -32.20 -11.16 -29.78
CA GLY C 51 -32.69 -12.32 -29.07
C GLY C 51 -31.64 -13.36 -28.74
N LYS C 52 -30.46 -13.29 -29.35
CA LYS C 52 -29.38 -14.20 -29.07
C LYS C 52 -28.44 -13.54 -28.07
N GLN C 53 -28.06 -14.25 -27.02
CA GLN C 53 -27.18 -13.70 -26.01
C GLN C 53 -25.74 -13.97 -26.40
N LEU C 54 -24.95 -12.89 -26.49
CA LEU C 54 -23.54 -13.02 -26.84
C LEU C 54 -22.78 -13.70 -25.70
N GLU C 55 -21.87 -14.59 -26.08
CA GLU C 55 -21.09 -15.36 -25.11
C GLU C 55 -19.60 -15.15 -25.37
N ASP C 56 -18.80 -15.45 -24.35
CA ASP C 56 -17.38 -15.09 -24.35
C ASP C 56 -16.54 -15.90 -25.33
N GLY C 57 -17.10 -16.95 -25.94
CA GLY C 57 -16.33 -17.77 -26.84
C GLY C 57 -16.19 -17.20 -28.24
N ARG C 58 -17.32 -16.94 -28.88
CA ARG C 58 -17.34 -16.54 -30.28
C ARG C 58 -16.85 -15.11 -30.46
N THR C 59 -16.78 -14.68 -31.71
CA THR C 59 -16.36 -13.32 -32.06
C THR C 59 -17.47 -12.63 -32.83
N LEU C 60 -17.24 -11.35 -33.14
CA LEU C 60 -18.28 -10.53 -33.76
C LEU C 60 -18.65 -11.06 -35.15
N SER C 61 -17.66 -11.48 -35.93
CA SER C 61 -17.95 -11.98 -37.27
C SER C 61 -18.68 -13.31 -37.24
N ASP C 62 -18.67 -14.02 -36.12
CA ASP C 62 -19.43 -15.26 -36.00
C ASP C 62 -20.93 -15.00 -35.88
N TYR C 63 -21.31 -13.82 -35.38
CA TYR C 63 -22.70 -13.51 -35.09
C TYR C 63 -23.38 -12.74 -36.21
N ASN C 64 -22.68 -12.51 -37.33
CA ASN C 64 -23.19 -11.72 -38.45
C ASN C 64 -23.57 -10.30 -38.00
N ILE C 65 -22.74 -9.70 -37.15
CA ILE C 65 -22.93 -8.32 -36.73
C ILE C 65 -22.11 -7.43 -37.63
N GLN C 66 -22.75 -6.41 -38.21
CA GLN C 66 -22.06 -5.50 -39.12
C GLN C 66 -22.23 -4.07 -38.66
N LYS C 67 -21.87 -3.12 -39.53
CA LYS C 67 -21.96 -1.70 -39.19
C LYS C 67 -23.40 -1.30 -38.88
N GLU C 68 -23.56 -0.45 -37.86
CA GLU C 68 -24.85 0.12 -37.47
C GLU C 68 -25.83 -0.97 -36.99
N SER C 69 -25.42 -1.69 -35.96
CA SER C 69 -26.29 -2.62 -35.26
C SER C 69 -26.39 -2.22 -33.79
N THR C 70 -27.37 -2.80 -33.10
CA THR C 70 -27.63 -2.47 -31.71
C THR C 70 -27.50 -3.70 -30.82
N LEU C 71 -26.92 -3.51 -29.65
CA LEU C 71 -26.79 -4.57 -28.64
C LEU C 71 -27.36 -4.02 -27.34
N HIS C 72 -28.55 -4.46 -26.97
CA HIS C 72 -29.12 -4.04 -25.69
C HIS C 72 -28.26 -4.59 -24.55
N LEU C 73 -28.04 -3.75 -23.55
CA LEU C 73 -27.21 -4.09 -22.41
C LEU C 73 -28.06 -4.21 -21.17
N VAL C 74 -28.07 -5.39 -20.56
CA VAL C 74 -28.78 -5.64 -19.31
C VAL C 74 -27.84 -6.39 -18.38
N LEU C 75 -28.19 -6.39 -17.10
CA LEU C 75 -27.43 -7.13 -16.11
C LEU C 75 -28.09 -8.49 -15.85
N ARG C 76 -27.55 -9.21 -14.88
CA ARG C 76 -28.15 -10.45 -14.40
C ARG C 76 -28.59 -10.24 -12.95
N LEU C 77 -29.86 -10.50 -12.69
CA LEU C 77 -30.44 -10.28 -11.37
C LEU C 77 -30.53 -11.64 -10.68
N ARG C 78 -29.57 -11.91 -9.80
CA ARG C 78 -29.52 -13.18 -9.08
C ARG C 78 -30.81 -13.40 -8.29
N GLY C 79 -31.33 -14.62 -8.38
CA GLY C 79 -32.52 -14.97 -7.62
C GLY C 79 -32.54 -16.46 -7.33
N GLY C 80 -33.16 -16.80 -6.21
CA GLY C 80 -33.29 -18.19 -5.80
C GLY C 80 -33.03 -18.37 -4.32
N GLU D 76 -57.71 -27.51 4.75
CA GLU D 76 -59.13 -27.55 4.47
C GLU D 76 -59.41 -27.18 3.01
N ASN D 77 -58.97 -25.99 2.63
CA ASN D 77 -59.17 -25.49 1.27
C ASN D 77 -57.85 -25.63 0.50
N LEU D 78 -57.76 -26.65 -0.35
CA LEU D 78 -56.60 -26.85 -1.21
C LEU D 78 -56.97 -26.45 -2.63
N LEU D 79 -56.23 -25.50 -3.18
CA LEU D 79 -56.51 -25.04 -4.53
C LEU D 79 -56.09 -26.09 -5.53
N PRO D 80 -56.95 -26.47 -6.47
CA PRO D 80 -56.59 -27.43 -7.51
C PRO D 80 -55.66 -26.85 -8.58
N PHE D 81 -54.57 -26.25 -8.13
CA PHE D 81 -53.56 -25.68 -9.03
C PHE D 81 -52.19 -26.01 -8.45
N VAL D 82 -51.44 -26.82 -9.19
CA VAL D 82 -50.23 -27.45 -8.67
C VAL D 82 -49.04 -26.51 -8.81
N GLY D 83 -48.18 -26.51 -7.79
CA GLY D 83 -46.91 -25.82 -7.82
C GLY D 83 -45.75 -26.77 -7.98
N LEU D 84 -44.55 -26.20 -7.96
CA LEU D 84 -43.31 -26.94 -8.17
C LEU D 84 -42.41 -26.73 -6.96
N ASN D 85 -41.99 -27.83 -6.33
CA ASN D 85 -41.21 -27.76 -5.09
C ASN D 85 -39.90 -27.01 -5.28
N ASN D 86 -39.35 -26.55 -4.16
CA ASN D 86 -38.17 -25.69 -4.21
C ASN D 86 -36.96 -26.44 -4.74
N LEU D 87 -36.78 -27.71 -4.31
CA LEU D 87 -35.79 -28.62 -4.88
C LEU D 87 -34.38 -28.01 -4.83
N GLY D 88 -34.02 -27.47 -3.67
CA GLY D 88 -32.73 -26.84 -3.53
C GLY D 88 -32.83 -25.33 -3.62
N ASN D 89 -31.84 -24.69 -4.24
CA ASN D 89 -31.80 -23.25 -4.34
C ASN D 89 -32.46 -22.74 -5.61
N THR D 90 -33.39 -23.50 -6.18
CA THR D 90 -33.95 -23.23 -7.50
C THR D 90 -35.40 -22.78 -7.37
N SER D 91 -35.62 -21.48 -7.49
CA SER D 91 -36.94 -20.93 -7.73
C SER D 91 -37.01 -20.12 -9.02
N TYR D 92 -35.86 -19.68 -9.54
CA TYR D 92 -35.81 -18.98 -10.81
C TYR D 92 -36.37 -19.83 -11.95
N LEU D 93 -36.17 -21.14 -11.90
CA LEU D 93 -36.74 -22.01 -12.91
C LEU D 93 -38.18 -22.34 -12.62
N ASN D 94 -38.55 -22.42 -11.34
CA ASN D 94 -39.93 -22.72 -10.97
C ASN D 94 -40.87 -21.62 -11.45
N SER D 95 -40.51 -20.36 -11.19
CA SER D 95 -41.37 -19.25 -11.58
C SER D 95 -41.51 -19.17 -13.09
N ILE D 96 -40.39 -19.31 -13.81
CA ILE D 96 -40.42 -19.24 -15.26
C ILE D 96 -41.25 -20.37 -15.84
N LEU D 97 -41.07 -21.59 -15.32
CA LEU D 97 -41.81 -22.74 -15.80
C LEU D 97 -43.32 -22.56 -15.57
N GLN D 98 -43.69 -22.08 -14.39
CA GLN D 98 -45.11 -21.92 -14.10
C GLN D 98 -45.73 -20.82 -14.95
N VAL D 99 -45.02 -19.71 -15.13
CA VAL D 99 -45.56 -18.62 -15.94
C VAL D 99 -45.56 -18.98 -17.41
N LEU D 100 -44.75 -19.95 -17.81
CA LEU D 100 -44.66 -20.36 -19.20
C LEU D 100 -45.70 -21.42 -19.55
N TYR D 101 -46.02 -22.31 -18.61
CA TYR D 101 -46.94 -23.40 -18.89
C TYR D 101 -48.32 -22.91 -19.32
N PHE D 102 -48.74 -21.74 -18.85
CA PHE D 102 -50.04 -21.19 -19.21
C PHE D 102 -50.02 -20.37 -20.50
N CYS D 103 -48.87 -20.26 -21.17
CA CYS D 103 -48.85 -19.56 -22.45
C CYS D 103 -49.71 -20.32 -23.44
N PRO D 104 -50.71 -19.68 -24.04
CA PRO D 104 -51.78 -20.44 -24.71
C PRO D 104 -51.34 -21.27 -25.90
N GLY D 105 -50.21 -20.94 -26.52
CA GLY D 105 -49.77 -21.72 -27.66
C GLY D 105 -48.69 -22.72 -27.35
N PHE D 106 -48.09 -22.62 -26.15
CA PHE D 106 -46.94 -23.44 -25.83
C PHE D 106 -47.34 -24.88 -25.56
N LYS D 107 -48.47 -25.09 -24.87
CA LYS D 107 -48.82 -26.41 -24.38
C LYS D 107 -49.03 -27.41 -25.51
N SER D 108 -49.69 -26.98 -26.59
CA SER D 108 -49.92 -27.90 -27.69
C SER D 108 -48.65 -28.10 -28.51
N GLY D 109 -47.89 -27.04 -28.75
CA GLY D 109 -46.72 -27.13 -29.61
C GLY D 109 -45.61 -27.98 -29.02
N VAL D 110 -45.34 -27.81 -27.72
CA VAL D 110 -44.23 -28.55 -27.11
C VAL D 110 -44.58 -30.02 -26.96
N LYS D 111 -45.85 -30.38 -27.09
CA LYS D 111 -46.23 -31.78 -27.11
C LYS D 111 -46.24 -32.34 -28.53
N HIS D 112 -46.66 -31.53 -29.51
CA HIS D 112 -46.66 -31.99 -30.89
C HIS D 112 -45.24 -32.24 -31.39
N LEU D 113 -44.29 -31.39 -30.97
CA LEU D 113 -42.91 -31.60 -31.38
C LEU D 113 -42.37 -32.92 -30.84
N PHE D 114 -42.66 -33.23 -29.57
CA PHE D 114 -42.29 -34.53 -29.03
C PHE D 114 -43.05 -35.65 -29.72
N ASN D 115 -44.27 -35.37 -30.20
CA ASN D 115 -45.02 -36.40 -30.91
C ASN D 115 -44.37 -36.74 -32.24
N ILE D 116 -43.73 -35.76 -32.88
CA ILE D 116 -42.91 -36.05 -34.06
C ILE D 116 -41.64 -36.79 -33.65
N ILE D 117 -41.04 -36.39 -32.52
CA ILE D 117 -39.83 -37.02 -32.01
C ILE D 117 -40.05 -38.51 -31.75
N SER D 118 -41.22 -38.87 -31.22
CA SER D 118 -41.49 -40.26 -30.88
C SER D 118 -41.46 -41.14 -32.13
N ARG D 119 -42.09 -40.70 -33.21
CA ARG D 119 -42.04 -41.48 -34.43
C ARG D 119 -40.66 -41.45 -35.06
N LYS D 120 -39.90 -40.37 -34.87
CA LYS D 120 -38.53 -40.35 -35.36
C LYS D 120 -37.67 -41.38 -34.64
N LYS D 121 -37.83 -41.49 -33.33
CA LYS D 121 -37.12 -42.51 -32.55
C LYS D 121 -37.60 -43.91 -32.94
N GLU D 122 -38.90 -44.06 -33.21
CA GLU D 122 -39.43 -45.32 -33.68
C GLU D 122 -38.80 -45.73 -35.01
N ALA D 123 -38.52 -44.74 -35.88
CA ALA D 123 -37.79 -45.02 -37.10
C ALA D 123 -36.38 -45.54 -36.80
N LEU D 124 -35.73 -44.97 -35.80
CA LEU D 124 -34.41 -45.44 -35.40
C LEU D 124 -34.50 -46.74 -34.62
N LEU D 141 -29.95 -37.45 -28.60
CA LEU D 141 -28.89 -36.47 -28.81
C LEU D 141 -29.01 -35.39 -27.74
N ALA D 142 -27.93 -34.62 -27.53
CA ALA D 142 -27.87 -33.67 -26.43
C ALA D 142 -28.92 -32.57 -26.57
N SER D 143 -29.11 -32.05 -27.77
CA SER D 143 -30.12 -31.03 -28.01
C SER D 143 -31.49 -31.61 -28.27
N TYR D 144 -31.63 -32.92 -28.19
CA TYR D 144 -32.85 -33.62 -28.56
C TYR D 144 -33.61 -34.19 -27.36
N GLU D 145 -33.23 -33.80 -26.15
CA GLU D 145 -33.82 -34.39 -24.95
C GLU D 145 -34.67 -33.44 -24.13
N LEU D 146 -34.33 -32.14 -24.11
CA LEU D 146 -35.12 -31.18 -23.34
C LEU D 146 -36.53 -31.06 -23.89
N ILE D 147 -36.66 -31.12 -25.22
CA ILE D 147 -37.95 -30.98 -25.88
C ILE D 147 -38.88 -32.14 -25.55
N CYS D 148 -38.34 -33.27 -25.09
CA CYS D 148 -39.19 -34.35 -24.60
C CYS D 148 -39.34 -34.33 -23.08
N SER D 149 -38.31 -33.87 -22.37
CA SER D 149 -38.39 -33.75 -20.92
C SER D 149 -39.47 -32.76 -20.52
N LEU D 150 -39.62 -31.68 -21.29
CA LEU D 150 -40.66 -30.70 -21.00
C LEU D 150 -42.05 -31.31 -21.12
N GLN D 151 -42.26 -32.13 -22.15
CA GLN D 151 -43.56 -32.79 -22.29
C GLN D 151 -43.78 -33.79 -21.17
N SER D 152 -42.73 -34.49 -20.74
CA SER D 152 -42.88 -35.40 -19.61
C SER D 152 -43.30 -34.65 -18.35
N LEU D 153 -42.67 -33.51 -18.10
CA LEU D 153 -43.04 -32.71 -16.94
C LEU D 153 -44.48 -32.22 -17.04
N ILE D 154 -44.89 -31.78 -18.23
CA ILE D 154 -46.25 -31.27 -18.40
C ILE D 154 -47.28 -32.37 -18.19
N ILE D 155 -47.01 -33.58 -18.71
CA ILE D 155 -47.99 -34.65 -18.53
C ILE D 155 -48.02 -35.11 -17.07
N SER D 156 -46.88 -35.11 -16.38
CA SER D 156 -46.91 -35.43 -14.95
C SER D 156 -47.73 -34.41 -14.17
N VAL D 157 -47.53 -33.12 -14.48
CA VAL D 157 -48.28 -32.05 -13.83
C VAL D 157 -49.77 -32.20 -14.06
N GLU D 158 -50.17 -32.39 -15.32
CA GLU D 158 -51.59 -32.49 -15.63
C GLU D 158 -52.21 -33.73 -15.00
N GLN D 159 -51.50 -34.86 -15.06
CA GLN D 159 -52.02 -36.09 -14.48
C GLN D 159 -52.20 -35.96 -12.97
N LEU D 160 -51.21 -35.38 -12.29
CA LEU D 160 -51.33 -35.22 -10.83
C LEU D 160 -52.46 -34.27 -10.47
N GLN D 161 -52.61 -33.18 -11.23
CA GLN D 161 -53.70 -32.24 -10.94
C GLN D 161 -55.05 -32.89 -11.12
N ALA D 162 -55.23 -33.67 -12.19
CA ALA D 162 -56.49 -34.37 -12.39
C ALA D 162 -56.73 -35.42 -11.31
N SER D 163 -55.66 -36.12 -10.91
CA SER D 163 -55.78 -37.14 -9.88
C SER D 163 -56.22 -36.55 -8.55
N PHE D 164 -55.68 -35.39 -8.20
CA PHE D 164 -56.21 -34.68 -7.04
C PHE D 164 -57.66 -34.26 -7.27
N LEU D 165 -57.97 -33.85 -8.50
CA LEU D 165 -59.29 -33.27 -8.78
C LEU D 165 -60.41 -34.27 -8.57
N LEU D 166 -60.21 -35.52 -8.98
CA LEU D 166 -61.31 -36.48 -8.77
C LEU D 166 -61.17 -37.26 -7.46
N ASN D 167 -60.15 -36.99 -6.66
CA ASN D 167 -59.96 -37.70 -5.39
C ASN D 167 -59.35 -36.74 -4.37
N PRO D 168 -60.17 -35.86 -3.79
CA PRO D 168 -59.63 -34.88 -2.85
C PRO D 168 -59.20 -35.46 -1.52
N GLU D 169 -59.63 -36.67 -1.18
CA GLU D 169 -59.33 -37.24 0.12
C GLU D 169 -57.85 -37.54 0.27
N LYS D 170 -57.21 -38.03 -0.79
CA LYS D 170 -55.83 -38.51 -0.70
C LYS D 170 -54.87 -37.40 -0.29
N TYR D 171 -54.89 -36.28 -1.01
CA TYR D 171 -53.94 -35.21 -0.75
C TYR D 171 -54.46 -34.33 0.39
N THR D 172 -53.56 -33.96 1.29
CA THR D 172 -53.93 -33.30 2.54
C THR D 172 -53.43 -31.87 2.63
N ASP D 173 -52.13 -31.65 2.50
CA ASP D 173 -51.55 -30.35 2.81
C ASP D 173 -50.92 -29.66 1.61
N GLU D 174 -49.99 -30.33 0.92
CA GLU D 174 -49.25 -29.73 -0.18
C GLU D 174 -49.56 -30.49 -1.47
N LEU D 175 -49.93 -29.74 -2.50
CA LEU D 175 -50.24 -30.28 -3.81
C LEU D 175 -49.17 -29.76 -4.77
N ALA D 176 -48.14 -30.55 -5.02
CA ALA D 176 -47.02 -30.10 -5.84
C ALA D 176 -46.25 -31.31 -6.35
N THR D 177 -45.20 -31.04 -7.12
CA THR D 177 -44.25 -32.03 -7.59
C THR D 177 -42.87 -31.39 -7.61
N GLN D 178 -41.91 -32.04 -8.25
CA GLN D 178 -40.56 -31.51 -8.31
C GLN D 178 -40.00 -31.65 -9.72
N PRO D 179 -39.51 -30.58 -10.33
CA PRO D 179 -38.92 -30.69 -11.65
C PRO D 179 -37.50 -31.22 -11.58
N ARG D 180 -37.30 -32.50 -11.92
CA ARG D 180 -35.99 -33.11 -11.76
C ARG D 180 -35.35 -33.48 -13.09
N ARG D 181 -36.06 -34.18 -13.97
CA ARG D 181 -35.50 -34.50 -15.28
C ARG D 181 -35.23 -33.24 -16.08
N LEU D 182 -36.13 -32.26 -15.98
CA LEU D 182 -35.92 -31.00 -16.68
C LEU D 182 -34.69 -30.28 -16.16
N LEU D 183 -34.51 -30.24 -14.84
CA LEU D 183 -33.35 -29.59 -14.27
C LEU D 183 -32.07 -30.30 -14.68
N ASN D 184 -32.07 -31.64 -14.65
CA ASN D 184 -30.88 -32.39 -15.02
C ASN D 184 -30.53 -32.21 -16.49
N THR D 185 -31.53 -32.27 -17.37
CA THR D 185 -31.30 -32.05 -18.79
C THR D 185 -30.78 -30.65 -19.05
N LEU D 186 -31.34 -29.66 -18.36
CA LEU D 186 -30.90 -28.28 -18.58
C LEU D 186 -29.51 -28.07 -18.02
N ARG D 187 -29.15 -28.83 -16.98
CA ARG D 187 -27.77 -28.84 -16.50
C ARG D 187 -26.83 -29.38 -17.58
N GLU D 188 -27.24 -30.45 -18.25
CA GLU D 188 -26.43 -31.01 -19.33
C GLU D 188 -26.29 -30.02 -20.49
N LEU D 189 -27.36 -29.26 -20.76
CA LEU D 189 -27.34 -28.31 -21.86
C LEU D 189 -26.31 -27.20 -21.61
N ASN D 190 -26.27 -26.67 -20.40
CA ASN D 190 -25.32 -25.63 -20.06
C ASN D 190 -24.75 -25.94 -18.68
N PRO D 191 -23.44 -26.17 -18.58
CA PRO D 191 -22.85 -26.57 -17.30
C PRO D 191 -22.68 -25.44 -16.30
N MET D 192 -22.96 -24.19 -16.67
CA MET D 192 -22.77 -23.08 -15.75
C MET D 192 -23.80 -23.06 -14.62
N TYR D 193 -24.87 -23.83 -14.72
CA TYR D 193 -25.82 -23.98 -13.63
C TYR D 193 -25.50 -25.15 -12.71
N GLU D 194 -24.41 -25.87 -12.95
CA GLU D 194 -24.04 -26.98 -12.08
C GLU D 194 -23.64 -26.44 -10.71
N GLY D 195 -24.24 -26.98 -9.66
CA GLY D 195 -24.13 -26.42 -8.34
C GLY D 195 -25.49 -26.04 -7.81
N TYR D 196 -25.53 -25.19 -6.79
CA TYR D 196 -26.80 -24.78 -6.19
C TYR D 196 -26.77 -23.29 -5.88
N LEU D 197 -26.28 -22.49 -6.82
CA LEU D 197 -26.25 -21.05 -6.66
C LEU D 197 -27.60 -20.46 -7.04
N GLN D 198 -27.68 -19.14 -7.09
CA GLN D 198 -28.85 -18.43 -7.58
C GLN D 198 -28.60 -17.98 -9.01
N HIS D 199 -29.68 -17.72 -9.74
CA HIS D 199 -29.55 -17.44 -11.17
C HIS D 199 -30.65 -16.47 -11.59
N ASP D 200 -30.39 -15.81 -12.72
CA ASP D 200 -31.41 -14.95 -13.31
C ASP D 200 -32.51 -15.79 -13.93
N ALA D 201 -33.69 -15.19 -14.07
CA ALA D 201 -34.82 -15.90 -14.66
C ALA D 201 -34.95 -15.65 -16.14
N GLN D 202 -34.76 -14.41 -16.58
CA GLN D 202 -34.87 -14.09 -18.00
C GLN D 202 -33.79 -14.82 -18.79
N GLU D 203 -32.60 -14.98 -18.21
CA GLU D 203 -31.54 -15.71 -18.89
C GLU D 203 -31.91 -17.18 -19.07
N VAL D 204 -32.50 -17.79 -18.04
CA VAL D 204 -32.94 -19.18 -18.15
C VAL D 204 -34.03 -19.32 -19.20
N LEU D 205 -34.97 -18.37 -19.22
CA LEU D 205 -36.00 -18.38 -20.25
C LEU D 205 -35.40 -18.25 -21.64
N GLN D 206 -34.39 -17.38 -21.78
CA GLN D 206 -33.70 -17.22 -23.06
C GLN D 206 -33.02 -18.50 -23.48
N CYS D 207 -32.38 -19.19 -22.53
CA CYS D 207 -31.69 -20.44 -22.84
C CYS D 207 -32.66 -21.50 -23.34
N ILE D 208 -33.77 -21.70 -22.61
CA ILE D 208 -34.67 -22.78 -23.02
C ILE D 208 -35.39 -22.42 -24.32
N LEU D 209 -35.70 -21.13 -24.53
CA LEU D 209 -36.35 -20.74 -25.77
C LEU D 209 -35.40 -20.89 -26.97
N GLY D 210 -34.16 -20.46 -26.81
CA GLY D 210 -33.18 -20.66 -27.87
C GLY D 210 -32.96 -22.12 -28.17
N ASN D 211 -32.96 -22.97 -27.13
CA ASN D 211 -32.73 -24.39 -27.38
C ASN D 211 -33.90 -25.04 -28.09
N ILE D 212 -35.13 -24.70 -27.71
CA ILE D 212 -36.26 -25.32 -28.40
C ILE D 212 -36.34 -24.80 -29.84
N GLN D 213 -36.00 -23.53 -30.07
CA GLN D 213 -35.94 -23.03 -31.44
C GLN D 213 -34.87 -23.75 -32.24
N GLU D 214 -33.70 -23.97 -31.64
CA GLU D 214 -32.62 -24.66 -32.33
C GLU D 214 -33.01 -26.09 -32.69
N THR D 215 -33.64 -26.82 -31.76
CA THR D 215 -33.97 -28.20 -32.06
C THR D 215 -35.12 -28.30 -33.07
N CYS D 216 -36.07 -27.36 -33.04
CA CYS D 216 -37.11 -27.39 -34.06
C CYS D 216 -36.54 -27.06 -35.43
N GLN D 217 -35.58 -26.12 -35.49
CA GLN D 217 -34.94 -25.81 -36.76
C GLN D 217 -34.12 -26.99 -37.27
N LEU D 218 -33.45 -27.70 -36.37
CA LEU D 218 -32.70 -28.89 -36.77
C LEU D 218 -33.63 -29.98 -37.28
N LEU D 219 -34.79 -30.14 -36.65
CA LEU D 219 -35.77 -31.11 -37.16
C LEU D 219 -36.28 -30.70 -38.53
N LYS D 220 -36.50 -29.40 -38.74
CA LYS D 220 -36.89 -28.93 -40.08
C LYS D 220 -35.81 -29.23 -41.11
N LYS D 221 -34.55 -29.02 -40.74
CA LYS D 221 -33.44 -29.32 -41.65
C LYS D 221 -33.35 -30.81 -41.96
N GLU D 222 -33.57 -31.65 -40.94
CA GLU D 222 -33.55 -33.09 -41.18
C GLU D 222 -34.73 -33.50 -42.07
N GLU D 223 -35.88 -32.87 -41.88
CA GLU D 223 -37.04 -33.16 -42.73
C GLU D 223 -36.77 -32.76 -44.18
N VAL D 224 -36.16 -31.60 -44.39
CA VAL D 224 -35.88 -31.16 -45.76
C VAL D 224 -34.68 -31.88 -46.36
N LYS D 225 -33.89 -32.57 -45.54
CA LYS D 225 -32.81 -33.40 -46.07
C LYS D 225 -33.32 -34.53 -46.95
N ASN D 226 -34.55 -34.99 -46.74
CA ASN D 226 -35.11 -36.07 -47.52
C ASN D 226 -35.48 -35.60 -48.93
N ILE D 422 -46.42 -26.91 -40.35
CA ILE D 422 -47.60 -26.27 -39.78
C ILE D 422 -47.37 -25.97 -38.31
N GLY D 423 -46.46 -26.73 -37.69
CA GLY D 423 -46.16 -26.55 -36.28
C GLY D 423 -44.67 -26.53 -35.99
N PHE D 424 -43.86 -26.57 -37.06
CA PHE D 424 -42.42 -26.49 -36.88
C PHE D 424 -42.00 -25.11 -36.39
N GLU D 425 -42.79 -24.09 -36.68
CA GLU D 425 -42.55 -22.73 -36.22
C GLU D 425 -43.24 -22.54 -34.86
N LEU D 426 -42.46 -22.58 -33.79
CA LEU D 426 -43.03 -22.37 -32.46
C LEU D 426 -42.49 -21.09 -31.81
N VAL D 427 -41.18 -20.97 -31.61
CA VAL D 427 -40.64 -19.77 -31.02
C VAL D 427 -40.43 -18.70 -32.07
N GLU D 428 -40.15 -19.09 -33.31
CA GLU D 428 -40.01 -18.13 -34.39
C GLU D 428 -41.32 -17.46 -34.75
N LYS D 429 -42.44 -17.95 -34.23
CA LYS D 429 -43.74 -17.35 -34.45
C LYS D 429 -44.40 -16.84 -33.17
N LEU D 430 -44.10 -17.46 -32.03
CA LEU D 430 -44.82 -17.12 -30.80
C LEU D 430 -44.26 -15.86 -30.16
N PHE D 431 -42.98 -15.86 -29.82
CA PHE D 431 -42.38 -14.78 -29.05
C PHE D 431 -41.43 -13.89 -29.84
N GLN D 432 -41.36 -14.05 -31.16
CA GLN D 432 -40.36 -13.33 -31.95
C GLN D 432 -41.02 -12.56 -33.08
N GLY D 433 -40.63 -11.29 -33.22
CA GLY D 433 -41.09 -10.45 -34.31
C GLY D 433 -39.94 -9.67 -34.93
N GLN D 434 -40.26 -8.70 -35.77
CA GLN D 434 -39.25 -7.97 -36.52
C GLN D 434 -39.19 -6.51 -36.08
N LEU D 435 -37.97 -5.99 -35.97
CA LEU D 435 -37.72 -4.63 -35.57
C LEU D 435 -37.27 -3.81 -36.78
N VAL D 436 -37.70 -2.56 -36.84
CA VAL D 436 -37.27 -1.64 -37.89
C VAL D 436 -36.58 -0.46 -37.23
N LEU D 437 -35.34 -0.20 -37.62
CA LEU D 437 -34.57 0.90 -37.09
C LEU D 437 -34.29 1.92 -38.19
N ARG D 438 -34.05 3.16 -37.78
CA ARG D 438 -33.72 4.21 -38.73
C ARG D 438 -32.82 5.22 -38.04
N THR D 439 -32.05 5.94 -38.85
CA THR D 439 -31.12 6.95 -38.32
C THR D 439 -31.04 8.10 -39.31
N ARG D 440 -31.21 9.32 -38.83
CA ARG D 440 -31.17 10.51 -39.66
C ARG D 440 -29.95 11.35 -39.30
N CYS D 441 -29.01 11.46 -40.22
CA CYS D 441 -27.86 12.35 -40.06
C CYS D 441 -28.33 13.78 -40.27
N LEU D 442 -28.16 14.64 -39.27
CA LEU D 442 -28.75 15.97 -39.32
C LEU D 442 -28.14 16.83 -40.42
N GLU D 443 -26.86 16.63 -40.75
CA GLU D 443 -26.23 17.45 -41.79
C GLU D 443 -26.68 17.03 -43.19
N CYS D 444 -26.77 15.73 -43.46
CA CYS D 444 -27.11 15.27 -44.80
C CYS D 444 -28.59 14.93 -44.96
N GLU D 445 -29.28 14.64 -43.85
CA GLU D 445 -30.72 14.37 -43.85
C GLU D 445 -31.09 13.22 -44.77
N SER D 446 -30.32 12.15 -44.70
CA SER D 446 -30.60 10.91 -45.41
C SER D 446 -30.69 9.78 -44.40
N LEU D 447 -31.76 9.00 -44.49
CA LEU D 447 -32.08 8.00 -43.48
C LEU D 447 -31.87 6.60 -44.03
N THR D 448 -31.31 5.72 -43.20
CA THR D 448 -31.05 4.34 -43.58
C THR D 448 -31.73 3.40 -42.58
N GLU D 449 -32.17 2.26 -43.08
CA GLU D 449 -32.90 1.29 -42.28
C GLU D 449 -32.00 0.12 -41.90
N ARG D 450 -32.40 -0.58 -40.85
CA ARG D 450 -31.65 -1.76 -40.40
C ARG D 450 -32.63 -2.66 -39.66
N ARG D 451 -33.12 -3.70 -40.32
CA ARG D 451 -34.08 -4.60 -39.69
C ARG D 451 -33.39 -5.47 -38.66
N GLU D 452 -34.18 -5.93 -37.69
CA GLU D 452 -33.66 -6.73 -36.59
C GLU D 452 -34.74 -7.66 -36.08
N ASP D 453 -34.32 -8.66 -35.32
CA ASP D 453 -35.21 -9.57 -34.62
C ASP D 453 -35.24 -9.21 -33.14
N PHE D 454 -36.35 -9.53 -32.47
CA PHE D 454 -36.46 -9.24 -31.05
C PHE D 454 -37.37 -10.26 -30.40
N GLN D 455 -37.07 -10.57 -29.14
CA GLN D 455 -37.90 -11.47 -28.35
C GLN D 455 -38.48 -10.83 -27.10
N ASP D 456 -37.85 -9.78 -26.57
CA ASP D 456 -38.37 -9.09 -25.40
C ASP D 456 -37.99 -7.62 -25.47
N ILE D 457 -38.95 -6.74 -25.18
CA ILE D 457 -38.69 -5.31 -25.16
C ILE D 457 -38.07 -4.92 -23.84
N SER D 458 -36.74 -4.87 -23.78
CA SER D 458 -36.07 -4.45 -22.56
C SER D 458 -36.26 -2.95 -22.38
N VAL D 459 -36.76 -2.55 -21.21
CA VAL D 459 -37.28 -1.20 -21.00
C VAL D 459 -36.67 -0.60 -19.73
N PRO D 460 -36.19 0.65 -19.76
CA PRO D 460 -35.69 1.28 -18.53
C PRO D 460 -36.84 1.61 -17.58
N VAL D 461 -36.48 1.75 -16.31
CA VAL D 461 -37.49 1.86 -15.26
C VAL D 461 -37.61 3.30 -14.76
N GLN D 462 -36.56 4.08 -14.92
CA GLN D 462 -36.60 5.47 -14.46
C GLN D 462 -35.57 6.29 -15.22
N GLU D 463 -35.89 7.56 -15.42
CA GLU D 463 -34.98 8.47 -16.11
C GLU D 463 -33.84 8.90 -15.18
N ASP D 464 -32.72 9.29 -15.80
CA ASP D 464 -31.58 9.78 -15.07
C ASP D 464 -30.68 10.56 -16.02
N GLU D 482 -42.70 11.20 -7.82
CA GLU D 482 -43.25 11.15 -9.17
C GLU D 482 -43.35 9.72 -9.68
N MET D 483 -44.44 9.42 -10.38
CA MET D 483 -44.67 8.12 -10.97
C MET D 483 -44.53 8.21 -12.48
N LYS D 484 -44.13 7.11 -13.09
CA LYS D 484 -43.91 7.04 -14.53
C LYS D 484 -44.83 5.97 -15.12
N THR D 485 -45.70 6.37 -16.03
CA THR D 485 -46.56 5.41 -16.70
C THR D 485 -45.72 4.51 -17.60
N LEU D 486 -46.19 3.28 -17.81
CA LEU D 486 -45.46 2.36 -18.67
C LEU D 486 -45.40 2.87 -20.11
N ARG D 487 -46.37 3.69 -20.51
CA ARG D 487 -46.31 4.29 -21.84
C ARG D 487 -45.07 5.16 -21.98
N TRP D 488 -44.76 5.96 -20.96
CA TRP D 488 -43.51 6.71 -20.98
C TRP D 488 -42.32 5.78 -20.97
N ALA D 489 -42.42 4.66 -20.26
CA ALA D 489 -41.30 3.72 -20.19
C ALA D 489 -40.98 3.14 -21.56
N ILE D 490 -42.01 2.77 -22.32
CA ILE D 490 -41.78 2.26 -23.67
C ILE D 490 -41.28 3.36 -24.59
N SER D 491 -41.90 4.54 -24.51
CA SER D 491 -41.50 5.65 -25.38
C SER D 491 -40.13 6.20 -25.03
N GLN D 492 -39.58 5.86 -23.88
CA GLN D 492 -38.17 6.15 -23.62
C GLN D 492 -37.27 5.28 -24.48
N PHE D 493 -37.72 4.07 -24.82
CA PHE D 493 -36.94 3.09 -25.56
C PHE D 493 -37.17 3.16 -27.06
N ALA D 494 -38.39 3.46 -27.50
CA ALA D 494 -38.71 3.34 -28.91
C ALA D 494 -39.27 4.63 -29.51
N SER D 495 -38.64 5.75 -29.24
CA SER D 495 -39.07 7.01 -29.82
C SER D 495 -37.84 7.84 -30.17
N VAL D 496 -38.08 9.04 -30.71
CA VAL D 496 -37.02 9.88 -31.22
C VAL D 496 -36.14 10.37 -30.08
N GLU D 497 -34.83 10.21 -30.23
CA GLU D 497 -33.85 10.81 -29.35
C GLU D 497 -32.55 10.94 -30.11
N ARG D 498 -31.75 11.94 -29.74
CA ARG D 498 -30.55 12.27 -30.48
C ARG D 498 -29.30 11.68 -29.84
N ILE D 499 -28.23 11.67 -30.62
CA ILE D 499 -26.91 11.26 -30.16
C ILE D 499 -25.99 12.47 -30.26
N VAL D 500 -25.36 12.84 -29.16
CA VAL D 500 -24.65 14.10 -29.04
C VAL D 500 -23.38 13.88 -28.24
N GLY D 501 -22.61 14.96 -28.09
CA GLY D 501 -21.49 14.96 -27.17
C GLY D 501 -20.35 14.08 -27.63
N GLU D 502 -19.80 13.30 -26.69
CA GLU D 502 -18.73 12.37 -27.00
C GLU D 502 -19.20 11.25 -27.93
N ASP D 503 -20.51 11.10 -28.09
CA ASP D 503 -21.10 10.03 -28.88
C ASP D 503 -21.63 10.61 -30.19
N LYS D 504 -21.08 10.14 -31.31
CA LYS D 504 -21.50 10.62 -32.62
C LYS D 504 -21.63 9.44 -33.57
N TYR D 505 -22.44 9.62 -34.60
CA TYR D 505 -22.70 8.58 -35.59
C TYR D 505 -21.92 8.91 -36.85
N PHE D 506 -20.96 8.06 -37.19
CA PHE D 506 -20.09 8.30 -38.33
C PHE D 506 -20.91 8.06 -39.59
N CYS D 507 -21.50 9.13 -40.13
CA CYS D 507 -22.29 9.02 -41.34
C CYS D 507 -21.38 8.75 -42.53
N GLU D 508 -21.95 8.11 -43.55
CA GLU D 508 -21.17 7.73 -44.73
C GLU D 508 -21.42 8.62 -45.94
N ASN D 509 -22.58 9.27 -46.02
CA ASN D 509 -22.80 10.23 -47.10
C ASN D 509 -21.95 11.48 -46.91
N CYS D 510 -21.70 11.87 -45.65
CA CYS D 510 -20.93 13.07 -45.36
C CYS D 510 -19.47 12.77 -45.01
N HIS D 511 -19.14 11.50 -44.71
CA HIS D 511 -17.78 11.08 -44.40
C HIS D 511 -17.21 11.82 -43.19
N HIS D 512 -18.04 12.05 -42.19
CA HIS D 512 -17.62 12.81 -41.01
C HIS D 512 -18.52 12.45 -39.84
N TYR D 513 -17.94 12.48 -38.64
CA TYR D 513 -18.74 12.32 -37.44
C TYR D 513 -19.76 13.44 -37.35
N THR D 514 -20.95 13.11 -36.85
CA THR D 514 -22.04 14.06 -36.89
C THR D 514 -23.11 13.68 -35.88
N GLU D 515 -23.95 14.66 -35.58
CA GLU D 515 -25.13 14.43 -34.74
C GLU D 515 -26.16 13.62 -35.51
N ALA D 516 -26.78 12.66 -34.83
CA ALA D 516 -27.77 11.80 -35.48
C ALA D 516 -29.00 11.64 -34.59
N GLU D 517 -30.15 11.48 -35.25
CA GLU D 517 -31.41 11.23 -34.58
C GLU D 517 -31.94 9.88 -35.04
N ARG D 518 -32.24 9.00 -34.09
CA ARG D 518 -32.66 7.65 -34.42
C ARG D 518 -33.88 7.26 -33.63
N SER D 519 -34.69 6.38 -34.21
CA SER D 519 -35.95 5.95 -33.63
C SER D 519 -36.10 4.45 -33.81
N LEU D 520 -37.20 3.92 -33.31
CA LEU D 520 -37.51 2.50 -33.36
C LEU D 520 -38.93 2.32 -33.87
N LEU D 521 -39.20 1.17 -34.46
CA LEU D 521 -40.53 0.86 -34.99
C LEU D 521 -40.77 -0.64 -34.86
N PHE D 522 -42.02 -1.01 -34.56
CA PHE D 522 -42.41 -2.41 -34.43
C PHE D 522 -43.13 -2.82 -35.71
N ASP D 523 -42.43 -3.53 -36.59
CA ASP D 523 -43.03 -3.87 -37.88
C ASP D 523 -43.94 -5.08 -37.76
N LYS D 524 -43.40 -6.22 -37.36
CA LYS D 524 -44.15 -7.46 -37.24
C LYS D 524 -44.29 -7.82 -35.77
N MET D 525 -45.51 -8.13 -35.35
CA MET D 525 -45.83 -8.30 -33.94
C MET D 525 -46.02 -9.78 -33.61
N PRO D 526 -45.31 -10.30 -32.61
CA PRO D 526 -45.46 -11.71 -32.27
C PRO D 526 -46.75 -12.00 -31.53
N GLU D 527 -47.02 -13.26 -31.22
CA GLU D 527 -48.26 -13.61 -30.55
C GLU D 527 -48.24 -13.26 -29.07
N VAL D 528 -47.08 -13.25 -28.44
CA VAL D 528 -46.95 -12.96 -27.02
C VAL D 528 -45.77 -12.02 -26.84
N ILE D 529 -46.05 -10.77 -26.53
CA ILE D 529 -45.00 -9.78 -26.32
C ILE D 529 -44.65 -9.80 -24.84
N THR D 530 -43.36 -9.65 -24.52
CA THR D 530 -42.89 -9.76 -23.14
C THR D 530 -42.00 -8.57 -22.82
N ILE D 531 -42.57 -7.55 -22.18
CA ILE D 531 -41.76 -6.44 -21.68
C ILE D 531 -40.86 -6.96 -20.57
N HIS D 532 -39.65 -6.40 -20.50
CA HIS D 532 -38.63 -6.86 -19.57
C HIS D 532 -38.04 -5.63 -18.89
N LEU D 533 -38.51 -5.33 -17.69
CA LEU D 533 -38.18 -4.09 -17.00
C LEU D 533 -36.78 -4.17 -16.41
N LYS D 534 -35.88 -3.30 -16.85
CA LYS D 534 -34.54 -3.21 -16.28
C LYS D 534 -34.62 -2.50 -14.93
N CYS D 535 -35.10 -3.23 -13.93
CA CYS D 535 -35.35 -2.66 -12.61
C CYS D 535 -34.06 -2.60 -11.77
N PHE D 536 -33.03 -2.01 -12.36
CA PHE D 536 -31.78 -1.76 -11.65
C PHE D 536 -31.08 -0.59 -12.33
N ALA D 537 -29.96 -0.17 -11.74
CA ALA D 537 -29.19 0.94 -12.26
C ALA D 537 -27.76 0.83 -11.75
N ALA D 538 -26.87 1.56 -12.40
CA ALA D 538 -25.47 1.63 -12.04
C ALA D 538 -25.19 2.94 -11.31
N SER D 539 -23.92 3.19 -11.02
CA SER D 539 -23.51 4.42 -10.36
C SER D 539 -22.09 4.82 -10.77
N GLY D 549 -21.32 -1.41 -5.79
CA GLY D 549 -21.34 -0.30 -6.72
C GLY D 549 -22.67 -0.14 -7.44
N LEU D 550 -23.37 -1.26 -7.61
CA LEU D 550 -24.67 -1.28 -8.28
C LEU D 550 -25.77 -1.56 -7.28
N SER D 551 -27.01 -1.36 -7.70
CA SER D 551 -28.13 -1.46 -6.78
C SER D 551 -29.41 -1.73 -7.54
N LYS D 552 -30.43 -2.15 -6.80
CA LYS D 552 -31.76 -2.42 -7.34
C LYS D 552 -32.67 -1.23 -7.07
N ILE D 553 -33.53 -0.91 -8.04
CA ILE D 553 -34.47 0.19 -7.93
C ILE D 553 -35.82 -0.43 -7.55
N ASN D 554 -36.17 -0.33 -6.27
CA ASN D 554 -37.45 -0.86 -5.78
C ASN D 554 -38.54 0.21 -5.75
N THR D 555 -38.70 0.92 -6.88
CA THR D 555 -39.77 1.90 -7.06
C THR D 555 -40.43 1.58 -8.38
N PRO D 556 -41.34 0.62 -8.41
CA PRO D 556 -41.91 0.17 -9.69
C PRO D 556 -42.74 1.25 -10.35
N LEU D 557 -42.73 1.22 -11.68
CA LEU D 557 -43.53 2.12 -12.47
C LEU D 557 -44.93 1.54 -12.68
N LEU D 558 -45.90 2.43 -12.88
CA LEU D 558 -47.29 2.01 -13.02
C LEU D 558 -47.46 1.18 -14.28
N THR D 559 -48.22 0.08 -14.17
CA THR D 559 -48.41 -0.85 -15.26
C THR D 559 -49.89 -0.91 -15.64
N PRO D 560 -50.23 -0.83 -16.92
CA PRO D 560 -51.61 -0.95 -17.34
C PRO D 560 -51.99 -2.40 -17.63
N LEU D 561 -53.30 -2.63 -17.73
CA LEU D 561 -53.83 -3.97 -17.95
C LEU D 561 -54.25 -4.21 -19.39
N LYS D 562 -54.53 -3.15 -20.15
CA LYS D 562 -54.89 -3.26 -21.56
C LYS D 562 -53.97 -2.32 -22.33
N LEU D 563 -52.80 -2.81 -22.72
CA LEU D 563 -51.82 -2.00 -23.42
C LEU D 563 -52.17 -1.91 -24.89
N SER D 564 -52.20 -0.68 -25.41
CA SER D 564 -52.40 -0.43 -26.83
C SER D 564 -51.12 0.17 -27.41
N LEU D 565 -50.75 -0.27 -28.60
CA LEU D 565 -49.45 0.03 -29.17
C LEU D 565 -49.62 0.62 -30.57
N GLU D 566 -50.43 1.67 -30.68
CA GLU D 566 -50.61 2.35 -31.95
C GLU D 566 -49.60 3.46 -32.18
N GLU D 567 -48.88 3.90 -31.14
CA GLU D 567 -47.97 5.02 -31.29
C GLU D 567 -46.73 4.65 -32.08
N TRP D 568 -46.15 3.48 -31.80
CA TRP D 568 -44.82 3.15 -32.28
C TRP D 568 -44.82 2.15 -33.43
N SER D 569 -45.96 1.57 -33.77
CA SER D 569 -46.01 0.72 -34.96
C SER D 569 -46.02 1.58 -36.22
N THR D 570 -45.56 0.98 -37.32
CA THR D 570 -45.45 1.74 -38.56
C THR D 570 -46.82 1.99 -39.18
N LYS D 571 -47.50 0.93 -39.58
CA LYS D 571 -48.80 1.04 -40.20
C LYS D 571 -49.89 1.17 -39.13
N PRO D 572 -51.03 1.76 -39.47
CA PRO D 572 -52.15 1.82 -38.51
C PRO D 572 -52.60 0.42 -38.13
N THR D 573 -52.90 0.25 -36.85
CA THR D 573 -53.23 -1.06 -36.29
C THR D 573 -54.46 -0.95 -35.40
N ASN D 574 -55.16 -2.07 -35.28
CA ASN D 574 -56.30 -2.21 -34.35
C ASN D 574 -56.03 -3.48 -33.55
N ASP D 575 -55.28 -3.35 -32.46
CA ASP D 575 -54.91 -4.49 -31.64
C ASP D 575 -54.98 -4.09 -30.17
N SER D 576 -55.24 -5.08 -29.32
CA SER D 576 -55.40 -4.88 -27.89
C SER D 576 -54.52 -5.91 -27.17
N TYR D 577 -53.45 -5.43 -26.56
CA TYR D 577 -52.53 -6.30 -25.84
C TYR D 577 -52.89 -6.25 -24.35
N GLY D 578 -53.54 -7.31 -23.87
CA GLY D 578 -54.00 -7.38 -22.49
C GLY D 578 -53.09 -8.28 -21.66
N LEU D 579 -52.88 -7.89 -20.41
CA LEU D 579 -51.95 -8.61 -19.55
C LEU D 579 -52.53 -9.95 -19.13
N PHE D 580 -51.67 -10.97 -19.04
CA PHE D 580 -52.10 -12.27 -18.55
C PHE D 580 -51.08 -12.95 -17.65
N ALA D 581 -49.94 -12.32 -17.36
CA ALA D 581 -48.91 -12.98 -16.55
C ALA D 581 -47.90 -11.93 -16.10
N VAL D 582 -47.38 -12.10 -14.88
CA VAL D 582 -46.38 -11.22 -14.30
C VAL D 582 -45.41 -12.06 -13.50
N VAL D 583 -44.11 -11.84 -13.69
CA VAL D 583 -43.08 -12.47 -12.87
C VAL D 583 -42.43 -11.37 -12.04
N MET D 584 -42.47 -11.51 -10.73
CA MET D 584 -41.98 -10.50 -9.83
C MET D 584 -40.61 -10.90 -9.27
N HIS D 585 -40.10 -10.11 -8.33
CA HIS D 585 -38.85 -10.39 -7.66
C HIS D 585 -38.93 -9.77 -6.28
N SER D 586 -38.47 -10.51 -5.28
CA SER D 586 -38.62 -10.09 -3.88
C SER D 586 -37.26 -10.06 -3.21
N GLY D 587 -36.63 -8.89 -3.23
CA GLY D 587 -35.34 -8.73 -2.59
C GLY D 587 -34.92 -7.28 -2.65
N ILE D 588 -33.84 -6.98 -1.92
CA ILE D 588 -33.29 -5.63 -1.86
C ILE D 588 -31.89 -5.54 -2.44
N THR D 589 -31.36 -6.62 -2.98
CA THR D 589 -29.99 -6.63 -3.50
C THR D 589 -29.99 -7.35 -4.84
N ILE D 590 -29.02 -7.00 -5.68
CA ILE D 590 -28.88 -7.67 -6.98
C ILE D 590 -28.51 -9.13 -6.78
N SER D 591 -27.70 -9.42 -5.77
CA SER D 591 -27.06 -10.73 -5.64
C SER D 591 -27.95 -11.80 -5.02
N SER D 592 -29.19 -11.50 -4.65
CA SER D 592 -30.05 -12.51 -4.06
C SER D 592 -31.51 -12.12 -4.29
N GLY D 593 -32.40 -12.99 -3.86
CA GLY D 593 -33.82 -12.76 -4.02
C GLY D 593 -34.59 -14.06 -4.05
N HIS D 594 -35.85 -13.94 -4.44
CA HIS D 594 -36.76 -15.09 -4.47
C HIS D 594 -37.90 -14.75 -5.40
N TYR D 595 -37.97 -15.44 -6.54
CA TYR D 595 -38.92 -15.10 -7.59
C TYR D 595 -40.28 -15.74 -7.31
N THR D 596 -41.33 -14.94 -7.42
CA THR D 596 -42.70 -15.42 -7.33
C THR D 596 -43.45 -15.01 -8.59
N ALA D 597 -44.22 -15.94 -9.15
CA ALA D 597 -44.98 -15.67 -10.35
C ALA D 597 -46.37 -15.14 -10.00
N SER D 598 -47.15 -14.82 -11.03
CA SER D 598 -48.56 -14.45 -10.86
C SER D 598 -49.22 -14.61 -12.22
N VAL D 599 -50.16 -15.54 -12.33
CA VAL D 599 -50.69 -15.93 -13.63
C VAL D 599 -52.20 -15.88 -13.58
N LYS D 600 -52.80 -15.09 -14.48
CA LYS D 600 -54.24 -15.17 -14.69
C LYS D 600 -54.57 -16.41 -15.50
N VAL D 601 -55.54 -17.18 -15.04
CA VAL D 601 -56.06 -18.30 -15.82
C VAL D 601 -57.14 -17.78 -16.75
N THR D 602 -57.05 -18.15 -18.03
CA THR D 602 -57.95 -17.58 -19.03
C THR D 602 -58.58 -18.63 -19.92
N ASP D 603 -57.93 -19.79 -20.06
CA ASP D 603 -58.42 -20.84 -20.95
C ASP D 603 -58.00 -22.19 -20.39
N LEU D 604 -58.19 -23.23 -21.19
CA LEU D 604 -57.83 -24.59 -20.79
C LEU D 604 -57.04 -25.28 -21.89
N VAL D 738 -65.18 -30.46 -14.04
CA VAL D 738 -64.59 -29.49 -14.94
C VAL D 738 -65.14 -28.11 -14.65
N GLN D 739 -66.41 -28.05 -14.25
CA GLN D 739 -67.05 -26.79 -13.95
C GLN D 739 -66.46 -26.11 -12.73
N SER D 740 -65.78 -26.86 -11.86
CA SER D 740 -65.04 -26.24 -10.77
C SER D 740 -63.94 -25.32 -11.30
N LEU D 741 -63.27 -25.75 -12.36
CA LEU D 741 -62.28 -24.90 -13.00
C LEU D 741 -62.92 -23.65 -13.60
N LYS D 742 -64.13 -23.79 -14.15
CA LYS D 742 -64.82 -22.66 -14.74
C LYS D 742 -65.15 -21.59 -13.70
N GLU D 743 -65.35 -22.00 -12.44
CA GLU D 743 -65.56 -21.01 -11.39
C GLU D 743 -64.31 -20.18 -11.15
N TYR D 744 -63.13 -20.79 -11.26
CA TYR D 744 -61.87 -20.08 -11.05
C TYR D 744 -61.44 -19.31 -12.29
N GLU D 745 -62.14 -19.46 -13.42
CA GLU D 745 -61.78 -18.76 -14.64
C GLU D 745 -61.98 -17.26 -14.48
N GLY D 746 -61.01 -16.48 -14.94
CA GLY D 746 -61.06 -15.05 -14.82
C GLY D 746 -60.57 -14.50 -13.50
N LYS D 747 -59.85 -15.30 -12.72
CA LYS D 747 -59.28 -14.87 -11.46
C LYS D 747 -57.77 -14.84 -11.57
N TRP D 748 -57.12 -14.29 -10.54
CA TRP D 748 -55.68 -14.12 -10.53
C TRP D 748 -55.06 -15.01 -9.47
N LEU D 749 -53.99 -15.69 -9.82
CA LEU D 749 -53.26 -16.57 -8.92
C LEU D 749 -51.92 -15.95 -8.55
N LEU D 750 -51.31 -16.46 -7.49
CA LEU D 750 -50.02 -15.96 -7.01
C LEU D 750 -49.21 -17.19 -6.61
N PHE D 751 -48.42 -17.70 -7.55
CA PHE D 751 -47.66 -18.92 -7.31
C PHE D 751 -46.41 -18.60 -6.50
N ASP D 752 -46.36 -19.13 -5.28
CA ASP D 752 -45.07 -19.30 -4.60
C ASP D 752 -44.46 -20.59 -5.12
N ASP D 753 -43.45 -21.13 -4.43
CA ASP D 753 -42.87 -22.39 -4.89
C ASP D 753 -43.90 -23.52 -4.83
N SER D 754 -44.44 -23.80 -3.65
CA SER D 754 -45.36 -24.92 -3.50
C SER D 754 -46.81 -24.52 -3.28
N GLU D 755 -47.08 -23.39 -2.65
CA GLU D 755 -48.45 -23.03 -2.34
C GLU D 755 -49.06 -22.17 -3.45
N VAL D 756 -50.34 -21.86 -3.30
CA VAL D 756 -51.09 -21.10 -4.30
C VAL D 756 -52.33 -20.52 -3.61
N LYS D 757 -52.61 -19.25 -3.91
CA LYS D 757 -53.73 -18.54 -3.29
C LYS D 757 -54.41 -17.65 -4.31
N VAL D 758 -55.70 -17.85 -4.51
CA VAL D 758 -56.47 -17.07 -5.47
C VAL D 758 -56.57 -15.63 -4.98
N THR D 759 -56.34 -14.69 -5.89
CA THR D 759 -56.52 -13.27 -5.64
C THR D 759 -57.52 -12.72 -6.66
N GLU D 760 -58.51 -11.97 -6.19
CA GLU D 760 -59.44 -11.34 -7.12
C GLU D 760 -58.73 -10.27 -7.93
N GLU D 761 -59.22 -10.03 -9.14
CA GLU D 761 -58.48 -9.24 -10.12
C GLU D 761 -58.25 -7.81 -9.67
N LYS D 762 -59.28 -7.19 -9.06
CA LYS D 762 -59.13 -5.83 -8.56
C LYS D 762 -58.06 -5.76 -7.47
N ASP D 763 -57.99 -6.78 -6.62
CA ASP D 763 -56.97 -6.82 -5.58
C ASP D 763 -55.57 -6.89 -6.19
N PHE D 764 -55.40 -7.72 -7.22
CA PHE D 764 -54.09 -7.81 -7.87
C PHE D 764 -53.72 -6.50 -8.54
N LEU D 765 -54.68 -5.87 -9.23
CA LEU D 765 -54.41 -4.60 -9.89
C LEU D 765 -54.00 -3.54 -8.87
N ASN D 766 -54.70 -3.48 -7.73
CA ASN D 766 -54.31 -2.57 -6.67
C ASN D 766 -52.95 -2.92 -6.10
N SER D 767 -52.58 -4.20 -6.14
CA SER D 767 -51.31 -4.64 -5.55
C SER D 767 -50.09 -4.18 -6.32
N LEU D 768 -50.25 -3.63 -7.52
CA LEU D 768 -49.12 -3.18 -8.31
C LEU D 768 -49.04 -1.66 -8.43
N SER D 769 -49.86 -0.92 -7.72
CA SER D 769 -49.76 0.53 -7.73
C SER D 769 -48.53 0.97 -6.94
N PRO D 770 -47.81 1.99 -7.42
CA PRO D 770 -46.61 2.45 -6.70
C PRO D 770 -46.92 3.40 -5.55
N SER D 771 -48.19 3.44 -5.11
CA SER D 771 -48.56 4.29 -3.99
C SER D 771 -47.83 3.90 -2.70
N THR D 772 -47.42 2.65 -2.59
CA THR D 772 -46.55 2.18 -1.51
C THR D 772 -45.47 1.33 -2.16
N SER D 773 -44.72 0.59 -1.34
CA SER D 773 -43.79 -0.39 -1.87
C SER D 773 -44.48 -1.73 -1.94
N PRO D 774 -44.63 -2.33 -3.12
CA PRO D 774 -45.38 -3.58 -3.23
C PRO D 774 -44.63 -4.81 -2.72
N THR D 775 -43.38 -4.65 -2.27
CA THR D 775 -42.55 -5.66 -1.62
C THR D 775 -42.09 -6.71 -2.63
N SER D 776 -42.60 -6.65 -3.85
CA SER D 776 -42.24 -7.58 -4.92
C SER D 776 -42.19 -6.77 -6.22
N THR D 777 -41.00 -6.33 -6.58
CA THR D 777 -40.80 -5.51 -7.77
C THR D 777 -41.13 -6.31 -9.02
N PRO D 778 -42.04 -5.86 -9.87
CA PRO D 778 -42.26 -6.53 -11.15
C PRO D 778 -41.00 -6.47 -12.00
N TYR D 779 -40.74 -7.54 -12.74
CA TYR D 779 -39.48 -7.63 -13.47
C TYR D 779 -39.68 -8.05 -14.91
N LEU D 780 -40.73 -8.82 -15.20
CA LEU D 780 -40.87 -9.39 -16.53
C LEU D 780 -42.37 -9.63 -16.78
N LEU D 781 -43.01 -8.69 -17.45
CA LEU D 781 -44.43 -8.76 -17.75
C LEU D 781 -44.67 -9.51 -19.05
N PHE D 782 -45.91 -9.95 -19.24
CA PHE D 782 -46.35 -10.55 -20.49
C PHE D 782 -47.60 -9.83 -20.99
N TYR D 783 -47.92 -10.06 -22.26
CA TYR D 783 -49.12 -9.48 -22.86
C TYR D 783 -49.55 -10.37 -24.01
N LYS D 784 -50.65 -11.10 -23.83
CA LYS D 784 -51.20 -11.90 -24.90
C LYS D 784 -51.87 -11.00 -25.94
N LYS D 785 -51.70 -11.34 -27.20
CA LYS D 785 -52.32 -10.58 -28.28
C LYS D 785 -53.82 -10.88 -28.31
N LEU D 786 -54.60 -10.09 -27.60
CA LEU D 786 -56.04 -10.28 -27.54
C LEU D 786 -56.65 -9.66 -28.80
N ARG E 30 -4.53 12.98 -21.56
CA ARG E 30 -4.89 11.94 -22.51
C ARG E 30 -3.67 11.40 -23.25
N LYS E 31 -3.91 10.99 -24.49
CA LYS E 31 -2.93 10.31 -25.32
C LYS E 31 -2.78 11.05 -26.65
N VAL E 32 -1.55 11.36 -27.03
CA VAL E 32 -1.25 12.32 -28.08
C VAL E 32 -0.94 11.52 -29.34
N GLN E 33 -1.59 11.87 -30.44
CA GLN E 33 -1.33 11.27 -31.73
C GLN E 33 -0.62 12.24 -32.67
N VAL E 34 0.19 11.68 -33.56
CA VAL E 34 0.83 12.42 -34.64
C VAL E 34 0.11 12.07 -35.93
N SER E 35 -0.20 13.07 -36.75
CA SER E 35 -0.75 12.79 -38.07
C SER E 35 -0.13 13.68 -39.11
N TYR E 36 -0.37 13.33 -40.38
CA TYR E 36 0.11 14.13 -41.50
C TYR E 36 -0.76 13.84 -42.72
N VAL E 37 -0.79 14.78 -43.66
CA VAL E 37 -1.64 14.73 -44.84
C VAL E 37 -0.76 14.54 -46.06
N ILE E 38 -1.13 13.60 -46.91
CA ILE E 38 -0.44 13.34 -48.16
C ILE E 38 -1.12 14.10 -49.29
N ARG E 39 -0.42 15.05 -49.89
CA ARG E 39 -1.05 16.04 -50.76
C ARG E 39 0.03 16.80 -51.52
N ASP E 40 -0.40 17.61 -52.48
CA ASP E 40 0.49 18.52 -53.18
C ASP E 40 0.66 19.84 -52.42
N GLU E 41 1.78 20.53 -52.71
CA GLU E 41 2.06 21.81 -52.07
C GLU E 41 0.99 22.89 -52.29
N VAL E 42 0.42 22.98 -53.49
CA VAL E 42 -0.66 23.94 -53.73
C VAL E 42 -1.92 23.23 -54.24
N GLU E 43 -3.02 23.38 -53.50
CA GLU E 43 -4.35 22.96 -53.96
C GLU E 43 -5.14 24.21 -54.33
N LYS E 44 -4.93 24.68 -55.55
CA LYS E 44 -5.57 25.92 -56.02
C LYS E 44 -7.09 25.84 -55.91
N TYR E 45 -7.66 24.68 -56.21
CA TYR E 45 -9.09 24.49 -56.23
C TYR E 45 -9.54 23.72 -54.98
N ASN E 46 -10.76 24.04 -54.53
CA ASN E 46 -11.40 23.29 -53.46
C ASN E 46 -11.43 21.79 -53.78
N ARG E 47 -11.16 21.00 -52.76
CA ARG E 47 -11.14 19.56 -52.88
C ARG E 47 -12.37 18.92 -52.26
N ASN E 48 -13.38 19.74 -51.93
CA ASN E 48 -14.57 19.28 -51.22
C ASN E 48 -15.59 20.42 -51.33
N GLY E 49 -16.75 20.23 -50.72
CA GLY E 49 -17.76 21.27 -50.77
C GLY E 49 -17.40 22.53 -49.99
N VAL E 50 -18.23 23.54 -50.18
CA VAL E 50 -18.01 24.87 -49.62
C VAL E 50 -19.16 25.22 -48.66
N ASN E 51 -18.81 25.57 -47.43
CA ASN E 51 -19.83 25.75 -46.41
C ASN E 51 -20.37 27.17 -46.31
N ALA E 52 -19.61 28.17 -46.73
CA ALA E 52 -19.99 29.55 -46.45
C ALA E 52 -19.22 30.50 -47.35
N LEU E 53 -19.76 31.70 -47.52
CA LEU E 53 -19.24 32.68 -48.46
C LEU E 53 -19.33 34.08 -47.88
N GLN E 54 -18.33 34.90 -48.17
CA GLN E 54 -18.33 36.30 -47.81
C GLN E 54 -17.77 37.09 -48.98
N LEU E 55 -18.42 38.19 -49.34
CA LEU E 55 -18.04 39.00 -50.49
C LEU E 55 -17.56 40.35 -49.99
N ASP E 56 -16.31 40.70 -50.32
CA ASP E 56 -15.77 42.02 -50.01
C ASP E 56 -16.04 42.94 -51.19
N PRO E 57 -16.92 43.93 -51.05
CA PRO E 57 -17.26 44.80 -52.19
C PRO E 57 -16.20 45.83 -52.57
N ALA E 58 -15.29 46.20 -51.67
CA ALA E 58 -14.28 47.19 -52.03
C ALA E 58 -13.15 46.62 -52.90
N LEU E 59 -12.84 45.34 -52.77
CA LEU E 59 -11.73 44.76 -53.52
C LEU E 59 -12.19 43.71 -54.53
N ASN E 60 -13.49 43.45 -54.64
CA ASN E 60 -14.05 42.41 -55.51
C ASN E 60 -13.42 41.05 -55.22
N ARG E 61 -13.38 40.68 -53.95
CA ARG E 61 -12.79 39.42 -53.55
C ARG E 61 -13.89 38.58 -52.93
N LEU E 62 -13.91 37.29 -53.27
CA LEU E 62 -14.84 36.34 -52.70
C LEU E 62 -14.09 35.34 -51.83
N PHE E 63 -14.58 35.13 -50.61
CA PHE E 63 -14.02 34.15 -49.70
C PHE E 63 -14.91 32.92 -49.71
N THR E 64 -14.30 31.73 -49.82
CA THR E 64 -14.99 30.47 -49.66
C THR E 64 -14.45 29.74 -48.45
N ALA E 65 -15.34 29.22 -47.63
CA ALA E 65 -14.98 28.43 -46.46
C ALA E 65 -15.14 26.97 -46.86
N GLY E 66 -14.03 26.27 -47.04
CA GLY E 66 -14.10 24.94 -47.62
C GLY E 66 -14.32 23.92 -46.53
N ARG E 67 -15.12 22.92 -46.86
CA ARG E 67 -15.20 21.69 -46.06
C ARG E 67 -13.89 20.92 -46.05
N ASP E 68 -13.01 21.16 -47.02
CA ASP E 68 -11.68 20.56 -47.04
C ASP E 68 -10.70 21.17 -46.06
N SER E 69 -11.17 22.02 -45.14
CA SER E 69 -10.45 22.73 -44.08
C SER E 69 -9.63 23.92 -44.57
N ILE E 70 -9.66 24.27 -45.84
CA ILE E 70 -8.90 25.39 -46.36
C ILE E 70 -9.88 26.49 -46.75
N ILE E 71 -9.55 27.72 -46.40
CA ILE E 71 -10.26 28.90 -46.86
C ILE E 71 -9.49 29.47 -48.05
N ARG E 72 -10.20 29.83 -49.12
CA ARG E 72 -9.55 30.36 -50.32
C ARG E 72 -10.19 31.69 -50.72
N ILE E 73 -9.36 32.58 -51.24
CA ILE E 73 -9.78 33.89 -51.74
C ILE E 73 -9.78 33.89 -53.26
N TRP E 74 -10.91 34.28 -53.85
CA TRP E 74 -11.04 34.32 -55.31
C TRP E 74 -11.32 35.76 -55.74
N SER E 75 -10.84 36.11 -56.92
CA SER E 75 -11.23 37.35 -57.59
C SER E 75 -12.48 37.18 -58.45
N VAL E 76 -13.43 38.09 -58.31
CA VAL E 76 -14.66 38.02 -59.08
C VAL E 76 -14.66 38.99 -60.26
N ASN E 77 -13.51 39.58 -60.59
CA ASN E 77 -13.34 40.28 -61.84
C ASN E 77 -13.53 39.32 -63.01
N GLN E 78 -14.50 39.62 -63.87
CA GLN E 78 -14.68 38.79 -65.06
C GLN E 78 -13.52 38.89 -66.05
N HIS E 79 -12.52 39.76 -65.81
CA HIS E 79 -11.30 39.74 -66.60
C HIS E 79 -10.54 38.43 -66.47
N LYS E 80 -9.94 38.21 -65.29
CA LYS E 80 -8.97 37.14 -65.08
C LYS E 80 -9.55 35.76 -65.34
N GLN E 81 -8.75 34.90 -65.96
CA GLN E 81 -9.15 33.54 -66.27
C GLN E 81 -8.93 32.60 -65.10
N ASP E 82 -7.93 32.88 -64.26
CA ASP E 82 -7.63 32.09 -63.07
C ASP E 82 -7.87 32.98 -61.85
N PRO E 83 -9.07 32.93 -61.26
CA PRO E 83 -9.38 33.81 -60.13
C PRO E 83 -8.71 33.47 -58.82
N TYR E 84 -7.96 32.36 -58.71
CA TYR E 84 -7.34 32.00 -57.44
C TYR E 84 -6.28 33.00 -57.02
N ILE E 85 -6.27 33.34 -55.72
CA ILE E 85 -5.28 34.28 -55.22
C ILE E 85 -4.43 33.63 -54.14
N ALA E 86 -5.04 33.09 -53.08
CA ALA E 86 -4.24 32.47 -52.04
C ALA E 86 -5.09 31.54 -51.19
N SER E 87 -4.43 30.62 -50.51
CA SER E 87 -5.03 29.74 -49.52
C SER E 87 -4.54 30.05 -48.10
N MET E 88 -5.44 29.95 -47.13
CA MET E 88 -5.10 30.12 -45.71
C MET E 88 -5.45 28.79 -45.05
N GLU E 89 -4.41 28.02 -44.70
CA GLU E 89 -4.49 26.58 -44.42
C GLU E 89 -4.61 26.14 -42.95
N HIS E 90 -4.17 26.93 -41.98
CA HIS E 90 -4.26 26.59 -40.56
C HIS E 90 -5.42 25.75 -39.99
N HIS E 91 -6.63 25.80 -40.53
CA HIS E 91 -7.66 24.97 -39.89
C HIS E 91 -7.44 23.49 -40.20
N THR E 92 -7.97 22.65 -39.31
CA THR E 92 -7.71 21.22 -39.33
C THR E 92 -8.93 20.40 -39.77
N ASP E 93 -10.09 21.03 -39.89
CA ASP E 93 -11.33 20.33 -40.13
C ASP E 93 -12.28 21.29 -40.83
N TRP E 94 -13.51 20.83 -41.08
CA TRP E 94 -14.55 21.62 -41.73
C TRP E 94 -14.56 23.05 -41.20
N VAL E 95 -14.62 24.02 -42.11
CA VAL E 95 -14.86 25.42 -41.77
C VAL E 95 -16.34 25.71 -41.92
N ASN E 96 -17.05 25.94 -40.81
CA ASN E 96 -18.50 25.99 -40.88
C ASN E 96 -19.05 27.39 -41.16
N ASP E 97 -18.38 28.45 -40.72
CA ASP E 97 -18.88 29.79 -40.98
C ASP E 97 -17.73 30.78 -41.08
N ILE E 98 -17.94 31.87 -41.82
CA ILE E 98 -17.01 32.98 -41.88
C ILE E 98 -17.78 34.29 -41.88
N VAL E 99 -17.18 35.33 -41.29
CA VAL E 99 -17.74 36.68 -41.22
C VAL E 99 -16.62 37.69 -41.50
N LEU E 100 -16.78 38.49 -42.54
CA LEU E 100 -15.85 39.59 -42.78
C LEU E 100 -16.15 40.72 -41.81
N CYS E 101 -15.17 41.10 -41.00
CA CYS E 101 -15.29 42.17 -40.03
C CYS E 101 -14.36 43.34 -40.34
N CYS E 102 -14.63 44.44 -39.62
CA CYS E 102 -13.79 45.63 -39.59
C CYS E 102 -13.53 46.19 -40.99
N ASN E 103 -14.63 46.49 -41.68
CA ASN E 103 -14.62 47.05 -43.04
C ASN E 103 -13.73 46.23 -43.96
N GLY E 104 -13.78 44.92 -43.81
CA GLY E 104 -13.12 43.99 -44.69
C GLY E 104 -11.66 43.69 -44.37
N LYS E 105 -11.12 44.23 -43.28
CA LYS E 105 -9.74 43.90 -42.96
C LYS E 105 -9.61 42.50 -42.40
N THR E 106 -10.59 42.08 -41.60
CA THR E 106 -10.47 40.87 -40.78
C THR E 106 -11.62 39.92 -41.06
N LEU E 107 -11.32 38.64 -41.26
CA LEU E 107 -12.33 37.59 -41.32
C LEU E 107 -12.13 36.72 -40.10
N ILE E 108 -13.24 36.28 -39.50
CA ILE E 108 -13.24 35.32 -38.41
C ILE E 108 -13.97 34.08 -38.87
N SER E 109 -13.40 32.92 -38.53
CA SER E 109 -13.88 31.64 -39.02
C SER E 109 -14.13 30.71 -37.83
N ALA E 110 -15.05 29.77 -38.04
CA ALA E 110 -15.47 28.80 -37.04
C ALA E 110 -15.35 27.42 -37.65
N SER E 111 -14.76 26.50 -36.92
CA SER E 111 -14.46 25.18 -37.45
C SER E 111 -14.87 24.08 -36.47
N SER E 112 -15.04 22.88 -37.03
CA SER E 112 -15.30 21.65 -36.29
C SER E 112 -14.12 21.16 -35.47
N ASP E 113 -12.94 21.79 -35.53
CA ASP E 113 -11.88 21.40 -34.63
C ASP E 113 -12.00 22.08 -33.27
N THR E 114 -13.14 22.73 -33.03
CA THR E 114 -13.62 23.42 -31.84
C THR E 114 -13.01 24.80 -31.62
N THR E 115 -12.16 25.29 -32.50
CA THR E 115 -11.56 26.60 -32.28
C THR E 115 -12.21 27.64 -33.17
N VAL E 116 -12.07 28.91 -32.75
CA VAL E 116 -12.34 30.06 -33.61
C VAL E 116 -11.01 30.75 -33.85
N LYS E 117 -10.71 31.05 -35.11
CA LYS E 117 -9.47 31.75 -35.43
C LYS E 117 -9.74 33.11 -36.06
N VAL E 118 -8.82 34.04 -35.80
CA VAL E 118 -8.89 35.41 -36.28
C VAL E 118 -7.78 35.59 -37.31
N TRP E 119 -8.14 35.96 -38.53
CA TRP E 119 -7.16 36.08 -39.59
C TRP E 119 -7.07 37.52 -40.05
N ASN E 120 -5.87 37.93 -40.47
CA ASN E 120 -5.67 39.08 -41.33
C ASN E 120 -6.09 38.68 -42.73
N ALA E 121 -7.19 39.25 -43.22
CA ALA E 121 -7.71 38.84 -44.51
C ALA E 121 -6.92 39.38 -45.69
N HIS E 122 -6.09 40.39 -45.50
CA HIS E 122 -5.35 40.91 -46.64
C HIS E 122 -4.10 40.09 -46.91
N LYS E 123 -3.38 39.70 -45.86
CA LYS E 123 -2.16 38.92 -46.02
C LYS E 123 -2.37 37.42 -45.83
N GLY E 124 -3.49 37.01 -45.25
CA GLY E 124 -3.86 35.61 -45.24
C GLY E 124 -3.17 34.74 -44.23
N PHE E 125 -2.92 35.24 -43.02
CA PHE E 125 -2.31 34.44 -41.97
C PHE E 125 -3.13 34.54 -40.70
N CYS E 126 -3.05 33.48 -39.88
CA CYS E 126 -3.81 33.37 -38.65
C CYS E 126 -3.12 34.16 -37.53
N MET E 127 -3.88 35.01 -36.84
CA MET E 127 -3.29 35.85 -35.81
C MET E 127 -3.56 35.32 -34.40
N SER E 128 -4.75 34.78 -34.14
CA SER E 128 -5.07 34.29 -32.81
C SER E 128 -5.97 33.07 -32.96
N THR E 129 -5.96 32.21 -31.95
CA THR E 129 -6.84 31.05 -31.91
C THR E 129 -7.57 31.04 -30.59
N LEU E 130 -8.90 31.14 -30.63
CA LEU E 130 -9.70 31.04 -29.42
C LEU E 130 -10.12 29.59 -29.21
N ARG E 131 -10.01 29.11 -27.98
CA ARG E 131 -10.23 27.69 -27.71
C ARG E 131 -11.23 27.50 -26.57
N THR E 132 -12.12 28.45 -26.36
CA THR E 132 -13.05 28.36 -25.24
C THR E 132 -14.21 27.41 -25.49
N HIS E 133 -14.52 27.09 -26.74
CA HIS E 133 -15.57 26.15 -27.07
C HIS E 133 -15.10 24.72 -26.84
N LYS E 134 -16.06 23.81 -26.66
CA LYS E 134 -15.72 22.44 -26.30
C LYS E 134 -16.31 21.41 -27.26
N ASP E 135 -16.84 21.84 -28.40
CA ASP E 135 -17.38 20.93 -29.39
C ASP E 135 -17.43 21.69 -30.71
N TYR E 136 -18.00 21.09 -31.75
CA TYR E 136 -18.10 21.72 -33.06
C TYR E 136 -18.77 23.10 -32.96
N VAL E 137 -18.08 24.12 -33.43
CA VAL E 137 -18.65 25.45 -33.61
C VAL E 137 -19.39 25.52 -34.94
N LYS E 138 -20.68 25.86 -34.90
CA LYS E 138 -21.55 25.67 -36.05
C LYS E 138 -21.96 26.95 -36.75
N ALA E 139 -22.00 28.09 -36.08
CA ALA E 139 -22.56 29.29 -36.68
C ALA E 139 -21.87 30.53 -36.12
N LEU E 140 -21.73 31.54 -36.97
CA LEU E 140 -21.17 32.83 -36.56
C LEU E 140 -22.13 33.96 -36.91
N ALA E 141 -22.07 35.05 -36.13
CA ALA E 141 -22.94 36.21 -36.34
C ALA E 141 -22.15 37.51 -36.23
N TYR E 142 -22.68 38.56 -36.87
CA TYR E 142 -21.92 39.80 -37.06
C TYR E 142 -22.86 40.99 -37.02
N ALA E 143 -22.55 41.98 -36.19
CA ALA E 143 -23.31 43.24 -36.07
C ALA E 143 -22.48 44.44 -36.49
N LYS E 144 -22.62 44.83 -37.77
CA LYS E 144 -21.77 45.85 -38.37
C LYS E 144 -21.71 47.15 -37.57
N ASP E 145 -22.85 47.60 -37.03
CA ASP E 145 -22.87 48.90 -36.35
C ASP E 145 -22.16 48.91 -34.99
N LYS E 146 -21.86 47.76 -34.40
CA LYS E 146 -21.13 47.75 -33.14
C LYS E 146 -19.76 47.12 -33.33
N GLU E 147 -19.46 46.71 -34.56
CA GLU E 147 -18.35 45.83 -34.93
C GLU E 147 -18.17 44.74 -33.88
N LEU E 148 -19.27 44.03 -33.65
CA LEU E 148 -19.39 42.96 -32.67
C LEU E 148 -19.64 41.63 -33.36
N VAL E 149 -18.92 40.58 -32.97
CA VAL E 149 -19.27 39.25 -33.47
C VAL E 149 -19.51 38.32 -32.29
N ALA E 150 -20.28 37.27 -32.56
CA ALA E 150 -20.59 36.24 -31.58
C ALA E 150 -20.46 34.87 -32.21
N SER E 151 -20.12 33.88 -31.40
CA SER E 151 -19.94 32.53 -31.88
C SER E 151 -20.78 31.58 -31.05
N ALA E 152 -21.25 30.51 -31.70
CA ALA E 152 -22.14 29.56 -31.06
C ALA E 152 -21.99 28.21 -31.76
N GLY E 153 -22.14 27.14 -30.98
CA GLY E 153 -22.05 25.84 -31.62
C GLY E 153 -22.79 24.72 -30.94
N LEU E 154 -22.45 23.49 -31.34
CA LEU E 154 -23.09 22.27 -30.87
C LEU E 154 -22.90 22.04 -29.37
N ASP E 155 -22.03 22.79 -28.71
CA ASP E 155 -21.78 22.67 -27.28
C ASP E 155 -22.74 23.47 -26.41
N ARG E 156 -23.73 24.12 -27.03
CA ARG E 156 -24.79 24.93 -26.42
C ARG E 156 -24.31 26.22 -25.78
N GLN E 157 -23.08 26.64 -26.03
CA GLN E 157 -22.58 27.90 -25.50
C GLN E 157 -22.67 28.98 -26.57
N ILE E 158 -22.92 30.22 -26.15
CA ILE E 158 -22.88 31.37 -27.04
C ILE E 158 -21.98 32.44 -26.41
N PHE E 159 -20.85 32.70 -27.03
CA PHE E 159 -19.93 33.74 -26.57
C PHE E 159 -20.00 34.97 -27.46
N LEU E 160 -19.92 36.14 -26.84
CA LEU E 160 -19.90 37.43 -27.53
C LEU E 160 -18.51 38.02 -27.46
N TRP E 161 -18.00 38.52 -28.59
CA TRP E 161 -16.62 39.01 -28.66
C TRP E 161 -16.58 40.37 -29.35
N ASP E 162 -15.96 41.34 -28.69
CA ASP E 162 -15.65 42.62 -29.33
C ASP E 162 -14.43 42.39 -30.22
N VAL E 163 -14.59 42.56 -31.53
CA VAL E 163 -13.52 42.28 -32.49
C VAL E 163 -12.26 43.11 -32.22
N ASN E 164 -12.41 44.40 -31.85
CA ASN E 164 -11.24 45.24 -31.61
C ASN E 164 -10.43 44.79 -30.40
N THR E 165 -11.06 44.19 -29.40
CA THR E 165 -10.31 43.56 -28.33
C THR E 165 -9.50 42.38 -28.84
N LEU E 166 -10.07 41.58 -29.75
CA LEU E 166 -9.32 40.46 -30.30
C LEU E 166 -8.16 40.95 -31.15
N THR E 167 -8.38 41.98 -31.98
CA THR E 167 -7.29 42.45 -32.83
C THR E 167 -6.21 43.14 -32.00
N ALA E 168 -6.54 43.67 -30.81
CA ALA E 168 -5.55 44.35 -30.00
C ALA E 168 -4.62 43.35 -29.29
N LEU E 169 -4.92 42.06 -29.39
CA LEU E 169 -4.14 41.02 -28.73
C LEU E 169 -2.73 40.95 -29.29
N THR E 170 -1.76 40.79 -28.40
CA THR E 170 -0.37 40.57 -28.77
C THR E 170 0.20 39.46 -27.90
N ALA E 171 1.48 39.18 -28.09
CA ALA E 171 2.12 38.09 -27.35
C ALA E 171 2.32 38.41 -25.87
N SER E 172 2.43 39.69 -25.52
CA SER E 172 2.41 40.03 -24.09
C SER E 172 1.00 40.24 -23.54
N ASN E 173 0.24 41.17 -24.13
CA ASN E 173 -1.15 41.37 -23.75
C ASN E 173 -2.12 40.29 -24.22
N ASN E 174 -2.05 39.09 -23.65
CA ASN E 174 -2.77 37.96 -24.22
C ASN E 174 -4.09 37.70 -23.51
N THR E 175 -4.50 38.59 -22.62
CA THR E 175 -5.70 38.39 -21.81
C THR E 175 -6.94 38.88 -22.55
N VAL E 176 -7.96 38.04 -22.59
CA VAL E 176 -9.26 38.35 -23.15
C VAL E 176 -10.30 37.91 -22.14
N THR E 177 -11.38 38.66 -22.06
CA THR E 177 -12.45 38.35 -21.12
C THR E 177 -13.74 38.23 -21.90
N THR E 178 -14.62 37.37 -21.40
CA THR E 178 -15.81 36.94 -22.11
C THR E 178 -17.09 37.41 -21.46
N SER E 179 -18.15 37.30 -22.25
CA SER E 179 -19.52 37.50 -21.83
C SER E 179 -20.31 36.51 -22.65
N SER E 180 -21.18 35.75 -21.99
CA SER E 180 -21.91 34.67 -22.66
C SER E 180 -23.35 34.69 -22.22
N LEU E 181 -24.18 34.04 -23.03
CA LEU E 181 -25.61 33.96 -22.78
C LEU E 181 -25.95 32.55 -22.34
N SER E 182 -26.92 32.44 -21.43
CA SER E 182 -27.37 31.14 -20.96
C SER E 182 -28.86 30.99 -21.21
N GLY E 183 -29.30 29.74 -21.23
CA GLY E 183 -30.71 29.41 -21.27
C GLY E 183 -30.92 28.31 -22.30
N ASN E 184 -29.99 28.26 -23.25
CA ASN E 184 -30.07 27.34 -24.36
C ASN E 184 -29.95 25.88 -23.89
N LYS E 185 -30.96 25.07 -24.20
CA LYS E 185 -30.99 23.68 -23.75
C LYS E 185 -30.41 22.67 -24.74
N ASP E 186 -30.07 23.04 -25.97
CA ASP E 186 -29.58 22.05 -26.92
C ASP E 186 -28.62 22.63 -27.95
N SER E 187 -28.06 21.73 -28.76
CA SER E 187 -27.03 22.06 -29.74
C SER E 187 -27.50 23.09 -30.76
N ILE E 188 -26.68 24.11 -30.97
CA ILE E 188 -27.01 25.24 -31.83
C ILE E 188 -26.56 24.96 -33.26
N TYR E 189 -27.45 25.19 -34.22
CA TYR E 189 -27.15 24.96 -35.62
C TYR E 189 -27.18 26.22 -36.47
N SER E 190 -27.71 27.32 -35.96
CA SER E 190 -27.76 28.56 -36.71
C SER E 190 -27.88 29.73 -35.75
N LEU E 191 -27.64 30.93 -36.27
CA LEU E 191 -27.48 32.10 -35.42
C LEU E 191 -27.50 33.35 -36.28
N ALA E 192 -28.25 34.37 -35.87
CA ALA E 192 -28.24 35.64 -36.59
C ALA E 192 -28.34 36.77 -35.59
N MET E 193 -27.71 37.88 -35.93
CA MET E 193 -27.89 39.15 -35.23
C MET E 193 -28.36 40.21 -36.22
N ASN E 194 -29.01 41.26 -35.71
CA ASN E 194 -29.34 42.39 -36.56
C ASN E 194 -28.20 43.41 -36.64
N GLN E 195 -28.34 44.33 -37.60
CA GLN E 195 -27.28 45.28 -37.89
C GLN E 195 -26.97 46.20 -36.72
N LEU E 196 -27.98 46.57 -35.93
CA LEU E 196 -27.77 47.47 -34.81
C LEU E 196 -27.16 46.76 -33.60
N GLY E 197 -27.18 45.44 -33.58
CA GLY E 197 -26.60 44.70 -32.47
C GLY E 197 -27.38 44.84 -31.18
N THR E 198 -28.71 44.85 -31.27
CA THR E 198 -29.57 45.00 -30.11
C THR E 198 -30.41 43.76 -29.84
N ILE E 199 -30.49 42.85 -30.81
CA ILE E 199 -31.23 41.60 -30.70
C ILE E 199 -30.34 40.51 -31.28
N ILE E 200 -30.27 39.39 -30.58
CA ILE E 200 -29.63 38.19 -31.08
C ILE E 200 -30.59 37.03 -30.91
N VAL E 201 -30.67 36.17 -31.92
CA VAL E 201 -31.56 35.02 -31.91
C VAL E 201 -30.73 33.80 -32.24
N SER E 202 -31.01 32.70 -31.56
CA SER E 202 -30.37 31.44 -31.84
C SER E 202 -31.36 30.41 -32.33
N GLY E 203 -30.89 29.50 -33.16
CA GLY E 203 -31.69 28.40 -33.65
C GLY E 203 -31.06 27.07 -33.30
N SER E 204 -31.89 26.10 -32.96
CA SER E 204 -31.36 24.84 -32.44
C SER E 204 -32.41 23.74 -32.65
N THR E 205 -32.05 22.53 -32.22
CA THR E 205 -32.93 21.37 -32.25
C THR E 205 -34.04 21.42 -31.21
N GLU E 206 -34.10 22.46 -30.38
CA GLU E 206 -35.24 22.67 -29.50
C GLU E 206 -36.42 23.23 -30.27
N LYS E 207 -36.17 23.64 -31.52
CA LYS E 207 -37.09 24.10 -32.54
C LYS E 207 -37.53 25.52 -32.24
N VAL E 208 -37.74 25.84 -30.96
CA VAL E 208 -37.92 27.23 -30.58
C VAL E 208 -36.65 28.01 -30.86
N LEU E 209 -36.79 29.21 -31.40
CA LEU E 209 -35.68 30.15 -31.47
C LEU E 209 -35.68 30.98 -30.19
N ARG E 210 -34.52 31.10 -29.55
CA ARG E 210 -34.37 31.83 -28.31
C ARG E 210 -33.67 33.15 -28.59
N VAL E 211 -34.18 34.21 -27.98
CA VAL E 211 -33.77 35.58 -28.23
C VAL E 211 -33.24 36.23 -26.96
N TRP E 212 -32.11 36.93 -27.08
CA TRP E 212 -31.55 37.68 -25.96
C TRP E 212 -31.29 39.10 -26.45
N ASP E 213 -31.14 40.03 -25.49
CA ASP E 213 -30.50 41.31 -25.73
C ASP E 213 -29.00 41.15 -25.55
N PRO E 214 -28.21 41.31 -26.61
CA PRO E 214 -26.74 41.21 -26.45
C PRO E 214 -26.12 42.29 -25.58
N ARG E 215 -26.76 43.45 -25.40
CA ARG E 215 -26.15 44.51 -24.61
C ARG E 215 -26.18 44.21 -23.11
N THR E 216 -27.18 43.47 -22.63
CA THR E 216 -27.31 43.25 -21.20
C THR E 216 -27.23 41.79 -20.80
N CYS E 217 -27.25 40.88 -21.79
CA CYS E 217 -27.29 39.43 -21.66
C CYS E 217 -28.56 38.92 -20.99
N ALA E 218 -29.57 39.78 -20.84
CA ALA E 218 -30.82 39.36 -20.22
C ALA E 218 -31.59 38.49 -21.20
N LYS E 219 -32.17 37.42 -20.70
CA LYS E 219 -33.04 36.62 -21.56
C LYS E 219 -34.36 37.33 -21.85
N LEU E 220 -34.74 37.35 -23.12
CA LEU E 220 -35.98 37.95 -23.61
C LEU E 220 -36.94 36.82 -23.93
N MET E 221 -38.02 37.16 -24.63
CA MET E 221 -39.10 36.23 -24.89
C MET E 221 -38.61 35.05 -25.72
N LYS E 222 -39.41 33.98 -25.72
CA LYS E 222 -39.16 32.78 -26.52
C LYS E 222 -40.39 32.51 -27.37
N LEU E 223 -40.22 32.54 -28.69
CA LEU E 223 -41.31 32.34 -29.62
C LEU E 223 -41.35 30.88 -30.08
N LYS E 224 -42.42 30.18 -29.70
CA LYS E 224 -42.57 28.76 -29.96
C LYS E 224 -43.64 28.61 -31.03
N GLY E 225 -43.46 27.64 -31.91
CA GLY E 225 -44.43 27.47 -32.97
C GLY E 225 -43.88 26.65 -34.11
N HIS E 226 -42.60 26.83 -34.39
CA HIS E 226 -41.94 26.09 -35.45
C HIS E 226 -41.80 24.64 -34.99
N THR E 227 -41.82 23.70 -35.92
CA THR E 227 -41.73 22.29 -35.53
C THR E 227 -40.47 21.53 -35.92
N ASP E 228 -39.39 22.19 -36.32
CA ASP E 228 -38.19 21.41 -36.61
C ASP E 228 -36.95 22.28 -36.48
N ASN E 229 -35.79 21.66 -36.71
CA ASN E 229 -34.50 22.36 -36.72
C ASN E 229 -34.58 23.60 -37.58
N VAL E 230 -33.80 24.62 -37.22
CA VAL E 230 -33.72 25.86 -37.97
C VAL E 230 -32.26 26.14 -38.35
N LYS E 231 -31.94 25.97 -39.62
CA LYS E 231 -30.58 26.13 -40.09
C LYS E 231 -30.31 27.48 -40.75
N ALA E 232 -31.32 28.35 -40.86
CA ALA E 232 -31.14 29.63 -41.53
C ALA E 232 -31.94 30.71 -40.81
N LEU E 233 -31.28 31.82 -40.46
CA LEU E 233 -31.93 32.87 -39.70
C LEU E 233 -31.50 34.23 -40.24
N LEU E 234 -32.45 35.16 -40.31
CA LEU E 234 -32.16 36.54 -40.71
C LEU E 234 -33.01 37.50 -39.89
N LEU E 235 -32.44 38.68 -39.61
CA LEU E 235 -33.15 39.77 -38.95
C LEU E 235 -33.06 41.03 -39.78
N ASN E 236 -34.14 41.81 -39.76
CA ASN E 236 -34.11 43.14 -40.37
C ASN E 236 -33.22 44.06 -39.54
N ARG E 237 -32.96 45.25 -40.07
CA ARG E 237 -31.91 46.12 -39.53
C ARG E 237 -32.19 46.52 -38.09
N ASP E 238 -33.45 46.81 -37.75
CA ASP E 238 -33.80 47.22 -36.41
C ASP E 238 -34.38 46.08 -35.57
N GLY E 239 -34.12 44.83 -35.95
CA GLY E 239 -34.47 43.69 -35.14
C GLY E 239 -35.94 43.63 -34.79
N THR E 240 -36.80 44.00 -35.75
CA THR E 240 -38.25 43.92 -35.57
C THR E 240 -38.89 42.78 -36.34
N GLN E 241 -38.23 42.25 -37.36
CA GLN E 241 -38.74 41.10 -38.07
C GLN E 241 -37.66 40.03 -38.13
N CYS E 242 -38.10 38.77 -38.21
CA CYS E 242 -37.19 37.65 -38.28
C CYS E 242 -37.68 36.66 -39.33
N LEU E 243 -36.75 36.12 -40.10
CA LEU E 243 -37.01 35.00 -41.00
C LEU E 243 -36.28 33.76 -40.52
N SER E 244 -36.99 32.65 -40.43
CA SER E 244 -36.37 31.37 -40.09
C SER E 244 -36.59 30.35 -41.20
N GLY E 245 -35.56 29.57 -41.47
CA GLY E 245 -35.61 28.50 -42.45
C GLY E 245 -35.35 27.18 -41.78
N SER E 246 -36.13 26.16 -42.14
CA SER E 246 -36.19 24.95 -41.34
C SER E 246 -36.17 23.69 -42.19
N SER E 247 -35.72 22.61 -41.54
CA SER E 247 -35.69 21.33 -42.21
C SER E 247 -37.08 20.75 -42.40
N ASP E 248 -38.11 21.38 -41.85
CA ASP E 248 -39.48 20.95 -42.12
C ASP E 248 -40.01 21.48 -43.43
N GLY E 249 -39.24 22.28 -44.15
CA GLY E 249 -39.64 22.75 -45.45
C GLY E 249 -40.35 24.09 -45.48
N THR E 250 -40.58 24.74 -44.34
CA THR E 250 -41.29 25.99 -44.33
C THR E 250 -40.37 27.16 -44.05
N ILE E 251 -40.77 28.33 -44.55
CA ILE E 251 -40.20 29.62 -44.16
C ILE E 251 -41.25 30.33 -43.31
N ARG E 252 -40.82 30.92 -42.19
CA ARG E 252 -41.75 31.65 -41.35
C ARG E 252 -41.25 33.06 -41.10
N LEU E 253 -42.16 34.02 -41.16
CA LEU E 253 -41.85 35.40 -40.86
C LEU E 253 -42.39 35.76 -39.48
N TRP E 254 -41.56 36.38 -38.66
CA TRP E 254 -41.95 36.69 -37.29
C TRP E 254 -41.84 38.18 -37.04
N SER E 255 -42.80 38.73 -36.30
CA SER E 255 -42.70 40.08 -35.77
C SER E 255 -42.26 39.97 -34.32
N LEU E 256 -41.16 40.62 -33.98
CA LEU E 256 -40.70 40.52 -32.61
C LEU E 256 -41.47 41.48 -31.72
N GLY E 257 -41.99 42.56 -32.30
CA GLY E 257 -42.86 43.45 -31.54
C GLY E 257 -44.19 42.82 -31.16
N GLN E 258 -44.70 41.92 -31.99
CA GLN E 258 -45.93 41.22 -31.65
C GLN E 258 -45.71 39.82 -31.10
N GLN E 259 -44.48 39.32 -31.18
CA GLN E 259 -44.13 37.95 -30.75
C GLN E 259 -45.02 36.89 -31.39
N ARG E 260 -45.21 36.98 -32.71
CA ARG E 260 -46.01 35.95 -33.35
C ARG E 260 -45.68 35.85 -34.84
N CYS E 261 -46.12 34.74 -35.43
CA CYS E 261 -45.95 34.46 -36.85
C CYS E 261 -47.01 35.23 -37.63
N ILE E 262 -46.60 35.98 -38.65
CA ILE E 262 -47.58 36.71 -39.45
C ILE E 262 -47.71 36.15 -40.85
N ALA E 263 -46.89 35.16 -41.20
CA ALA E 263 -47.02 34.46 -42.47
C ALA E 263 -46.14 33.23 -42.43
N THR E 264 -46.59 32.17 -43.07
CA THR E 264 -45.82 30.94 -43.18
C THR E 264 -45.78 30.56 -44.64
N TYR E 265 -44.61 30.25 -45.16
CA TYR E 265 -44.46 29.90 -46.56
C TYR E 265 -43.92 28.48 -46.68
N ARG E 266 -44.61 27.65 -47.45
CA ARG E 266 -44.26 26.26 -47.68
C ARG E 266 -44.01 26.12 -49.17
N VAL E 267 -42.85 26.61 -49.62
CA VAL E 267 -42.55 26.60 -51.05
C VAL E 267 -41.61 25.47 -51.46
N HIS E 268 -41.02 24.75 -50.52
CA HIS E 268 -40.11 23.66 -50.84
C HIS E 268 -40.74 22.31 -50.53
N ASP E 269 -40.14 21.28 -51.10
CA ASP E 269 -40.58 19.91 -50.86
C ASP E 269 -39.82 19.26 -49.71
N GLU E 270 -38.56 19.62 -49.53
CA GLU E 270 -37.74 19.07 -48.45
C GLU E 270 -37.16 20.20 -47.61
N GLY E 271 -36.20 19.89 -46.74
CA GLY E 271 -35.68 20.88 -45.82
C GLY E 271 -35.08 22.10 -46.52
N VAL E 272 -35.37 23.27 -45.95
CA VAL E 272 -34.79 24.55 -46.35
C VAL E 272 -33.53 24.81 -45.54
N TRP E 273 -32.40 25.02 -46.22
CA TRP E 273 -31.14 25.12 -45.51
C TRP E 273 -30.51 26.51 -45.56
N ALA E 274 -30.95 27.38 -46.47
CA ALA E 274 -30.24 28.63 -46.70
C ALA E 274 -31.25 29.72 -47.06
N LEU E 275 -31.10 30.90 -46.46
CA LEU E 275 -31.98 32.02 -46.76
C LEU E 275 -31.16 33.26 -47.01
N GLN E 276 -31.59 34.07 -47.97
CA GLN E 276 -31.13 35.44 -48.13
C GLN E 276 -32.30 36.39 -48.38
N VAL E 277 -32.08 37.68 -48.12
CA VAL E 277 -33.11 38.70 -48.31
C VAL E 277 -32.48 39.96 -48.86
N ASN E 278 -33.23 40.67 -49.70
CA ASN E 278 -32.77 41.95 -50.22
C ASN E 278 -32.83 43.03 -49.13
N ASP E 279 -32.22 44.18 -49.45
CA ASP E 279 -32.15 45.29 -48.49
C ASP E 279 -33.53 45.77 -48.05
N ALA E 280 -34.54 45.65 -48.90
CA ALA E 280 -35.88 46.15 -48.58
C ALA E 280 -36.69 45.17 -47.75
N PHE E 281 -36.15 43.97 -47.48
CA PHE E 281 -36.82 42.93 -46.70
C PHE E 281 -38.19 42.55 -47.27
N THR E 282 -38.28 42.40 -48.59
CA THR E 282 -39.57 42.12 -49.21
C THR E 282 -39.59 40.88 -50.10
N HIS E 283 -38.45 40.47 -50.63
CA HIS E 283 -38.32 39.22 -51.37
C HIS E 283 -37.31 38.31 -50.66
N VAL E 284 -37.68 37.07 -50.45
CA VAL E 284 -36.81 36.09 -49.80
C VAL E 284 -36.34 35.09 -50.83
N TYR E 285 -35.03 34.83 -50.86
CA TYR E 285 -34.45 33.81 -51.70
C TYR E 285 -34.21 32.57 -50.85
N SER E 286 -34.70 31.42 -51.30
CA SER E 286 -34.61 30.22 -50.49
C SER E 286 -34.04 29.06 -51.30
N GLY E 287 -33.33 28.18 -50.61
CA GLY E 287 -32.74 27.01 -51.22
C GLY E 287 -32.50 25.95 -50.17
N GLY E 288 -32.37 24.70 -50.63
CA GLY E 288 -32.14 23.63 -49.68
C GLY E 288 -31.93 22.27 -50.29
N ARG E 289 -32.45 21.23 -49.63
CA ARG E 289 -32.11 19.86 -50.00
C ARG E 289 -32.71 19.49 -51.34
N ASP E 290 -33.80 20.11 -51.74
CA ASP E 290 -34.46 19.73 -52.98
C ASP E 290 -33.86 20.41 -54.21
N ARG E 291 -32.74 21.11 -54.01
CA ARG E 291 -31.90 21.69 -55.06
C ARG E 291 -32.52 22.89 -55.78
N LYS E 292 -33.81 23.15 -55.57
CA LYS E 292 -34.48 24.23 -56.28
C LYS E 292 -34.33 25.54 -55.49
N ILE E 293 -34.15 26.64 -56.21
CA ILE E 293 -33.99 27.96 -55.60
C ILE E 293 -35.14 28.85 -56.08
N TYR E 294 -35.89 29.41 -55.12
CA TYR E 294 -37.04 30.25 -55.42
C TYR E 294 -36.84 31.65 -54.90
N CYS E 295 -37.44 32.62 -55.59
CA CYS E 295 -37.63 33.97 -55.08
C CYS E 295 -39.12 34.22 -54.86
N THR E 296 -39.50 34.49 -53.62
CA THR E 296 -40.91 34.64 -53.26
C THR E 296 -41.11 36.04 -52.68
N ASP E 297 -42.15 36.72 -53.16
CA ASP E 297 -42.54 38.01 -52.60
C ASP E 297 -43.31 37.83 -51.31
N LEU E 298 -42.86 38.50 -50.25
CA LEU E 298 -43.47 38.27 -48.95
C LEU E 298 -44.88 38.85 -48.88
N ARG E 299 -45.12 39.99 -49.53
CA ARG E 299 -46.46 40.56 -49.49
C ARG E 299 -47.45 39.78 -50.34
N ASN E 300 -47.00 39.19 -51.44
CA ASN E 300 -47.88 38.42 -52.33
C ASN E 300 -47.22 37.11 -52.75
N PRO E 301 -47.42 36.04 -51.97
CA PRO E 301 -46.69 34.79 -52.20
C PRO E 301 -46.85 34.23 -53.61
N ASP E 302 -48.06 34.33 -54.16
CA ASP E 302 -48.37 33.74 -55.47
C ASP E 302 -47.44 34.24 -56.57
N ILE E 303 -46.99 35.49 -56.48
CA ILE E 303 -45.91 35.96 -57.34
C ILE E 303 -44.64 35.32 -56.79
N ARG E 304 -44.18 34.27 -57.47
CA ARG E 304 -42.93 33.62 -57.14
C ARG E 304 -42.19 33.19 -58.41
N VAL E 305 -40.86 33.18 -58.32
CA VAL E 305 -40.00 32.94 -59.46
C VAL E 305 -39.08 31.76 -59.17
N LEU E 306 -39.07 30.77 -60.07
CA LEU E 306 -38.07 29.71 -60.00
C LEU E 306 -36.75 30.28 -60.52
N ILE E 307 -35.76 30.46 -59.64
CA ILE E 307 -34.51 31.06 -60.12
C ILE E 307 -33.65 30.06 -60.87
N CYS E 308 -33.51 28.85 -60.34
CA CYS E 308 -32.72 27.80 -61.00
C CYS E 308 -32.90 26.51 -60.23
N GLU E 309 -32.47 25.40 -60.85
CA GLU E 309 -32.31 24.14 -60.14
C GLU E 309 -30.83 23.78 -60.17
N GLU E 310 -30.20 23.77 -59.00
CA GLU E 310 -28.78 23.46 -58.89
C GLU E 310 -28.56 21.95 -59.00
N LYS E 311 -27.29 21.56 -59.06
CA LYS E 311 -26.90 20.19 -59.35
C LYS E 311 -26.69 19.38 -58.08
N ALA E 312 -26.78 20.04 -56.92
CA ALA E 312 -26.50 19.44 -55.62
C ALA E 312 -27.21 20.30 -54.58
N PRO E 313 -27.51 19.75 -53.41
CA PRO E 313 -28.18 20.55 -52.36
C PRO E 313 -27.47 21.87 -52.08
N VAL E 314 -28.26 22.94 -51.99
CA VAL E 314 -27.71 24.27 -51.80
C VAL E 314 -27.43 24.47 -50.32
N LEU E 315 -26.20 24.86 -50.00
CA LEU E 315 -25.89 25.03 -48.58
C LEU E 315 -25.89 26.49 -48.12
N LYS E 316 -25.47 27.44 -48.95
CA LYS E 316 -25.43 28.84 -48.53
C LYS E 316 -25.37 29.73 -49.75
N MET E 317 -25.89 30.95 -49.62
CA MET E 317 -25.88 31.91 -50.72
C MET E 317 -25.48 33.30 -50.24
N GLU E 318 -24.78 34.06 -51.09
CA GLU E 318 -24.41 35.44 -50.74
C GLU E 318 -24.63 36.37 -51.93
N LEU E 319 -25.62 37.25 -51.84
CA LEU E 319 -25.88 38.25 -52.88
C LEU E 319 -24.74 39.24 -53.05
N ASP E 320 -24.44 39.58 -54.30
CA ASP E 320 -23.69 40.82 -54.58
C ASP E 320 -24.69 41.97 -54.51
N ARG E 321 -24.43 42.95 -53.65
CA ARG E 321 -25.38 44.05 -53.43
C ARG E 321 -24.90 45.39 -53.97
N SER E 322 -24.13 45.40 -55.06
CA SER E 322 -23.73 46.65 -55.70
C SER E 322 -24.94 47.54 -56.05
N ALA E 323 -26.02 46.93 -56.54
CA ALA E 323 -27.17 47.68 -57.03
C ALA E 323 -28.45 47.12 -56.42
N ASP E 324 -29.52 47.96 -56.38
CA ASP E 324 -30.76 47.63 -55.66
C ASP E 324 -31.30 46.29 -56.18
N PRO E 325 -31.91 46.13 -57.37
CA PRO E 325 -32.33 44.78 -57.78
C PRO E 325 -31.08 43.94 -58.01
N PRO E 326 -30.77 43.00 -57.11
CA PRO E 326 -29.43 42.41 -57.11
C PRO E 326 -29.08 41.75 -58.42
N PRO E 327 -27.85 41.97 -58.90
CA PRO E 327 -27.50 41.45 -60.23
C PRO E 327 -27.24 39.95 -60.28
N ALA E 328 -26.82 39.35 -59.16
CA ALA E 328 -26.47 37.94 -59.15
C ALA E 328 -26.53 37.36 -57.75
N ILE E 329 -26.57 36.03 -57.68
CA ILE E 329 -26.50 35.30 -56.42
C ILE E 329 -25.46 34.19 -56.54
N TRP E 330 -24.55 34.11 -55.58
CA TRP E 330 -23.57 33.04 -55.49
C TRP E 330 -24.16 31.87 -54.70
N VAL E 331 -23.84 30.64 -55.11
CA VAL E 331 -24.49 29.45 -54.56
C VAL E 331 -23.43 28.42 -54.21
N ALA E 332 -23.46 27.97 -52.95
CA ALA E 332 -22.59 26.90 -52.45
C ALA E 332 -23.33 25.57 -52.35
N THR E 333 -22.68 24.49 -52.76
CA THR E 333 -23.34 23.20 -52.67
C THR E 333 -22.43 22.17 -52.00
N THR E 334 -22.82 20.90 -51.97
CA THR E 334 -21.94 19.88 -51.45
C THR E 334 -20.84 19.49 -52.43
N LYS E 335 -20.97 19.91 -53.68
CA LYS E 335 -19.97 19.74 -54.71
C LYS E 335 -18.89 20.81 -54.57
N SER E 336 -17.76 20.56 -55.20
CA SER E 336 -16.61 21.44 -55.06
C SER E 336 -16.68 22.65 -55.97
N THR E 337 -17.58 22.66 -56.93
CA THR E 337 -17.75 23.81 -57.81
C THR E 337 -18.66 24.84 -57.15
N VAL E 338 -18.41 26.12 -57.46
CA VAL E 338 -19.19 27.25 -56.97
C VAL E 338 -19.72 28.01 -58.17
N ASN E 339 -21.03 28.16 -58.27
CA ASN E 339 -21.68 28.79 -59.40
C ASN E 339 -22.19 30.18 -59.06
N LYS E 340 -21.92 31.14 -59.93
CA LYS E 340 -22.57 32.44 -59.90
C LYS E 340 -23.72 32.45 -60.89
N TRP E 341 -24.92 32.78 -60.42
CA TRP E 341 -26.08 32.84 -61.30
C TRP E 341 -26.52 34.29 -61.48
N THR E 342 -26.78 34.68 -62.72
CA THR E 342 -27.17 36.05 -62.99
C THR E 342 -28.67 36.26 -62.75
N LEU E 343 -29.02 37.49 -62.39
CA LEU E 343 -30.39 37.88 -62.02
C LEU E 343 -30.81 38.99 -62.98
N LYS E 344 -31.47 38.62 -64.07
CA LYS E 344 -31.95 39.61 -65.04
C LYS E 344 -32.97 40.55 -64.41
N GLY E 345 -33.83 40.04 -63.54
CA GLY E 345 -34.81 40.88 -62.89
C GLY E 345 -35.93 40.07 -62.29
N ILE E 346 -36.81 40.80 -61.60
CA ILE E 346 -37.87 40.19 -60.81
C ILE E 346 -39.24 40.30 -61.48
N HIS E 347 -39.45 41.31 -62.32
CA HIS E 347 -40.75 41.53 -62.95
C HIS E 347 -41.22 40.36 -63.80
N ASN E 348 -40.30 39.61 -64.41
CA ASN E 348 -40.67 38.47 -65.24
C ASN E 348 -39.89 37.22 -64.86
N ILE E 363 -42.18 26.74 -62.94
CA ILE E 363 -41.94 25.53 -63.71
C ILE E 363 -40.66 25.67 -64.52
N THR E 364 -40.51 26.81 -65.19
CA THR E 364 -39.31 27.00 -65.98
C THR E 364 -38.30 27.85 -65.22
N PRO E 365 -37.00 27.57 -65.35
CA PRO E 365 -36.00 28.40 -64.68
C PRO E 365 -35.72 29.68 -65.46
N LEU E 366 -35.55 30.77 -64.72
CA LEU E 366 -35.12 32.03 -65.32
C LEU E 366 -33.77 31.88 -66.01
N CYS E 367 -32.85 31.15 -65.41
CA CYS E 367 -31.52 30.93 -65.93
C CYS E 367 -31.23 29.45 -66.02
N THR E 368 -30.41 29.07 -66.99
CA THR E 368 -30.05 27.67 -67.22
C THR E 368 -28.56 27.39 -67.09
N GLN E 369 -27.70 28.37 -67.34
CA GLN E 369 -26.27 28.17 -67.14
C GLN E 369 -25.71 29.26 -66.23
N PRO E 370 -24.81 28.93 -65.33
CA PRO E 370 -24.16 29.94 -64.49
C PRO E 370 -23.41 30.98 -65.32
N ASP E 371 -23.24 32.16 -64.73
CA ASP E 371 -22.60 33.27 -65.41
C ASP E 371 -21.09 33.22 -65.25
N GLN E 372 -20.63 32.87 -64.05
CA GLN E 372 -19.23 32.53 -63.83
C GLN E 372 -19.18 31.20 -63.10
N VAL E 373 -18.07 30.49 -63.25
CA VAL E 373 -17.88 29.20 -62.60
C VAL E 373 -16.48 29.12 -62.02
N ILE E 374 -16.36 28.94 -60.72
CA ILE E 374 -15.09 28.60 -60.11
C ILE E 374 -14.98 27.09 -59.99
N LYS E 375 -14.00 26.51 -60.70
CA LYS E 375 -13.87 25.07 -60.81
C LYS E 375 -13.42 24.45 -59.48
N GLY E 376 -13.90 23.22 -59.22
CA GLY E 376 -13.46 22.47 -58.07
C GLY E 376 -12.77 21.17 -58.49
N GLY E 377 -12.10 20.55 -57.52
CA GLY E 377 -11.46 19.26 -57.70
C GLY E 377 -12.20 18.11 -57.04
N ALA E 378 -11.65 16.92 -57.26
CA ALA E 378 -12.28 15.69 -56.77
C ALA E 378 -11.91 15.43 -55.31
N SER E 379 -12.82 14.78 -54.59
CA SER E 379 -12.55 14.29 -53.24
C SER E 379 -12.26 12.80 -53.31
N ILE E 380 -11.33 12.34 -52.48
CA ILE E 380 -11.09 10.91 -52.29
C ILE E 380 -12.13 10.31 -51.34
N ILE E 381 -12.95 9.39 -51.86
CA ILE E 381 -14.09 8.87 -51.10
C ILE E 381 -13.94 7.40 -50.71
N GLN E 382 -12.94 6.69 -51.23
CA GLN E 382 -12.79 5.27 -50.87
C GLN E 382 -11.31 4.91 -50.85
N CYS E 383 -10.92 4.11 -49.87
CA CYS E 383 -9.51 3.82 -49.62
C CYS E 383 -9.34 2.38 -49.18
N HIS E 384 -8.35 1.69 -49.75
CA HIS E 384 -8.02 0.32 -49.39
C HIS E 384 -6.53 0.20 -49.14
N ILE E 385 -6.15 -0.30 -47.97
CA ILE E 385 -4.75 -0.53 -47.63
C ILE E 385 -4.36 -1.92 -48.10
N LEU E 386 -3.29 -1.99 -48.89
CA LEU E 386 -2.85 -3.24 -49.49
C LEU E 386 -2.17 -4.12 -48.43
N ASN E 387 -1.89 -5.36 -48.82
CA ASN E 387 -1.34 -6.33 -47.86
C ASN E 387 0.08 -6.02 -47.43
N ASP E 388 0.85 -5.25 -48.21
CA ASP E 388 2.20 -4.92 -47.78
C ASP E 388 2.20 -3.85 -46.68
N LYS E 389 1.03 -3.31 -46.38
CA LYS E 389 0.81 -2.27 -45.37
C LYS E 389 1.72 -1.08 -45.62
N ARG E 390 1.88 -0.75 -46.89
CA ARG E 390 2.85 0.23 -47.35
C ARG E 390 2.31 1.10 -48.49
N HIS E 391 1.47 0.55 -49.37
CA HIS E 391 0.86 1.24 -50.48
C HIS E 391 -0.65 1.31 -50.25
N ILE E 392 -1.29 2.31 -50.85
CA ILE E 392 -2.73 2.49 -50.72
C ILE E 392 -3.34 2.71 -52.10
N LEU E 393 -4.51 2.10 -52.33
CA LEU E 393 -5.32 2.33 -53.52
C LEU E 393 -6.48 3.24 -53.15
N THR E 394 -6.73 4.26 -53.96
CA THR E 394 -7.83 5.17 -53.71
C THR E 394 -8.80 5.20 -54.89
N LYS E 395 -10.02 5.62 -54.60
CA LYS E 395 -11.02 6.01 -55.59
C LYS E 395 -11.53 7.39 -55.24
N ASP E 396 -11.72 8.25 -56.23
CA ASP E 396 -12.26 9.56 -55.91
C ASP E 396 -13.64 9.77 -56.54
N THR E 397 -14.23 10.94 -56.26
CA THR E 397 -15.58 11.25 -56.69
C THR E 397 -15.74 11.32 -58.20
N ASN E 398 -14.65 11.48 -58.94
CA ASN E 398 -14.66 11.45 -60.39
C ASN E 398 -14.48 10.05 -60.95
N ASN E 399 -14.44 9.04 -60.08
CA ASN E 399 -14.16 7.64 -60.42
C ASN E 399 -12.76 7.44 -60.96
N ASN E 400 -11.85 8.36 -60.65
CA ASN E 400 -10.44 8.16 -60.93
C ASN E 400 -9.80 7.34 -59.81
N VAL E 401 -8.85 6.50 -60.18
CA VAL E 401 -8.22 5.56 -59.26
C VAL E 401 -6.74 5.90 -59.21
N ALA E 402 -6.18 6.01 -58.01
CA ALA E 402 -4.77 6.33 -57.88
C ALA E 402 -4.09 5.39 -56.89
N TYR E 403 -2.77 5.35 -57.01
CA TYR E 403 -1.91 4.46 -56.23
C TYR E 403 -0.91 5.34 -55.48
N TRP E 404 -0.79 5.15 -54.17
CA TRP E 404 0.04 6.05 -53.38
C TRP E 404 1.05 5.26 -52.55
N ASP E 405 2.13 5.96 -52.19
CA ASP E 405 3.21 5.44 -51.38
C ASP E 405 3.18 6.11 -50.01
N VAL E 406 2.67 5.41 -49.01
CA VAL E 406 2.56 5.97 -47.66
C VAL E 406 3.94 6.32 -47.11
N LEU E 407 4.92 5.44 -47.36
CA LEU E 407 6.26 5.67 -46.82
C LEU E 407 6.91 6.91 -47.42
N LYS E 408 6.78 7.14 -48.72
CA LYS E 408 7.38 8.32 -49.31
C LYS E 408 6.44 9.51 -49.33
N ALA E 409 5.22 9.34 -48.83
CA ALA E 409 4.21 10.40 -48.74
C ALA E 409 4.00 11.09 -50.09
N CYS E 410 3.70 10.31 -51.12
CA CYS E 410 3.51 10.88 -52.45
C CYS E 410 2.73 9.91 -53.31
N LYS E 411 2.25 10.43 -54.45
CA LYS E 411 1.56 9.61 -55.43
C LYS E 411 2.59 8.86 -56.27
N VAL E 412 2.22 7.67 -56.73
CA VAL E 412 3.09 6.84 -57.56
C VAL E 412 2.69 6.83 -59.02
N GLU E 413 1.42 6.55 -59.32
CA GLU E 413 0.93 6.61 -60.69
C GLU E 413 -0.58 6.84 -60.72
N ASP E 414 -1.03 7.54 -61.75
CA ASP E 414 -2.45 7.62 -62.04
C ASP E 414 -2.79 6.38 -62.85
N LEU E 415 -3.88 5.71 -62.48
CA LEU E 415 -4.23 4.46 -63.11
C LEU E 415 -5.48 4.59 -63.98
N GLY E 416 -6.08 5.79 -64.02
CA GLY E 416 -7.27 6.14 -64.77
C GLY E 416 -8.55 5.52 -64.26
N LYS E 417 -9.51 5.34 -65.15
CA LYS E 417 -10.83 4.87 -64.73
C LYS E 417 -10.99 3.36 -64.88
N VAL E 418 -10.01 2.61 -64.42
CA VAL E 418 -10.14 1.15 -64.38
C VAL E 418 -11.13 0.77 -63.27
N ASP E 419 -11.63 -0.47 -63.32
CA ASP E 419 -12.51 -0.95 -62.27
C ASP E 419 -11.73 -1.12 -60.97
N PHE E 420 -12.29 -0.56 -59.89
CA PHE E 420 -11.59 -0.45 -58.62
C PHE E 420 -11.34 -1.82 -57.98
N GLU E 421 -12.36 -2.65 -57.90
CA GLU E 421 -12.19 -3.95 -57.26
C GLU E 421 -11.34 -4.89 -58.12
N ASP E 422 -11.41 -4.75 -59.45
CA ASP E 422 -10.53 -5.57 -60.27
C ASP E 422 -9.09 -5.13 -60.09
N GLU E 423 -8.88 -3.84 -59.81
CA GLU E 423 -7.53 -3.36 -59.58
C GLU E 423 -7.03 -3.83 -58.23
N ILE E 424 -7.93 -3.95 -57.26
CA ILE E 424 -7.52 -4.48 -55.96
C ILE E 424 -7.11 -5.94 -56.11
N LYS E 425 -7.94 -6.74 -56.80
CA LYS E 425 -7.62 -8.15 -56.93
C LYS E 425 -6.38 -8.37 -57.79
N LYS E 426 -6.07 -7.47 -58.72
CA LYS E 426 -4.89 -7.70 -59.54
C LYS E 426 -3.58 -7.44 -58.79
N ARG E 427 -3.62 -6.59 -57.77
CA ARG E 427 -2.41 -6.24 -57.03
C ARG E 427 -2.42 -6.93 -55.69
N PHE E 428 -2.38 -8.26 -55.69
CA PHE E 428 -2.40 -9.06 -54.47
C PHE E 428 -1.06 -9.76 -54.29
N LYS E 429 -0.51 -9.65 -53.07
CA LYS E 429 0.71 -10.35 -52.69
C LYS E 429 0.46 -11.04 -51.36
N MET E 430 0.90 -12.29 -51.24
CA MET E 430 0.66 -13.11 -50.07
C MET E 430 1.71 -12.81 -48.99
N VAL E 431 1.45 -11.75 -48.24
CA VAL E 431 2.34 -11.28 -47.17
C VAL E 431 1.44 -10.69 -46.10
N TYR E 432 1.83 -10.86 -44.84
CA TYR E 432 1.12 -10.24 -43.72
C TYR E 432 2.03 -9.29 -42.97
N VAL E 433 1.52 -8.08 -42.70
CA VAL E 433 2.22 -7.08 -41.93
C VAL E 433 1.23 -6.51 -40.91
N PRO E 434 1.58 -6.43 -39.63
CA PRO E 434 0.61 -5.92 -38.64
C PRO E 434 0.21 -4.48 -38.91
N ASN E 435 -1.03 -4.16 -38.58
CA ASN E 435 -1.53 -2.79 -38.72
C ASN E 435 -0.69 -1.83 -37.89
N TRP E 436 -0.34 -0.70 -38.49
CA TRP E 436 0.49 0.27 -37.79
C TRP E 436 0.07 1.71 -38.02
N PHE E 437 -0.98 1.97 -38.81
CA PHE E 437 -1.53 3.31 -38.94
C PHE E 437 -3.03 3.18 -39.20
N SER E 438 -3.72 4.32 -39.22
CA SER E 438 -5.09 4.39 -39.69
C SER E 438 -5.25 5.56 -40.65
N VAL E 439 -6.22 5.46 -41.55
CA VAL E 439 -6.47 6.50 -42.53
C VAL E 439 -7.88 7.03 -42.34
N ASP E 440 -8.05 8.33 -42.55
CA ASP E 440 -9.38 8.93 -42.56
C ASP E 440 -9.52 9.91 -43.72
N LEU E 441 -10.74 10.02 -44.26
CA LEU E 441 -11.00 10.86 -45.41
C LEU E 441 -11.87 12.06 -45.08
N LYS E 442 -11.89 12.48 -43.81
CA LYS E 442 -12.84 13.52 -43.40
C LYS E 442 -12.57 14.86 -44.06
N THR E 443 -11.31 15.18 -44.34
CA THR E 443 -10.98 16.44 -45.02
C THR E 443 -11.01 16.33 -46.54
N GLY E 444 -11.22 15.13 -47.08
CA GLY E 444 -11.16 14.92 -48.50
C GLY E 444 -9.79 14.56 -49.04
N MET E 445 -8.75 14.70 -48.24
CA MET E 445 -7.40 14.26 -48.56
C MET E 445 -7.04 13.04 -47.71
N LEU E 446 -5.93 12.41 -48.08
CA LEU E 446 -5.45 11.25 -47.32
C LEU E 446 -4.77 11.77 -46.05
N THR E 447 -5.33 11.44 -44.90
CA THR E 447 -4.72 11.74 -43.61
C THR E 447 -4.31 10.46 -42.89
N ILE E 448 -3.05 10.39 -42.50
CA ILE E 448 -2.47 9.19 -41.90
C ILE E 448 -2.30 9.49 -40.41
N THR E 449 -2.74 8.57 -39.56
CA THR E 449 -2.63 8.78 -38.12
C THR E 449 -1.81 7.68 -37.48
N LEU E 450 -0.90 8.07 -36.59
CA LEU E 450 -0.08 7.14 -35.83
C LEU E 450 -0.45 7.20 -34.36
N ASP E 451 -0.58 6.04 -33.73
CA ASP E 451 -0.92 5.94 -32.32
C ASP E 451 0.12 5.08 -31.61
N GLU E 452 0.41 5.45 -30.36
CA GLU E 452 1.35 4.70 -29.52
C GLU E 452 1.01 3.22 -29.41
N SER E 453 -0.27 2.86 -29.46
CA SER E 453 -0.68 1.48 -29.25
C SER E 453 -0.13 0.54 -30.31
N ASP E 454 -0.06 0.98 -31.56
CA ASP E 454 0.40 0.13 -32.65
C ASP E 454 1.40 0.76 -33.62
N CYS E 455 1.93 1.95 -33.33
CA CYS E 455 2.86 2.60 -34.25
C CYS E 455 4.08 1.74 -34.58
N PHE E 456 4.58 0.97 -33.61
CA PHE E 456 5.82 0.22 -33.82
C PHE E 456 5.59 -1.26 -34.07
N ALA E 457 4.38 -1.66 -34.44
CA ALA E 457 4.06 -3.08 -34.52
C ALA E 457 4.67 -3.78 -35.73
N ALA E 458 5.09 -3.04 -36.76
CA ALA E 458 5.44 -3.63 -38.05
C ALA E 458 6.94 -3.56 -38.34
N TRP E 459 7.64 -4.65 -38.05
CA TRP E 459 9.00 -4.87 -38.55
C TRP E 459 8.94 -5.57 -39.90
N VAL E 460 9.67 -5.05 -40.89
CA VAL E 460 9.84 -5.78 -42.15
C VAL E 460 11.33 -5.74 -42.52
N SER E 461 11.73 -6.67 -43.39
CA SER E 461 13.09 -6.73 -43.91
C SER E 461 13.33 -5.71 -45.02
N ALA E 462 14.55 -5.17 -45.07
CA ALA E 462 14.94 -4.22 -46.12
C ALA E 462 14.70 -4.80 -47.51
N LYS E 463 14.91 -6.10 -47.65
CA LYS E 463 14.79 -6.78 -48.94
C LYS E 463 13.33 -6.77 -49.41
N ASP E 464 12.40 -7.05 -48.51
CA ASP E 464 11.00 -7.01 -48.91
C ASP E 464 10.52 -5.57 -49.13
N ALA E 465 11.28 -4.60 -48.65
CA ALA E 465 10.96 -3.20 -48.90
C ALA E 465 11.71 -2.75 -50.14
N GLY E 466 11.50 -1.51 -50.54
CA GLY E 466 12.21 -0.95 -51.67
C GLY E 466 13.55 -0.33 -51.32
N PHE E 467 14.13 -0.74 -50.19
CA PHE E 467 15.40 -0.18 -49.73
C PHE E 467 16.50 -1.21 -49.90
N SER E 468 17.41 -0.95 -50.85
CA SER E 468 18.47 -1.87 -51.25
C SER E 468 19.41 -2.26 -50.10
N SER E 469 20.35 -3.15 -50.39
CA SER E 469 21.36 -3.60 -49.42
C SER E 469 22.73 -3.23 -49.94
N PRO E 470 23.15 -1.96 -49.77
CA PRO E 470 24.42 -1.53 -50.36
C PRO E 470 25.65 -2.14 -49.72
N ASP E 471 25.53 -2.68 -48.51
CA ASP E 471 26.63 -3.42 -47.88
C ASP E 471 26.49 -4.92 -48.07
N GLY E 472 25.50 -5.36 -48.85
CA GLY E 472 25.32 -6.77 -49.14
C GLY E 472 24.41 -7.52 -48.18
N SER E 473 23.97 -6.89 -47.10
CA SER E 473 23.09 -7.53 -46.14
C SER E 473 21.91 -6.62 -45.83
N ASP E 474 20.81 -7.21 -45.38
CA ASP E 474 19.62 -6.44 -45.07
C ASP E 474 19.17 -6.66 -43.62
N PRO E 475 19.38 -5.66 -42.76
CA PRO E 475 18.87 -5.75 -41.39
C PRO E 475 17.41 -5.35 -41.30
N LYS E 476 16.88 -5.26 -40.09
CA LYS E 476 15.45 -5.18 -39.87
C LYS E 476 15.08 -3.74 -39.52
N LEU E 477 14.09 -3.20 -40.22
CA LEU E 477 13.65 -1.84 -40.03
C LEU E 477 12.23 -1.81 -39.48
N ASN E 478 11.98 -0.88 -38.56
CA ASN E 478 10.66 -0.61 -38.05
C ASN E 478 10.08 0.60 -38.79
N LEU E 479 8.99 0.36 -39.51
CA LEU E 479 8.44 1.37 -40.42
C LEU E 479 8.03 2.63 -39.69
N GLY E 480 7.26 2.49 -38.61
CA GLY E 480 6.82 3.66 -37.87
C GLY E 480 7.96 4.48 -37.33
N GLY E 481 9.04 3.82 -36.91
CA GLY E 481 10.17 4.56 -36.38
C GLY E 481 10.88 5.34 -37.46
N LEU E 482 10.93 4.78 -38.67
CA LEU E 482 11.57 5.49 -39.78
C LEU E 482 10.72 6.69 -40.16
N LEU E 483 9.40 6.50 -40.17
CA LEU E 483 8.51 7.59 -40.53
C LEU E 483 8.64 8.72 -39.53
N LEU E 484 8.59 8.39 -38.22
CA LEU E 484 8.80 9.38 -37.17
C LEU E 484 10.10 10.15 -37.35
N GLN E 485 11.17 9.44 -37.76
CA GLN E 485 12.45 10.14 -37.94
C GLN E 485 12.42 11.05 -39.16
N ALA E 486 11.75 10.63 -40.23
CA ALA E 486 11.62 11.49 -41.41
C ALA E 486 10.78 12.74 -41.14
N LEU E 487 9.68 12.59 -40.39
CA LEU E 487 8.83 13.74 -40.10
C LEU E 487 9.57 14.82 -39.31
N LEU E 488 10.43 14.42 -38.39
CA LEU E 488 11.17 15.36 -37.54
C LEU E 488 12.61 15.55 -38.00
N GLU E 489 12.89 15.28 -39.27
CA GLU E 489 14.24 15.36 -39.82
C GLU E 489 14.88 16.72 -39.62
N TYR E 490 14.10 17.79 -39.63
CA TYR E 490 14.62 19.15 -39.51
C TYR E 490 14.66 19.66 -38.08
N TRP E 491 14.22 18.86 -37.11
CA TRP E 491 14.29 19.23 -35.71
C TRP E 491 15.71 19.07 -35.18
N PRO E 492 16.38 20.17 -34.85
CA PRO E 492 17.80 20.12 -34.42
C PRO E 492 18.09 19.17 -33.28
N ARG E 493 17.17 19.02 -32.32
CA ARG E 493 17.40 18.13 -31.19
C ARG E 493 17.62 16.66 -31.58
N THR E 494 17.18 16.21 -32.74
CA THR E 494 17.46 14.83 -33.08
C THR E 494 18.84 14.65 -33.73
N HIS E 495 19.55 15.74 -34.01
CA HIS E 495 20.83 15.66 -34.68
C HIS E 495 21.97 15.38 -33.71
N VAL E 496 22.79 14.39 -34.02
CA VAL E 496 23.74 13.82 -33.06
C VAL E 496 25.14 13.99 -33.63
N ASN E 497 26.08 14.38 -32.78
CA ASN E 497 27.48 14.42 -33.19
C ASN E 497 28.14 13.12 -32.75
N VAL E 517 27.57 14.97 -39.86
CA VAL E 517 26.24 15.21 -39.30
C VAL E 517 25.18 14.47 -40.11
N GLN E 518 24.29 13.78 -39.38
CA GLN E 518 23.22 13.01 -39.99
C GLN E 518 21.92 13.81 -39.88
N LYS E 519 21.18 13.84 -40.97
CA LYS E 519 19.87 14.50 -41.03
C LYS E 519 18.87 13.50 -41.61
N GLY E 520 17.93 13.06 -40.79
CA GLY E 520 17.07 11.97 -41.21
C GLY E 520 17.58 10.59 -40.82
N ASN E 521 17.09 9.62 -41.58
CA ASN E 521 17.30 8.21 -41.33
C ASN E 521 18.15 7.51 -42.38
N GLY E 522 18.45 8.14 -43.50
CA GLY E 522 19.39 7.54 -44.42
C GLY E 522 18.79 6.63 -45.46
N TYR E 523 17.47 6.63 -45.61
CA TYR E 523 16.83 5.74 -46.56
C TYR E 523 15.83 6.48 -47.45
N PHE E 524 15.21 7.53 -46.93
CA PHE E 524 14.23 8.29 -47.72
C PHE E 524 13.95 9.62 -47.04
N GLN E 525 13.40 10.54 -47.82
CA GLN E 525 12.84 11.76 -47.27
C GLN E 525 11.34 11.78 -47.55
N VAL E 526 10.62 12.54 -46.75
CA VAL E 526 9.25 12.93 -47.08
C VAL E 526 9.35 14.22 -47.88
N PRO E 527 8.32 14.64 -48.63
CA PRO E 527 8.38 15.96 -49.24
C PRO E 527 8.44 17.04 -48.18
N PRO E 528 9.25 18.07 -48.38
CA PRO E 528 9.42 19.07 -47.31
C PRO E 528 8.16 19.79 -46.87
N HIS E 529 7.17 19.92 -47.74
CA HIS E 529 5.95 20.65 -47.43
C HIS E 529 4.88 19.88 -46.67
N THR E 530 5.04 18.58 -46.45
CA THR E 530 4.06 17.80 -45.72
C THR E 530 3.70 18.43 -44.36
N PRO E 531 2.43 18.74 -44.12
CA PRO E 531 2.01 19.23 -42.79
C PRO E 531 2.04 18.12 -41.76
N VAL E 532 2.61 18.41 -40.60
CA VAL E 532 2.68 17.49 -39.47
C VAL E 532 1.89 18.07 -38.31
N ILE E 533 0.91 17.31 -37.81
CA ILE E 533 -0.04 17.79 -36.82
C ILE E 533 0.07 16.91 -35.59
N PHE E 534 0.21 17.55 -34.43
CA PHE E 534 0.19 16.87 -33.14
C PHE E 534 -1.10 17.22 -32.42
N GLY E 535 -1.98 16.24 -32.24
CA GLY E 535 -3.23 16.47 -31.57
C GLY E 535 -3.49 15.41 -30.51
N GLU E 536 -4.43 15.72 -29.62
CA GLU E 536 -4.91 14.75 -28.66
C GLU E 536 -5.98 13.88 -29.29
N ALA E 537 -5.99 12.61 -28.92
CA ALA E 537 -7.04 11.72 -29.40
C ALA E 537 -8.39 12.23 -28.97
N GLY E 538 -9.34 12.24 -29.90
CA GLY E 538 -10.63 12.83 -29.65
C GLY E 538 -10.62 14.33 -29.48
N GLY E 539 -10.33 15.06 -30.56
CA GLY E 539 -10.59 16.49 -30.58
C GLY E 539 -9.45 17.47 -30.71
N ARG E 540 -8.85 17.88 -29.59
CA ARG E 540 -8.10 19.12 -29.53
C ARG E 540 -6.74 19.00 -30.20
N THR E 541 -6.57 19.70 -31.33
CA THR E 541 -5.26 19.85 -31.95
C THR E 541 -4.36 20.62 -31.00
N LEU E 542 -3.13 20.15 -30.81
CA LEU E 542 -2.20 20.90 -29.99
C LEU E 542 -1.27 21.81 -30.80
N PHE E 543 -0.71 21.34 -31.90
CA PHE E 543 0.27 22.14 -32.61
C PHE E 543 0.45 21.60 -34.02
N ARG E 544 0.49 22.50 -35.00
CA ARG E 544 0.59 22.11 -36.41
C ARG E 544 1.67 22.93 -37.08
N LEU E 545 2.56 22.24 -37.81
CA LEU E 545 3.63 22.87 -38.59
C LEU E 545 3.87 22.10 -39.88
N LEU E 546 4.61 22.71 -40.80
CA LEU E 546 5.09 22.02 -41.99
C LEU E 546 6.45 21.40 -41.71
N CYS E 547 6.68 20.22 -42.29
CA CYS E 547 7.92 19.47 -42.07
C CYS E 547 9.18 20.32 -42.22
N ARG E 548 9.25 21.12 -43.28
CA ARG E 548 10.44 21.93 -43.54
C ARG E 548 10.63 23.06 -42.53
N ASP E 549 9.61 23.41 -41.75
CA ASP E 549 9.70 24.57 -40.88
C ASP E 549 10.26 24.26 -39.51
N SER E 550 10.66 23.01 -39.26
CA SER E 550 11.01 22.58 -37.91
C SER E 550 12.27 23.25 -37.37
N GLY E 551 13.12 23.80 -38.23
CA GLY E 551 14.34 24.43 -37.76
C GLY E 551 14.16 25.79 -37.13
N GLY E 552 13.00 26.42 -37.29
CA GLY E 552 12.70 27.68 -36.63
C GLY E 552 12.89 27.62 -35.12
N GLU E 553 13.14 28.76 -34.48
CA GLU E 553 13.26 28.74 -33.03
C GLU E 553 11.91 28.63 -32.34
N THR E 554 10.87 29.26 -32.90
CA THR E 554 9.53 29.15 -32.32
C THR E 554 9.00 27.75 -32.47
N GLU E 555 9.14 27.17 -33.67
CA GLU E 555 8.66 25.83 -33.92
C GLU E 555 9.39 24.83 -33.04
N SER E 556 10.71 24.98 -32.90
CA SER E 556 11.47 24.04 -32.06
C SER E 556 11.06 24.16 -30.59
N MET E 557 10.79 25.38 -30.12
CA MET E 557 10.31 25.53 -28.74
C MET E 557 8.97 24.84 -28.54
N LEU E 558 8.03 25.09 -29.45
CA LEU E 558 6.71 24.50 -29.29
C LEU E 558 6.76 22.98 -29.46
N LEU E 559 7.68 22.47 -30.28
CA LEU E 559 7.82 21.04 -30.42
C LEU E 559 8.35 20.44 -29.13
N ASN E 560 9.45 21.00 -28.62
CA ASN E 560 10.00 20.60 -27.32
C ASN E 560 8.92 20.58 -26.24
N GLU E 561 7.96 21.49 -26.32
CA GLU E 561 6.88 21.55 -25.34
C GLU E 561 5.75 20.57 -25.65
N THR E 562 5.64 20.09 -26.89
CA THR E 562 4.46 19.36 -27.33
C THR E 562 4.70 17.91 -27.75
N VAL E 563 5.88 17.57 -28.26
CA VAL E 563 6.19 16.21 -28.69
C VAL E 563 6.21 15.23 -27.52
N PRO E 564 5.32 14.22 -27.54
CA PRO E 564 5.22 13.30 -26.39
C PRO E 564 6.44 12.41 -26.27
N GLN E 565 6.70 11.98 -25.02
CA GLN E 565 7.88 11.19 -24.69
C GLN E 565 7.98 9.90 -25.50
N TRP E 566 6.85 9.34 -25.96
CA TRP E 566 6.92 8.09 -26.70
C TRP E 566 7.46 8.29 -28.11
N VAL E 567 7.37 9.51 -28.63
CA VAL E 567 8.02 9.83 -29.89
C VAL E 567 9.48 10.16 -29.65
N ILE E 568 9.76 10.91 -28.57
CA ILE E 568 11.13 11.26 -28.18
C ILE E 568 11.99 10.01 -28.07
N ASP E 569 11.45 8.97 -27.43
CA ASP E 569 12.11 7.67 -27.31
C ASP E 569 12.74 7.17 -28.61
N ILE E 570 11.99 7.25 -29.70
CA ILE E 570 12.47 6.75 -30.99
C ILE E 570 13.32 7.80 -31.70
N THR E 571 12.84 9.03 -31.76
CA THR E 571 13.47 10.03 -32.62
C THR E 571 14.72 10.64 -31.99
N VAL E 572 14.76 10.79 -30.66
CA VAL E 572 15.92 11.40 -30.02
C VAL E 572 16.90 10.37 -29.48
N ASP E 573 16.45 9.52 -28.56
CA ASP E 573 17.37 8.54 -27.96
C ASP E 573 17.82 7.45 -28.92
N LYS E 574 17.21 7.34 -30.11
CA LYS E 574 17.51 6.28 -31.06
C LYS E 574 17.43 4.91 -30.41
N ASN E 575 16.33 4.67 -29.69
CA ASN E 575 16.13 3.41 -28.99
C ASN E 575 15.33 2.45 -29.83
N MET E 576 15.74 1.18 -29.84
CA MET E 576 15.03 0.17 -30.61
C MET E 576 13.73 -0.20 -29.91
N PRO E 577 12.63 -0.33 -30.65
CA PRO E 577 11.40 -0.86 -30.06
C PRO E 577 11.52 -2.34 -29.73
N LYS E 578 10.65 -2.79 -28.83
CA LYS E 578 10.54 -4.20 -28.48
C LYS E 578 10.30 -5.06 -29.72
N PHE E 579 10.94 -6.23 -29.74
CA PHE E 579 10.65 -7.28 -30.70
C PHE E 579 9.39 -8.06 -30.32
N ASN E 580 8.92 -8.88 -31.26
CA ASN E 580 7.77 -9.74 -31.09
C ASN E 580 8.16 -11.17 -31.43
N LYS E 581 7.83 -12.12 -30.57
CA LYS E 581 8.19 -13.51 -30.82
C LYS E 581 6.91 -14.34 -30.96
N ILE E 582 7.02 -15.45 -31.68
CA ILE E 582 5.90 -16.34 -31.92
C ILE E 582 6.18 -17.72 -31.34
N PRO E 583 5.42 -18.21 -30.35
CA PRO E 583 5.57 -19.60 -29.92
C PRO E 583 4.97 -20.55 -30.95
N PHE E 584 5.65 -21.67 -31.23
CA PHE E 584 5.03 -22.66 -32.09
C PHE E 584 5.45 -24.09 -31.73
N TYR E 585 4.62 -25.05 -32.15
CA TYR E 585 4.80 -26.50 -32.06
C TYR E 585 5.40 -27.14 -33.33
N LEU E 586 6.15 -28.21 -33.10
CA LEU E 586 6.74 -29.05 -34.14
C LEU E 586 6.44 -30.51 -33.82
N GLN E 587 5.78 -31.22 -34.74
CA GLN E 587 5.44 -32.59 -34.40
C GLN E 587 5.48 -33.48 -35.63
N PRO E 588 5.74 -34.80 -35.44
CA PRO E 588 5.89 -35.73 -36.60
C PRO E 588 4.64 -36.08 -37.38
N HIS E 589 3.55 -35.34 -37.28
CA HIS E 589 2.46 -35.72 -38.19
C HIS E 589 2.68 -35.33 -39.68
N ALA E 590 3.78 -34.73 -40.15
CA ALA E 590 3.95 -34.63 -41.60
C ALA E 590 4.36 -35.97 -42.20
N SER E 591 5.21 -36.72 -41.51
CA SER E 591 5.56 -38.09 -41.89
C SER E 591 6.19 -38.84 -40.73
N ASP E 600 8.84 -30.14 -30.36
CA ASP E 600 8.98 -29.46 -29.08
C ASP E 600 8.60 -27.98 -29.18
N ARG E 601 8.03 -27.47 -28.10
CA ARG E 601 7.61 -26.08 -28.03
C ARG E 601 8.79 -25.13 -28.19
N LEU E 602 8.80 -24.39 -29.29
CA LEU E 602 9.86 -23.45 -29.62
C LEU E 602 9.26 -22.07 -29.78
N SER E 603 10.13 -21.07 -29.94
CA SER E 603 9.71 -19.71 -30.22
C SER E 603 10.78 -19.00 -31.04
N ALA E 604 10.35 -18.16 -31.96
CA ALA E 604 11.28 -17.43 -32.80
C ALA E 604 10.65 -16.11 -33.24
N SER E 605 11.50 -15.23 -33.78
CA SER E 605 11.07 -13.97 -34.38
C SER E 605 9.98 -14.22 -35.41
N ASP E 606 9.01 -13.29 -35.45
CA ASP E 606 7.93 -13.40 -36.42
C ASP E 606 8.38 -13.26 -37.86
N MET E 607 9.56 -12.70 -38.12
CA MET E 607 10.05 -12.58 -39.48
C MET E 607 10.93 -13.73 -39.93
N LEU E 608 11.11 -14.75 -39.09
CA LEU E 608 11.99 -15.87 -39.45
C LEU E 608 11.43 -16.65 -40.63
N GLN E 609 12.31 -16.96 -41.58
CA GLN E 609 11.91 -17.68 -42.78
C GLN E 609 11.89 -19.18 -42.50
N VAL E 610 10.94 -19.85 -43.15
CA VAL E 610 10.78 -21.31 -43.05
C VAL E 610 12.12 -22.03 -43.20
N ARG E 611 12.99 -21.56 -44.10
CA ARG E 611 14.32 -22.13 -44.28
C ARG E 611 15.04 -22.32 -42.94
N LYS E 612 14.94 -21.34 -42.05
CA LYS E 612 15.64 -21.42 -40.78
C LYS E 612 15.09 -22.55 -39.92
N VAL E 613 13.79 -22.82 -39.98
CA VAL E 613 13.25 -23.95 -39.26
C VAL E 613 13.68 -25.26 -39.92
N MET E 614 13.75 -25.26 -41.25
CA MET E 614 14.23 -26.46 -41.93
C MET E 614 15.67 -26.80 -41.57
N GLU E 615 16.56 -25.79 -41.52
CA GLU E 615 17.93 -26.06 -41.10
C GLU E 615 17.95 -26.51 -39.65
N HIS E 616 17.11 -25.91 -38.79
CA HIS E 616 17.04 -26.30 -37.39
C HIS E 616 16.79 -27.80 -37.31
N VAL E 617 15.74 -28.24 -38.02
CA VAL E 617 15.30 -29.63 -37.96
C VAL E 617 16.41 -30.52 -38.50
N TYR E 618 17.05 -30.09 -39.60
CA TYR E 618 18.15 -30.83 -40.21
C TYR E 618 19.26 -31.06 -39.19
N GLU E 619 19.52 -30.06 -38.36
CA GLU E 619 20.66 -30.18 -37.45
C GLU E 619 20.22 -31.13 -36.35
N LYS E 620 19.05 -30.88 -35.76
CA LYS E 620 18.68 -31.56 -34.54
C LYS E 620 18.40 -33.02 -34.81
N ILE E 621 18.23 -33.42 -36.08
CA ILE E 621 17.96 -34.80 -36.43
C ILE E 621 19.07 -35.44 -37.25
N ILE E 622 20.16 -34.73 -37.54
CA ILE E 622 21.40 -35.41 -37.96
C ILE E 622 21.77 -36.50 -36.94
N ALA E 649 22.08 -26.03 -45.27
CA ALA E 649 22.03 -25.00 -46.30
C ALA E 649 21.29 -25.52 -47.54
N VAL E 650 22.07 -25.87 -48.57
CA VAL E 650 21.49 -26.38 -49.81
C VAL E 650 20.94 -27.78 -49.59
N LEU E 651 21.74 -28.65 -48.96
CA LEU E 651 21.31 -30.02 -48.70
C LEU E 651 20.08 -30.07 -47.81
N ALA E 652 20.07 -29.26 -46.73
CA ALA E 652 18.90 -29.20 -45.86
C ALA E 652 17.64 -28.87 -46.67
N GLU E 653 17.71 -27.81 -47.48
CA GLU E 653 16.58 -27.41 -48.32
C GLU E 653 16.18 -28.53 -49.27
N GLU E 654 17.17 -29.26 -49.79
CA GLU E 654 16.92 -30.35 -50.72
C GLU E 654 16.20 -31.51 -50.04
N LYS E 655 16.51 -31.78 -48.78
CA LYS E 655 16.00 -32.99 -48.13
C LYS E 655 14.75 -32.74 -47.31
N ILE E 656 14.65 -31.65 -46.55
CA ILE E 656 13.54 -31.50 -45.61
C ILE E 656 12.51 -30.53 -46.17
N GLU E 657 11.27 -30.98 -46.19
CA GLU E 657 10.08 -30.22 -46.57
C GLU E 657 9.28 -29.98 -45.31
N LEU E 658 8.84 -28.74 -45.10
CA LEU E 658 8.07 -28.35 -43.93
C LEU E 658 6.62 -28.14 -44.32
N LEU E 659 5.73 -28.55 -43.44
CA LEU E 659 4.29 -28.55 -43.71
C LEU E 659 3.55 -27.87 -42.56
N CYS E 660 2.40 -27.29 -42.91
CA CYS E 660 1.45 -26.79 -41.93
C CYS E 660 0.05 -27.10 -42.40
N GLN E 661 -0.77 -27.62 -41.50
CA GLN E 661 -2.15 -28.03 -41.77
C GLN E 661 -2.26 -28.84 -43.07
N ASP E 662 -1.25 -29.67 -43.32
CA ASP E 662 -1.12 -30.58 -44.46
C ASP E 662 -0.87 -29.85 -45.77
N GLN E 663 -0.62 -28.55 -45.73
CA GLN E 663 -0.24 -27.78 -46.91
C GLN E 663 1.27 -27.60 -46.96
N VAL E 664 1.85 -27.78 -48.15
CA VAL E 664 3.28 -27.59 -48.32
C VAL E 664 3.61 -26.09 -48.29
N LEU E 665 4.56 -25.73 -47.42
CA LEU E 665 4.89 -24.35 -47.15
C LEU E 665 5.98 -23.88 -48.10
N ASP E 666 5.88 -22.63 -48.53
CA ASP E 666 6.94 -22.04 -49.35
C ASP E 666 8.11 -21.71 -48.44
N PRO E 667 9.31 -22.24 -48.69
CA PRO E 667 10.44 -21.98 -47.78
C PRO E 667 10.80 -20.51 -47.64
N ASN E 668 10.38 -19.64 -48.55
CA ASN E 668 10.68 -18.22 -48.42
C ASN E 668 9.61 -17.49 -47.63
N MET E 669 8.46 -18.11 -47.44
CA MET E 669 7.35 -17.51 -46.71
C MET E 669 7.73 -17.43 -45.23
N ASP E 670 7.34 -16.33 -44.56
CA ASP E 670 7.65 -16.27 -43.14
C ASP E 670 6.49 -16.78 -42.26
N LEU E 671 6.84 -17.11 -41.02
CA LEU E 671 5.89 -17.71 -40.08
C LEU E 671 4.63 -16.87 -39.83
N ARG E 672 4.79 -15.58 -39.54
CA ARG E 672 3.69 -14.62 -39.42
C ARG E 672 2.59 -14.73 -40.50
N THR E 673 2.99 -14.70 -41.78
CA THR E 673 2.02 -14.75 -42.86
C THR E 673 1.34 -16.12 -42.89
N VAL E 674 2.10 -17.19 -42.68
CA VAL E 674 1.54 -18.53 -42.63
C VAL E 674 0.43 -18.57 -41.59
N LYS E 675 0.73 -18.07 -40.39
CA LYS E 675 -0.25 -18.09 -39.30
C LYS E 675 -1.49 -17.30 -39.69
N HIS E 676 -1.30 -16.13 -40.31
CA HIS E 676 -2.45 -15.30 -40.69
C HIS E 676 -3.27 -15.90 -41.82
N PHE E 677 -2.63 -16.54 -42.79
CA PHE E 677 -3.32 -16.97 -44.00
C PHE E 677 -3.72 -18.44 -44.05
N ILE E 678 -3.14 -19.31 -43.22
CA ILE E 678 -3.31 -20.76 -43.38
C ILE E 678 -3.86 -21.39 -42.12
N TRP E 679 -3.27 -21.09 -40.96
CA TRP E 679 -3.82 -21.53 -39.68
C TRP E 679 -5.27 -21.07 -39.60
N LYS E 680 -6.21 -22.00 -39.58
CA LYS E 680 -7.63 -21.69 -39.42
C LYS E 680 -8.22 -22.23 -38.13
N SER E 681 -7.40 -22.73 -37.23
CA SER E 681 -7.87 -23.31 -35.98
C SER E 681 -7.52 -22.37 -34.83
N GLY E 682 -7.73 -22.83 -33.61
CA GLY E 682 -7.50 -21.99 -32.45
C GLY E 682 -6.42 -22.54 -31.56
N GLY E 683 -5.89 -21.69 -30.70
CA GLY E 683 -4.71 -22.03 -29.94
C GLY E 683 -3.49 -21.86 -30.83
N ASP E 684 -2.35 -22.32 -30.32
CA ASP E 684 -1.09 -22.01 -30.98
C ASP E 684 -0.97 -22.69 -32.33
N LEU E 685 -0.34 -21.98 -33.27
CA LEU E 685 0.06 -22.52 -34.56
C LEU E 685 0.79 -23.86 -34.41
N THR E 686 0.43 -24.84 -35.23
CA THR E 686 1.06 -26.15 -35.17
C THR E 686 1.60 -26.52 -36.55
N LEU E 687 2.89 -26.77 -36.62
CA LEU E 687 3.60 -27.13 -37.84
C LEU E 687 3.99 -28.60 -37.78
N HIS E 688 3.83 -29.32 -38.88
CA HIS E 688 4.29 -30.70 -38.91
C HIS E 688 5.53 -30.77 -39.78
N TYR E 689 6.54 -31.52 -39.33
CA TYR E 689 7.80 -31.69 -40.05
C TYR E 689 8.06 -33.12 -40.50
N ARG E 690 8.83 -33.24 -41.58
CA ARG E 690 9.05 -34.53 -42.23
C ARG E 690 10.42 -34.49 -42.90
N GLN E 691 10.94 -35.67 -43.22
CA GLN E 691 12.22 -35.81 -43.89
C GLN E 691 12.01 -36.47 -45.24
N LYS E 692 12.59 -35.89 -46.28
CA LYS E 692 12.49 -36.46 -47.62
C LYS E 692 13.86 -36.51 -48.29
#